data_2RMX
#
_entry.id   2RMX
#
loop_
_entity.id
_entity.type
_entity.pdbx_description
1 polymer 'Tyrosine-protein phosphatase non-receptor type 6'
2 polymer 'NKG2-A/NKG2-B type II integral membrane protein'
#
loop_
_entity_poly.entity_id
_entity_poly.type
_entity_poly.pdbx_seq_one_letter_code
_entity_poly.pdbx_strand_id
1 'polypeptide(L)'
;GSSGSSGWYHGHMSGGQAETLLQAKGEPWTFLVRESLSQPGDFVLSVLSDQPKAGPGSPLRVTHIKVMCEGGRYTVGGLE
TFDSLTDLVEHFKKTGIEEASGAFVYLRQPYYSGPSSG
;
A
2 'polypeptide(L)' MDNQGVI(PTR)SDLNLPP B
#
# COMPACT_ATOMS: atom_id res chain seq x y z
N GLY A 1 6.95 11.10 29.37
CA GLY A 1 6.35 9.98 28.67
C GLY A 1 7.33 9.23 27.80
N SER A 2 7.15 9.33 26.49
CA SER A 2 8.03 8.64 25.54
C SER A 2 8.04 9.36 24.19
N SER A 3 9.23 9.74 23.73
CA SER A 3 9.36 10.44 22.45
C SER A 3 9.46 9.43 21.31
N GLY A 4 8.61 9.60 20.31
CA GLY A 4 8.61 8.71 19.16
C GLY A 4 7.50 9.03 18.17
N SER A 5 7.88 9.39 16.95
CA SER A 5 6.92 9.72 15.91
C SER A 5 6.70 8.54 14.97
N SER A 6 5.63 7.79 15.21
CA SER A 6 5.32 6.63 14.39
C SER A 6 4.49 7.03 13.17
N GLY A 7 5.01 6.71 11.98
CA GLY A 7 4.31 7.05 10.76
C GLY A 7 3.46 5.92 10.25
N TRP A 8 3.68 5.51 9.00
CA TRP A 8 2.91 4.43 8.39
C TRP A 8 3.83 3.31 7.92
N TYR A 9 5.00 3.21 8.53
CA TYR A 9 5.98 2.19 8.17
C TYR A 9 5.89 1.00 9.12
N HIS A 10 5.49 -0.15 8.59
CA HIS A 10 5.37 -1.36 9.39
C HIS A 10 6.65 -2.19 9.33
N GLY A 11 7.05 -2.56 8.12
CA GLY A 11 8.26 -3.35 7.94
C GLY A 11 7.97 -4.80 7.60
N HIS A 12 8.56 -5.71 8.36
CA HIS A 12 8.36 -7.14 8.13
C HIS A 12 6.88 -7.46 7.94
N MET A 13 6.55 -7.99 6.77
CA MET A 13 5.16 -8.34 6.47
C MET A 13 5.07 -9.05 5.12
N SER A 14 4.07 -9.92 4.98
CA SER A 14 3.88 -10.68 3.75
C SER A 14 2.63 -10.19 3.01
N GLY A 15 2.64 -10.36 1.68
CA GLY A 15 1.51 -9.93 0.88
C GLY A 15 0.18 -10.37 1.48
N GLY A 16 -0.08 -11.67 1.47
CA GLY A 16 -1.33 -12.18 2.02
C GLY A 16 -1.64 -11.60 3.38
N GLN A 17 -0.60 -11.21 4.10
CA GLN A 17 -0.78 -10.64 5.44
C GLN A 17 -1.44 -9.26 5.36
N ALA A 18 -0.75 -8.30 4.76
CA ALA A 18 -1.27 -6.95 4.61
C ALA A 18 -2.76 -6.97 4.33
N GLU A 19 -3.17 -7.76 3.35
CA GLU A 19 -4.57 -7.87 2.97
C GLU A 19 -5.45 -8.03 4.22
N THR A 20 -5.07 -8.95 5.09
CA THR A 20 -5.82 -9.21 6.32
C THR A 20 -5.88 -7.97 7.19
N LEU A 21 -4.72 -7.51 7.65
CA LEU A 21 -4.64 -6.32 8.50
C LEU A 21 -5.49 -5.19 7.93
N LEU A 22 -5.36 -4.96 6.63
CA LEU A 22 -6.12 -3.90 5.97
C LEU A 22 -7.61 -4.20 6.00
N GLN A 23 -8.01 -5.28 5.32
CA GLN A 23 -9.41 -5.68 5.27
C GLN A 23 -10.03 -5.63 6.65
N ALA A 24 -9.25 -5.98 7.66
CA ALA A 24 -9.73 -5.97 9.04
C ALA A 24 -10.09 -4.56 9.49
N LYS A 25 -9.27 -3.59 9.11
CA LYS A 25 -9.52 -2.20 9.46
C LYS A 25 -10.89 -1.74 8.99
N GLY A 26 -11.32 -2.26 7.85
CA GLY A 26 -12.62 -1.90 7.31
C GLY A 26 -12.73 -0.41 7.00
N GLU A 27 -11.59 0.20 6.65
CA GLU A 27 -11.57 1.62 6.33
C GLU A 27 -11.09 1.84 4.90
N PRO A 28 -11.92 2.53 4.10
CA PRO A 28 -11.61 2.83 2.70
C PRO A 28 -10.47 3.84 2.56
N TRP A 29 -9.63 3.64 1.55
CA TRP A 29 -8.51 4.54 1.30
C TRP A 29 -7.48 4.42 2.42
N THR A 30 -7.37 3.24 3.00
CA THR A 30 -6.42 3.00 4.09
C THR A 30 -5.10 2.48 3.55
N PHE A 31 -4.13 3.38 3.36
CA PHE A 31 -2.82 3.01 2.86
C PHE A 31 -1.89 2.62 4.00
N LEU A 32 -0.84 1.87 3.67
CA LEU A 32 0.13 1.43 4.66
C LEU A 32 1.42 0.96 3.99
N VAL A 33 2.55 1.46 4.48
CA VAL A 33 3.85 1.09 3.94
C VAL A 33 4.43 -0.11 4.67
N ARG A 34 5.05 -1.02 3.93
CA ARG A 34 5.65 -2.21 4.51
C ARG A 34 6.85 -2.68 3.69
N GLU A 35 7.83 -3.27 4.36
CA GLU A 35 9.03 -3.75 3.69
C GLU A 35 8.78 -5.12 3.06
N SER A 36 9.05 -5.20 1.75
CA SER A 36 8.85 -6.44 1.01
C SER A 36 9.54 -7.61 1.71
N LEU A 37 9.51 -8.77 1.08
CA LEU A 37 10.14 -9.97 1.64
C LEU A 37 11.48 -10.25 0.96
N SER A 38 12.55 -10.19 1.74
CA SER A 38 13.89 -10.44 1.21
C SER A 38 14.07 -9.77 -0.15
N GLN A 39 13.31 -8.72 -0.40
CA GLN A 39 13.39 -8.00 -1.66
C GLN A 39 14.55 -7.02 -1.67
N PRO A 40 15.30 -7.00 -2.79
CA PRO A 40 16.45 -6.11 -2.93
C PRO A 40 16.06 -4.64 -3.05
N GLY A 41 16.26 -3.89 -1.97
CA GLY A 41 15.93 -2.48 -1.98
C GLY A 41 14.60 -2.21 -2.68
N ASP A 42 13.52 -2.73 -2.13
CA ASP A 42 12.19 -2.54 -2.71
C ASP A 42 11.15 -2.30 -1.63
N PHE A 43 9.98 -1.84 -2.03
CA PHE A 43 8.90 -1.56 -1.09
C PHE A 43 7.54 -1.86 -1.72
N VAL A 44 6.48 -1.72 -0.93
CA VAL A 44 5.12 -1.97 -1.41
C VAL A 44 4.13 -1.03 -0.75
N LEU A 45 3.21 -0.49 -1.54
CA LEU A 45 2.19 0.43 -1.03
C LEU A 45 0.81 -0.21 -1.09
N SER A 46 0.37 -0.77 0.03
CA SER A 46 -0.93 -1.41 0.11
C SER A 46 -2.02 -0.40 0.46
N VAL A 47 -3.16 -0.51 -0.20
CA VAL A 47 -4.28 0.39 0.03
C VAL A 47 -5.61 -0.35 -0.06
N LEU A 48 -6.49 -0.10 0.92
CA LEU A 48 -7.80 -0.74 0.94
C LEU A 48 -8.82 0.09 0.19
N SER A 49 -9.05 -0.25 -1.07
CA SER A 49 -10.00 0.47 -1.91
C SER A 49 -11.39 0.44 -1.28
N ASP A 50 -12.19 1.47 -1.57
CA ASP A 50 -13.55 1.56 -1.05
C ASP A 50 -14.49 0.63 -1.79
N GLN A 51 -13.95 -0.12 -2.75
CA GLN A 51 -14.75 -1.05 -3.54
C GLN A 51 -14.76 -2.43 -2.89
N PRO A 52 -15.94 -2.85 -2.41
CA PRO A 52 -16.11 -4.15 -1.76
C PRO A 52 -16.01 -5.30 -2.75
N LYS A 53 -15.55 -6.45 -2.27
CA LYS A 53 -15.40 -7.63 -3.10
C LYS A 53 -16.74 -8.02 -3.74
N ALA A 54 -17.79 -8.01 -2.94
CA ALA A 54 -19.13 -8.36 -3.42
C ALA A 54 -20.11 -7.22 -3.17
N GLY A 55 -20.49 -7.04 -1.92
CA GLY A 55 -21.43 -5.99 -1.56
C GLY A 55 -21.17 -5.42 -0.18
N PRO A 56 -22.22 -4.86 0.44
CA PRO A 56 -22.13 -4.27 1.77
C PRO A 56 -21.92 -5.32 2.87
N GLY A 57 -20.66 -5.71 3.06
CA GLY A 57 -20.34 -6.70 4.07
C GLY A 57 -19.04 -7.42 3.79
N SER A 58 -18.66 -7.48 2.51
CA SER A 58 -17.42 -8.14 2.12
C SER A 58 -16.21 -7.28 2.44
N PRO A 59 -15.05 -7.93 2.61
CA PRO A 59 -13.79 -7.24 2.92
C PRO A 59 -13.28 -6.41 1.75
N LEU A 60 -13.25 -5.10 1.93
CA LEU A 60 -12.78 -4.19 0.89
C LEU A 60 -11.57 -4.77 0.16
N ARG A 61 -11.47 -4.48 -1.13
CA ARG A 61 -10.36 -4.98 -1.93
C ARG A 61 -9.06 -4.29 -1.54
N VAL A 62 -7.94 -4.98 -1.78
CA VAL A 62 -6.63 -4.45 -1.45
C VAL A 62 -5.78 -4.27 -2.70
N THR A 63 -5.29 -3.05 -2.91
CA THR A 63 -4.46 -2.75 -4.07
C THR A 63 -2.97 -2.85 -3.73
N HIS A 64 -2.32 -3.88 -4.24
CA HIS A 64 -0.89 -4.08 -3.98
C HIS A 64 -0.05 -3.54 -5.13
N ILE A 65 0.73 -2.51 -4.85
CA ILE A 65 1.58 -1.89 -5.86
C ILE A 65 3.04 -1.89 -5.43
N LYS A 66 3.89 -2.50 -6.24
CA LYS A 66 5.32 -2.57 -5.95
C LYS A 66 5.99 -1.23 -6.18
N VAL A 67 6.69 -0.72 -5.16
CA VAL A 67 7.37 0.56 -5.25
C VAL A 67 8.87 0.36 -5.50
N MET A 68 9.29 0.53 -6.74
CA MET A 68 10.69 0.37 -7.11
C MET A 68 11.55 1.46 -6.47
N CYS A 69 12.86 1.29 -6.56
CA CYS A 69 13.79 2.26 -5.98
C CYS A 69 14.93 2.56 -6.94
N GLU A 70 15.21 3.84 -7.14
CA GLU A 70 16.28 4.27 -8.04
C GLU A 70 17.31 5.11 -7.30
N GLY A 71 18.31 4.45 -6.71
CA GLY A 71 19.35 5.15 -5.99
C GLY A 71 18.79 5.99 -4.85
N GLY A 72 17.99 5.35 -3.99
CA GLY A 72 17.41 6.06 -2.87
C GLY A 72 15.99 6.52 -3.14
N ARG A 73 15.74 6.97 -4.37
CA ARG A 73 14.42 7.45 -4.76
C ARG A 73 13.47 6.27 -4.98
N TYR A 74 12.19 6.59 -5.24
CA TYR A 74 11.18 5.56 -5.45
C TYR A 74 10.26 5.95 -6.61
N THR A 75 9.78 4.94 -7.33
CA THR A 75 8.89 5.17 -8.46
C THR A 75 7.89 4.02 -8.62
N VAL A 76 6.80 4.28 -9.32
CA VAL A 76 5.77 3.28 -9.55
C VAL A 76 5.49 3.11 -11.05
N GLY A 77 6.21 2.18 -11.68
CA GLY A 77 6.02 1.95 -13.10
C GLY A 77 6.01 3.22 -13.91
N GLY A 78 6.55 4.30 -13.32
CA GLY A 78 6.60 5.57 -14.02
C GLY A 78 8.00 6.13 -14.10
N LEU A 79 8.20 7.10 -14.99
CA LEU A 79 9.51 7.72 -15.16
C LEU A 79 9.81 8.69 -14.03
N GLU A 80 8.76 9.14 -13.35
CA GLU A 80 8.92 10.07 -12.24
C GLU A 80 9.55 9.39 -11.03
N THR A 81 9.93 10.18 -10.04
CA THR A 81 10.55 9.65 -8.83
C THR A 81 10.15 10.46 -7.61
N PHE A 82 10.54 9.99 -6.43
CA PHE A 82 10.22 10.67 -5.19
C PHE A 82 11.31 10.44 -4.14
N ASP A 83 11.70 11.51 -3.45
CA ASP A 83 12.73 11.42 -2.42
C ASP A 83 12.61 10.12 -1.64
N SER A 84 11.41 9.86 -1.12
CA SER A 84 11.15 8.65 -0.34
C SER A 84 9.66 8.37 -0.25
N LEU A 85 9.31 7.26 0.41
CA LEU A 85 7.91 6.89 0.57
C LEU A 85 7.06 8.08 1.00
N THR A 86 7.68 9.01 1.73
CA THR A 86 6.99 10.20 2.20
C THR A 86 6.57 11.08 1.03
N ASP A 87 7.55 11.53 0.25
CA ASP A 87 7.28 12.38 -0.90
C ASP A 87 6.38 11.67 -1.91
N LEU A 88 6.61 10.37 -2.09
CA LEU A 88 5.83 9.58 -3.02
C LEU A 88 4.38 9.48 -2.57
N VAL A 89 4.17 8.81 -1.43
CA VAL A 89 2.83 8.64 -0.89
C VAL A 89 2.09 9.97 -0.82
N GLU A 90 2.68 10.93 -0.10
CA GLU A 90 2.08 12.25 0.05
C GLU A 90 1.56 12.76 -1.29
N HIS A 91 2.44 12.82 -2.28
CA HIS A 91 2.08 13.29 -3.62
C HIS A 91 0.93 12.48 -4.18
N PHE A 92 0.75 11.26 -3.67
CA PHE A 92 -0.32 10.38 -4.13
C PHE A 92 -1.56 10.52 -3.26
N LYS A 93 -1.35 10.97 -2.01
CA LYS A 93 -2.45 11.16 -1.07
C LYS A 93 -3.36 12.29 -1.52
N LYS A 94 -2.85 13.14 -2.42
CA LYS A 94 -3.62 14.27 -2.92
C LYS A 94 -4.10 14.00 -4.34
N THR A 95 -3.32 13.26 -5.11
CA THR A 95 -3.66 12.93 -6.49
C THR A 95 -4.27 11.54 -6.57
N GLY A 96 -3.45 10.52 -6.36
CA GLY A 96 -3.93 9.15 -6.41
C GLY A 96 -3.24 8.34 -7.51
N ILE A 97 -3.25 7.02 -7.34
CA ILE A 97 -2.62 6.13 -8.31
C ILE A 97 -3.65 5.54 -9.26
N GLU A 98 -3.32 5.48 -10.55
CA GLU A 98 -4.22 4.93 -11.55
C GLU A 98 -3.79 3.51 -11.94
N GLU A 99 -4.74 2.58 -11.90
CA GLU A 99 -4.47 1.19 -12.25
C GLU A 99 -4.86 0.91 -13.69
N ALA A 100 -3.93 0.32 -14.44
CA ALA A 100 -4.18 -0.01 -15.84
C ALA A 100 -5.63 -0.40 -16.07
N SER A 101 -6.19 -1.17 -15.13
CA SER A 101 -7.57 -1.62 -15.23
C SER A 101 -8.51 -0.44 -15.42
N GLY A 102 -8.34 0.59 -14.60
CA GLY A 102 -9.19 1.77 -14.69
C GLY A 102 -9.69 2.23 -13.34
N ALA A 103 -8.91 1.97 -12.30
CA ALA A 103 -9.28 2.36 -10.94
C ALA A 103 -8.29 3.37 -10.36
N PHE A 104 -8.78 4.24 -9.49
CA PHE A 104 -7.93 5.25 -8.87
C PHE A 104 -7.89 5.06 -7.36
N VAL A 105 -6.74 4.61 -6.86
CA VAL A 105 -6.57 4.39 -5.42
C VAL A 105 -6.43 5.71 -4.68
N TYR A 106 -7.11 5.82 -3.54
CA TYR A 106 -7.06 7.04 -2.74
C TYR A 106 -6.47 6.75 -1.36
N LEU A 107 -5.68 7.69 -0.86
CA LEU A 107 -5.05 7.53 0.45
C LEU A 107 -5.41 8.70 1.36
N ARG A 108 -6.50 8.52 2.11
CA ARG A 108 -6.97 9.56 3.03
C ARG A 108 -6.25 9.45 4.38
N GLN A 109 -6.11 8.22 4.88
CA GLN A 109 -5.46 7.98 6.15
C GLN A 109 -4.67 6.68 6.12
N PRO A 110 -3.49 6.68 6.76
CA PRO A 110 -2.63 5.50 6.82
C PRO A 110 -3.21 4.39 7.69
N TYR A 111 -2.36 3.43 8.06
CA TYR A 111 -2.80 2.31 8.89
C TYR A 111 -1.85 2.12 10.07
N TYR A 112 -2.35 2.40 11.27
CA TYR A 112 -1.54 2.26 12.49
C TYR A 112 -1.79 0.91 13.14
N SER A 113 -0.76 0.37 13.78
CA SER A 113 -0.87 -0.92 14.45
C SER A 113 -0.79 -0.75 15.97
N GLY A 114 -1.95 -0.56 16.59
CA GLY A 114 -1.99 -0.39 18.03
C GLY A 114 -3.22 0.36 18.50
N PRO A 115 -4.32 -0.38 18.75
CA PRO A 115 -5.57 0.20 19.20
C PRO A 115 -5.50 0.75 20.62
N SER A 116 -6.54 1.45 21.04
CA SER A 116 -6.59 2.03 22.38
C SER A 116 -7.54 1.25 23.28
N SER A 117 -8.75 1.02 22.78
CA SER A 117 -9.76 0.28 23.54
C SER A 117 -9.55 -1.22 23.42
N GLY A 118 -10.27 -1.98 24.24
CA GLY A 118 -10.15 -3.43 24.21
C GLY A 118 -11.44 -4.11 23.82
N MET B 1 -2.14 -26.55 -0.46
CA MET B 1 -2.83 -25.28 -0.66
C MET B 1 -2.24 -24.19 0.24
N ASP B 2 -1.43 -23.31 -0.36
CA ASP B 2 -0.80 -22.22 0.37
C ASP B 2 -0.86 -20.92 -0.42
N ASN B 3 -0.96 -19.81 0.29
CA ASN B 3 -1.02 -18.49 -0.34
C ASN B 3 0.29 -18.16 -1.04
N GLN B 4 0.43 -18.64 -2.27
CA GLN B 4 1.63 -18.40 -3.06
C GLN B 4 2.00 -16.92 -3.04
N GLY B 5 1.00 -16.07 -3.17
CA GLY B 5 1.23 -14.63 -3.17
C GLY B 5 -0.02 -13.83 -3.46
N VAL B 6 0.17 -12.59 -3.89
CA VAL B 6 -0.96 -11.71 -4.20
C VAL B 6 -0.68 -10.89 -5.45
N ILE B 7 -1.70 -10.76 -6.30
CA ILE B 7 -1.56 -9.99 -7.54
C ILE B 7 -1.35 -8.51 -7.25
N SER B 9 -2.22 -4.90 -8.81
CA SER B 9 -2.94 -4.09 -9.79
C SER B 9 -1.99 -3.23 -10.61
N ASP B 10 -1.85 -3.56 -11.89
CA ASP B 10 -0.97 -2.82 -12.78
C ASP B 10 -1.24 -1.33 -12.69
N LEU B 11 -0.48 -0.54 -13.44
CA LEU B 11 -0.63 0.91 -13.45
C LEU B 11 -0.87 1.42 -14.86
N ASN B 12 -0.91 2.76 -15.00
CA ASN B 12 -1.13 3.38 -16.30
C ASN B 12 0.21 3.70 -16.97
N LEU B 13 0.98 4.58 -16.34
CA LEU B 13 2.27 4.99 -16.87
C LEU B 13 2.97 3.81 -17.56
N PRO B 14 3.10 2.70 -16.83
CA PRO B 14 3.75 1.48 -17.35
C PRO B 14 2.91 0.80 -18.43
N PRO B 15 3.59 0.08 -19.34
CA PRO B 15 2.92 -0.63 -20.43
C PRO B 15 2.13 -1.83 -19.94
N GLY A 1 9.04 3.89 26.64
CA GLY A 1 9.18 2.88 25.61
C GLY A 1 8.56 3.29 24.30
N SER A 2 8.89 2.57 23.24
CA SER A 2 8.35 2.87 21.91
C SER A 2 7.15 1.98 21.59
N SER A 3 5.95 2.55 21.68
CA SER A 3 4.73 1.81 21.41
C SER A 3 4.53 1.62 19.91
N GLY A 4 5.05 0.51 19.38
CA GLY A 4 4.91 0.24 17.96
C GLY A 4 5.42 1.38 17.10
N SER A 5 5.02 1.39 15.83
CA SER A 5 5.45 2.43 14.91
C SER A 5 4.63 3.70 15.09
N SER A 6 4.97 4.74 14.34
CA SER A 6 4.28 6.01 14.42
C SER A 6 3.64 6.37 13.08
N GLY A 7 4.46 6.41 12.03
CA GLY A 7 3.96 6.75 10.72
C GLY A 7 3.17 5.61 10.10
N TRP A 8 3.39 5.38 8.80
CA TRP A 8 2.70 4.32 8.09
C TRP A 8 3.67 3.24 7.63
N TYR A 9 4.78 3.10 8.35
CA TYR A 9 5.80 2.11 8.01
C TYR A 9 5.75 0.93 8.98
N HIS A 10 5.61 -0.27 8.44
CA HIS A 10 5.56 -1.48 9.25
C HIS A 10 6.83 -2.30 9.11
N GLY A 11 7.11 -2.75 7.88
CA GLY A 11 8.30 -3.54 7.63
C GLY A 11 8.09 -5.01 7.91
N HIS A 12 9.03 -5.84 7.46
CA HIS A 12 8.94 -7.28 7.67
C HIS A 12 7.50 -7.76 7.55
N MET A 13 6.82 -7.31 6.50
CA MET A 13 5.43 -7.70 6.27
C MET A 13 5.23 -8.19 4.84
N SER A 14 4.47 -9.27 4.68
CA SER A 14 4.20 -9.84 3.37
C SER A 14 2.88 -9.32 2.81
N GLY A 15 2.54 -9.76 1.60
CA GLY A 15 1.31 -9.33 0.97
C GLY A 15 0.08 -9.92 1.64
N GLY A 16 -0.02 -11.24 1.63
CA GLY A 16 -1.16 -11.89 2.24
C GLY A 16 -1.53 -11.30 3.58
N GLN A 17 -0.52 -10.78 4.28
CA GLN A 17 -0.75 -10.17 5.59
C GLN A 17 -1.46 -8.83 5.46
N ALA A 18 -0.80 -7.87 4.83
CA ALA A 18 -1.38 -6.54 4.64
C ALA A 18 -2.86 -6.63 4.32
N GLU A 19 -3.23 -7.58 3.45
CA GLU A 19 -4.61 -7.76 3.06
C GLU A 19 -5.50 -7.96 4.28
N THR A 20 -5.05 -8.81 5.21
CA THR A 20 -5.80 -9.08 6.43
C THR A 20 -5.92 -7.83 7.30
N LEU A 21 -4.79 -7.25 7.64
CA LEU A 21 -4.76 -6.05 8.47
C LEU A 21 -5.65 -4.96 7.86
N LEU A 22 -5.42 -4.65 6.59
CA LEU A 22 -6.19 -3.63 5.90
C LEU A 22 -7.68 -3.98 5.91
N GLN A 23 -8.01 -5.10 5.27
CA GLN A 23 -9.41 -5.53 5.20
C GLN A 23 -10.07 -5.48 6.58
N ALA A 24 -9.40 -6.03 7.58
CA ALA A 24 -9.91 -6.04 8.93
C ALA A 24 -10.30 -4.64 9.39
N LYS A 25 -9.45 -3.67 9.05
CA LYS A 25 -9.71 -2.28 9.42
C LYS A 25 -11.07 -1.82 8.92
N GLY A 26 -11.46 -2.31 7.75
CA GLY A 26 -12.75 -1.94 7.18
C GLY A 26 -12.85 -0.46 6.88
N GLU A 27 -11.70 0.16 6.59
CA GLU A 27 -11.66 1.58 6.29
C GLU A 27 -11.19 1.82 4.85
N PRO A 28 -12.03 2.49 4.06
CA PRO A 28 -11.73 2.80 2.66
C PRO A 28 -10.61 3.83 2.51
N TRP A 29 -9.77 3.66 1.51
CA TRP A 29 -8.66 4.57 1.27
C TRP A 29 -7.59 4.42 2.34
N THR A 30 -7.49 3.23 2.92
CA THR A 30 -6.51 2.96 3.96
C THR A 30 -5.20 2.45 3.37
N PHE A 31 -4.23 3.35 3.23
CA PHE A 31 -2.93 2.99 2.68
C PHE A 31 -1.96 2.58 3.79
N LEU A 32 -0.89 1.89 3.40
CA LEU A 32 0.12 1.44 4.36
C LEU A 32 1.41 1.07 3.65
N VAL A 33 2.54 1.48 4.23
CA VAL A 33 3.84 1.17 3.65
C VAL A 33 4.48 -0.04 4.34
N ARG A 34 5.06 -0.91 3.54
CA ARG A 34 5.71 -2.12 4.06
C ARG A 34 6.88 -2.53 3.19
N GLU A 35 7.74 -3.40 3.72
CA GLU A 35 8.90 -3.88 2.98
C GLU A 35 8.63 -5.22 2.31
N SER A 36 9.50 -5.61 1.40
CA SER A 36 9.33 -6.87 0.69
C SER A 36 10.38 -7.89 1.15
N LEU A 37 9.91 -8.95 1.80
CA LEU A 37 10.79 -10.00 2.29
C LEU A 37 11.81 -10.41 1.22
N SER A 38 11.30 -10.95 0.11
CA SER A 38 12.16 -11.38 -0.98
C SER A 38 13.14 -10.28 -1.38
N GLN A 39 12.60 -9.08 -1.62
CA GLN A 39 13.42 -7.94 -2.00
C GLN A 39 13.58 -6.97 -0.85
N PRO A 40 14.66 -7.16 -0.05
CA PRO A 40 14.95 -6.31 1.10
C PRO A 40 15.37 -4.90 0.69
N GLY A 41 15.35 -4.64 -0.61
CA GLY A 41 15.74 -3.33 -1.10
C GLY A 41 14.57 -2.56 -1.69
N ASP A 42 13.60 -3.28 -2.23
CA ASP A 42 12.42 -2.67 -2.82
C ASP A 42 11.34 -2.43 -1.78
N PHE A 43 10.29 -1.71 -2.16
CA PHE A 43 9.20 -1.41 -1.25
C PHE A 43 7.86 -1.74 -1.91
N VAL A 44 6.78 -1.60 -1.13
CA VAL A 44 5.44 -1.89 -1.63
C VAL A 44 4.40 -1.00 -0.95
N LEU A 45 3.39 -0.59 -1.71
CA LEU A 45 2.33 0.27 -1.19
C LEU A 45 0.97 -0.43 -1.30
N SER A 46 0.34 -0.67 -0.16
CA SER A 46 -0.96 -1.32 -0.13
C SER A 46 -2.05 -0.33 0.25
N VAL A 47 -3.24 -0.51 -0.33
CA VAL A 47 -4.37 0.37 -0.07
C VAL A 47 -5.69 -0.39 -0.12
N LEU A 48 -6.60 -0.05 0.77
CA LEU A 48 -7.91 -0.70 0.81
C LEU A 48 -8.97 0.14 0.11
N SER A 49 -9.25 -0.20 -1.15
CA SER A 49 -10.23 0.53 -1.94
C SER A 49 -11.60 0.46 -1.27
N ASP A 50 -12.41 1.50 -1.49
CA ASP A 50 -13.75 1.56 -0.92
C ASP A 50 -14.69 0.57 -1.62
N GLN A 51 -14.18 -0.07 -2.67
CA GLN A 51 -14.97 -1.03 -3.42
C GLN A 51 -14.94 -2.41 -2.75
N PRO A 52 -16.09 -2.84 -2.23
CA PRO A 52 -16.22 -4.14 -1.56
C PRO A 52 -16.12 -5.30 -2.53
N LYS A 53 -15.56 -6.42 -2.06
CA LYS A 53 -15.41 -7.60 -2.89
C LYS A 53 -16.74 -8.03 -3.49
N ALA A 54 -17.72 -8.28 -2.62
CA ALA A 54 -19.05 -8.69 -3.06
C ALA A 54 -20.08 -7.59 -2.82
N GLY A 55 -20.04 -7.02 -1.61
CA GLY A 55 -20.97 -5.96 -1.27
C GLY A 55 -20.85 -5.52 0.18
N PRO A 56 -21.97 -5.11 0.78
CA PRO A 56 -22.01 -4.66 2.17
C PRO A 56 -21.79 -5.80 3.16
N GLY A 57 -20.51 -6.06 3.47
CA GLY A 57 -20.19 -7.12 4.40
C GLY A 57 -18.86 -7.77 4.10
N SER A 58 -18.49 -7.78 2.82
CA SER A 58 -17.23 -8.38 2.39
C SER A 58 -16.06 -7.45 2.66
N PRO A 59 -14.86 -8.02 2.81
CA PRO A 59 -13.64 -7.26 3.07
C PRO A 59 -13.20 -6.44 1.86
N LEU A 60 -13.24 -5.12 2.01
CA LEU A 60 -12.85 -4.21 0.94
C LEU A 60 -11.66 -4.77 0.16
N ARG A 61 -11.60 -4.45 -1.13
CA ARG A 61 -10.51 -4.92 -1.99
C ARG A 61 -9.19 -4.25 -1.62
N VAL A 62 -8.10 -4.97 -1.78
CA VAL A 62 -6.77 -4.44 -1.46
C VAL A 62 -5.91 -4.34 -2.71
N THR A 63 -5.38 -3.14 -2.96
CA THR A 63 -4.54 -2.90 -4.12
C THR A 63 -3.07 -2.94 -3.74
N HIS A 64 -2.33 -3.89 -4.32
CA HIS A 64 -0.91 -4.02 -4.04
C HIS A 64 -0.07 -3.52 -5.23
N ILE A 65 0.67 -2.44 -5.00
CA ILE A 65 1.51 -1.87 -6.05
C ILE A 65 2.99 -1.91 -5.65
N LYS A 66 3.83 -2.39 -6.56
CA LYS A 66 5.26 -2.48 -6.32
C LYS A 66 5.90 -1.09 -6.34
N VAL A 67 6.86 -0.88 -5.44
CA VAL A 67 7.56 0.40 -5.35
C VAL A 67 9.03 0.24 -5.69
N MET A 68 9.38 0.58 -6.93
CA MET A 68 10.77 0.48 -7.38
C MET A 68 11.63 1.57 -6.75
N CYS A 69 12.93 1.33 -6.70
CA CYS A 69 13.87 2.27 -6.11
C CYS A 69 14.84 2.81 -7.16
N GLU A 70 14.75 4.11 -7.43
CA GLU A 70 15.62 4.74 -8.42
C GLU A 70 16.75 5.51 -7.73
N GLY A 71 17.86 4.82 -7.48
CA GLY A 71 18.99 5.45 -6.83
C GLY A 71 18.60 6.20 -5.58
N GLY A 72 18.21 5.47 -4.54
CA GLY A 72 17.81 6.09 -3.30
C GLY A 72 16.36 6.55 -3.31
N ARG A 73 15.90 7.00 -4.48
CA ARG A 73 14.54 7.48 -4.63
C ARG A 73 13.57 6.32 -4.82
N TYR A 74 12.29 6.64 -4.99
CA TYR A 74 11.28 5.62 -5.18
C TYR A 74 10.26 6.04 -6.24
N THR A 75 9.74 5.07 -6.98
CA THR A 75 8.77 5.34 -8.03
C THR A 75 7.84 4.14 -8.25
N VAL A 76 6.71 4.38 -8.91
CA VAL A 76 5.74 3.33 -9.19
C VAL A 76 5.42 3.25 -10.67
N GLY A 77 6.24 2.50 -11.41
CA GLY A 77 6.03 2.35 -12.83
C GLY A 77 6.58 3.52 -13.63
N GLY A 78 5.87 4.65 -13.60
CA GLY A 78 6.32 5.82 -14.33
C GLY A 78 7.79 6.13 -14.09
N LEU A 79 8.29 7.15 -14.76
CA LEU A 79 9.69 7.55 -14.63
C LEU A 79 9.88 8.48 -13.43
N GLU A 80 8.78 9.05 -12.96
CA GLU A 80 8.82 9.96 -11.81
C GLU A 80 9.67 9.38 -10.69
N THR A 81 9.91 10.18 -9.66
CA THR A 81 10.70 9.74 -8.52
C THR A 81 10.41 10.60 -7.29
N PHE A 82 10.62 10.02 -6.11
CA PHE A 82 10.38 10.73 -4.86
C PHE A 82 11.53 10.50 -3.88
N ASP A 83 11.89 11.56 -3.16
CA ASP A 83 12.98 11.49 -2.20
C ASP A 83 12.85 10.23 -1.33
N SER A 84 11.62 9.84 -1.06
CA SER A 84 11.36 8.66 -0.24
C SER A 84 9.87 8.32 -0.23
N LEU A 85 9.51 7.30 0.53
CA LEU A 85 8.12 6.86 0.62
C LEU A 85 7.21 8.04 0.98
N THR A 86 7.77 9.02 1.69
CA THR A 86 7.01 10.20 2.08
C THR A 86 6.60 11.03 0.88
N ASP A 87 7.59 11.47 0.11
CA ASP A 87 7.33 12.27 -1.08
C ASP A 87 6.44 11.52 -2.06
N LEU A 88 6.61 10.20 -2.12
CA LEU A 88 5.82 9.37 -3.02
C LEU A 88 4.37 9.29 -2.55
N VAL A 89 4.18 8.78 -1.34
CA VAL A 89 2.84 8.66 -0.77
C VAL A 89 2.14 10.00 -0.71
N GLU A 90 2.71 10.92 0.06
CA GLU A 90 2.14 12.26 0.21
C GLU A 90 1.68 12.80 -1.14
N HIS A 91 2.58 12.82 -2.10
CA HIS A 91 2.26 13.33 -3.43
C HIS A 91 1.16 12.49 -4.08
N PHE A 92 1.01 11.26 -3.61
CA PHE A 92 -0.01 10.36 -4.14
C PHE A 92 -1.29 10.44 -3.31
N LYS A 93 -1.18 11.02 -2.13
CA LYS A 93 -2.33 11.17 -1.24
C LYS A 93 -3.27 12.25 -1.74
N LYS A 94 -2.77 13.10 -2.63
CA LYS A 94 -3.57 14.19 -3.19
C LYS A 94 -3.97 13.88 -4.63
N THR A 95 -3.06 13.26 -5.38
CA THR A 95 -3.33 12.92 -6.77
C THR A 95 -3.94 11.52 -6.88
N GLY A 96 -3.37 10.57 -6.15
CA GLY A 96 -3.88 9.20 -6.18
C GLY A 96 -3.18 8.35 -7.22
N ILE A 97 -3.43 7.04 -7.17
CA ILE A 97 -2.82 6.12 -8.11
C ILE A 97 -3.85 5.55 -9.07
N GLU A 98 -3.49 5.49 -10.36
CA GLU A 98 -4.39 4.97 -11.38
C GLU A 98 -3.95 3.58 -11.83
N GLU A 99 -4.75 2.58 -11.49
CA GLU A 99 -4.45 1.19 -11.86
C GLU A 99 -4.60 0.99 -13.36
N ALA A 100 -3.66 0.27 -13.95
CA ALA A 100 -3.69 -0.01 -15.38
C ALA A 100 -5.12 -0.16 -15.88
N SER A 101 -5.84 -1.11 -15.31
CA SER A 101 -7.22 -1.38 -15.69
C SER A 101 -8.02 -0.07 -15.76
N GLY A 102 -7.82 0.79 -14.76
CA GLY A 102 -8.52 2.06 -14.72
C GLY A 102 -8.83 2.50 -13.31
N ALA A 103 -9.13 1.54 -12.44
CA ALA A 103 -9.45 1.85 -11.05
C ALA A 103 -8.54 2.95 -10.51
N PHE A 104 -9.04 3.69 -9.52
CA PHE A 104 -8.27 4.77 -8.91
C PHE A 104 -8.18 4.59 -7.40
N VAL A 105 -6.95 4.48 -6.91
CA VAL A 105 -6.72 4.31 -5.47
C VAL A 105 -6.57 5.65 -4.77
N TYR A 106 -7.20 5.78 -3.62
CA TYR A 106 -7.14 7.02 -2.85
C TYR A 106 -6.54 6.77 -1.46
N LEU A 107 -5.61 7.62 -1.08
CA LEU A 107 -4.95 7.49 0.22
C LEU A 107 -5.35 8.64 1.15
N ARG A 108 -6.42 8.45 1.92
CA ARG A 108 -6.90 9.46 2.84
C ARG A 108 -6.17 9.37 4.17
N GLN A 109 -6.10 8.15 4.72
CA GLN A 109 -5.42 7.94 5.99
C GLN A 109 -4.67 6.61 5.98
N PRO A 110 -3.49 6.59 6.63
CA PRO A 110 -2.65 5.40 6.71
C PRO A 110 -3.26 4.33 7.61
N TYR A 111 -2.43 3.35 8.00
CA TYR A 111 -2.89 2.28 8.85
C TYR A 111 -1.94 2.07 10.04
N TYR A 112 -2.49 2.12 11.24
CA TYR A 112 -1.71 1.96 12.46
C TYR A 112 -1.97 0.59 13.09
N SER A 113 -1.02 0.12 13.90
CA SER A 113 -1.15 -1.17 14.57
C SER A 113 -1.44 -0.97 16.06
N GLY A 114 -2.57 -1.52 16.50
CA GLY A 114 -2.95 -1.40 17.90
C GLY A 114 -4.07 -2.34 18.28
N PRO A 115 -5.31 -1.86 18.20
CA PRO A 115 -6.50 -2.65 18.53
C PRO A 115 -6.77 -3.75 17.52
N SER A 116 -7.67 -4.66 17.86
CA SER A 116 -8.01 -5.77 16.98
C SER A 116 -9.53 -5.86 16.79
N SER A 117 -9.94 -6.67 15.82
CA SER A 117 -11.36 -6.83 15.52
C SER A 117 -11.61 -8.17 14.82
N GLY A 118 -12.72 -8.80 15.14
CA GLY A 118 -13.06 -10.08 14.53
C GLY A 118 -11.91 -11.07 14.57
N MET B 1 -1.28 -23.26 -14.14
CA MET B 1 -2.02 -22.26 -13.38
C MET B 1 -1.72 -22.36 -11.89
N ASP B 2 -0.76 -21.56 -11.43
CA ASP B 2 -0.38 -21.56 -10.02
C ASP B 2 -0.20 -20.15 -9.51
N ASN B 3 -1.03 -19.76 -8.55
CA ASN B 3 -0.96 -18.42 -7.97
C ASN B 3 -0.29 -18.45 -6.60
N GLN B 4 0.85 -17.78 -6.49
CA GLN B 4 1.58 -17.73 -5.23
C GLN B 4 1.65 -16.31 -4.68
N GLY B 5 0.95 -16.07 -3.57
CA GLY B 5 0.93 -14.76 -2.97
C GLY B 5 -0.27 -13.94 -3.39
N VAL B 6 -0.07 -12.65 -3.60
CA VAL B 6 -1.15 -11.75 -4.00
C VAL B 6 -0.80 -11.01 -5.29
N ILE B 7 -1.82 -10.77 -6.12
CA ILE B 7 -1.61 -10.07 -7.38
C ILE B 7 -1.36 -8.58 -7.15
N SER B 9 -1.87 -5.01 -8.80
CA SER B 9 -2.53 -4.20 -9.82
C SER B 9 -1.58 -3.15 -10.38
N ASP B 10 -1.11 -3.39 -11.61
CA ASP B 10 -0.19 -2.46 -12.26
C ASP B 10 -0.83 -1.09 -12.41
N LEU B 11 -0.10 -0.17 -13.05
CA LEU B 11 -0.60 1.18 -13.25
C LEU B 11 -0.81 1.46 -14.74
N ASN B 12 -1.41 2.60 -15.05
CA ASN B 12 -1.68 2.99 -16.42
C ASN B 12 -0.45 3.63 -17.07
N LEU B 13 0.29 4.40 -16.27
CA LEU B 13 1.50 5.06 -16.76
C LEU B 13 2.23 4.20 -17.78
N PRO B 14 2.54 2.95 -17.38
CA PRO B 14 3.23 2.00 -18.25
C PRO B 14 2.36 1.52 -19.40
N PRO B 15 3.01 0.99 -20.45
CA PRO B 15 2.31 0.48 -21.63
C PRO B 15 1.54 -0.80 -21.35
N GLY A 1 8.74 -3.07 23.77
CA GLY A 1 9.17 -1.95 22.95
C GLY A 1 8.36 -0.70 23.20
N SER A 2 9.05 0.41 23.44
CA SER A 2 8.38 1.68 23.71
C SER A 2 8.72 2.71 22.63
N SER A 3 7.73 3.05 21.82
CA SER A 3 7.91 4.03 20.74
C SER A 3 6.64 4.83 20.51
N GLY A 4 6.80 6.01 19.92
CA GLY A 4 5.66 6.86 19.64
C GLY A 4 5.03 6.57 18.30
N SER A 5 4.69 7.63 17.57
CA SER A 5 4.07 7.48 16.26
C SER A 5 5.07 7.76 15.14
N SER A 6 5.58 6.70 14.53
CA SER A 6 6.56 6.83 13.45
C SER A 6 5.89 7.31 12.17
N GLY A 7 4.73 6.72 11.87
CA GLY A 7 4.00 7.10 10.67
C GLY A 7 3.20 5.95 10.09
N TRP A 8 3.42 5.65 8.82
CA TRP A 8 2.70 4.57 8.16
C TRP A 8 3.67 3.47 7.72
N TYR A 9 4.79 3.37 8.41
CA TYR A 9 5.80 2.36 8.10
C TYR A 9 5.65 1.14 9.02
N HIS A 10 5.44 -0.02 8.40
CA HIS A 10 5.29 -1.26 9.15
C HIS A 10 6.61 -2.03 9.22
N GLY A 11 7.20 -2.27 8.06
CA GLY A 11 8.45 -2.99 8.01
C GLY A 11 8.26 -4.48 7.73
N HIS A 12 8.46 -5.29 8.75
CA HIS A 12 8.31 -6.74 8.61
C HIS A 12 6.84 -7.11 8.41
N MET A 13 6.50 -7.50 7.18
CA MET A 13 5.13 -7.89 6.87
C MET A 13 5.03 -8.41 5.43
N SER A 14 4.39 -9.56 5.27
CA SER A 14 4.22 -10.16 3.95
C SER A 14 3.01 -9.57 3.22
N GLY A 15 2.76 -10.07 2.02
CA GLY A 15 1.64 -9.58 1.24
C GLY A 15 0.30 -10.01 1.82
N GLY A 16 -0.03 -11.29 1.67
CA GLY A 16 -1.29 -11.79 2.20
C GLY A 16 -1.63 -11.19 3.54
N GLN A 17 -0.63 -10.78 4.29
CA GLN A 17 -0.83 -10.18 5.60
C GLN A 17 -1.53 -8.83 5.49
N ALA A 18 -0.85 -7.87 4.89
CA ALA A 18 -1.41 -6.54 4.71
C ALA A 18 -2.90 -6.60 4.39
N GLU A 19 -3.27 -7.57 3.56
CA GLU A 19 -4.67 -7.73 3.16
C GLU A 19 -5.55 -7.95 4.39
N THR A 20 -5.08 -8.77 5.31
CA THR A 20 -5.84 -9.07 6.53
C THR A 20 -5.91 -7.84 7.44
N LEU A 21 -4.78 -7.17 7.61
CA LEU A 21 -4.72 -5.99 8.45
C LEU A 21 -5.57 -4.86 7.87
N LEU A 22 -5.56 -4.74 6.54
CA LEU A 22 -6.34 -3.71 5.86
C LEU A 22 -7.82 -4.07 5.82
N GLN A 23 -8.11 -5.24 5.25
CA GLN A 23 -9.49 -5.71 5.14
C GLN A 23 -10.16 -5.71 6.51
N ALA A 24 -9.46 -6.20 7.52
CA ALA A 24 -9.99 -6.26 8.88
C ALA A 24 -10.44 -4.88 9.34
N LYS A 25 -9.67 -3.85 8.99
CA LYS A 25 -9.99 -2.49 9.38
C LYS A 25 -11.33 -2.05 8.79
N GLY A 26 -11.57 -2.43 7.53
CA GLY A 26 -12.82 -2.07 6.88
C GLY A 26 -12.90 -0.59 6.58
N GLU A 27 -11.76 0.06 6.47
CA GLU A 27 -11.71 1.49 6.20
C GLU A 27 -11.21 1.76 4.77
N PRO A 28 -12.04 2.45 3.98
CA PRO A 28 -11.71 2.78 2.59
C PRO A 28 -10.58 3.81 2.48
N TRP A 29 -9.73 3.66 1.49
CA TRP A 29 -8.61 4.57 1.27
C TRP A 29 -7.60 4.45 2.40
N THR A 30 -7.40 3.22 2.89
CA THR A 30 -6.45 2.97 3.97
C THR A 30 -5.13 2.43 3.43
N PHE A 31 -4.16 3.32 3.25
CA PHE A 31 -2.86 2.93 2.73
C PHE A 31 -1.89 2.62 3.88
N LEU A 32 -0.79 1.96 3.54
CA LEU A 32 0.21 1.59 4.54
C LEU A 32 1.51 1.14 3.88
N VAL A 33 2.63 1.59 4.43
CA VAL A 33 3.94 1.23 3.89
C VAL A 33 4.51 0.01 4.59
N ARG A 34 5.18 -0.85 3.83
CA ARG A 34 5.77 -2.06 4.37
C ARG A 34 6.88 -2.59 3.47
N GLU A 35 7.89 -3.20 4.06
CA GLU A 35 9.01 -3.75 3.30
C GLU A 35 8.65 -5.10 2.71
N SER A 36 9.38 -5.49 1.66
CA SER A 36 9.14 -6.76 0.99
C SER A 36 10.12 -7.83 1.48
N LEU A 37 9.81 -9.08 1.18
CA LEU A 37 10.65 -10.20 1.59
C LEU A 37 11.35 -10.81 0.39
N SER A 38 10.59 -11.07 -0.67
CA SER A 38 11.13 -11.67 -1.89
C SER A 38 12.08 -10.70 -2.59
N GLN A 39 11.55 -9.56 -3.01
CA GLN A 39 12.34 -8.55 -3.70
C GLN A 39 13.35 -7.91 -2.75
N PRO A 40 14.64 -8.00 -3.10
CA PRO A 40 15.72 -7.45 -2.29
C PRO A 40 15.72 -5.92 -2.30
N GLY A 41 15.45 -5.32 -1.15
CA GLY A 41 15.43 -3.86 -1.05
C GLY A 41 14.35 -3.24 -1.92
N ASP A 42 13.11 -3.70 -1.74
CA ASP A 42 11.99 -3.18 -2.51
C ASP A 42 10.81 -2.84 -1.61
N PHE A 43 10.31 -1.63 -1.74
CA PHE A 43 9.18 -1.18 -0.93
C PHE A 43 7.85 -1.47 -1.63
N VAL A 44 6.79 -1.58 -0.83
CA VAL A 44 5.47 -1.86 -1.38
C VAL A 44 4.41 -0.93 -0.77
N LEU A 45 3.43 -0.55 -1.58
CA LEU A 45 2.36 0.33 -1.11
C LEU A 45 1.01 -0.36 -1.22
N SER A 46 0.44 -0.71 -0.07
CA SER A 46 -0.86 -1.39 -0.05
C SER A 46 -1.96 -0.41 0.36
N VAL A 47 -3.08 -0.44 -0.36
CA VAL A 47 -4.20 0.44 -0.08
C VAL A 47 -5.52 -0.32 -0.15
N LEU A 48 -6.45 0.03 0.72
CA LEU A 48 -7.76 -0.61 0.75
C LEU A 48 -8.81 0.24 0.02
N SER A 49 -9.07 -0.12 -1.23
CA SER A 49 -10.05 0.61 -2.03
C SER A 49 -11.43 0.57 -1.38
N ASP A 50 -12.25 1.57 -1.69
CA ASP A 50 -13.60 1.65 -1.13
C ASP A 50 -14.53 0.65 -1.82
N GLN A 51 -13.99 -0.09 -2.77
CA GLN A 51 -14.78 -1.09 -3.50
C GLN A 51 -14.71 -2.44 -2.81
N PRO A 52 -15.87 -2.91 -2.33
CA PRO A 52 -15.98 -4.20 -1.64
C PRO A 52 -15.78 -5.38 -2.59
N LYS A 53 -15.27 -6.49 -2.05
CA LYS A 53 -15.03 -7.69 -2.85
C LYS A 53 -16.32 -8.16 -3.50
N ALA A 54 -17.37 -8.30 -2.71
CA ALA A 54 -18.67 -8.74 -3.22
C ALA A 54 -19.74 -7.67 -3.02
N GLY A 55 -19.77 -7.09 -1.82
CA GLY A 55 -20.74 -6.06 -1.52
C GLY A 55 -20.68 -5.61 -0.07
N PRO A 56 -21.86 -5.26 0.49
CA PRO A 56 -21.96 -4.80 1.88
C PRO A 56 -21.70 -5.93 2.88
N GLY A 57 -20.45 -6.06 3.31
CA GLY A 57 -20.09 -7.09 4.26
C GLY A 57 -18.73 -7.71 3.96
N SER A 58 -18.38 -7.77 2.68
CA SER A 58 -17.12 -8.35 2.26
C SER A 58 -15.97 -7.39 2.55
N PRO A 59 -14.76 -7.95 2.73
CA PRO A 59 -13.55 -7.17 3.02
C PRO A 59 -13.10 -6.35 1.80
N LEU A 60 -13.13 -5.03 1.94
CA LEU A 60 -12.72 -4.14 0.86
C LEU A 60 -11.56 -4.73 0.08
N ARG A 61 -11.45 -4.35 -1.19
CA ARG A 61 -10.36 -4.85 -2.04
C ARG A 61 -9.04 -4.18 -1.69
N VAL A 62 -7.95 -4.93 -1.81
CA VAL A 62 -6.63 -4.41 -1.50
C VAL A 62 -5.78 -4.30 -2.77
N THR A 63 -5.08 -3.18 -2.91
CA THR A 63 -4.23 -2.94 -4.07
C THR A 63 -2.75 -2.95 -3.68
N HIS A 64 -2.05 -4.01 -4.08
CA HIS A 64 -0.63 -4.13 -3.78
C HIS A 64 0.22 -3.56 -4.90
N ILE A 65 1.03 -2.55 -4.56
CA ILE A 65 1.89 -1.90 -5.54
C ILE A 65 3.37 -2.05 -5.17
N LYS A 66 4.17 -2.53 -6.12
CA LYS A 66 5.59 -2.72 -5.90
C LYS A 66 6.36 -1.43 -6.13
N VAL A 67 6.77 -0.77 -5.05
CA VAL A 67 7.52 0.47 -5.14
C VAL A 67 8.98 0.20 -5.46
N MET A 68 9.42 0.66 -6.64
CA MET A 68 10.80 0.47 -7.07
C MET A 68 11.68 1.59 -6.54
N CYS A 69 12.96 1.28 -6.30
CA CYS A 69 13.91 2.26 -5.80
C CYS A 69 14.96 2.60 -6.86
N GLU A 70 15.02 3.87 -7.25
CA GLU A 70 15.98 4.32 -8.26
C GLU A 70 17.08 5.16 -7.62
N GLY A 71 18.11 4.49 -7.10
CA GLY A 71 19.20 5.19 -6.47
C GLY A 71 18.77 5.99 -5.25
N GLY A 72 18.11 5.31 -4.31
CA GLY A 72 17.65 5.99 -3.12
C GLY A 72 16.23 6.52 -3.26
N ARG A 73 15.89 7.00 -4.46
CA ARG A 73 14.56 7.54 -4.71
C ARG A 73 13.56 6.41 -4.98
N TYR A 74 12.28 6.75 -4.95
CA TYR A 74 11.22 5.77 -5.17
C TYR A 74 10.36 6.18 -6.37
N THR A 75 9.98 5.19 -7.17
CA THR A 75 9.15 5.44 -8.35
C THR A 75 8.11 4.35 -8.52
N VAL A 76 6.95 4.72 -9.06
CA VAL A 76 5.86 3.76 -9.29
C VAL A 76 5.62 3.54 -10.77
N GLY A 77 6.35 2.59 -11.36
CA GLY A 77 6.20 2.30 -12.76
C GLY A 77 6.20 3.55 -13.62
N GLY A 78 6.89 4.58 -13.14
CA GLY A 78 6.95 5.84 -13.89
C GLY A 78 8.35 6.39 -13.96
N LEU A 79 8.59 7.28 -14.92
CA LEU A 79 9.90 7.89 -15.10
C LEU A 79 10.20 8.87 -13.97
N GLU A 80 9.16 9.31 -13.28
CA GLU A 80 9.31 10.26 -12.18
C GLU A 80 9.96 9.57 -10.98
N THR A 81 10.20 10.35 -9.92
CA THR A 81 10.80 9.82 -8.71
C THR A 81 10.35 10.61 -7.47
N PHE A 82 10.70 10.10 -6.30
CA PHE A 82 10.33 10.76 -5.05
C PHE A 82 11.40 10.53 -3.98
N ASP A 83 11.86 11.62 -3.36
CA ASP A 83 12.88 11.53 -2.32
C ASP A 83 12.70 10.27 -1.50
N SER A 84 11.51 10.10 -0.93
CA SER A 84 11.20 8.93 -0.11
C SER A 84 9.71 8.62 -0.13
N LEU A 85 9.31 7.63 0.67
CA LEU A 85 7.92 7.24 0.75
C LEU A 85 7.02 8.43 1.08
N THR A 86 7.55 9.35 1.88
CA THR A 86 6.81 10.54 2.27
C THR A 86 6.44 11.38 1.06
N ASP A 87 7.44 11.78 0.28
CA ASP A 87 7.21 12.59 -0.91
C ASP A 87 6.32 11.85 -1.89
N LEU A 88 6.60 10.57 -2.10
CA LEU A 88 5.83 9.75 -3.03
C LEU A 88 4.39 9.62 -2.56
N VAL A 89 4.19 8.97 -1.42
CA VAL A 89 2.86 8.79 -0.86
C VAL A 89 2.10 10.10 -0.80
N GLU A 90 2.66 11.07 -0.07
CA GLU A 90 2.04 12.37 0.07
C GLU A 90 1.55 12.91 -1.27
N HIS A 91 2.46 12.98 -2.23
CA HIS A 91 2.12 13.47 -3.57
C HIS A 91 0.99 12.64 -4.18
N PHE A 92 0.81 11.43 -3.66
CA PHE A 92 -0.24 10.54 -4.15
C PHE A 92 -1.51 10.68 -3.32
N LYS A 93 -1.35 11.13 -2.08
CA LYS A 93 -2.48 11.30 -1.18
C LYS A 93 -3.39 12.42 -1.67
N LYS A 94 -2.85 13.30 -2.50
CA LYS A 94 -3.61 14.42 -3.05
C LYS A 94 -3.99 14.16 -4.51
N THR A 95 -3.05 13.61 -5.26
CA THR A 95 -3.28 13.32 -6.67
C THR A 95 -4.03 12.00 -6.84
N GLY A 96 -3.46 10.93 -6.27
CA GLY A 96 -4.09 9.62 -6.37
C GLY A 96 -3.34 8.70 -7.30
N ILE A 97 -3.61 7.40 -7.19
CA ILE A 97 -2.95 6.41 -8.03
C ILE A 97 -3.97 5.70 -8.93
N GLU A 98 -3.64 5.57 -10.21
CA GLU A 98 -4.51 4.91 -11.16
C GLU A 98 -3.98 3.52 -11.51
N GLU A 99 -4.87 2.53 -11.50
CA GLU A 99 -4.49 1.16 -11.82
C GLU A 99 -4.75 0.85 -13.28
N ALA A 100 -3.87 0.06 -13.89
CA ALA A 100 -4.00 -0.31 -15.30
C ALA A 100 -5.46 -0.55 -15.66
N SER A 101 -6.05 -1.58 -15.07
CA SER A 101 -7.44 -1.93 -15.33
C SER A 101 -8.31 -0.68 -15.41
N GLY A 102 -8.00 0.30 -14.55
CA GLY A 102 -8.76 1.54 -14.54
C GLY A 102 -9.05 2.01 -13.12
N ALA A 103 -9.23 1.07 -12.21
CA ALA A 103 -9.52 1.40 -10.82
C ALA A 103 -8.67 2.56 -10.34
N PHE A 104 -9.15 3.28 -9.34
CA PHE A 104 -8.44 4.43 -8.78
C PHE A 104 -8.28 4.30 -7.27
N VAL A 105 -7.03 4.27 -6.82
CA VAL A 105 -6.74 4.15 -5.40
C VAL A 105 -6.59 5.52 -4.74
N TYR A 106 -7.22 5.68 -3.58
CA TYR A 106 -7.17 6.95 -2.86
C TYR A 106 -6.60 6.75 -1.46
N LEU A 107 -5.72 7.66 -1.05
CA LEU A 107 -5.10 7.59 0.26
C LEU A 107 -5.56 8.75 1.15
N ARG A 108 -6.51 8.47 2.03
CA ARG A 108 -7.03 9.49 2.93
C ARG A 108 -6.35 9.41 4.29
N GLN A 109 -6.21 8.20 4.81
CA GLN A 109 -5.58 7.98 6.11
C GLN A 109 -4.77 6.70 6.12
N PRO A 110 -3.63 6.72 6.82
CA PRO A 110 -2.74 5.56 6.92
C PRO A 110 -3.34 4.44 7.75
N TYR A 111 -2.50 3.50 8.17
CA TYR A 111 -2.95 2.37 8.98
C TYR A 111 -1.92 2.01 10.05
N TYR A 112 -2.25 2.29 11.30
CA TYR A 112 -1.35 2.00 12.41
C TYR A 112 -1.68 0.65 13.04
N SER A 113 -0.68 -0.23 13.09
CA SER A 113 -0.86 -1.56 13.66
C SER A 113 -1.63 -1.49 14.97
N GLY A 114 -2.08 -2.64 15.45
CA GLY A 114 -2.81 -2.69 16.70
C GLY A 114 -4.29 -2.37 16.52
N PRO A 115 -5.08 -3.40 16.19
CA PRO A 115 -6.52 -3.25 15.98
C PRO A 115 -7.27 -2.96 17.27
N SER A 116 -6.88 -3.64 18.34
CA SER A 116 -7.52 -3.46 19.64
C SER A 116 -6.48 -3.37 20.75
N SER A 117 -6.84 -2.72 21.85
CA SER A 117 -5.93 -2.57 22.99
C SER A 117 -5.06 -3.81 23.15
N GLY A 118 -3.82 -3.71 22.68
CA GLY A 118 -2.90 -4.83 22.79
C GLY A 118 -2.14 -4.84 24.10
N MET B 1 0.38 -24.81 -11.29
CA MET B 1 -0.69 -23.81 -11.16
C MET B 1 -1.46 -24.01 -9.87
N ASP B 2 -1.35 -23.04 -8.96
CA ASP B 2 -2.04 -23.11 -7.67
C ASP B 2 -1.91 -21.80 -6.91
N ASN B 3 -3.04 -21.21 -6.56
CA ASN B 3 -3.05 -19.94 -5.83
C ASN B 3 -2.36 -20.10 -4.48
N GLN B 4 -1.15 -19.56 -4.38
CA GLN B 4 -0.37 -19.64 -3.14
C GLN B 4 -0.10 -18.25 -2.58
N GLY B 5 -0.05 -17.26 -3.48
CA GLY B 5 0.22 -15.90 -3.05
C GLY B 5 -0.84 -14.92 -3.54
N VAL B 6 -0.51 -13.63 -3.52
CA VAL B 6 -1.44 -12.60 -3.98
C VAL B 6 -0.86 -11.81 -5.14
N ILE B 7 -1.73 -11.42 -6.07
CA ILE B 7 -1.31 -10.66 -7.24
C ILE B 7 -1.03 -9.20 -6.87
N SER B 9 -1.19 -5.55 -8.08
CA SER B 9 -1.76 -4.64 -9.06
C SER B 9 -0.67 -3.81 -9.73
N ASP B 10 -1.04 -3.09 -10.79
CA ASP B 10 -0.10 -2.26 -11.51
C ASP B 10 -0.71 -0.90 -11.84
N LEU B 11 0.02 -0.09 -12.59
CA LEU B 11 -0.45 1.24 -12.96
C LEU B 11 -0.74 1.31 -14.46
N ASN B 12 -1.08 2.51 -14.93
CA ASN B 12 -1.38 2.71 -16.35
C ASN B 12 -0.09 2.85 -17.16
N LEU B 13 0.83 3.67 -16.66
CA LEU B 13 2.10 3.89 -17.34
C LEU B 13 2.72 2.57 -17.77
N PRO B 14 2.85 1.63 -16.82
CA PRO B 14 3.43 0.31 -17.08
C PRO B 14 2.52 -0.56 -17.95
N PRO B 15 3.14 -1.43 -18.76
CA PRO B 15 2.41 -2.33 -19.66
C PRO B 15 1.66 -3.42 -18.89
N GLY A 1 2.02 12.74 27.62
CA GLY A 1 2.72 12.82 26.36
C GLY A 1 3.02 11.45 25.78
N SER A 2 2.69 11.26 24.51
CA SER A 2 2.93 9.98 23.84
C SER A 2 4.41 9.65 23.81
N SER A 3 4.73 8.43 23.40
CA SER A 3 6.12 7.98 23.34
C SER A 3 6.84 8.61 22.15
N GLY A 4 6.27 8.44 20.96
CA GLY A 4 6.87 8.99 19.76
C GLY A 4 6.11 8.62 18.51
N SER A 5 6.08 9.52 17.53
CA SER A 5 5.38 9.27 16.28
C SER A 5 6.22 8.39 15.36
N SER A 6 5.55 7.43 14.71
CA SER A 6 6.22 6.51 13.80
C SER A 6 5.82 6.79 12.35
N GLY A 7 4.51 6.80 12.11
CA GLY A 7 4.01 7.04 10.77
C GLY A 7 3.22 5.88 10.22
N TRP A 8 3.40 5.60 8.93
CA TRP A 8 2.69 4.49 8.28
C TRP A 8 3.66 3.42 7.82
N TYR A 9 4.80 3.33 8.49
CA TYR A 9 5.82 2.34 8.16
C TYR A 9 5.85 1.21 9.18
N HIS A 10 5.21 0.09 8.86
CA HIS A 10 5.17 -1.04 9.76
C HIS A 10 6.54 -1.74 9.81
N GLY A 11 7.00 -2.22 8.67
CA GLY A 11 8.28 -2.89 8.62
C GLY A 11 8.19 -4.28 8.00
N HIS A 12 8.47 -5.29 8.81
CA HIS A 12 8.41 -6.68 8.34
C HIS A 12 6.96 -7.15 8.24
N MET A 13 6.56 -7.54 7.03
CA MET A 13 5.20 -8.02 6.80
C MET A 13 5.05 -8.54 5.37
N SER A 14 4.17 -9.52 5.20
CA SER A 14 3.93 -10.11 3.89
C SER A 14 2.57 -9.68 3.34
N GLY A 15 2.41 -9.79 2.02
CA GLY A 15 1.16 -9.40 1.39
C GLY A 15 -0.04 -10.02 2.08
N GLY A 16 -0.09 -11.35 2.10
CA GLY A 16 -1.20 -12.03 2.74
C GLY A 16 -1.60 -11.40 4.05
N GLN A 17 -0.62 -10.91 4.80
CA GLN A 17 -0.88 -10.28 6.08
C GLN A 17 -1.54 -8.91 5.90
N ALA A 18 -0.82 -8.00 5.27
CA ALA A 18 -1.35 -6.66 5.03
C ALA A 18 -2.83 -6.70 4.66
N GLU A 19 -3.19 -7.63 3.79
CA GLU A 19 -4.58 -7.78 3.36
C GLU A 19 -5.50 -7.98 4.57
N THR A 20 -5.09 -8.86 5.47
CA THR A 20 -5.88 -9.14 6.67
C THR A 20 -6.02 -7.90 7.54
N LEU A 21 -4.88 -7.27 7.85
CA LEU A 21 -4.87 -6.07 8.68
C LEU A 21 -5.73 -4.97 8.07
N LEU A 22 -5.56 -4.75 6.77
CA LEU A 22 -6.33 -3.73 6.06
C LEU A 22 -7.81 -4.08 6.03
N GLN A 23 -8.12 -5.24 5.47
CA GLN A 23 -9.50 -5.69 5.39
C GLN A 23 -10.17 -5.67 6.75
N ALA A 24 -9.41 -5.99 7.79
CA ALA A 24 -9.93 -6.00 9.15
C ALA A 24 -10.31 -4.59 9.60
N LYS A 25 -9.59 -3.59 9.11
CA LYS A 25 -9.85 -2.20 9.45
C LYS A 25 -11.21 -1.76 8.91
N GLY A 26 -11.50 -2.16 7.68
CA GLY A 26 -12.76 -1.79 7.06
C GLY A 26 -12.80 -0.32 6.65
N GLU A 27 -11.69 0.37 6.85
CA GLU A 27 -11.61 1.79 6.51
C GLU A 27 -11.12 1.97 5.07
N PRO A 28 -11.96 2.59 4.24
CA PRO A 28 -11.65 2.83 2.83
C PRO A 28 -10.55 3.88 2.66
N TRP A 29 -9.67 3.67 1.69
CA TRP A 29 -8.58 4.59 1.42
C TRP A 29 -7.50 4.49 2.49
N THR A 30 -7.41 3.31 3.11
CA THR A 30 -6.42 3.08 4.16
C THR A 30 -5.11 2.57 3.56
N PHE A 31 -4.14 3.48 3.42
CA PHE A 31 -2.84 3.11 2.87
C PHE A 31 -1.86 2.76 3.98
N LEU A 32 -0.88 1.91 3.66
CA LEU A 32 0.13 1.49 4.63
C LEU A 32 1.39 1.02 3.93
N VAL A 33 2.54 1.47 4.44
CA VAL A 33 3.83 1.10 3.86
C VAL A 33 4.40 -0.13 4.55
N ARG A 34 5.03 -1.00 3.77
CA ARG A 34 5.63 -2.22 4.30
C ARG A 34 6.83 -2.64 3.47
N GLU A 35 7.67 -3.49 4.05
CA GLU A 35 8.86 -3.98 3.36
C GLU A 35 8.59 -5.30 2.66
N SER A 36 9.12 -5.44 1.45
CA SER A 36 8.92 -6.67 0.67
C SER A 36 9.87 -7.76 1.13
N LEU A 37 9.47 -9.01 0.92
CA LEU A 37 10.29 -10.16 1.32
C LEU A 37 11.11 -10.68 0.14
N SER A 38 10.48 -10.73 -1.03
CA SER A 38 11.15 -11.21 -2.23
C SER A 38 12.35 -10.32 -2.57
N GLN A 39 12.09 -9.03 -2.73
CA GLN A 39 13.15 -8.08 -3.05
C GLN A 39 13.62 -7.33 -1.81
N PRO A 40 14.80 -7.70 -1.30
CA PRO A 40 15.39 -7.08 -0.11
C PRO A 40 15.83 -5.64 -0.36
N GLY A 41 15.57 -5.16 -1.57
CA GLY A 41 15.96 -3.79 -1.93
C GLY A 41 14.83 -3.04 -2.61
N ASP A 42 13.59 -3.37 -2.25
CA ASP A 42 12.44 -2.70 -2.83
C ASP A 42 11.35 -2.50 -1.78
N PHE A 43 10.42 -1.59 -2.07
CA PHE A 43 9.32 -1.30 -1.14
C PHE A 43 7.98 -1.61 -1.79
N VAL A 44 6.92 -1.55 -0.99
CA VAL A 44 5.57 -1.82 -1.48
C VAL A 44 4.54 -0.94 -0.78
N LEU A 45 3.55 -0.49 -1.53
CA LEU A 45 2.50 0.36 -0.98
C LEU A 45 1.13 -0.33 -1.06
N SER A 46 0.48 -0.50 0.08
CA SER A 46 -0.82 -1.15 0.12
C SER A 46 -1.91 -0.14 0.42
N VAL A 47 -3.11 -0.39 -0.12
CA VAL A 47 -4.24 0.50 0.08
C VAL A 47 -5.55 -0.26 -0.01
N LEU A 48 -6.44 -0.01 0.95
CA LEU A 48 -7.75 -0.67 0.98
C LEU A 48 -8.79 0.14 0.23
N SER A 49 -9.03 -0.21 -1.03
CA SER A 49 -10.00 0.49 -1.85
C SER A 49 -11.38 0.48 -1.20
N ASP A 50 -12.17 1.49 -1.49
CA ASP A 50 -13.52 1.60 -0.94
C ASP A 50 -14.48 0.67 -1.66
N GLN A 51 -13.96 -0.08 -2.62
CA GLN A 51 -14.77 -1.02 -3.39
C GLN A 51 -14.67 -2.43 -2.83
N PRO A 52 -15.81 -2.99 -2.42
CA PRO A 52 -15.87 -4.34 -1.85
C PRO A 52 -15.59 -5.42 -2.89
N LYS A 53 -14.98 -6.52 -2.45
CA LYS A 53 -14.65 -7.63 -3.33
C LYS A 53 -15.89 -8.11 -4.08
N ALA A 54 -16.99 -8.28 -3.34
CA ALA A 54 -18.24 -8.74 -3.93
C ALA A 54 -19.35 -7.70 -3.75
N GLY A 55 -19.49 -7.20 -2.52
CA GLY A 55 -20.52 -6.21 -2.25
C GLY A 55 -20.58 -5.83 -0.78
N PRO A 56 -21.78 -5.50 -0.29
CA PRO A 56 -22.00 -5.12 1.10
C PRO A 56 -21.83 -6.29 2.06
N GLY A 57 -20.59 -6.55 2.48
CA GLY A 57 -20.33 -7.64 3.38
C GLY A 57 -18.94 -8.23 3.20
N SER A 58 -18.41 -8.12 1.99
CA SER A 58 -17.09 -8.65 1.69
C SER A 58 -16.00 -7.66 2.11
N PRO A 59 -14.81 -8.20 2.40
CA PRO A 59 -13.66 -7.38 2.82
C PRO A 59 -13.11 -6.53 1.69
N LEU A 60 -13.19 -5.20 1.86
CA LEU A 60 -12.70 -4.29 0.85
C LEU A 60 -11.47 -4.83 0.14
N ARG A 61 -11.33 -4.51 -1.13
CA ARG A 61 -10.20 -4.98 -1.93
C ARG A 61 -8.91 -4.25 -1.53
N VAL A 62 -7.79 -4.95 -1.62
CA VAL A 62 -6.50 -4.36 -1.26
C VAL A 62 -5.62 -4.22 -2.50
N THR A 63 -5.27 -2.98 -2.83
CA THR A 63 -4.42 -2.70 -3.98
C THR A 63 -2.95 -2.72 -3.61
N HIS A 64 -2.25 -3.75 -4.08
CA HIS A 64 -0.82 -3.89 -3.79
C HIS A 64 0.03 -3.40 -4.96
N ILE A 65 0.69 -2.27 -4.77
CA ILE A 65 1.53 -1.69 -5.82
C ILE A 65 3.01 -1.77 -5.43
N LYS A 66 3.82 -2.30 -6.34
CA LYS A 66 5.25 -2.44 -6.10
C LYS A 66 5.94 -1.08 -6.17
N VAL A 67 6.81 -0.81 -5.21
CA VAL A 67 7.54 0.45 -5.16
C VAL A 67 9.02 0.24 -5.47
N MET A 68 9.38 0.42 -6.75
CA MET A 68 10.76 0.25 -7.18
C MET A 68 11.62 1.41 -6.70
N CYS A 69 12.94 1.24 -6.77
CA CYS A 69 13.87 2.27 -6.34
C CYS A 69 14.82 2.65 -7.48
N GLU A 70 14.89 3.95 -7.78
CA GLU A 70 15.75 4.44 -8.84
C GLU A 70 16.63 5.59 -8.34
N GLY A 71 17.94 5.38 -8.39
CA GLY A 71 18.86 6.42 -7.94
C GLY A 71 18.68 6.75 -6.47
N GLY A 72 18.20 5.79 -5.70
CA GLY A 72 17.99 6.02 -4.28
C GLY A 72 16.57 6.46 -3.97
N ARG A 73 15.86 6.94 -4.98
CA ARG A 73 14.49 7.39 -4.81
C ARG A 73 13.51 6.25 -5.03
N TYR A 74 12.21 6.55 -4.94
CA TYR A 74 11.18 5.55 -5.12
C TYR A 74 10.25 5.93 -6.27
N THR A 75 9.80 4.92 -7.01
CA THR A 75 8.90 5.15 -8.14
C THR A 75 7.86 4.05 -8.26
N VAL A 76 6.87 4.25 -9.11
CA VAL A 76 5.81 3.27 -9.31
C VAL A 76 5.53 3.06 -10.80
N GLY A 77 6.25 2.13 -11.41
CA GLY A 77 6.06 1.85 -12.82
C GLY A 77 6.17 3.10 -13.67
N GLY A 78 6.81 4.13 -13.14
CA GLY A 78 6.97 5.37 -13.87
C GLY A 78 8.39 5.90 -13.82
N LEU A 79 8.70 6.85 -14.69
CA LEU A 79 10.03 7.43 -14.75
C LEU A 79 10.23 8.42 -13.60
N GLU A 80 9.14 8.84 -12.98
CA GLU A 80 9.19 9.79 -11.87
C GLU A 80 9.86 9.15 -10.65
N THR A 81 10.19 9.98 -9.66
CA THR A 81 10.83 9.50 -8.45
C THR A 81 10.48 10.39 -7.26
N PHE A 82 10.62 9.85 -6.06
CA PHE A 82 10.33 10.59 -4.85
C PHE A 82 11.42 10.39 -3.80
N ASP A 83 11.89 11.48 -3.22
CA ASP A 83 12.93 11.43 -2.20
C ASP A 83 12.79 10.16 -1.35
N SER A 84 11.56 9.85 -0.96
CA SER A 84 11.29 8.67 -0.14
C SER A 84 9.79 8.37 -0.12
N LEU A 85 9.44 7.27 0.55
CA LEU A 85 8.04 6.86 0.65
C LEU A 85 7.14 8.04 0.99
N THR A 86 7.70 9.02 1.69
CA THR A 86 6.96 10.21 2.07
C THR A 86 6.61 11.06 0.85
N ASP A 87 7.63 11.46 0.10
CA ASP A 87 7.42 12.26 -1.10
C ASP A 87 6.54 11.52 -2.10
N LEU A 88 6.60 10.20 -2.08
CA LEU A 88 5.81 9.38 -2.99
C LEU A 88 4.36 9.30 -2.53
N VAL A 89 4.15 8.69 -1.37
CA VAL A 89 2.81 8.55 -0.82
C VAL A 89 2.10 9.90 -0.74
N GLU A 90 2.71 10.83 -0.02
CA GLU A 90 2.13 12.16 0.14
C GLU A 90 1.62 12.69 -1.21
N HIS A 91 2.53 12.77 -2.18
CA HIS A 91 2.17 13.27 -3.50
C HIS A 91 0.99 12.49 -4.07
N PHE A 92 0.78 11.28 -3.57
CA PHE A 92 -0.31 10.43 -4.02
C PHE A 92 -1.55 10.62 -3.15
N LYS A 93 -1.34 11.12 -1.94
CA LYS A 93 -2.43 11.35 -1.00
C LYS A 93 -3.29 12.53 -1.44
N LYS A 94 -2.75 13.33 -2.36
CA LYS A 94 -3.47 14.49 -2.87
C LYS A 94 -3.98 14.25 -4.28
N THR A 95 -3.19 13.54 -5.08
CA THR A 95 -3.56 13.22 -6.45
C THR A 95 -4.23 11.85 -6.55
N GLY A 96 -3.48 10.81 -6.21
CA GLY A 96 -4.01 9.46 -6.26
C GLY A 96 -3.39 8.63 -7.36
N ILE A 97 -3.47 7.31 -7.23
CA ILE A 97 -2.91 6.40 -8.22
C ILE A 97 -3.99 5.89 -9.16
N GLU A 98 -3.62 5.66 -10.42
CA GLU A 98 -4.56 5.17 -11.41
C GLU A 98 -4.09 3.82 -11.97
N GLU A 99 -4.84 2.76 -11.64
CA GLU A 99 -4.49 1.42 -12.11
C GLU A 99 -4.92 1.22 -13.55
N ALA A 100 -4.06 0.60 -14.34
CA ALA A 100 -4.34 0.34 -15.75
C ALA A 100 -5.77 -0.14 -15.93
N SER A 101 -6.13 -1.22 -15.24
CA SER A 101 -7.47 -1.78 -15.33
C SER A 101 -8.51 -0.68 -15.47
N GLY A 102 -8.43 0.31 -14.60
CA GLY A 102 -9.38 1.42 -14.64
C GLY A 102 -9.87 1.80 -13.25
N ALA A 103 -9.02 1.60 -12.25
CA ALA A 103 -9.38 1.93 -10.87
C ALA A 103 -8.51 3.06 -10.34
N PHE A 104 -9.01 3.78 -9.34
CA PHE A 104 -8.28 4.89 -8.75
C PHE A 104 -8.16 4.71 -7.23
N VAL A 105 -6.92 4.57 -6.76
CA VAL A 105 -6.66 4.39 -5.34
C VAL A 105 -6.52 5.73 -4.63
N TYR A 106 -7.14 5.83 -3.45
CA TYR A 106 -7.07 7.06 -2.67
C TYR A 106 -6.47 6.82 -1.30
N LEU A 107 -5.69 7.78 -0.82
CA LEU A 107 -5.05 7.67 0.49
C LEU A 107 -5.47 8.81 1.41
N ARG A 108 -6.51 8.58 2.20
CA ARG A 108 -7.00 9.59 3.12
C ARG A 108 -6.28 9.51 4.46
N GLN A 109 -6.20 8.29 5.02
CA GLN A 109 -5.52 8.08 6.29
C GLN A 109 -4.72 6.79 6.27
N PRO A 110 -3.55 6.81 6.94
CA PRO A 110 -2.67 5.65 7.02
C PRO A 110 -3.25 4.53 7.87
N TYR A 111 -2.41 3.55 8.21
CA TYR A 111 -2.85 2.42 9.03
C TYR A 111 -1.87 2.18 10.18
N TYR A 112 -2.33 2.42 11.41
CA TYR A 112 -1.50 2.22 12.58
C TYR A 112 -1.77 0.86 13.22
N SER A 113 -0.73 0.03 13.28
CA SER A 113 -0.85 -1.30 13.86
C SER A 113 -1.03 -1.22 15.37
N GLY A 114 -0.17 -0.44 16.02
CA GLY A 114 -0.24 -0.30 17.46
C GLY A 114 0.15 -1.57 18.19
N PRO A 115 1.46 -1.83 18.27
CA PRO A 115 1.99 -3.02 18.95
C PRO A 115 1.82 -2.95 20.45
N SER A 116 0.90 -3.76 20.98
CA SER A 116 0.63 -3.79 22.41
C SER A 116 1.37 -4.95 23.07
N SER A 117 1.17 -6.15 22.54
CA SER A 117 1.81 -7.34 23.08
C SER A 117 3.04 -7.72 22.27
N GLY A 118 4.21 -7.30 22.74
CA GLY A 118 5.44 -7.60 22.05
C GLY A 118 6.19 -8.78 22.66
N MET B 1 3.01 -27.06 -4.68
CA MET B 1 2.87 -25.62 -4.57
C MET B 1 2.44 -25.21 -3.18
N ASP B 2 3.39 -24.68 -2.40
CA ASP B 2 3.11 -24.25 -1.03
C ASP B 2 3.06 -22.72 -0.94
N ASN B 3 4.19 -22.08 -1.20
CA ASN B 3 4.28 -20.62 -1.15
C ASN B 3 3.14 -19.99 -1.94
N GLN B 4 2.73 -18.79 -1.52
CA GLN B 4 1.65 -18.08 -2.20
C GLN B 4 2.04 -16.62 -2.44
N GLY B 5 1.42 -16.01 -3.45
CA GLY B 5 1.71 -14.63 -3.76
C GLY B 5 0.47 -13.86 -4.17
N VAL B 6 0.38 -12.61 -3.73
CA VAL B 6 -0.77 -11.76 -4.04
C VAL B 6 -0.50 -10.94 -5.31
N ILE B 7 -1.57 -10.70 -6.07
CA ILE B 7 -1.46 -9.92 -7.31
C ILE B 7 -1.14 -8.47 -7.01
N SER B 9 -1.94 -4.84 -8.65
CA SER B 9 -2.63 -4.01 -9.62
C SER B 9 -1.65 -3.07 -10.31
N ASP B 10 -1.45 -3.29 -11.61
CA ASP B 10 -0.53 -2.46 -12.38
C ASP B 10 -1.01 -1.01 -12.41
N LEU B 11 -0.26 -0.16 -13.11
CA LEU B 11 -0.60 1.25 -13.22
C LEU B 11 -0.84 1.65 -14.67
N ASN B 12 -1.04 2.94 -14.90
CA ASN B 12 -1.26 3.45 -16.25
C ASN B 12 0.05 3.59 -17.01
N LEU B 13 0.99 4.32 -16.42
CA LEU B 13 2.30 4.53 -17.04
C LEU B 13 2.82 3.23 -17.65
N PRO B 14 2.83 2.16 -16.84
CA PRO B 14 3.30 0.85 -17.27
C PRO B 14 2.36 0.19 -18.29
N PRO B 15 2.91 -0.71 -19.12
CA PRO B 15 2.15 -1.41 -20.13
C PRO B 15 1.17 -2.42 -19.53
N GLY A 1 21.80 8.57 17.60
CA GLY A 1 20.87 8.11 18.63
C GLY A 1 19.64 7.47 18.05
N SER A 2 18.89 6.76 18.90
CA SER A 2 17.67 6.09 18.46
C SER A 2 16.75 7.04 17.71
N SER A 3 15.96 6.49 16.80
CA SER A 3 15.04 7.30 16.00
C SER A 3 13.73 6.56 15.78
N GLY A 4 12.63 7.30 15.74
CA GLY A 4 11.33 6.70 15.53
C GLY A 4 10.95 6.63 14.06
N SER A 5 10.59 7.78 13.50
CA SER A 5 10.20 7.85 12.10
C SER A 5 9.34 6.65 11.71
N SER A 6 8.36 6.34 12.54
CA SER A 6 7.47 5.21 12.29
C SER A 6 6.41 5.57 11.26
N GLY A 7 5.53 6.49 11.61
CA GLY A 7 4.48 6.92 10.70
C GLY A 7 3.63 5.75 10.22
N TRP A 8 3.71 5.46 8.93
CA TRP A 8 2.95 4.36 8.35
C TRP A 8 3.87 3.26 7.86
N TYR A 9 5.02 3.13 8.50
CA TYR A 9 6.00 2.10 8.11
C TYR A 9 6.00 0.95 9.12
N HIS A 10 5.50 -0.21 8.69
CA HIS A 10 5.45 -1.38 9.54
C HIS A 10 6.76 -2.14 9.50
N GLY A 11 7.21 -2.48 8.30
CA GLY A 11 8.46 -3.21 8.15
C GLY A 11 8.24 -4.70 7.91
N HIS A 12 8.23 -5.47 9.00
CA HIS A 12 8.03 -6.91 8.91
C HIS A 12 6.57 -7.23 8.63
N MET A 13 6.25 -7.47 7.35
CA MET A 13 4.89 -7.79 6.95
C MET A 13 4.87 -8.63 5.68
N SER A 14 3.83 -9.43 5.51
CA SER A 14 3.70 -10.28 4.34
C SER A 14 2.43 -9.96 3.57
N GLY A 15 2.42 -10.27 2.28
CA GLY A 15 1.26 -10.01 1.45
C GLY A 15 -0.03 -10.45 2.10
N GLY A 16 -0.21 -11.77 2.21
CA GLY A 16 -1.41 -12.31 2.82
C GLY A 16 -1.78 -11.59 4.10
N GLN A 17 -0.77 -11.09 4.81
CA GLN A 17 -0.99 -10.38 6.07
C GLN A 17 -1.60 -9.01 5.82
N ALA A 18 -0.83 -8.14 5.17
CA ALA A 18 -1.29 -6.79 4.87
C ALA A 18 -2.78 -6.78 4.54
N GLU A 19 -3.22 -7.72 3.70
CA GLU A 19 -4.61 -7.82 3.31
C GLU A 19 -5.51 -7.98 4.54
N THR A 20 -5.13 -8.89 5.43
CA THR A 20 -5.89 -9.15 6.64
C THR A 20 -5.99 -7.88 7.50
N LEU A 21 -4.87 -7.21 7.71
CA LEU A 21 -4.85 -5.99 8.50
C LEU A 21 -5.72 -4.92 7.88
N LEU A 22 -5.58 -4.72 6.58
CA LEU A 22 -6.37 -3.72 5.86
C LEU A 22 -7.84 -4.09 5.84
N GLN A 23 -8.16 -5.22 5.20
CA GLN A 23 -9.53 -5.69 5.11
C GLN A 23 -10.21 -5.66 6.48
N ALA A 24 -9.52 -6.20 7.48
CA ALA A 24 -10.05 -6.24 8.84
C ALA A 24 -10.43 -4.84 9.32
N LYS A 25 -9.57 -3.87 9.02
CA LYS A 25 -9.81 -2.49 9.43
C LYS A 25 -11.17 -2.01 8.91
N GLY A 26 -11.54 -2.47 7.72
CA GLY A 26 -12.80 -2.07 7.13
C GLY A 26 -12.87 -0.59 6.85
N GLU A 27 -11.71 0.04 6.73
CA GLU A 27 -11.65 1.48 6.46
C GLU A 27 -11.17 1.75 5.04
N PRO A 28 -12.01 2.43 4.26
CA PRO A 28 -11.70 2.76 2.86
C PRO A 28 -10.59 3.81 2.75
N TRP A 29 -9.75 3.66 1.73
CA TRP A 29 -8.64 4.58 1.51
C TRP A 29 -7.59 4.44 2.60
N THR A 30 -7.42 3.22 3.11
CA THR A 30 -6.45 2.95 4.16
C THR A 30 -5.15 2.41 3.57
N PHE A 31 -4.17 3.29 3.38
CA PHE A 31 -2.89 2.90 2.83
C PHE A 31 -1.90 2.54 3.94
N LEU A 32 -0.91 1.71 3.61
CA LEU A 32 0.09 1.28 4.58
C LEU A 32 1.34 0.80 3.88
N VAL A 33 2.50 1.31 4.31
CA VAL A 33 3.77 0.93 3.72
C VAL A 33 4.37 -0.28 4.43
N ARG A 34 5.00 -1.16 3.67
CA ARG A 34 5.61 -2.36 4.22
C ARG A 34 6.77 -2.83 3.35
N GLU A 35 7.94 -2.99 3.96
CA GLU A 35 9.13 -3.43 3.25
C GLU A 35 8.78 -4.53 2.24
N SER A 36 9.65 -4.73 1.27
CA SER A 36 9.45 -5.75 0.24
C SER A 36 10.25 -7.00 0.54
N LEU A 37 9.57 -8.05 0.99
CA LEU A 37 10.22 -9.31 1.32
C LEU A 37 10.94 -9.88 0.10
N SER A 38 10.19 -10.13 -0.96
CA SER A 38 10.75 -10.67 -2.20
C SER A 38 12.08 -10.00 -2.53
N GLN A 39 12.01 -8.73 -2.96
CA GLN A 39 13.21 -7.97 -3.30
C GLN A 39 13.72 -7.20 -2.11
N PRO A 40 14.97 -7.49 -1.70
CA PRO A 40 15.61 -6.82 -0.56
C PRO A 40 15.94 -5.35 -0.86
N GLY A 41 15.15 -4.45 -0.30
CA GLY A 41 15.38 -3.04 -0.51
C GLY A 41 14.17 -2.34 -1.12
N ASP A 42 13.38 -3.10 -1.86
CA ASP A 42 12.18 -2.55 -2.51
C ASP A 42 11.10 -2.27 -1.47
N PHE A 43 10.08 -1.52 -1.89
CA PHE A 43 8.97 -1.19 -1.00
C PHE A 43 7.63 -1.45 -1.68
N VAL A 44 6.55 -1.33 -0.91
CA VAL A 44 5.21 -1.56 -1.44
C VAL A 44 4.19 -0.63 -0.80
N LEU A 45 3.20 -0.22 -1.58
CA LEU A 45 2.17 0.68 -1.09
C LEU A 45 0.79 0.03 -1.15
N SER A 46 0.42 -0.66 -0.08
CA SER A 46 -0.88 -1.33 -0.02
C SER A 46 -1.98 -0.36 0.41
N VAL A 47 -3.12 -0.44 -0.27
CA VAL A 47 -4.26 0.43 0.04
C VAL A 47 -5.57 -0.34 -0.05
N LEU A 48 -6.47 -0.05 0.89
CA LEU A 48 -7.77 -0.71 0.91
C LEU A 48 -8.83 0.13 0.20
N SER A 49 -9.06 -0.18 -1.08
CA SER A 49 -10.05 0.54 -1.88
C SER A 49 -11.43 0.45 -1.24
N ASP A 50 -12.20 1.53 -1.36
CA ASP A 50 -13.54 1.58 -0.80
C ASP A 50 -14.47 0.64 -1.56
N GLN A 51 -13.95 0.00 -2.59
CA GLN A 51 -14.74 -0.93 -3.39
C GLN A 51 -14.68 -2.34 -2.81
N PRO A 52 -15.84 -2.84 -2.36
CA PRO A 52 -15.94 -4.18 -1.77
C PRO A 52 -15.75 -5.29 -2.80
N LYS A 53 -15.24 -6.42 -2.35
CA LYS A 53 -15.00 -7.56 -3.23
C LYS A 53 -16.30 -8.02 -3.89
N ALA A 54 -17.36 -8.14 -3.08
CA ALA A 54 -18.65 -8.56 -3.58
C ALA A 54 -19.71 -7.50 -3.34
N GLY A 55 -19.77 -7.01 -2.10
CA GLY A 55 -20.75 -5.99 -1.75
C GLY A 55 -20.69 -5.62 -0.29
N PRO A 56 -21.85 -5.24 0.27
CA PRO A 56 -21.96 -4.85 1.68
C PRO A 56 -21.77 -6.03 2.63
N GLY A 57 -20.51 -6.36 2.91
CA GLY A 57 -20.22 -7.46 3.81
C GLY A 57 -18.87 -8.08 3.53
N SER A 58 -18.39 -7.94 2.30
CA SER A 58 -17.10 -8.50 1.91
C SER A 58 -15.96 -7.55 2.28
N PRO A 59 -14.77 -8.12 2.50
CA PRO A 59 -13.58 -7.35 2.86
C PRO A 59 -13.07 -6.49 1.70
N LEU A 60 -13.14 -5.18 1.87
CA LEU A 60 -12.69 -4.25 0.84
C LEU A 60 -11.48 -4.80 0.11
N ARG A 61 -11.36 -4.46 -1.17
CA ARG A 61 -10.24 -4.93 -1.99
C ARG A 61 -8.94 -4.26 -1.57
N VAL A 62 -7.84 -5.00 -1.66
CA VAL A 62 -6.54 -4.47 -1.29
C VAL A 62 -5.63 -4.34 -2.51
N THR A 63 -5.26 -3.10 -2.83
CA THR A 63 -4.40 -2.82 -3.97
C THR A 63 -2.94 -2.94 -3.59
N HIS A 64 -2.22 -3.83 -4.27
CA HIS A 64 -0.80 -4.04 -4.01
C HIS A 64 0.06 -3.45 -5.13
N ILE A 65 0.71 -2.34 -4.85
CA ILE A 65 1.56 -1.68 -5.83
C ILE A 65 3.03 -1.71 -5.40
N LYS A 66 3.88 -2.24 -6.27
CA LYS A 66 5.31 -2.33 -5.98
C LYS A 66 5.99 -0.97 -6.20
N VAL A 67 6.85 -0.60 -5.26
CA VAL A 67 7.57 0.67 -5.35
C VAL A 67 9.05 0.45 -5.67
N MET A 68 9.40 0.62 -6.93
CA MET A 68 10.78 0.44 -7.38
C MET A 68 11.68 1.52 -6.80
N CYS A 69 12.94 1.18 -6.60
CA CYS A 69 13.91 2.13 -6.06
C CYS A 69 15.19 2.16 -6.89
N GLU A 70 15.47 3.30 -7.51
CA GLU A 70 16.65 3.45 -8.35
C GLU A 70 17.63 4.43 -7.71
N GLY A 71 18.70 3.88 -7.12
CA GLY A 71 19.70 4.72 -6.49
C GLY A 71 19.30 5.16 -5.10
N GLY A 72 18.03 5.54 -4.94
CA GLY A 72 17.54 5.98 -3.65
C GLY A 72 16.11 6.49 -3.72
N ARG A 73 15.72 6.98 -4.90
CA ARG A 73 14.37 7.50 -5.08
C ARG A 73 13.37 6.37 -5.29
N TYR A 74 12.08 6.69 -5.16
CA TYR A 74 11.02 5.71 -5.33
C TYR A 74 10.11 6.08 -6.50
N THR A 75 9.67 5.07 -7.24
CA THR A 75 8.80 5.29 -8.39
C THR A 75 7.84 4.12 -8.58
N VAL A 76 6.72 4.37 -9.24
CA VAL A 76 5.72 3.33 -9.49
C VAL A 76 5.47 3.17 -10.98
N GLY A 77 6.27 2.33 -11.62
CA GLY A 77 6.12 2.09 -13.04
C GLY A 77 6.07 3.38 -13.85
N GLY A 78 6.63 4.44 -13.28
CA GLY A 78 6.64 5.73 -13.96
C GLY A 78 8.02 6.33 -14.04
N LEU A 79 8.21 7.25 -14.99
CA LEU A 79 9.50 7.91 -15.18
C LEU A 79 9.78 8.89 -14.03
N GLU A 80 8.73 9.25 -13.30
CA GLU A 80 8.86 10.18 -12.19
C GLU A 80 9.66 9.56 -11.06
N THR A 81 9.87 10.33 -9.99
CA THR A 81 10.63 9.85 -8.83
C THR A 81 10.32 10.68 -7.59
N PHE A 82 10.58 10.10 -6.42
CA PHE A 82 10.32 10.80 -5.17
C PHE A 82 11.45 10.54 -4.17
N ASP A 83 11.75 11.54 -3.35
CA ASP A 83 12.81 11.43 -2.36
C ASP A 83 12.66 10.15 -1.55
N SER A 84 11.47 9.94 -1.00
CA SER A 84 11.19 8.75 -0.19
C SER A 84 9.70 8.46 -0.15
N LEU A 85 9.33 7.39 0.55
CA LEU A 85 7.93 7.00 0.67
C LEU A 85 7.06 8.20 1.05
N THR A 86 7.63 9.11 1.83
CA THR A 86 6.92 10.30 2.26
C THR A 86 6.59 11.20 1.09
N ASP A 87 7.61 11.57 0.33
CA ASP A 87 7.43 12.44 -0.83
C ASP A 87 6.54 11.77 -1.87
N LEU A 88 6.69 10.46 -2.02
CA LEU A 88 5.90 9.70 -2.97
C LEU A 88 4.45 9.60 -2.53
N VAL A 89 4.22 8.90 -1.41
CA VAL A 89 2.88 8.74 -0.88
C VAL A 89 2.14 10.08 -0.80
N GLU A 90 2.73 11.03 -0.08
CA GLU A 90 2.13 12.35 0.07
C GLU A 90 1.63 12.87 -1.27
N HIS A 91 2.52 12.92 -2.25
CA HIS A 91 2.17 13.41 -3.58
C HIS A 91 1.03 12.58 -4.17
N PHE A 92 0.85 11.37 -3.66
CA PHE A 92 -0.20 10.49 -4.14
C PHE A 92 -1.46 10.63 -3.29
N LYS A 93 -1.29 11.08 -2.05
CA LYS A 93 -2.41 11.26 -1.14
C LYS A 93 -3.32 12.38 -1.62
N LYS A 94 -2.81 13.22 -2.51
CA LYS A 94 -3.58 14.33 -3.06
C LYS A 94 -4.00 14.05 -4.50
N THR A 95 -3.11 13.41 -5.25
CA THR A 95 -3.40 13.08 -6.65
C THR A 95 -4.05 11.71 -6.77
N GLY A 96 -3.36 10.68 -6.29
CA GLY A 96 -3.90 9.34 -6.36
C GLY A 96 -3.26 8.50 -7.46
N ILE A 97 -3.29 7.19 -7.29
CA ILE A 97 -2.70 6.28 -8.27
C ILE A 97 -3.77 5.71 -9.20
N GLU A 98 -3.41 5.54 -10.47
CA GLU A 98 -4.33 5.00 -11.46
C GLU A 98 -3.88 3.63 -11.95
N GLU A 99 -4.65 2.60 -11.58
CA GLU A 99 -4.32 1.24 -11.99
C GLU A 99 -4.73 0.98 -13.43
N ALA A 100 -3.87 0.30 -14.17
CA ALA A 100 -4.12 -0.02 -15.57
C ALA A 100 -5.59 -0.38 -15.78
N SER A 101 -6.07 -1.37 -15.03
CA SER A 101 -7.45 -1.82 -15.14
C SER A 101 -8.40 -0.62 -15.28
N GLY A 102 -8.11 0.44 -14.53
CA GLY A 102 -8.95 1.63 -14.58
C GLY A 102 -9.44 2.05 -13.20
N ALA A 103 -8.73 1.62 -12.17
CA ALA A 103 -9.10 1.96 -10.80
C ALA A 103 -8.25 3.11 -10.27
N PHE A 104 -8.76 3.82 -9.28
CA PHE A 104 -8.05 4.95 -8.69
C PHE A 104 -7.97 4.81 -7.17
N VAL A 105 -6.80 4.42 -6.69
CA VAL A 105 -6.59 4.25 -5.25
C VAL A 105 -6.44 5.59 -4.55
N TYR A 106 -7.09 5.73 -3.41
CA TYR A 106 -7.03 6.97 -2.64
C TYR A 106 -6.39 6.74 -1.27
N LEU A 107 -5.37 7.51 -0.96
CA LEU A 107 -4.67 7.38 0.32
C LEU A 107 -5.10 8.49 1.28
N ARG A 108 -6.29 8.36 1.85
CA ARG A 108 -6.81 9.34 2.78
C ARG A 108 -6.08 9.27 4.12
N GLN A 109 -6.10 8.09 4.73
CA GLN A 109 -5.44 7.88 6.02
C GLN A 109 -4.64 6.59 6.01
N PRO A 110 -3.46 6.63 6.67
CA PRO A 110 -2.58 5.46 6.76
C PRO A 110 -3.15 4.36 7.64
N TYR A 111 -2.30 3.43 8.05
CA TYR A 111 -2.73 2.31 8.89
C TYR A 111 -1.65 1.97 9.92
N TYR A 112 -1.97 2.16 11.20
CA TYR A 112 -1.04 1.87 12.27
C TYR A 112 -1.24 0.46 12.81
N SER A 113 -2.48 0.15 13.18
CA SER A 113 -2.81 -1.17 13.71
C SER A 113 -4.32 -1.30 13.92
N GLY A 114 -4.77 -2.52 14.17
CA GLY A 114 -6.18 -2.77 14.38
C GLY A 114 -6.51 -2.97 15.86
N PRO A 115 -7.69 -2.49 16.26
CA PRO A 115 -8.16 -2.60 17.65
C PRO A 115 -8.50 -4.03 18.04
N SER A 116 -7.97 -4.48 19.16
CA SER A 116 -8.21 -5.84 19.65
C SER A 116 -9.71 -6.12 19.72
N SER A 117 -10.28 -6.59 18.62
CA SER A 117 -11.70 -6.90 18.56
C SER A 117 -12.54 -5.69 18.97
N GLY A 118 -12.10 -4.50 18.53
CA GLY A 118 -12.82 -3.28 18.86
C GLY A 118 -12.71 -2.93 20.33
N MET B 1 -6.58 -25.81 -0.01
CA MET B 1 -6.40 -24.54 -0.71
C MET B 1 -5.24 -23.75 -0.09
N ASP B 2 -4.17 -23.57 -0.89
CA ASP B 2 -3.00 -22.84 -0.42
C ASP B 2 -2.33 -22.10 -1.58
N ASN B 3 -2.14 -20.80 -1.42
CA ASN B 3 -1.52 -19.97 -2.44
C ASN B 3 -0.87 -18.74 -1.83
N GLN B 4 0.46 -18.66 -1.95
CA GLN B 4 1.20 -17.53 -1.41
C GLN B 4 1.52 -16.51 -2.50
N GLY B 5 1.73 -15.27 -2.10
CA GLY B 5 2.04 -14.22 -3.06
C GLY B 5 0.80 -13.54 -3.59
N VAL B 6 0.50 -12.35 -3.08
CA VAL B 6 -0.66 -11.60 -3.52
C VAL B 6 -0.39 -10.87 -4.83
N ILE B 7 -1.42 -10.78 -5.67
CA ILE B 7 -1.29 -10.10 -6.96
C ILE B 7 -1.04 -8.60 -6.78
N SER B 9 -1.55 -4.79 -8.59
CA SER B 9 -2.22 -4.01 -9.62
C SER B 9 -1.28 -3.00 -10.25
N ASP B 10 -1.01 -3.18 -11.54
CA ASP B 10 -0.11 -2.29 -12.27
C ASP B 10 -0.76 -0.91 -12.47
N LEU B 11 -0.07 -0.05 -13.20
CA LEU B 11 -0.58 1.30 -13.47
C LEU B 11 -0.84 1.49 -14.95
N ASN B 12 -1.20 2.72 -15.33
CA ASN B 12 -1.47 3.05 -16.72
C ASN B 12 -0.18 3.20 -17.51
N LEU B 13 0.70 4.07 -17.03
CA LEU B 13 1.97 4.33 -17.68
C LEU B 13 2.60 3.02 -18.16
N PRO B 14 2.71 2.04 -17.25
CA PRO B 14 3.29 0.73 -17.56
C PRO B 14 2.39 -0.10 -18.47
N PRO B 15 3.02 -0.96 -19.30
CA PRO B 15 2.29 -1.82 -20.23
C PRO B 15 1.51 -2.92 -19.52
N GLY A 1 5.05 11.78 28.93
CA GLY A 1 5.40 12.71 27.88
C GLY A 1 4.71 12.39 26.56
N SER A 2 4.39 13.44 25.81
CA SER A 2 3.71 13.27 24.53
C SER A 2 4.37 12.16 23.71
N SER A 3 3.60 11.57 22.80
CA SER A 3 4.10 10.50 21.95
C SER A 3 4.34 11.00 20.53
N GLY A 4 5.39 10.47 19.89
CA GLY A 4 5.71 10.87 18.53
C GLY A 4 6.47 9.81 17.78
N SER A 5 7.22 10.22 16.76
CA SER A 5 8.00 9.30 15.96
C SER A 5 7.12 8.19 15.39
N SER A 6 5.99 8.58 14.83
CA SER A 6 5.05 7.62 14.25
C SER A 6 4.99 7.77 12.73
N GLY A 7 4.22 6.89 12.09
CA GLY A 7 4.09 6.93 10.64
C GLY A 7 3.32 5.74 10.10
N TRP A 8 3.41 5.54 8.79
CA TRP A 8 2.71 4.44 8.14
C TRP A 8 3.68 3.34 7.73
N TYR A 9 4.77 3.21 8.48
CA TYR A 9 5.78 2.21 8.20
C TYR A 9 5.68 1.03 9.17
N HIS A 10 5.43 -0.15 8.63
CA HIS A 10 5.31 -1.35 9.45
C HIS A 10 6.62 -2.14 9.47
N GLY A 11 7.03 -2.62 8.30
CA GLY A 11 8.26 -3.38 8.21
C GLY A 11 8.03 -4.81 7.75
N HIS A 12 8.48 -5.76 8.56
CA HIS A 12 8.32 -7.18 8.23
C HIS A 12 6.85 -7.54 8.12
N MET A 13 6.43 -7.93 6.92
CA MET A 13 5.03 -8.30 6.68
C MET A 13 4.91 -9.16 5.42
N SER A 14 3.89 -10.01 5.38
CA SER A 14 3.67 -10.88 4.23
C SER A 14 2.45 -10.41 3.43
N GLY A 15 2.53 -10.59 2.12
CA GLY A 15 1.43 -10.18 1.26
C GLY A 15 0.07 -10.54 1.84
N GLY A 16 -0.27 -11.82 1.81
CA GLY A 16 -1.54 -12.27 2.33
C GLY A 16 -1.87 -11.63 3.66
N GLN A 17 -0.84 -11.22 4.40
CA GLN A 17 -1.03 -10.60 5.71
C GLN A 17 -1.71 -9.24 5.56
N ALA A 18 -1.03 -8.31 4.92
CA ALA A 18 -1.56 -6.97 4.70
C ALA A 18 -3.06 -7.01 4.42
N GLU A 19 -3.46 -7.87 3.48
CA GLU A 19 -4.87 -8.01 3.13
C GLU A 19 -5.74 -8.14 4.37
N THR A 20 -5.34 -9.03 5.28
CA THR A 20 -6.09 -9.25 6.51
C THR A 20 -6.14 -7.98 7.35
N LEU A 21 -4.98 -7.51 7.78
CA LEU A 21 -4.89 -6.31 8.59
C LEU A 21 -5.75 -5.19 8.01
N LEU A 22 -5.55 -4.90 6.73
CA LEU A 22 -6.32 -3.86 6.05
C LEU A 22 -7.81 -4.16 6.08
N GLN A 23 -8.21 -5.22 5.38
CA GLN A 23 -9.61 -5.62 5.34
C GLN A 23 -10.26 -5.51 6.72
N ALA A 24 -9.53 -5.97 7.74
CA ALA A 24 -10.03 -5.93 9.10
C ALA A 24 -10.42 -4.51 9.50
N LYS A 25 -9.61 -3.54 9.11
CA LYS A 25 -9.88 -2.15 9.42
C LYS A 25 -11.23 -1.71 8.85
N GLY A 26 -11.56 -2.22 7.67
CA GLY A 26 -12.82 -1.88 7.04
C GLY A 26 -12.91 -0.40 6.69
N GLU A 27 -11.76 0.22 6.47
CA GLU A 27 -11.71 1.64 6.12
C GLU A 27 -11.18 1.84 4.70
N PRO A 28 -11.99 2.50 3.86
CA PRO A 28 -11.64 2.76 2.46
C PRO A 28 -10.52 3.80 2.34
N TRP A 29 -9.63 3.59 1.37
CA TRP A 29 -8.51 4.50 1.15
C TRP A 29 -7.47 4.37 2.27
N THR A 30 -7.43 3.20 2.89
CA THR A 30 -6.48 2.95 3.97
C THR A 30 -5.17 2.39 3.44
N PHE A 31 -4.18 3.28 3.26
CA PHE A 31 -2.88 2.88 2.74
C PHE A 31 -1.94 2.54 3.90
N LEU A 32 -0.83 1.88 3.56
CA LEU A 32 0.16 1.49 4.57
C LEU A 32 1.45 1.02 3.90
N VAL A 33 2.58 1.43 4.48
CA VAL A 33 3.88 1.05 3.94
C VAL A 33 4.47 -0.13 4.71
N ARG A 34 5.18 -0.99 4.00
CA ARG A 34 5.79 -2.17 4.61
C ARG A 34 6.96 -2.68 3.77
N GLU A 35 8.17 -2.62 4.34
CA GLU A 35 9.36 -3.08 3.64
C GLU A 35 9.06 -4.31 2.79
N SER A 36 9.86 -4.52 1.75
CA SER A 36 9.67 -5.65 0.86
C SER A 36 9.91 -6.97 1.60
N LEU A 37 9.86 -8.07 0.87
CA LEU A 37 10.07 -9.39 1.45
C LEU A 37 11.34 -10.04 0.90
N SER A 38 11.33 -10.32 -0.41
CA SER A 38 12.48 -10.94 -1.05
C SER A 38 12.91 -10.13 -2.28
N GLN A 39 12.88 -8.81 -2.15
CA GLN A 39 13.26 -7.93 -3.23
C GLN A 39 14.39 -7.00 -2.81
N PRO A 40 15.33 -6.74 -3.73
CA PRO A 40 16.48 -5.86 -3.47
C PRO A 40 16.08 -4.40 -3.33
N GLY A 41 16.41 -3.81 -2.19
CA GLY A 41 16.07 -2.41 -1.96
C GLY A 41 14.75 -2.02 -2.60
N ASP A 42 13.68 -2.69 -2.19
CA ASP A 42 12.35 -2.40 -2.73
C ASP A 42 11.33 -2.24 -1.61
N PHE A 43 10.13 -1.77 -1.96
CA PHE A 43 9.07 -1.57 -0.99
C PHE A 43 7.71 -1.95 -1.58
N VAL A 44 6.69 -1.95 -0.74
CA VAL A 44 5.33 -2.29 -1.16
C VAL A 44 4.32 -1.32 -0.60
N LEU A 45 3.38 -0.88 -1.44
CA LEU A 45 2.34 0.05 -1.01
C LEU A 45 0.96 -0.58 -1.17
N SER A 46 0.37 -0.97 -0.03
CA SER A 46 -0.95 -1.59 -0.04
C SER A 46 -2.02 -0.57 0.34
N VAL A 47 -3.16 -0.66 -0.33
CA VAL A 47 -4.27 0.26 -0.06
C VAL A 47 -5.62 -0.47 -0.17
N LEU A 48 -6.49 -0.21 0.80
CA LEU A 48 -7.81 -0.84 0.82
C LEU A 48 -8.82 0.01 0.05
N SER A 49 -9.06 -0.37 -1.20
CA SER A 49 -10.01 0.35 -2.05
C SER A 49 -11.38 0.41 -1.41
N ASP A 50 -12.19 1.38 -1.82
CA ASP A 50 -13.53 1.55 -1.29
C ASP A 50 -14.52 0.63 -1.99
N GLN A 51 -14.00 -0.18 -2.92
CA GLN A 51 -14.85 -1.12 -3.66
C GLN A 51 -14.85 -2.48 -3.00
N PRO A 52 -16.00 -2.86 -2.42
CA PRO A 52 -16.16 -4.15 -1.74
C PRO A 52 -16.17 -5.31 -2.72
N LYS A 53 -15.78 -6.49 -2.24
CA LYS A 53 -15.73 -7.69 -3.08
C LYS A 53 -17.12 -8.02 -3.62
N ALA A 54 -18.10 -8.15 -2.74
CA ALA A 54 -19.46 -8.45 -3.13
C ALA A 54 -20.41 -7.32 -2.77
N GLY A 55 -20.50 -7.02 -1.48
CA GLY A 55 -21.37 -5.95 -1.02
C GLY A 55 -20.83 -5.24 0.20
N PRO A 56 -21.74 -4.65 0.99
CA PRO A 56 -21.37 -3.93 2.22
C PRO A 56 -20.87 -4.86 3.32
N GLY A 57 -21.20 -6.15 3.20
CA GLY A 57 -20.77 -7.11 4.18
C GLY A 57 -19.44 -7.76 3.83
N SER A 58 -19.04 -7.64 2.57
CA SER A 58 -17.78 -8.21 2.11
C SER A 58 -16.62 -7.27 2.39
N PRO A 59 -15.42 -7.85 2.56
CA PRO A 59 -14.21 -7.08 2.84
C PRO A 59 -13.75 -6.26 1.64
N LEU A 60 -13.25 -5.05 1.90
CA LEU A 60 -12.79 -4.17 0.84
C LEU A 60 -11.58 -4.76 0.14
N ARG A 61 -11.51 -4.57 -1.18
CA ARG A 61 -10.40 -5.09 -1.98
C ARG A 61 -9.10 -4.39 -1.61
N VAL A 62 -7.99 -5.11 -1.76
CA VAL A 62 -6.68 -4.56 -1.45
C VAL A 62 -5.82 -4.44 -2.70
N THR A 63 -5.27 -3.25 -2.93
CA THR A 63 -4.42 -3.02 -4.09
C THR A 63 -2.94 -3.04 -3.71
N HIS A 64 -2.24 -4.08 -4.16
CA HIS A 64 -0.82 -4.22 -3.87
C HIS A 64 0.02 -3.64 -5.00
N ILE A 65 0.88 -2.70 -4.65
CA ILE A 65 1.76 -2.06 -5.63
C ILE A 65 3.20 -2.01 -5.14
N LYS A 66 4.07 -2.76 -5.82
CA LYS A 66 5.48 -2.80 -5.46
C LYS A 66 6.18 -1.49 -5.80
N VAL A 67 6.61 -0.77 -4.79
CA VAL A 67 7.29 0.51 -4.99
C VAL A 67 8.77 0.30 -5.31
N MET A 68 9.17 0.69 -6.51
CA MET A 68 10.56 0.54 -6.94
C MET A 68 11.43 1.63 -6.32
N CYS A 69 12.74 1.52 -6.54
CA CYS A 69 13.69 2.49 -6.01
C CYS A 69 14.80 2.79 -7.01
N GLU A 70 14.84 4.03 -7.48
CA GLU A 70 15.85 4.45 -8.45
C GLU A 70 17.09 4.99 -7.74
N GLY A 71 17.96 4.09 -7.31
CA GLY A 71 19.17 4.50 -6.62
C GLY A 71 18.91 4.96 -5.20
N GLY A 72 18.34 6.15 -5.06
CA GLY A 72 18.04 6.68 -3.75
C GLY A 72 16.61 7.14 -3.62
N ARG A 73 15.91 7.28 -4.74
CA ARG A 73 14.52 7.72 -4.75
C ARG A 73 13.58 6.54 -4.99
N TYR A 74 12.29 6.83 -5.05
CA TYR A 74 11.29 5.79 -5.27
C TYR A 74 10.39 6.15 -6.45
N THR A 75 9.88 5.12 -7.13
CA THR A 75 9.01 5.32 -8.27
C THR A 75 8.12 4.11 -8.52
N VAL A 76 6.97 4.34 -9.14
CA VAL A 76 6.03 3.26 -9.43
C VAL A 76 5.72 3.19 -10.92
N GLY A 77 6.57 2.47 -11.65
CA GLY A 77 6.36 2.33 -13.09
C GLY A 77 6.78 3.57 -13.86
N GLY A 78 6.30 4.72 -13.42
CA GLY A 78 6.65 5.97 -14.08
C GLY A 78 8.10 6.35 -13.90
N LEU A 79 8.59 7.26 -14.74
CA LEU A 79 9.97 7.70 -14.66
C LEU A 79 10.18 8.65 -13.49
N GLU A 80 9.09 9.26 -13.04
CA GLU A 80 9.15 10.20 -11.92
C GLU A 80 9.87 9.58 -10.72
N THR A 81 10.10 10.38 -9.69
CA THR A 81 10.77 9.92 -8.49
C THR A 81 10.36 10.74 -7.28
N PHE A 82 10.66 10.22 -6.09
CA PHE A 82 10.32 10.91 -4.85
C PHE A 82 11.41 10.70 -3.80
N ASP A 83 11.77 11.79 -3.12
CA ASP A 83 12.81 11.73 -2.09
C ASP A 83 12.72 10.44 -1.29
N SER A 84 11.49 10.02 -1.01
CA SER A 84 11.26 8.79 -0.24
C SER A 84 9.78 8.47 -0.16
N LEU A 85 9.45 7.39 0.53
CA LEU A 85 8.05 6.97 0.69
C LEU A 85 7.16 8.16 1.03
N THR A 86 7.72 9.11 1.76
CA THR A 86 6.97 10.31 2.15
C THR A 86 6.58 11.13 0.94
N ASP A 87 7.58 11.58 0.18
CA ASP A 87 7.34 12.38 -1.01
C ASP A 87 6.46 11.63 -2.00
N LEU A 88 6.66 10.33 -2.10
CA LEU A 88 5.88 9.50 -3.01
C LEU A 88 4.44 9.37 -2.53
N VAL A 89 4.26 8.75 -1.37
CA VAL A 89 2.93 8.57 -0.80
C VAL A 89 2.18 9.89 -0.72
N GLU A 90 2.75 10.84 0.02
CA GLU A 90 2.14 12.16 0.19
C GLU A 90 1.64 12.69 -1.14
N HIS A 91 2.55 12.85 -2.10
CA HIS A 91 2.19 13.34 -3.43
C HIS A 91 1.09 12.50 -4.06
N PHE A 92 0.94 11.27 -3.56
CA PHE A 92 -0.07 10.36 -4.08
C PHE A 92 -1.36 10.45 -3.24
N LYS A 93 -1.25 11.05 -2.06
CA LYS A 93 -2.39 11.20 -1.17
C LYS A 93 -3.29 12.34 -1.64
N LYS A 94 -2.76 13.19 -2.51
CA LYS A 94 -3.52 14.32 -3.04
C LYS A 94 -3.94 14.06 -4.49
N THR A 95 -3.07 13.39 -5.24
CA THR A 95 -3.35 13.08 -6.64
C THR A 95 -4.00 11.70 -6.78
N GLY A 96 -3.33 10.68 -6.23
CA GLY A 96 -3.86 9.34 -6.31
C GLY A 96 -3.08 8.46 -7.27
N ILE A 97 -3.32 7.16 -7.22
CA ILE A 97 -2.64 6.22 -8.08
C ILE A 97 -3.61 5.56 -9.06
N GLU A 98 -3.29 5.67 -10.35
CA GLU A 98 -4.13 5.08 -11.39
C GLU A 98 -3.63 3.70 -11.79
N GLU A 99 -4.49 2.70 -11.61
CA GLU A 99 -4.14 1.32 -11.95
C GLU A 99 -4.46 1.02 -13.41
N ALA A 100 -3.77 0.03 -13.97
CA ALA A 100 -3.97 -0.37 -15.35
C ALA A 100 -5.42 -0.78 -15.60
N SER A 101 -5.90 -1.73 -14.81
CA SER A 101 -7.27 -2.21 -14.94
C SER A 101 -8.24 -1.08 -15.22
N GLY A 102 -8.04 0.04 -14.52
CA GLY A 102 -8.90 1.20 -14.70
C GLY A 102 -9.46 1.72 -13.40
N ALA A 103 -8.75 1.47 -12.31
CA ALA A 103 -9.18 1.93 -10.99
C ALA A 103 -8.28 3.04 -10.48
N PHE A 104 -8.80 3.82 -9.52
CA PHE A 104 -8.05 4.92 -8.95
C PHE A 104 -7.96 4.80 -7.43
N VAL A 105 -6.80 4.38 -6.95
CA VAL A 105 -6.58 4.21 -5.52
C VAL A 105 -6.44 5.56 -4.82
N TYR A 106 -7.04 5.67 -3.64
CA TYR A 106 -6.99 6.91 -2.87
C TYR A 106 -6.40 6.67 -1.48
N LEU A 107 -5.58 7.61 -1.03
CA LEU A 107 -4.95 7.51 0.28
C LEU A 107 -5.37 8.66 1.19
N ARG A 108 -6.45 8.45 1.94
CA ARG A 108 -6.95 9.46 2.84
C ARG A 108 -6.25 9.38 4.21
N GLN A 109 -6.12 8.16 4.72
CA GLN A 109 -5.47 7.94 6.01
C GLN A 109 -4.71 6.62 6.02
N PRO A 110 -3.53 6.63 6.67
CA PRO A 110 -2.69 5.44 6.78
C PRO A 110 -3.30 4.36 7.66
N TYR A 111 -2.48 3.40 8.08
CA TYR A 111 -2.94 2.31 8.93
C TYR A 111 -1.97 2.08 10.09
N TYR A 112 -2.39 2.48 11.29
CA TYR A 112 -1.56 2.32 12.48
C TYR A 112 -1.94 1.05 13.23
N SER A 113 -2.12 -0.04 12.49
CA SER A 113 -2.48 -1.32 13.08
C SER A 113 -3.43 -1.12 14.27
N GLY A 114 -4.40 -0.23 14.09
CA GLY A 114 -5.36 0.04 15.15
C GLY A 114 -4.77 0.87 16.27
N PRO A 115 -5.43 0.86 17.44
CA PRO A 115 -4.98 1.61 18.61
C PRO A 115 -3.71 1.02 19.22
N SER A 116 -2.69 1.87 19.38
CA SER A 116 -1.43 1.44 19.94
C SER A 116 -1.06 2.29 21.17
N SER A 117 -1.10 1.67 22.34
CA SER A 117 -0.78 2.35 23.58
C SER A 117 0.46 3.22 23.42
N GLY A 118 1.49 2.66 22.79
CA GLY A 118 2.73 3.40 22.58
C GLY A 118 3.61 2.76 21.53
N MET B 1 -3.45 -23.08 6.00
CA MET B 1 -3.42 -23.40 4.58
C MET B 1 -2.35 -22.60 3.85
N ASP B 2 -1.66 -23.25 2.93
CA ASP B 2 -0.61 -22.59 2.16
C ASP B 2 -1.20 -21.74 1.04
N ASN B 3 -0.96 -20.44 1.10
CA ASN B 3 -1.47 -19.52 0.10
C ASN B 3 -0.44 -19.30 -1.01
N GLN B 4 -0.81 -19.71 -2.23
CA GLN B 4 0.08 -19.55 -3.37
C GLN B 4 0.71 -18.16 -3.40
N GLY B 5 -0.13 -17.13 -3.36
CA GLY B 5 0.36 -15.76 -3.38
C GLY B 5 -0.66 -14.79 -3.95
N VAL B 6 -0.68 -13.58 -3.40
CA VAL B 6 -1.61 -12.56 -3.85
C VAL B 6 -1.04 -11.78 -5.04
N ILE B 7 -1.88 -11.54 -6.04
CA ILE B 7 -1.45 -10.81 -7.22
C ILE B 7 -1.23 -9.33 -6.91
N SER B 9 -1.49 -5.68 -8.31
CA SER B 9 -2.07 -4.83 -9.34
C SER B 9 -1.00 -3.92 -9.96
N ASP B 10 -1.07 -3.76 -11.27
CA ASP B 10 -0.11 -2.93 -11.99
C ASP B 10 -0.69 -1.54 -12.26
N LEU B 11 0.18 -0.60 -12.61
CA LEU B 11 -0.24 0.76 -12.89
C LEU B 11 -0.51 0.96 -14.38
N ASN B 12 -0.76 2.20 -14.78
CA ASN B 12 -1.03 2.51 -16.18
C ASN B 12 0.25 2.89 -16.91
N LEU B 13 0.95 3.88 -16.38
CA LEU B 13 2.20 4.34 -16.98
C LEU B 13 3.04 3.16 -17.45
N PRO B 14 3.28 2.20 -16.54
CA PRO B 14 4.07 1.01 -16.83
C PRO B 14 3.35 0.06 -17.79
N PRO B 15 4.13 -0.65 -18.62
CA PRO B 15 3.58 -1.60 -19.60
C PRO B 15 3.00 -2.84 -18.93
N GLY A 1 6.01 -3.55 20.53
CA GLY A 1 5.86 -2.48 21.50
C GLY A 1 6.76 -1.29 21.19
N SER A 2 6.65 -0.75 19.98
CA SER A 2 7.46 0.37 19.57
C SER A 2 7.06 1.64 20.32
N SER A 3 8.01 2.23 21.03
CA SER A 3 7.76 3.44 21.80
C SER A 3 7.47 4.62 20.87
N GLY A 4 6.20 4.81 20.53
CA GLY A 4 5.81 5.89 19.66
C GLY A 4 5.69 5.46 18.21
N SER A 5 4.70 6.01 17.51
CA SER A 5 4.48 5.68 16.12
C SER A 5 5.14 6.70 15.19
N SER A 6 6.00 6.21 14.31
CA SER A 6 6.71 7.08 13.38
C SER A 6 5.77 7.60 12.29
N GLY A 7 5.06 6.68 11.66
CA GLY A 7 4.12 7.06 10.61
C GLY A 7 3.29 5.89 10.11
N TRP A 8 3.46 5.54 8.84
CA TRP A 8 2.71 4.42 8.26
C TRP A 8 3.65 3.31 7.83
N TYR A 9 4.78 3.19 8.52
CA TYR A 9 5.77 2.15 8.21
C TYR A 9 5.66 1.00 9.19
N HIS A 10 5.46 -0.21 8.65
CA HIS A 10 5.35 -1.40 9.48
C HIS A 10 6.62 -2.24 9.40
N GLY A 11 6.94 -2.71 8.20
CA GLY A 11 8.13 -3.52 8.01
C GLY A 11 7.81 -4.98 7.73
N HIS A 12 8.09 -5.85 8.70
CA HIS A 12 7.82 -7.27 8.55
C HIS A 12 6.35 -7.53 8.25
N MET A 13 6.06 -7.87 7.00
CA MET A 13 4.69 -8.14 6.58
C MET A 13 4.65 -8.69 5.16
N SER A 14 3.68 -9.56 4.89
CA SER A 14 3.53 -10.17 3.57
C SER A 14 2.18 -9.81 2.96
N GLY A 15 2.12 -9.84 1.63
CA GLY A 15 0.89 -9.51 0.93
C GLY A 15 -0.33 -10.09 1.62
N GLY A 16 -0.28 -11.40 1.88
CA GLY A 16 -1.40 -12.05 2.53
C GLY A 16 -1.81 -11.38 3.83
N GLN A 17 -0.83 -11.15 4.70
CA GLN A 17 -1.08 -10.50 5.98
C GLN A 17 -1.70 -9.12 5.79
N ALA A 18 -0.95 -8.24 5.14
CA ALA A 18 -1.42 -6.87 4.88
C ALA A 18 -2.90 -6.87 4.51
N GLU A 19 -3.29 -7.77 3.61
CA GLU A 19 -4.68 -7.87 3.17
C GLU A 19 -5.61 -8.06 4.37
N THR A 20 -5.24 -8.98 5.25
CA THR A 20 -6.05 -9.26 6.44
C THR A 20 -6.19 -8.02 7.31
N LEU A 21 -5.07 -7.44 7.69
CA LEU A 21 -5.07 -6.24 8.53
C LEU A 21 -5.91 -5.13 7.90
N LEU A 22 -5.65 -4.86 6.62
CA LEU A 22 -6.39 -3.83 5.91
C LEU A 22 -7.88 -4.15 5.86
N GLN A 23 -8.22 -5.28 5.25
CA GLN A 23 -9.61 -5.70 5.14
C GLN A 23 -10.30 -5.65 6.50
N ALA A 24 -9.74 -6.36 7.48
CA ALA A 24 -10.31 -6.38 8.81
C ALA A 24 -10.73 -4.99 9.27
N LYS A 25 -9.86 -4.01 9.02
CA LYS A 25 -10.14 -2.63 9.40
C LYS A 25 -11.42 -2.13 8.75
N GLY A 26 -11.65 -2.54 7.50
CA GLY A 26 -12.84 -2.13 6.79
C GLY A 26 -12.89 -0.64 6.54
N GLU A 27 -11.71 -0.01 6.46
CA GLU A 27 -11.62 1.42 6.23
C GLU A 27 -11.14 1.71 4.81
N PRO A 28 -11.97 2.44 4.04
CA PRO A 28 -11.66 2.80 2.66
C PRO A 28 -10.54 3.83 2.58
N TRP A 29 -9.68 3.70 1.57
CA TRP A 29 -8.56 4.61 1.38
C TRP A 29 -7.56 4.48 2.50
N THR A 30 -7.37 3.25 2.99
CA THR A 30 -6.42 3.00 4.07
C THR A 30 -5.11 2.44 3.52
N PHE A 31 -4.12 3.32 3.39
CA PHE A 31 -2.82 2.93 2.88
C PHE A 31 -1.88 2.58 4.03
N LEU A 32 -0.78 1.88 3.70
CA LEU A 32 0.19 1.48 4.70
C LEU A 32 1.48 0.99 4.04
N VAL A 33 2.62 1.45 4.55
CA VAL A 33 3.91 1.06 4.01
C VAL A 33 4.47 -0.16 4.75
N ARG A 34 5.09 -1.07 4.01
CA ARG A 34 5.67 -2.26 4.60
C ARG A 34 6.86 -2.75 3.78
N GLU A 35 7.94 -3.08 4.48
CA GLU A 35 9.16 -3.56 3.82
C GLU A 35 8.86 -4.79 2.96
N SER A 36 9.81 -5.15 2.10
CA SER A 36 9.66 -6.30 1.22
C SER A 36 10.21 -7.56 1.89
N LEU A 37 10.10 -8.68 1.18
CA LEU A 37 10.60 -9.95 1.69
C LEU A 37 11.73 -10.49 0.82
N SER A 38 11.46 -10.61 -0.48
CA SER A 38 12.45 -11.11 -1.42
C SER A 38 13.09 -9.97 -2.20
N GLN A 39 12.25 -9.19 -2.88
CA GLN A 39 12.73 -8.06 -3.68
C GLN A 39 13.90 -7.36 -2.98
N PRO A 40 14.99 -7.16 -3.72
CA PRO A 40 16.20 -6.50 -3.21
C PRO A 40 15.98 -5.02 -2.94
N GLY A 41 16.24 -4.61 -1.70
CA GLY A 41 16.07 -3.21 -1.33
C GLY A 41 14.92 -2.56 -2.07
N ASP A 42 13.71 -3.04 -1.83
CA ASP A 42 12.52 -2.50 -2.49
C ASP A 42 11.37 -2.38 -1.50
N PHE A 43 10.51 -1.39 -1.73
CA PHE A 43 9.37 -1.16 -0.85
C PHE A 43 8.06 -1.52 -1.57
N VAL A 44 6.97 -1.57 -0.80
CA VAL A 44 5.67 -1.91 -1.36
C VAL A 44 4.58 -1.02 -0.76
N LEU A 45 3.70 -0.50 -1.62
CA LEU A 45 2.62 0.36 -1.18
C LEU A 45 1.28 -0.38 -1.21
N SER A 46 0.62 -0.44 -0.07
CA SER A 46 -0.67 -1.12 0.02
C SER A 46 -1.79 -0.13 0.32
N VAL A 47 -2.98 -0.42 -0.19
CA VAL A 47 -4.14 0.45 0.01
C VAL A 47 -5.44 -0.35 -0.06
N LEU A 48 -6.41 0.03 0.77
CA LEU A 48 -7.70 -0.65 0.80
C LEU A 48 -8.76 0.19 0.09
N SER A 49 -9.05 -0.15 -1.16
CA SER A 49 -10.05 0.57 -1.95
C SER A 49 -11.41 0.52 -1.26
N ASP A 50 -12.23 1.53 -1.53
CA ASP A 50 -13.57 1.61 -0.93
C ASP A 50 -14.51 0.63 -1.61
N GLN A 51 -14.03 -0.05 -2.64
CA GLN A 51 -14.84 -1.02 -3.37
C GLN A 51 -14.75 -2.40 -2.72
N PRO A 52 -15.89 -2.85 -2.18
CA PRO A 52 -15.99 -4.16 -1.51
C PRO A 52 -15.87 -5.32 -2.49
N LYS A 53 -15.30 -6.43 -2.03
CA LYS A 53 -15.13 -7.60 -2.87
C LYS A 53 -16.44 -7.99 -3.54
N ALA A 54 -17.51 -8.03 -2.75
CA ALA A 54 -18.83 -8.38 -3.27
C ALA A 54 -19.83 -7.25 -3.03
N GLY A 55 -19.92 -6.81 -1.79
CA GLY A 55 -20.85 -5.74 -1.45
C GLY A 55 -20.77 -5.34 0.00
N PRO A 56 -21.92 -4.98 0.59
CA PRO A 56 -22.00 -4.57 1.99
C PRO A 56 -21.76 -5.72 2.96
N GLY A 57 -20.50 -5.91 3.35
CA GLY A 57 -20.16 -6.99 4.26
C GLY A 57 -18.81 -7.62 3.93
N SER A 58 -18.50 -7.70 2.65
CA SER A 58 -17.25 -8.30 2.20
C SER A 58 -16.07 -7.38 2.51
N PRO A 59 -14.88 -7.98 2.69
CA PRO A 59 -13.67 -7.24 2.99
C PRO A 59 -13.17 -6.41 1.81
N LEU A 60 -13.14 -5.09 1.99
CA LEU A 60 -12.69 -4.19 0.93
C LEU A 60 -11.52 -4.79 0.16
N ARG A 61 -11.40 -4.41 -1.10
CA ARG A 61 -10.32 -4.91 -1.95
C ARG A 61 -8.99 -4.23 -1.61
N VAL A 62 -7.90 -4.97 -1.73
CA VAL A 62 -6.58 -4.44 -1.43
C VAL A 62 -5.74 -4.30 -2.70
N THR A 63 -4.95 -3.24 -2.76
CA THR A 63 -4.10 -2.98 -3.91
C THR A 63 -2.63 -2.98 -3.53
N HIS A 64 -1.88 -3.96 -4.03
CA HIS A 64 -0.46 -4.08 -3.74
C HIS A 64 0.38 -3.51 -4.88
N ILE A 65 1.00 -2.36 -4.65
CA ILE A 65 1.83 -1.72 -5.65
C ILE A 65 3.30 -1.78 -5.27
N LYS A 66 4.07 -2.60 -5.98
CA LYS A 66 5.50 -2.73 -5.71
C LYS A 66 6.24 -1.44 -6.02
N VAL A 67 6.68 -0.75 -4.98
CA VAL A 67 7.40 0.51 -5.13
C VAL A 67 8.86 0.25 -5.50
N MET A 68 9.24 0.65 -6.72
CA MET A 68 10.60 0.47 -7.18
C MET A 68 11.50 1.60 -6.69
N CYS A 69 12.79 1.32 -6.57
CA CYS A 69 13.76 2.32 -6.12
C CYS A 69 14.88 2.49 -7.13
N GLU A 70 15.26 3.74 -7.38
CA GLU A 70 16.32 4.05 -8.33
C GLU A 70 17.34 5.01 -7.73
N GLY A 71 18.23 4.48 -6.90
CA GLY A 71 19.24 5.29 -6.26
C GLY A 71 18.69 6.12 -5.13
N GLY A 72 18.08 5.45 -4.15
CA GLY A 72 17.51 6.15 -3.01
C GLY A 72 16.10 6.63 -3.28
N ARG A 73 15.87 7.15 -4.48
CA ARG A 73 14.56 7.64 -4.85
C ARG A 73 13.60 6.48 -5.15
N TYR A 74 12.30 6.76 -5.04
CA TYR A 74 11.28 5.74 -5.30
C TYR A 74 10.37 6.16 -6.45
N THR A 75 9.91 5.18 -7.21
CA THR A 75 9.03 5.44 -8.34
C THR A 75 7.91 4.40 -8.42
N VAL A 76 6.96 4.64 -9.31
CA VAL A 76 5.83 3.73 -9.49
C VAL A 76 5.57 3.46 -10.96
N GLY A 77 6.12 2.36 -11.47
CA GLY A 77 5.92 2.01 -12.87
C GLY A 77 6.01 3.22 -13.79
N GLY A 78 6.74 4.24 -13.35
CA GLY A 78 6.90 5.44 -14.15
C GLY A 78 8.31 6.00 -14.11
N LEU A 79 8.56 7.00 -14.93
CA LEU A 79 9.88 7.63 -14.99
C LEU A 79 10.08 8.59 -13.81
N GLU A 80 8.97 9.15 -13.33
CA GLU A 80 9.02 10.09 -12.21
C GLU A 80 9.72 9.45 -11.00
N THR A 81 10.10 10.30 -10.04
CA THR A 81 10.78 9.82 -8.84
C THR A 81 10.35 10.64 -7.62
N PHE A 82 10.66 10.11 -6.44
CA PHE A 82 10.31 10.79 -5.19
C PHE A 82 11.41 10.60 -4.15
N ASP A 83 11.62 11.62 -3.33
CA ASP A 83 12.63 11.58 -2.28
C ASP A 83 12.52 10.28 -1.48
N SER A 84 11.31 9.95 -1.06
CA SER A 84 11.06 8.74 -0.28
C SER A 84 9.57 8.43 -0.20
N LEU A 85 9.23 7.37 0.53
CA LEU A 85 7.84 6.98 0.68
C LEU A 85 6.96 8.16 1.04
N THR A 86 7.52 9.11 1.80
CA THR A 86 6.79 10.29 2.22
C THR A 86 6.44 11.16 1.01
N ASP A 87 7.45 11.60 0.28
CA ASP A 87 7.24 12.44 -0.90
C ASP A 87 6.37 11.72 -1.92
N LEU A 88 6.63 10.44 -2.13
CA LEU A 88 5.86 9.65 -3.09
C LEU A 88 4.41 9.52 -2.64
N VAL A 89 4.20 8.90 -1.49
CA VAL A 89 2.85 8.72 -0.96
C VAL A 89 2.09 10.05 -0.91
N GLU A 90 2.63 11.00 -0.15
CA GLU A 90 2.00 12.30 -0.02
C GLU A 90 1.56 12.84 -1.37
N HIS A 91 2.51 12.99 -2.29
CA HIS A 91 2.20 13.49 -3.63
C HIS A 91 1.06 12.70 -4.26
N PHE A 92 0.87 11.47 -3.79
CA PHE A 92 -0.19 10.61 -4.31
C PHE A 92 -1.45 10.73 -3.46
N LYS A 93 -1.27 11.09 -2.19
CA LYS A 93 -2.40 11.25 -1.28
C LYS A 93 -3.30 12.41 -1.71
N LYS A 94 -2.76 13.29 -2.55
CA LYS A 94 -3.51 14.44 -3.04
C LYS A 94 -3.90 14.25 -4.50
N THR A 95 -2.98 13.68 -5.28
CA THR A 95 -3.24 13.44 -6.70
C THR A 95 -4.02 12.15 -6.92
N GLY A 96 -3.47 11.05 -6.41
CA GLY A 96 -4.14 9.76 -6.55
C GLY A 96 -3.39 8.83 -7.47
N ILE A 97 -3.63 7.53 -7.33
CA ILE A 97 -2.96 6.53 -8.15
C ILE A 97 -3.97 5.76 -9.00
N GLU A 98 -3.64 5.56 -10.27
CA GLU A 98 -4.52 4.85 -11.19
C GLU A 98 -3.95 3.47 -11.53
N GLU A 99 -4.83 2.51 -11.79
CA GLU A 99 -4.41 1.16 -12.12
C GLU A 99 -4.65 0.87 -13.61
N ALA A 100 -3.79 0.03 -14.18
CA ALA A 100 -3.91 -0.33 -15.58
C ALA A 100 -5.34 -0.72 -15.94
N SER A 101 -5.92 -1.62 -15.14
CA SER A 101 -7.29 -2.07 -15.37
C SER A 101 -8.24 -0.89 -15.50
N GLY A 102 -8.13 0.06 -14.58
CA GLY A 102 -8.99 1.23 -14.61
C GLY A 102 -9.50 1.62 -13.24
N ALA A 103 -8.69 1.34 -12.22
CA ALA A 103 -9.07 1.66 -10.85
C ALA A 103 -8.33 2.88 -10.34
N PHE A 104 -8.89 3.54 -9.33
CA PHE A 104 -8.27 4.73 -8.75
C PHE A 104 -8.11 4.60 -7.24
N VAL A 105 -6.88 4.38 -6.80
CA VAL A 105 -6.60 4.23 -5.37
C VAL A 105 -6.46 5.59 -4.70
N TYR A 106 -7.13 5.74 -3.56
CA TYR A 106 -7.09 7.00 -2.81
C TYR A 106 -6.51 6.78 -1.41
N LEU A 107 -5.63 7.67 -1.00
CA LEU A 107 -5.00 7.58 0.31
C LEU A 107 -5.43 8.75 1.20
N ARG A 108 -6.44 8.49 2.04
CA ARG A 108 -6.94 9.51 2.95
C ARG A 108 -6.24 9.44 4.31
N GLN A 109 -6.11 8.22 4.82
CA GLN A 109 -5.45 8.01 6.12
C GLN A 109 -4.70 6.69 6.13
N PRO A 110 -3.54 6.68 6.81
CA PRO A 110 -2.69 5.49 6.93
C PRO A 110 -3.33 4.41 7.79
N TYR A 111 -2.52 3.43 8.20
CA TYR A 111 -3.00 2.34 9.03
C TYR A 111 -2.02 2.04 10.16
N TYR A 112 -2.46 2.31 11.39
CA TYR A 112 -1.62 2.07 12.56
C TYR A 112 -1.95 0.73 13.21
N SER A 113 -0.98 0.15 13.92
CA SER A 113 -1.18 -1.13 14.58
C SER A 113 -1.54 -0.92 16.05
N GLY A 114 -2.84 -0.90 16.34
CA GLY A 114 -3.30 -0.71 17.70
C GLY A 114 -4.12 -1.88 18.21
N PRO A 115 -4.13 -2.07 19.54
CA PRO A 115 -4.88 -3.17 20.17
C PRO A 115 -6.39 -2.95 20.09
N SER A 116 -6.79 -1.77 19.63
CA SER A 116 -8.21 -1.46 19.51
C SER A 116 -8.54 -1.02 18.08
N SER A 117 -9.76 -1.32 17.65
CA SER A 117 -10.20 -0.95 16.30
C SER A 117 -11.66 -0.49 16.31
N GLY A 118 -11.91 0.67 15.71
CA GLY A 118 -13.26 1.20 15.67
C GLY A 118 -13.98 1.07 16.99
N MET B 1 -6.85 -20.59 -1.37
CA MET B 1 -5.70 -21.48 -1.48
C MET B 1 -4.65 -20.89 -2.42
N ASP B 2 -3.77 -20.06 -1.88
CA ASP B 2 -2.72 -19.43 -2.66
C ASP B 2 -1.56 -20.41 -2.89
N ASN B 3 -1.18 -20.58 -4.15
CA ASN B 3 -0.08 -21.48 -4.50
C ASN B 3 1.24 -20.72 -4.57
N GLN B 4 1.24 -19.59 -5.27
CA GLN B 4 2.44 -18.77 -5.41
C GLN B 4 2.39 -17.57 -4.48
N GLY B 5 1.30 -16.81 -4.55
CA GLY B 5 1.15 -15.64 -3.71
C GLY B 5 0.10 -14.67 -4.23
N VAL B 6 -0.16 -13.61 -3.48
CA VAL B 6 -1.14 -12.61 -3.87
C VAL B 6 -0.64 -11.79 -5.05
N ILE B 7 -1.55 -11.44 -5.95
CA ILE B 7 -1.20 -10.65 -7.12
C ILE B 7 -0.94 -9.20 -6.75
N SER B 9 -1.28 -5.49 -8.10
CA SER B 9 -1.86 -4.60 -9.10
C SER B 9 -0.78 -3.78 -9.79
N ASP B 10 -1.17 -3.04 -10.81
CA ASP B 10 -0.22 -2.21 -11.56
C ASP B 10 -0.82 -0.83 -11.85
N LEU B 11 -0.08 -0.02 -12.59
CA LEU B 11 -0.53 1.32 -12.94
C LEU B 11 -0.90 1.41 -14.42
N ASN B 12 -1.22 2.62 -14.87
CA ASN B 12 -1.60 2.84 -16.26
C ASN B 12 -0.35 2.97 -17.14
N LEU B 13 0.59 3.80 -16.71
CA LEU B 13 1.82 4.01 -17.46
C LEU B 13 2.37 2.69 -17.98
N PRO B 14 2.52 1.70 -17.09
CA PRO B 14 3.03 0.37 -17.43
C PRO B 14 2.04 -0.42 -18.28
N PRO B 15 2.58 -1.26 -19.18
CA PRO B 15 1.76 -2.09 -20.08
C PRO B 15 1.04 -3.20 -19.33
N GLY A 1 3.58 6.89 28.44
CA GLY A 1 4.57 6.23 27.60
C GLY A 1 5.25 7.18 26.63
N SER A 2 6.42 6.79 26.14
CA SER A 2 7.18 7.62 25.22
C SER A 2 6.69 7.43 23.79
N SER A 3 7.28 8.17 22.86
CA SER A 3 6.90 8.09 21.46
C SER A 3 7.97 7.39 20.63
N GLY A 4 7.54 6.48 19.76
CA GLY A 4 8.49 5.76 18.93
C GLY A 4 7.81 5.01 17.80
N SER A 5 7.19 5.75 16.88
CA SER A 5 6.49 5.16 15.76
C SER A 5 7.15 5.56 14.44
N SER A 6 6.81 4.84 13.37
CA SER A 6 7.37 5.11 12.06
C SER A 6 6.28 5.52 11.08
N GLY A 7 5.32 6.32 11.56
CA GLY A 7 4.23 6.76 10.72
C GLY A 7 3.42 5.61 10.17
N TRP A 8 3.60 5.31 8.89
CA TRP A 8 2.86 4.22 8.26
C TRP A 8 3.82 3.11 7.79
N TYR A 9 4.95 3.00 8.47
CA TYR A 9 5.95 2.00 8.13
C TYR A 9 5.86 0.80 9.08
N HIS A 10 5.60 -0.37 8.51
CA HIS A 10 5.50 -1.59 9.31
C HIS A 10 6.78 -2.41 9.22
N GLY A 11 7.30 -2.56 8.00
CA GLY A 11 8.51 -3.32 7.81
C GLY A 11 8.23 -4.77 7.48
N HIS A 12 8.68 -5.67 8.35
CA HIS A 12 8.48 -7.10 8.15
C HIS A 12 7.00 -7.44 8.12
N MET A 13 6.47 -7.63 6.92
CA MET A 13 5.06 -7.96 6.75
C MET A 13 4.82 -8.65 5.41
N SER A 14 4.16 -9.81 5.45
CA SER A 14 3.87 -10.58 4.25
C SER A 14 2.59 -10.08 3.59
N GLY A 15 2.55 -10.18 2.26
CA GLY A 15 1.37 -9.74 1.52
C GLY A 15 0.08 -10.18 2.18
N GLY A 16 -0.10 -11.49 2.31
CA GLY A 16 -1.31 -12.01 2.92
C GLY A 16 -1.69 -11.27 4.19
N GLN A 17 -0.69 -10.99 5.03
CA GLN A 17 -0.93 -10.29 6.28
C GLN A 17 -1.57 -8.94 6.03
N ALA A 18 -0.84 -8.06 5.36
CA ALA A 18 -1.35 -6.72 5.05
C ALA A 18 -2.84 -6.76 4.74
N GLU A 19 -3.22 -7.63 3.80
CA GLU A 19 -4.62 -7.76 3.40
C GLU A 19 -5.52 -7.89 4.63
N THR A 20 -5.14 -8.77 5.55
CA THR A 20 -5.92 -8.99 6.76
C THR A 20 -6.03 -7.71 7.58
N LEU A 21 -4.89 -7.16 7.99
CA LEU A 21 -4.86 -5.93 8.77
C LEU A 21 -5.71 -4.85 8.13
N LEU A 22 -5.52 -4.66 6.82
CA LEU A 22 -6.28 -3.65 6.08
C LEU A 22 -7.77 -3.96 6.12
N GLN A 23 -8.16 -5.06 5.50
CA GLN A 23 -9.57 -5.46 5.47
C GLN A 23 -10.20 -5.34 6.84
N ALA A 24 -9.58 -5.98 7.83
CA ALA A 24 -10.08 -5.96 9.20
C ALA A 24 -10.49 -4.55 9.59
N LYS A 25 -9.69 -3.56 9.20
CA LYS A 25 -9.97 -2.17 9.51
C LYS A 25 -11.30 -1.73 8.89
N GLY A 26 -11.57 -2.20 7.68
CA GLY A 26 -12.80 -1.85 7.00
C GLY A 26 -12.85 -0.38 6.63
N GLU A 27 -11.70 0.28 6.64
CA GLU A 27 -11.63 1.69 6.31
C GLU A 27 -11.15 1.90 4.88
N PRO A 28 -11.97 2.58 4.07
CA PRO A 28 -11.66 2.85 2.67
C PRO A 28 -10.51 3.86 2.52
N TRP A 29 -9.66 3.62 1.52
CA TRP A 29 -8.53 4.51 1.27
C TRP A 29 -7.49 4.40 2.38
N THR A 30 -7.34 3.20 2.93
CA THR A 30 -6.40 2.96 4.02
C THR A 30 -5.09 2.39 3.48
N PHE A 31 -4.11 3.26 3.28
CA PHE A 31 -2.81 2.84 2.76
C PHE A 31 -1.88 2.42 3.91
N LEU A 32 -0.77 1.78 3.56
CA LEU A 32 0.19 1.32 4.55
C LEU A 32 1.48 0.86 3.88
N VAL A 33 2.62 1.32 4.41
CA VAL A 33 3.92 0.95 3.87
C VAL A 33 4.49 -0.27 4.58
N ARG A 34 5.30 -1.04 3.86
CA ARG A 34 5.90 -2.24 4.42
C ARG A 34 7.01 -2.77 3.50
N GLU A 35 8.18 -3.01 4.08
CA GLU A 35 9.31 -3.52 3.31
C GLU A 35 8.88 -4.62 2.36
N SER A 36 9.64 -4.81 1.28
CA SER A 36 9.32 -5.83 0.29
C SER A 36 10.08 -7.13 0.59
N LEU A 37 9.47 -8.25 0.24
CA LEU A 37 10.08 -9.56 0.47
C LEU A 37 10.66 -10.13 -0.82
N SER A 38 9.80 -10.28 -1.83
CA SER A 38 10.21 -10.82 -3.11
C SER A 38 11.54 -10.20 -3.56
N GLN A 39 11.54 -8.89 -3.74
CA GLN A 39 12.74 -8.18 -4.16
C GLN A 39 13.37 -7.42 -2.99
N PRO A 40 14.68 -7.60 -2.80
CA PRO A 40 15.42 -6.95 -1.72
C PRO A 40 15.57 -5.44 -1.95
N GLY A 41 15.42 -4.67 -0.88
CA GLY A 41 15.54 -3.23 -0.98
C GLY A 41 14.26 -2.58 -1.46
N ASP A 42 13.58 -3.23 -2.40
CA ASP A 42 12.33 -2.70 -2.94
C ASP A 42 11.26 -2.62 -1.85
N PHE A 43 10.29 -1.74 -2.06
CA PHE A 43 9.21 -1.55 -1.10
C PHE A 43 7.85 -1.88 -1.73
N VAL A 44 6.79 -1.79 -0.93
CA VAL A 44 5.46 -2.08 -1.40
C VAL A 44 4.43 -1.19 -0.73
N LEU A 45 3.45 -0.71 -1.51
CA LEU A 45 2.41 0.15 -0.98
C LEU A 45 1.04 -0.52 -1.09
N SER A 46 0.48 -0.89 0.06
CA SER A 46 -0.82 -1.54 0.09
C SER A 46 -1.92 -0.54 0.45
N VAL A 47 -3.08 -0.69 -0.19
CA VAL A 47 -4.21 0.19 0.06
C VAL A 47 -5.52 -0.57 0.02
N LEU A 48 -6.49 -0.12 0.83
CA LEU A 48 -7.79 -0.77 0.88
C LEU A 48 -8.84 0.06 0.12
N SER A 49 -9.10 -0.32 -1.12
CA SER A 49 -10.07 0.37 -1.95
C SER A 49 -11.45 0.36 -1.30
N ASP A 50 -12.23 1.40 -1.58
CA ASP A 50 -13.58 1.50 -1.02
C ASP A 50 -14.53 0.54 -1.72
N GLN A 51 -14.00 -0.21 -2.67
CA GLN A 51 -14.82 -1.17 -3.43
C GLN A 51 -14.83 -2.53 -2.74
N PRO A 52 -16.00 -2.94 -2.25
CA PRO A 52 -16.17 -4.23 -1.57
C PRO A 52 -16.04 -5.41 -2.51
N LYS A 53 -15.50 -6.51 -2.01
CA LYS A 53 -15.32 -7.72 -2.81
C LYS A 53 -16.62 -8.10 -3.52
N ALA A 54 -17.68 -8.31 -2.74
CA ALA A 54 -18.97 -8.68 -3.29
C ALA A 54 -19.97 -7.52 -3.16
N GLY A 55 -20.24 -7.12 -1.92
CA GLY A 55 -21.18 -6.03 -1.69
C GLY A 55 -21.06 -5.47 -0.28
N PRO A 56 -22.19 -4.99 0.25
CA PRO A 56 -22.25 -4.41 1.60
C PRO A 56 -22.05 -5.46 2.69
N GLY A 57 -20.79 -5.76 3.00
CA GLY A 57 -20.50 -6.74 4.03
C GLY A 57 -19.16 -7.42 3.80
N SER A 58 -18.75 -7.52 2.54
CA SER A 58 -17.49 -8.17 2.19
C SER A 58 -16.31 -7.26 2.53
N PRO A 59 -15.14 -7.88 2.75
CA PRO A 59 -13.91 -7.16 3.08
C PRO A 59 -13.38 -6.34 1.90
N LEU A 60 -13.36 -5.02 2.05
CA LEU A 60 -12.88 -4.14 1.00
C LEU A 60 -11.70 -4.76 0.26
N ARG A 61 -11.59 -4.48 -1.03
CA ARG A 61 -10.51 -5.02 -1.84
C ARG A 61 -9.18 -4.32 -1.51
N VAL A 62 -8.09 -5.05 -1.70
CA VAL A 62 -6.76 -4.50 -1.42
C VAL A 62 -5.93 -4.39 -2.68
N THR A 63 -5.28 -3.25 -2.86
CA THR A 63 -4.44 -3.01 -4.03
C THR A 63 -2.96 -3.07 -3.68
N HIS A 64 -2.30 -4.15 -4.10
CA HIS A 64 -0.89 -4.33 -3.82
C HIS A 64 -0.04 -3.81 -4.99
N ILE A 65 0.74 -2.77 -4.74
CA ILE A 65 1.59 -2.18 -5.75
C ILE A 65 3.04 -2.10 -5.28
N LYS A 66 3.96 -2.55 -6.13
CA LYS A 66 5.38 -2.53 -5.81
C LYS A 66 5.96 -1.14 -6.01
N VAL A 67 6.87 -0.75 -5.10
CA VAL A 67 7.50 0.56 -5.18
C VAL A 67 8.99 0.43 -5.49
N MET A 68 9.38 0.81 -6.70
CA MET A 68 10.78 0.73 -7.11
C MET A 68 11.58 1.86 -6.48
N CYS A 69 12.91 1.69 -6.44
CA CYS A 69 13.78 2.69 -5.86
C CYS A 69 14.91 3.05 -6.84
N GLU A 70 15.01 4.33 -7.17
CA GLU A 70 16.04 4.81 -8.09
C GLU A 70 17.11 5.60 -7.35
N GLY A 71 18.16 4.92 -6.93
CA GLY A 71 19.24 5.57 -6.20
C GLY A 71 18.73 6.41 -5.04
N GLY A 72 18.10 5.76 -4.07
CA GLY A 72 17.57 6.48 -2.93
C GLY A 72 16.15 6.94 -3.13
N ARG A 73 15.84 7.37 -4.35
CA ARG A 73 14.51 7.85 -4.68
C ARG A 73 13.55 6.69 -4.88
N TYR A 74 12.27 7.01 -5.05
CA TYR A 74 11.24 5.99 -5.26
C TYR A 74 10.32 6.37 -6.40
N THR A 75 9.77 5.35 -7.08
CA THR A 75 8.86 5.58 -8.20
C THR A 75 7.93 4.40 -8.39
N VAL A 76 6.88 4.60 -9.19
CA VAL A 76 5.90 3.55 -9.46
C VAL A 76 5.66 3.40 -10.96
N GLY A 77 6.47 2.57 -11.61
CA GLY A 77 6.32 2.37 -13.03
C GLY A 77 6.84 3.53 -13.85
N GLY A 78 6.23 4.70 -13.65
CA GLY A 78 6.64 5.88 -14.39
C GLY A 78 8.10 6.21 -14.18
N LEU A 79 8.59 7.21 -14.91
CA LEU A 79 9.99 7.63 -14.81
C LEU A 79 10.18 8.61 -13.65
N GLU A 80 9.07 9.15 -13.16
CA GLU A 80 9.12 10.10 -12.05
C GLU A 80 9.90 9.53 -10.87
N THR A 81 10.14 10.37 -9.86
CA THR A 81 10.87 9.95 -8.68
C THR A 81 10.53 10.82 -7.48
N PHE A 82 10.67 10.26 -6.29
CA PHE A 82 10.38 10.99 -5.06
C PHE A 82 11.51 10.85 -4.05
N ASP A 83 11.63 11.82 -3.16
CA ASP A 83 12.68 11.80 -2.15
C ASP A 83 12.63 10.52 -1.32
N SER A 84 11.42 10.14 -0.90
CA SER A 84 11.22 8.94 -0.11
C SER A 84 9.75 8.56 -0.05
N LEU A 85 9.45 7.52 0.72
CA LEU A 85 8.07 7.05 0.86
C LEU A 85 7.14 8.20 1.22
N THR A 86 7.65 9.16 1.98
CA THR A 86 6.86 10.31 2.39
C THR A 86 6.48 11.17 1.18
N ASP A 87 7.50 11.61 0.44
CA ASP A 87 7.27 12.44 -0.73
C ASP A 87 6.45 11.70 -1.78
N LEU A 88 6.74 10.41 -1.94
CA LEU A 88 6.03 9.58 -2.91
C LEU A 88 4.57 9.41 -2.51
N VAL A 89 4.34 8.85 -1.32
CA VAL A 89 2.98 8.64 -0.83
C VAL A 89 2.21 9.95 -0.77
N GLU A 90 2.73 10.92 -0.03
CA GLU A 90 2.09 12.21 0.11
C GLU A 90 1.60 12.73 -1.25
N HIS A 91 2.52 12.80 -2.21
CA HIS A 91 2.19 13.27 -3.55
C HIS A 91 1.05 12.44 -4.14
N PHE A 92 0.90 11.22 -3.66
CA PHE A 92 -0.14 10.33 -4.15
C PHE A 92 -1.41 10.44 -3.28
N LYS A 93 -1.24 10.96 -2.07
CA LYS A 93 -2.36 11.12 -1.15
C LYS A 93 -3.26 12.28 -1.58
N LYS A 94 -2.73 13.12 -2.47
CA LYS A 94 -3.50 14.28 -2.96
C LYS A 94 -3.96 14.04 -4.40
N THR A 95 -3.12 13.37 -5.19
CA THR A 95 -3.44 13.09 -6.58
C THR A 95 -4.13 11.73 -6.72
N GLY A 96 -3.40 10.67 -6.39
CA GLY A 96 -3.95 9.34 -6.49
C GLY A 96 -3.20 8.46 -7.46
N ILE A 97 -3.31 7.15 -7.29
CA ILE A 97 -2.63 6.20 -8.17
C ILE A 97 -3.60 5.59 -9.18
N GLU A 98 -3.16 5.48 -10.42
CA GLU A 98 -3.98 4.91 -11.48
C GLU A 98 -3.47 3.54 -11.90
N GLU A 99 -4.29 2.51 -11.69
CA GLU A 99 -3.91 1.15 -12.04
C GLU A 99 -4.26 0.85 -13.49
N ALA A 100 -3.53 -0.09 -14.09
CA ALA A 100 -3.77 -0.48 -15.47
C ALA A 100 -5.22 -0.92 -15.68
N SER A 101 -5.64 -1.92 -14.92
CA SER A 101 -7.00 -2.44 -15.03
C SER A 101 -7.99 -1.32 -15.32
N GLY A 102 -7.83 -0.20 -14.62
CA GLY A 102 -8.72 0.93 -14.82
C GLY A 102 -9.30 1.45 -13.52
N ALA A 103 -8.59 1.20 -12.42
CA ALA A 103 -9.04 1.65 -11.11
C ALA A 103 -8.17 2.78 -10.59
N PHE A 104 -8.68 3.51 -9.61
CA PHE A 104 -7.95 4.63 -9.03
C PHE A 104 -7.89 4.51 -7.50
N VAL A 105 -6.71 4.18 -6.98
CA VAL A 105 -6.53 4.03 -5.54
C VAL A 105 -6.37 5.39 -4.87
N TYR A 106 -6.97 5.54 -3.70
CA TYR A 106 -6.90 6.79 -2.95
C TYR A 106 -6.31 6.57 -1.56
N LEU A 107 -5.53 7.52 -1.09
CA LEU A 107 -4.90 7.43 0.23
C LEU A 107 -5.29 8.62 1.10
N ARG A 108 -6.32 8.44 1.91
CA ARG A 108 -6.79 9.49 2.80
C ARG A 108 -6.09 9.41 4.16
N GLN A 109 -5.91 8.20 4.66
CA GLN A 109 -5.26 7.99 5.94
C GLN A 109 -4.54 6.64 5.97
N PRO A 110 -3.38 6.61 6.64
CA PRO A 110 -2.57 5.39 6.76
C PRO A 110 -3.22 4.35 7.66
N TYR A 111 -2.44 3.36 8.07
CA TYR A 111 -2.95 2.29 8.93
C TYR A 111 -2.02 2.08 10.12
N TYR A 112 -2.53 2.35 11.32
CA TYR A 112 -1.74 2.18 12.54
C TYR A 112 -2.09 0.86 13.23
N SER A 113 -1.07 0.17 13.71
CA SER A 113 -1.26 -1.11 14.39
C SER A 113 -0.96 -0.98 15.88
N GLY A 114 0.27 -0.56 16.19
CA GLY A 114 0.66 -0.40 17.58
C GLY A 114 2.15 -0.55 17.78
N PRO A 115 2.63 -0.25 19.00
CA PRO A 115 4.06 -0.34 19.34
C PRO A 115 4.54 -1.78 19.41
N SER A 116 3.63 -2.69 19.78
CA SER A 116 3.97 -4.10 19.88
C SER A 116 3.92 -4.78 18.52
N SER A 117 4.28 -6.06 18.49
CA SER A 117 4.29 -6.82 17.26
C SER A 117 3.76 -8.24 17.48
N GLY A 118 2.72 -8.61 16.76
CA GLY A 118 2.13 -9.93 16.90
C GLY A 118 0.65 -9.89 17.20
N MET B 1 -3.64 -26.57 -10.31
CA MET B 1 -3.18 -25.19 -10.26
C MET B 1 -3.09 -24.69 -8.82
N ASP B 2 -1.94 -24.14 -8.46
CA ASP B 2 -1.73 -23.63 -7.11
C ASP B 2 -0.75 -22.47 -7.12
N ASN B 3 -1.13 -21.36 -6.50
CA ASN B 3 -0.28 -20.18 -6.44
C ASN B 3 -0.38 -19.51 -5.07
N GLN B 4 0.73 -18.92 -4.63
CA GLN B 4 0.77 -18.24 -3.34
C GLN B 4 1.02 -16.75 -3.52
N GLY B 5 0.95 -16.01 -2.42
CA GLY B 5 1.16 -14.58 -2.47
C GLY B 5 0.00 -13.83 -3.08
N VAL B 6 -0.07 -12.53 -2.84
CA VAL B 6 -1.15 -11.70 -3.37
C VAL B 6 -0.77 -11.09 -4.71
N ILE B 7 -1.75 -10.93 -5.58
CA ILE B 7 -1.52 -10.35 -6.90
C ILE B 7 -1.23 -8.85 -6.81
N SER B 9 -1.59 -5.43 -8.87
CA SER B 9 -2.16 -4.72 -10.01
C SER B 9 -1.20 -3.66 -10.54
N ASP B 10 -0.64 -3.92 -11.72
CA ASP B 10 0.30 -2.99 -12.33
C ASP B 10 -0.35 -1.62 -12.51
N LEU B 11 0.45 -0.64 -12.92
CA LEU B 11 -0.03 0.72 -13.13
C LEU B 11 -0.23 1.00 -14.63
N ASN B 12 -0.54 2.25 -14.94
CA ASN B 12 -0.75 2.65 -16.33
C ASN B 12 0.54 3.12 -16.98
N LEU B 13 1.18 4.12 -16.35
CA LEU B 13 2.44 4.66 -16.86
C LEU B 13 3.36 3.54 -17.35
N PRO B 14 3.58 2.54 -16.49
CA PRO B 14 4.44 1.40 -16.81
C PRO B 14 3.81 0.49 -17.85
N PRO B 15 4.65 -0.37 -18.47
CA PRO B 15 4.20 -1.32 -19.50
C PRO B 15 3.33 -2.43 -18.92
N GLY A 1 11.11 0.16 14.96
CA GLY A 1 10.45 0.76 13.80
C GLY A 1 11.11 2.05 13.36
N SER A 2 10.58 3.18 13.80
CA SER A 2 11.12 4.49 13.44
C SER A 2 11.53 5.27 14.68
N SER A 3 12.81 5.62 14.75
CA SER A 3 13.33 6.37 15.89
C SER A 3 12.54 7.67 16.09
N GLY A 4 11.57 7.62 17.00
CA GLY A 4 10.76 8.79 17.28
C GLY A 4 9.32 8.61 16.86
N SER A 5 8.72 9.66 16.33
CA SER A 5 7.33 9.62 15.89
C SER A 5 7.11 8.49 14.89
N SER A 6 6.10 7.67 15.14
CA SER A 6 5.79 6.55 14.26
C SER A 6 5.04 7.03 13.01
N GLY A 7 5.11 6.23 11.95
CA GLY A 7 4.43 6.58 10.72
C GLY A 7 3.62 5.44 10.15
N TRP A 8 3.65 5.29 8.83
CA TRP A 8 2.91 4.22 8.16
C TRP A 8 3.86 3.13 7.66
N TYR A 9 4.99 2.97 8.35
CA TYR A 9 5.97 1.96 7.96
C TYR A 9 5.90 0.75 8.88
N HIS A 10 5.48 -0.38 8.31
CA HIS A 10 5.37 -1.62 9.07
C HIS A 10 6.68 -2.40 9.05
N GLY A 11 7.16 -2.71 7.85
CA GLY A 11 8.40 -3.44 7.72
C GLY A 11 8.19 -4.88 7.30
N HIS A 12 8.47 -5.81 8.20
CA HIS A 12 8.30 -7.23 7.91
C HIS A 12 6.83 -7.63 7.99
N MET A 13 6.33 -8.24 6.93
CA MET A 13 4.94 -8.68 6.89
C MET A 13 4.65 -9.47 5.61
N SER A 14 3.88 -10.56 5.75
CA SER A 14 3.55 -11.40 4.62
C SER A 14 2.47 -10.74 3.75
N GLY A 15 2.64 -10.86 2.44
CA GLY A 15 1.67 -10.27 1.51
C GLY A 15 0.24 -10.52 1.94
N GLY A 16 -0.13 -11.79 2.08
CA GLY A 16 -1.48 -12.13 2.48
C GLY A 16 -1.88 -11.47 3.77
N GLN A 17 -0.90 -11.20 4.63
CA GLN A 17 -1.16 -10.57 5.91
C GLN A 17 -1.77 -9.18 5.72
N ALA A 18 -0.99 -8.28 5.13
CA ALA A 18 -1.45 -6.91 4.89
C ALA A 18 -2.94 -6.90 4.54
N GLU A 19 -3.33 -7.70 3.56
CA GLU A 19 -4.72 -7.77 3.14
C GLU A 19 -5.66 -7.85 4.34
N THR A 20 -5.35 -8.74 5.28
CA THR A 20 -6.16 -8.91 6.47
C THR A 20 -6.20 -7.63 7.30
N LEU A 21 -5.05 -7.25 7.84
CA LEU A 21 -4.96 -6.04 8.65
C LEU A 21 -5.75 -4.90 8.03
N LEU A 22 -5.61 -4.74 6.71
CA LEU A 22 -6.33 -3.69 5.99
C LEU A 22 -7.83 -3.95 5.99
N GLN A 23 -8.22 -5.09 5.43
CA GLN A 23 -9.64 -5.45 5.36
C GLN A 23 -10.30 -5.32 6.73
N ALA A 24 -9.77 -6.07 7.71
CA ALA A 24 -10.30 -6.03 9.06
C ALA A 24 -10.67 -4.61 9.48
N LYS A 25 -9.84 -3.66 9.09
CA LYS A 25 -10.07 -2.25 9.42
C LYS A 25 -11.39 -1.77 8.82
N GLY A 26 -11.64 -2.13 7.56
CA GLY A 26 -12.87 -1.72 6.90
C GLY A 26 -12.85 -0.26 6.52
N GLU A 27 -11.72 0.40 6.71
CA GLU A 27 -11.59 1.81 6.38
C GLU A 27 -11.11 2.00 4.94
N PRO A 28 -11.93 2.69 4.14
CA PRO A 28 -11.62 2.94 2.73
C PRO A 28 -10.47 3.93 2.56
N TRP A 29 -9.64 3.70 1.54
CA TRP A 29 -8.51 4.57 1.27
C TRP A 29 -7.45 4.43 2.36
N THR A 30 -7.36 3.23 2.94
CA THR A 30 -6.39 2.97 4.00
C THR A 30 -5.08 2.43 3.43
N PHE A 31 -4.11 3.32 3.23
CA PHE A 31 -2.82 2.92 2.68
C PHE A 31 -1.86 2.53 3.81
N LEU A 32 -0.83 1.77 3.45
CA LEU A 32 0.17 1.33 4.43
C LEU A 32 1.44 0.86 3.73
N VAL A 33 2.58 1.39 4.17
CA VAL A 33 3.86 1.02 3.58
C VAL A 33 4.48 -0.16 4.32
N ARG A 34 5.19 -1.01 3.57
CA ARG A 34 5.82 -2.19 4.16
C ARG A 34 6.89 -2.73 3.22
N GLU A 35 8.13 -2.79 3.72
CA GLU A 35 9.24 -3.30 2.93
C GLU A 35 8.87 -4.60 2.23
N SER A 36 9.54 -4.88 1.11
CA SER A 36 9.27 -6.09 0.34
C SER A 36 9.52 -7.34 1.18
N LEU A 37 9.37 -8.50 0.57
CA LEU A 37 9.59 -9.76 1.26
C LEU A 37 10.81 -10.50 0.70
N SER A 38 10.93 -10.51 -0.61
CA SER A 38 12.05 -11.18 -1.28
C SER A 38 12.92 -10.17 -2.02
N GLN A 39 12.35 -9.00 -2.28
CA GLN A 39 13.07 -7.94 -2.99
C GLN A 39 13.83 -7.05 -2.01
N PRO A 40 15.16 -7.17 -1.99
CA PRO A 40 16.02 -6.37 -1.11
C PRO A 40 16.07 -4.90 -1.50
N GLY A 41 15.46 -4.06 -0.67
CA GLY A 41 15.45 -2.63 -0.96
C GLY A 41 14.10 -2.16 -1.44
N ASP A 42 13.58 -2.78 -2.49
CA ASP A 42 12.30 -2.41 -3.06
C ASP A 42 11.27 -2.18 -1.94
N PHE A 43 10.15 -1.56 -2.29
CA PHE A 43 9.10 -1.27 -1.33
C PHE A 43 7.73 -1.61 -1.91
N VAL A 44 6.69 -1.36 -1.13
CA VAL A 44 5.31 -1.64 -1.57
C VAL A 44 4.31 -0.73 -0.85
N LEU A 45 3.24 -0.40 -1.53
CA LEU A 45 2.20 0.46 -0.96
C LEU A 45 0.83 -0.19 -1.08
N SER A 46 0.36 -0.79 0.00
CA SER A 46 -0.94 -1.45 0.01
C SER A 46 -2.04 -0.48 0.44
N VAL A 47 -3.14 -0.48 -0.30
CA VAL A 47 -4.27 0.40 0.00
C VAL A 47 -5.59 -0.36 -0.08
N LEU A 48 -6.50 -0.02 0.82
CA LEU A 48 -7.81 -0.68 0.87
C LEU A 48 -8.85 0.18 0.14
N SER A 49 -9.10 -0.16 -1.13
CA SER A 49 -10.08 0.57 -1.93
C SER A 49 -11.43 0.63 -1.22
N ASP A 50 -12.23 1.62 -1.57
CA ASP A 50 -13.55 1.80 -0.97
C ASP A 50 -14.56 0.83 -1.59
N GLN A 51 -14.08 0.00 -2.52
CA GLN A 51 -14.94 -0.96 -3.18
C GLN A 51 -14.82 -2.33 -2.54
N PRO A 52 -15.97 -2.90 -2.14
CA PRO A 52 -16.01 -4.23 -1.50
C PRO A 52 -15.68 -5.35 -2.47
N LYS A 53 -15.27 -6.50 -1.92
CA LYS A 53 -14.92 -7.65 -2.74
C LYS A 53 -16.12 -8.13 -3.55
N ALA A 54 -17.26 -8.28 -2.89
CA ALA A 54 -18.48 -8.72 -3.55
C ALA A 54 -19.60 -7.71 -3.37
N GLY A 55 -19.85 -7.31 -2.12
CA GLY A 55 -20.89 -6.35 -1.85
C GLY A 55 -20.88 -5.87 -0.41
N PRO A 56 -22.07 -5.52 0.11
CA PRO A 56 -22.21 -5.04 1.49
C PRO A 56 -21.97 -6.15 2.52
N GLY A 57 -20.73 -6.30 2.95
CA GLY A 57 -20.39 -7.31 3.93
C GLY A 57 -19.00 -7.88 3.73
N SER A 58 -18.55 -7.89 2.47
CA SER A 58 -17.23 -8.41 2.15
C SER A 58 -16.14 -7.40 2.48
N PRO A 59 -14.93 -7.90 2.77
CA PRO A 59 -13.78 -7.06 3.11
C PRO A 59 -13.27 -6.26 1.92
N LEU A 60 -13.29 -4.94 2.06
CA LEU A 60 -12.84 -4.06 1.00
C LEU A 60 -11.65 -4.67 0.25
N ARG A 61 -11.57 -4.38 -1.05
CA ARG A 61 -10.49 -4.90 -1.88
C ARG A 61 -9.16 -4.24 -1.53
N VAL A 62 -8.07 -4.98 -1.68
CA VAL A 62 -6.74 -4.45 -1.39
C VAL A 62 -5.91 -4.32 -2.65
N THR A 63 -5.21 -3.19 -2.78
CA THR A 63 -4.37 -2.94 -3.95
C THR A 63 -2.90 -2.92 -3.57
N HIS A 64 -2.14 -3.87 -4.11
CA HIS A 64 -0.72 -3.96 -3.83
C HIS A 64 0.10 -3.38 -4.99
N ILE A 65 0.65 -2.19 -4.78
CA ILE A 65 1.45 -1.53 -5.81
C ILE A 65 2.94 -1.63 -5.49
N LYS A 66 3.73 -2.04 -6.48
CA LYS A 66 5.16 -2.18 -6.31
C LYS A 66 5.86 -0.82 -6.40
N VAL A 67 6.62 -0.48 -5.37
CA VAL A 67 7.33 0.79 -5.33
C VAL A 67 8.83 0.58 -5.59
N MET A 68 9.22 0.70 -6.85
CA MET A 68 10.62 0.54 -7.23
C MET A 68 11.49 1.60 -6.57
N CYS A 69 12.81 1.42 -6.67
CA CYS A 69 13.75 2.37 -6.08
C CYS A 69 14.90 2.64 -7.04
N GLU A 70 15.17 3.94 -7.28
CA GLU A 70 16.24 4.34 -8.17
C GLU A 70 17.24 5.23 -7.45
N GLY A 71 18.18 4.61 -6.74
CA GLY A 71 19.18 5.35 -6.02
C GLY A 71 18.58 6.18 -4.89
N GLY A 72 17.85 5.51 -4.00
CA GLY A 72 17.24 6.21 -2.88
C GLY A 72 15.85 6.71 -3.20
N ARG A 73 15.61 7.00 -4.47
CA ARG A 73 14.30 7.49 -4.92
C ARG A 73 13.28 6.36 -4.96
N TYR A 74 12.04 6.70 -5.25
CA TYR A 74 10.96 5.71 -5.33
C TYR A 74 9.97 6.06 -6.44
N THR A 75 9.46 5.04 -7.11
CA THR A 75 8.51 5.23 -8.19
C THR A 75 7.59 4.02 -8.34
N VAL A 76 6.48 4.21 -9.03
CA VAL A 76 5.52 3.13 -9.24
C VAL A 76 5.18 2.98 -10.72
N GLY A 77 6.00 2.20 -11.42
CA GLY A 77 5.78 1.98 -12.84
C GLY A 77 6.20 3.17 -13.68
N GLY A 78 5.75 4.36 -13.28
CA GLY A 78 6.09 5.56 -14.03
C GLY A 78 7.55 5.93 -13.88
N LEU A 79 8.03 6.81 -14.76
CA LEU A 79 9.42 7.25 -14.73
C LEU A 79 9.66 8.23 -13.59
N GLU A 80 8.59 8.91 -13.17
CA GLU A 80 8.69 9.88 -12.07
C GLU A 80 9.49 9.30 -10.91
N THR A 81 9.81 10.16 -9.94
CA THR A 81 10.56 9.73 -8.77
C THR A 81 10.34 10.68 -7.61
N PHE A 82 10.62 10.20 -6.40
CA PHE A 82 10.44 11.01 -5.19
C PHE A 82 11.62 10.82 -4.23
N ASP A 83 12.00 11.90 -3.55
CA ASP A 83 13.11 11.86 -2.62
C ASP A 83 13.00 10.64 -1.69
N SER A 84 11.77 10.28 -1.35
CA SER A 84 11.52 9.14 -0.48
C SER A 84 10.04 8.85 -0.37
N LEU A 85 9.70 7.74 0.30
CA LEU A 85 8.31 7.34 0.47
C LEU A 85 7.44 8.55 0.80
N THR A 86 7.72 9.18 1.96
CA THR A 86 6.97 10.34 2.39
C THR A 86 6.67 11.28 1.22
N ASP A 87 7.69 11.57 0.43
CA ASP A 87 7.53 12.44 -0.73
C ASP A 87 6.65 11.80 -1.79
N LEU A 88 6.82 10.49 -1.99
CA LEU A 88 6.03 9.75 -2.97
C LEU A 88 4.58 9.64 -2.53
N VAL A 89 4.35 8.91 -1.44
CA VAL A 89 3.00 8.72 -0.91
C VAL A 89 2.25 10.04 -0.87
N GLU A 90 2.80 11.01 -0.15
CA GLU A 90 2.17 12.33 -0.03
C GLU A 90 1.65 12.80 -1.38
N HIS A 91 2.55 12.97 -2.33
CA HIS A 91 2.18 13.42 -3.67
C HIS A 91 1.06 12.56 -4.24
N PHE A 92 0.94 11.34 -3.74
CA PHE A 92 -0.09 10.41 -4.21
C PHE A 92 -1.33 10.50 -3.33
N LYS A 93 -1.16 11.06 -2.13
CA LYS A 93 -2.28 11.20 -1.19
C LYS A 93 -3.25 12.27 -1.66
N LYS A 94 -2.77 13.17 -2.52
CA LYS A 94 -3.59 14.25 -3.04
C LYS A 94 -3.96 13.99 -4.49
N THR A 95 -3.01 13.49 -5.27
CA THR A 95 -3.25 13.20 -6.68
C THR A 95 -3.91 11.83 -6.85
N GLY A 96 -3.37 10.82 -6.18
CA GLY A 96 -3.92 9.48 -6.27
C GLY A 96 -3.21 8.63 -7.31
N ILE A 97 -3.44 7.33 -7.25
CA ILE A 97 -2.82 6.41 -8.20
C ILE A 97 -3.85 5.83 -9.16
N GLU A 98 -3.44 5.66 -10.42
CA GLU A 98 -4.33 5.12 -11.44
C GLU A 98 -3.81 3.78 -11.96
N GLU A 99 -4.24 2.69 -11.32
CA GLU A 99 -3.82 1.35 -11.72
C GLU A 99 -4.13 1.10 -13.19
N ALA A 100 -3.40 0.16 -13.79
CA ALA A 100 -3.61 -0.17 -15.20
C ALA A 100 -5.05 -0.58 -15.46
N SER A 101 -5.50 -1.64 -14.79
CA SER A 101 -6.86 -2.13 -14.96
C SER A 101 -7.84 -0.97 -15.16
N GLY A 102 -7.60 0.12 -14.45
CA GLY A 102 -8.47 1.29 -14.57
C GLY A 102 -9.05 1.71 -13.24
N ALA A 103 -8.36 1.39 -12.15
CA ALA A 103 -8.81 1.74 -10.82
C ALA A 103 -8.04 2.93 -10.27
N PHE A 104 -8.70 3.72 -9.43
CA PHE A 104 -8.07 4.89 -8.82
C PHE A 104 -7.95 4.73 -7.31
N VAL A 105 -6.74 4.46 -6.84
CA VAL A 105 -6.48 4.28 -5.41
C VAL A 105 -6.30 5.62 -4.72
N TYR A 106 -6.98 5.81 -3.60
CA TYR A 106 -6.88 7.05 -2.84
C TYR A 106 -6.31 6.79 -1.45
N LEU A 107 -5.43 7.69 -1.02
CA LEU A 107 -4.80 7.57 0.29
C LEU A 107 -5.21 8.72 1.21
N ARG A 108 -6.22 8.47 2.04
CA ARG A 108 -6.71 9.48 2.97
C ARG A 108 -5.99 9.39 4.32
N GLN A 109 -5.90 8.18 4.84
CA GLN A 109 -5.24 7.95 6.13
C GLN A 109 -4.48 6.62 6.12
N PRO A 110 -3.31 6.61 6.78
CA PRO A 110 -2.46 5.42 6.88
C PRO A 110 -3.08 4.33 7.73
N TYR A 111 -2.27 3.35 8.12
CA TYR A 111 -2.74 2.25 8.94
C TYR A 111 -1.70 1.86 9.98
N TYR A 112 -2.08 1.95 11.26
CA TYR A 112 -1.18 1.62 12.35
C TYR A 112 -1.52 0.26 12.94
N SER A 113 -0.50 -0.46 13.40
CA SER A 113 -0.70 -1.78 13.99
C SER A 113 -0.20 -1.81 15.44
N GLY A 114 -0.48 -2.90 16.13
CA GLY A 114 -0.06 -3.03 17.51
C GLY A 114 -1.23 -3.27 18.46
N PRO A 115 -1.76 -2.18 19.04
CA PRO A 115 -2.88 -2.24 19.97
C PRO A 115 -4.18 -2.64 19.28
N SER A 116 -4.21 -2.52 17.95
CA SER A 116 -5.40 -2.85 17.18
C SER A 116 -5.70 -4.34 17.29
N SER A 117 -6.78 -4.66 18.00
CA SER A 117 -7.19 -6.06 18.17
C SER A 117 -6.02 -6.91 18.65
N GLY A 118 -5.36 -6.46 19.72
CA GLY A 118 -4.23 -7.19 20.26
C GLY A 118 -3.93 -6.81 21.71
N MET B 1 5.49 -26.35 1.74
CA MET B 1 4.27 -25.56 1.81
C MET B 1 4.59 -24.07 1.95
N ASP B 2 5.61 -23.63 1.22
CA ASP B 2 6.02 -22.23 1.26
C ASP B 2 4.97 -21.33 0.60
N ASN B 3 4.99 -20.06 0.97
CA ASN B 3 4.03 -19.10 0.43
C ASN B 3 4.69 -18.21 -0.61
N GLN B 4 4.01 -18.01 -1.74
CA GLN B 4 4.53 -17.18 -2.81
C GLN B 4 4.30 -15.70 -2.53
N GLY B 5 3.03 -15.33 -2.32
CA GLY B 5 2.70 -13.94 -2.04
C GLY B 5 1.43 -13.50 -2.74
N VAL B 6 1.14 -12.21 -2.65
CA VAL B 6 -0.05 -11.65 -3.28
C VAL B 6 0.30 -10.92 -4.57
N ILE B 7 -0.68 -10.83 -5.48
CA ILE B 7 -0.46 -10.16 -6.75
C ILE B 7 -0.36 -8.65 -6.57
N SER B 9 -0.91 -4.84 -8.31
CA SER B 9 -1.61 -4.11 -9.36
C SER B 9 -0.70 -3.05 -9.98
N ASP B 10 -0.38 -3.23 -11.26
CA ASP B 10 0.49 -2.29 -11.97
C ASP B 10 -0.23 -0.97 -12.21
N LEU B 11 0.45 -0.05 -12.87
CA LEU B 11 -0.13 1.25 -13.17
C LEU B 11 -0.58 1.34 -14.63
N ASN B 12 -1.00 2.53 -15.04
CA ASN B 12 -1.45 2.74 -16.42
C ASN B 12 -0.26 2.88 -17.36
N LEU B 13 0.63 3.81 -17.05
CA LEU B 13 1.81 4.05 -17.88
C LEU B 13 2.46 2.74 -18.29
N PRO B 14 2.72 1.87 -17.30
CA PRO B 14 3.33 0.55 -17.54
C PRO B 14 2.39 -0.40 -18.27
N PRO B 15 2.97 -1.48 -18.83
CA PRO B 15 2.19 -2.49 -19.56
C PRO B 15 1.29 -3.32 -18.65
N GLY A 1 6.02 12.25 25.10
CA GLY A 1 7.32 11.63 24.92
C GLY A 1 7.96 12.03 23.61
N SER A 2 9.04 11.34 23.24
CA SER A 2 9.76 11.63 22.01
C SER A 2 9.13 10.89 20.83
N SER A 3 9.45 11.33 19.62
CA SER A 3 8.92 10.71 18.42
C SER A 3 9.90 10.85 17.25
N GLY A 4 10.45 9.71 16.81
CA GLY A 4 11.40 9.73 15.72
C GLY A 4 10.75 9.37 14.40
N SER A 5 11.57 8.91 13.45
CA SER A 5 11.07 8.53 12.13
C SER A 5 10.05 7.40 12.23
N SER A 6 8.78 7.73 12.09
CA SER A 6 7.71 6.75 12.17
C SER A 6 6.37 7.34 11.73
N GLY A 7 5.52 6.52 11.16
CA GLY A 7 4.21 6.98 10.71
C GLY A 7 3.34 5.86 10.17
N TRP A 8 3.58 5.48 8.93
CA TRP A 8 2.82 4.41 8.29
C TRP A 8 3.73 3.26 7.87
N TYR A 9 4.83 3.09 8.59
CA TYR A 9 5.78 2.03 8.29
C TYR A 9 5.68 0.90 9.30
N HIS A 10 5.43 -0.31 8.80
CA HIS A 10 5.30 -1.48 9.66
C HIS A 10 6.61 -2.27 9.70
N GLY A 11 6.95 -2.91 8.58
CA GLY A 11 8.17 -3.69 8.52
C GLY A 11 7.91 -5.15 8.25
N HIS A 12 8.32 -6.01 9.19
CA HIS A 12 8.12 -7.44 9.05
C HIS A 12 6.67 -7.77 8.76
N MET A 13 6.28 -7.70 7.49
CA MET A 13 4.91 -7.99 7.08
C MET A 13 4.89 -8.78 5.78
N SER A 14 3.93 -9.71 5.67
CA SER A 14 3.81 -10.53 4.47
C SER A 14 2.55 -10.15 3.68
N GLY A 15 2.54 -10.50 2.40
CA GLY A 15 1.39 -10.19 1.57
C GLY A 15 0.07 -10.58 2.22
N GLY A 16 -0.21 -11.87 2.25
CA GLY A 16 -1.44 -12.35 2.86
C GLY A 16 -1.80 -11.58 4.11
N GLN A 17 -0.78 -11.16 4.87
CA GLN A 17 -1.01 -10.41 6.10
C GLN A 17 -1.62 -9.05 5.80
N ALA A 18 -0.85 -8.20 5.13
CA ALA A 18 -1.32 -6.86 4.80
C ALA A 18 -2.82 -6.86 4.49
N GLU A 19 -3.25 -7.78 3.63
CA GLU A 19 -4.65 -7.88 3.26
C GLU A 19 -5.53 -8.02 4.49
N THR A 20 -5.15 -8.94 5.39
CA THR A 20 -5.91 -9.17 6.61
C THR A 20 -6.04 -7.89 7.42
N LEU A 21 -4.91 -7.25 7.70
CA LEU A 21 -4.90 -6.01 8.47
C LEU A 21 -5.80 -4.96 7.82
N LEU A 22 -5.49 -4.61 6.58
CA LEU A 22 -6.27 -3.62 5.84
C LEU A 22 -7.75 -3.99 5.83
N GLN A 23 -8.06 -5.14 5.25
CA GLN A 23 -9.44 -5.60 5.17
C GLN A 23 -10.12 -5.53 6.52
N ALA A 24 -9.48 -6.10 7.54
CA ALA A 24 -10.01 -6.09 8.90
C ALA A 24 -10.38 -4.68 9.33
N LYS A 25 -9.57 -3.71 8.94
CA LYS A 25 -9.82 -2.31 9.28
C LYS A 25 -11.18 -1.85 8.78
N GLY A 26 -11.51 -2.25 7.55
CA GLY A 26 -12.79 -1.87 6.97
C GLY A 26 -12.85 -0.40 6.60
N GLU A 27 -11.71 0.28 6.70
CA GLU A 27 -11.63 1.70 6.36
C GLU A 27 -11.14 1.89 4.93
N PRO A 28 -11.98 2.54 4.10
CA PRO A 28 -11.66 2.81 2.70
C PRO A 28 -10.54 3.85 2.55
N TRP A 29 -9.68 3.63 1.57
CA TRP A 29 -8.56 4.54 1.31
C TRP A 29 -7.51 4.42 2.40
N THR A 30 -7.36 3.22 2.96
CA THR A 30 -6.39 2.96 4.00
C THR A 30 -5.07 2.47 3.43
N PHE A 31 -4.09 3.37 3.32
CA PHE A 31 -2.78 3.02 2.78
C PHE A 31 -1.81 2.68 3.90
N LEU A 32 -0.74 1.98 3.56
CA LEU A 32 0.28 1.58 4.53
C LEU A 32 1.53 1.08 3.84
N VAL A 33 2.68 1.40 4.41
CA VAL A 33 3.97 0.97 3.85
C VAL A 33 4.47 -0.29 4.53
N ARG A 34 4.96 -1.24 3.73
CA ARG A 34 5.47 -2.50 4.25
C ARG A 34 6.66 -2.98 3.43
N GLU A 35 7.85 -2.95 4.04
CA GLU A 35 9.07 -3.39 3.38
C GLU A 35 8.86 -4.73 2.69
N SER A 36 9.08 -4.75 1.37
CA SER A 36 8.91 -5.97 0.59
C SER A 36 9.80 -7.09 1.12
N LEU A 37 9.36 -8.33 0.94
CA LEU A 37 10.12 -9.49 1.40
C LEU A 37 11.03 -10.02 0.31
N SER A 38 10.49 -10.16 -0.90
CA SER A 38 11.26 -10.66 -2.03
C SER A 38 12.49 -9.79 -2.27
N GLN A 39 12.26 -8.53 -2.64
CA GLN A 39 13.35 -7.60 -2.91
C GLN A 39 13.67 -6.78 -1.66
N PRO A 40 14.79 -7.11 -1.01
CA PRO A 40 15.24 -6.41 0.20
C PRO A 40 15.72 -5.00 -0.09
N GLY A 41 15.60 -4.58 -1.35
CA GLY A 41 16.02 -3.25 -1.73
C GLY A 41 14.85 -2.38 -2.19
N ASP A 42 13.74 -3.02 -2.56
CA ASP A 42 12.56 -2.30 -3.02
C ASP A 42 11.50 -2.25 -1.92
N PHE A 43 10.43 -1.52 -2.18
CA PHE A 43 9.34 -1.39 -1.22
C PHE A 43 7.99 -1.69 -1.87
N VAL A 44 6.92 -1.55 -1.09
CA VAL A 44 5.57 -1.81 -1.59
C VAL A 44 4.56 -0.91 -0.89
N LEU A 45 3.49 -0.56 -1.61
CA LEU A 45 2.44 0.29 -1.06
C LEU A 45 1.08 -0.36 -1.24
N SER A 46 0.43 -0.66 -0.12
CA SER A 46 -0.90 -1.28 -0.14
C SER A 46 -1.97 -0.28 0.25
N VAL A 47 -3.17 -0.45 -0.32
CA VAL A 47 -4.28 0.44 -0.02
C VAL A 47 -5.61 -0.30 -0.12
N LEU A 48 -6.47 -0.09 0.87
CA LEU A 48 -7.78 -0.73 0.90
C LEU A 48 -8.83 0.12 0.18
N SER A 49 -9.09 -0.22 -1.09
CA SER A 49 -10.06 0.52 -1.88
C SER A 49 -11.44 0.46 -1.23
N ASP A 50 -12.28 1.42 -1.58
CA ASP A 50 -13.64 1.49 -1.03
C ASP A 50 -14.57 0.53 -1.77
N GLN A 51 -14.02 -0.20 -2.73
CA GLN A 51 -14.80 -1.16 -3.52
C GLN A 51 -14.77 -2.54 -2.87
N PRO A 52 -15.94 -2.97 -2.34
CA PRO A 52 -16.07 -4.27 -1.68
C PRO A 52 -15.98 -5.42 -2.68
N LYS A 53 -15.50 -6.57 -2.19
CA LYS A 53 -15.36 -7.76 -3.04
C LYS A 53 -16.72 -8.22 -3.56
N ALA A 54 -17.64 -8.48 -2.64
CA ALA A 54 -18.98 -8.92 -3.01
C ALA A 54 -20.05 -8.16 -2.22
N GLY A 55 -20.51 -7.05 -2.78
CA GLY A 55 -21.52 -6.25 -2.12
C GLY A 55 -21.12 -5.87 -0.71
N PRO A 56 -22.10 -5.39 0.08
CA PRO A 56 -21.88 -4.98 1.47
C PRO A 56 -21.58 -6.16 2.39
N GLY A 57 -20.54 -6.01 3.21
CA GLY A 57 -20.18 -7.07 4.13
C GLY A 57 -18.81 -7.66 3.82
N SER A 58 -18.54 -7.89 2.54
CA SER A 58 -17.25 -8.45 2.12
C SER A 58 -16.11 -7.49 2.44
N PRO A 59 -14.90 -8.04 2.63
CA PRO A 59 -13.71 -7.25 2.93
C PRO A 59 -13.25 -6.41 1.74
N LEU A 60 -13.20 -5.10 1.93
CA LEU A 60 -12.77 -4.19 0.87
C LEU A 60 -11.57 -4.76 0.12
N ARG A 61 -11.49 -4.45 -1.17
CA ARG A 61 -10.39 -4.92 -2.01
C ARG A 61 -9.07 -4.24 -1.61
N VAL A 62 -7.97 -4.95 -1.81
CA VAL A 62 -6.65 -4.41 -1.48
C VAL A 62 -5.79 -4.25 -2.73
N THR A 63 -5.27 -3.05 -2.94
CA THR A 63 -4.43 -2.77 -4.10
C THR A 63 -2.95 -2.79 -3.72
N HIS A 64 -2.25 -3.84 -4.13
CA HIS A 64 -0.83 -3.98 -3.85
C HIS A 64 0.02 -3.46 -5.01
N ILE A 65 0.74 -2.37 -4.79
CA ILE A 65 1.58 -1.79 -5.81
C ILE A 65 3.04 -1.79 -5.39
N LYS A 66 3.90 -2.38 -6.23
CA LYS A 66 5.33 -2.44 -5.94
C LYS A 66 5.98 -1.09 -6.13
N VAL A 67 6.80 -0.68 -5.17
CA VAL A 67 7.50 0.60 -5.23
C VAL A 67 8.95 0.41 -5.65
N MET A 68 9.23 0.68 -6.92
CA MET A 68 10.59 0.54 -7.45
C MET A 68 11.53 1.56 -6.80
N CYS A 69 12.82 1.30 -6.90
CA CYS A 69 13.83 2.19 -6.32
C CYS A 69 14.90 2.54 -7.35
N GLU A 70 15.04 3.82 -7.62
CA GLU A 70 16.04 4.30 -8.58
C GLU A 70 17.05 5.22 -7.92
N GLY A 71 18.24 4.69 -7.65
CA GLY A 71 19.27 5.48 -7.02
C GLY A 71 18.79 6.19 -5.76
N GLY A 72 18.27 5.41 -4.81
CA GLY A 72 17.77 5.99 -3.58
C GLY A 72 16.35 6.51 -3.71
N ARG A 73 16.01 7.02 -4.89
CA ARG A 73 14.67 7.55 -5.14
C ARG A 73 13.67 6.41 -5.34
N TYR A 74 12.39 6.75 -5.30
CA TYR A 74 11.33 5.76 -5.48
C TYR A 74 10.37 6.19 -6.60
N THR A 75 9.78 5.20 -7.26
CA THR A 75 8.84 5.47 -8.35
C THR A 75 7.90 4.29 -8.56
N VAL A 76 6.80 4.54 -9.27
CA VAL A 76 5.83 3.50 -9.54
C VAL A 76 5.54 3.40 -11.05
N GLY A 77 6.35 2.59 -11.74
CA GLY A 77 6.17 2.42 -13.17
C GLY A 77 6.65 3.62 -13.96
N GLY A 78 6.08 4.78 -13.68
CA GLY A 78 6.46 5.99 -14.39
C GLY A 78 7.91 6.34 -14.18
N LEU A 79 8.41 7.27 -14.98
CA LEU A 79 9.81 7.70 -14.87
C LEU A 79 10.00 8.64 -13.68
N GLU A 80 8.92 9.29 -13.26
CA GLU A 80 8.98 10.20 -12.12
C GLU A 80 9.75 9.58 -10.96
N THR A 81 10.04 10.39 -9.95
CA THR A 81 10.77 9.93 -8.78
C THR A 81 10.45 10.79 -7.56
N PHE A 82 10.68 10.22 -6.38
CA PHE A 82 10.41 10.94 -5.13
C PHE A 82 11.55 10.73 -4.14
N ASP A 83 11.70 11.68 -3.21
CA ASP A 83 12.74 11.60 -2.20
C ASP A 83 12.66 10.28 -1.43
N SER A 84 11.46 9.93 -1.01
CA SER A 84 11.25 8.70 -0.25
C SER A 84 9.75 8.40 -0.12
N LEU A 85 9.44 7.28 0.53
CA LEU A 85 8.05 6.87 0.72
C LEU A 85 7.20 8.06 1.17
N THR A 86 7.82 9.02 1.84
CA THR A 86 7.13 10.20 2.32
C THR A 86 6.75 11.13 1.16
N ASP A 87 7.72 11.42 0.32
CA ASP A 87 7.50 12.30 -0.83
C ASP A 87 6.62 11.61 -1.86
N LEU A 88 6.83 10.31 -2.05
CA LEU A 88 6.06 9.53 -3.02
C LEU A 88 4.61 9.40 -2.56
N VAL A 89 4.42 8.76 -1.41
CA VAL A 89 3.08 8.55 -0.86
C VAL A 89 2.33 9.88 -0.76
N GLU A 90 2.90 10.82 -0.03
CA GLU A 90 2.27 12.12 0.16
C GLU A 90 1.74 12.66 -1.17
N HIS A 91 2.63 12.79 -2.15
CA HIS A 91 2.25 13.29 -3.47
C HIS A 91 1.12 12.46 -4.06
N PHE A 92 0.98 11.22 -3.57
CA PHE A 92 -0.06 10.33 -4.05
C PHE A 92 -1.31 10.42 -3.19
N LYS A 93 -1.15 11.00 -2.01
CA LYS A 93 -2.27 11.15 -1.08
C LYS A 93 -3.20 12.27 -1.52
N LYS A 94 -2.71 13.12 -2.43
CA LYS A 94 -3.49 14.23 -2.93
C LYS A 94 -3.95 13.97 -4.37
N THR A 95 -3.10 13.32 -5.14
CA THR A 95 -3.43 13.00 -6.53
C THR A 95 -4.09 11.64 -6.63
N GLY A 96 -3.34 10.58 -6.36
CA GLY A 96 -3.88 9.24 -6.43
C GLY A 96 -3.24 8.41 -7.54
N ILE A 97 -3.17 7.11 -7.33
CA ILE A 97 -2.59 6.21 -8.32
C ILE A 97 -3.66 5.61 -9.22
N GLU A 98 -3.34 5.49 -10.51
CA GLU A 98 -4.27 4.93 -11.48
C GLU A 98 -3.82 3.56 -11.94
N GLU A 99 -4.65 2.55 -11.67
CA GLU A 99 -4.34 1.17 -12.05
C GLU A 99 -4.79 0.89 -13.48
N ALA A 100 -3.99 0.11 -14.20
CA ALA A 100 -4.31 -0.24 -15.58
C ALA A 100 -5.81 -0.48 -15.75
N SER A 101 -6.32 -1.49 -15.05
CA SER A 101 -7.73 -1.83 -15.13
C SER A 101 -8.59 -0.57 -15.29
N GLY A 102 -8.19 0.49 -14.60
CA GLY A 102 -8.93 1.73 -14.67
C GLY A 102 -9.42 2.21 -13.32
N ALA A 103 -8.78 1.72 -12.26
CA ALA A 103 -9.15 2.09 -10.90
C ALA A 103 -8.24 3.21 -10.38
N PHE A 104 -8.74 3.95 -9.39
CA PHE A 104 -7.99 5.04 -8.80
C PHE A 104 -7.90 4.90 -7.29
N VAL A 105 -6.72 4.52 -6.81
CA VAL A 105 -6.50 4.35 -5.37
C VAL A 105 -6.36 5.69 -4.66
N TYR A 106 -7.05 5.83 -3.53
CA TYR A 106 -7.00 7.06 -2.76
C TYR A 106 -6.42 6.81 -1.37
N LEU A 107 -5.50 7.68 -0.96
CA LEU A 107 -4.87 7.55 0.35
C LEU A 107 -5.28 8.71 1.27
N ARG A 108 -6.31 8.49 2.07
CA ARG A 108 -6.79 9.52 2.98
C ARG A 108 -6.12 9.39 4.34
N GLN A 109 -6.06 8.17 4.86
CA GLN A 109 -5.43 7.91 6.15
C GLN A 109 -4.64 6.61 6.13
N PRO A 110 -3.49 6.62 6.81
CA PRO A 110 -2.60 5.44 6.87
C PRO A 110 -3.20 4.32 7.72
N TYR A 111 -2.36 3.37 8.12
CA TYR A 111 -2.80 2.25 8.92
C TYR A 111 -1.83 1.97 10.07
N TYR A 112 -2.29 2.21 11.29
CA TYR A 112 -1.45 1.99 12.47
C TYR A 112 -1.82 0.68 13.16
N SER A 113 -0.96 -0.32 13.00
CA SER A 113 -1.20 -1.63 13.61
C SER A 113 -1.56 -1.49 15.08
N GLY A 114 -0.66 -0.88 15.85
CA GLY A 114 -0.91 -0.69 17.27
C GLY A 114 0.34 -0.87 18.10
N PRO A 115 0.45 -0.09 19.19
CA PRO A 115 1.60 -0.16 20.10
C PRO A 115 1.65 -1.45 20.90
N SER A 116 2.31 -2.46 20.34
CA SER A 116 2.42 -3.75 21.00
C SER A 116 3.79 -4.38 20.75
N SER A 117 4.34 -5.01 21.77
CA SER A 117 5.65 -5.65 21.67
C SER A 117 5.53 -7.16 21.78
N GLY A 118 4.77 -7.75 20.87
CA GLY A 118 4.59 -9.20 20.87
C GLY A 118 5.46 -9.89 19.86
N MET B 1 -9.51 -18.02 -3.96
CA MET B 1 -8.61 -17.70 -2.86
C MET B 1 -7.16 -17.79 -3.31
N ASP B 2 -6.31 -16.95 -2.72
CA ASP B 2 -4.89 -16.93 -3.06
C ASP B 2 -4.04 -17.00 -1.80
N ASN B 3 -3.18 -18.01 -1.72
CA ASN B 3 -2.31 -18.18 -0.57
C ASN B 3 -0.85 -17.87 -0.94
N GLN B 4 -0.37 -18.51 -2.00
CA GLN B 4 1.00 -18.32 -2.45
C GLN B 4 1.41 -16.85 -2.34
N GLY B 5 0.52 -15.97 -2.76
CA GLY B 5 0.81 -14.54 -2.70
C GLY B 5 -0.38 -13.69 -3.08
N VAL B 6 -0.21 -12.38 -3.01
CA VAL B 6 -1.29 -11.45 -3.35
C VAL B 6 -1.03 -10.79 -4.70
N ILE B 7 -2.10 -10.63 -5.49
CA ILE B 7 -1.99 -10.02 -6.81
C ILE B 7 -1.60 -8.54 -6.69
N SER B 9 -2.01 -4.89 -8.71
CA SER B 9 -2.64 -4.11 -9.77
C SER B 9 -1.64 -3.13 -10.40
N ASP B 10 -1.22 -3.43 -11.62
CA ASP B 10 -0.28 -2.59 -12.34
C ASP B 10 -0.86 -1.19 -12.54
N LEU B 11 -0.06 -0.32 -13.17
CA LEU B 11 -0.50 1.05 -13.44
C LEU B 11 -0.79 1.26 -14.92
N ASN B 12 -1.09 2.50 -15.29
CA ASN B 12 -1.38 2.82 -16.67
C ASN B 12 -0.11 3.12 -17.45
N LEU B 13 0.69 4.05 -16.94
CA LEU B 13 1.94 4.43 -17.58
C LEU B 13 2.67 3.20 -18.13
N PRO B 14 2.84 2.19 -17.27
CA PRO B 14 3.52 0.95 -17.63
C PRO B 14 2.69 0.10 -18.60
N PRO B 15 3.38 -0.74 -19.38
CA PRO B 15 2.72 -1.61 -20.36
C PRO B 15 1.93 -2.73 -19.70
N GLY A 1 15.40 -0.74 17.20
CA GLY A 1 14.83 -1.38 18.36
C GLY A 1 13.61 -0.65 18.89
N SER A 2 13.85 0.51 19.52
CA SER A 2 12.76 1.31 20.07
C SER A 2 12.09 2.14 18.98
N SER A 3 10.77 2.12 18.97
CA SER A 3 9.99 2.86 17.97
C SER A 3 9.70 4.28 18.47
N GLY A 4 9.90 5.26 17.60
CA GLY A 4 9.66 6.64 17.97
C GLY A 4 8.50 7.25 17.20
N SER A 5 8.77 7.71 15.99
CA SER A 5 7.73 8.32 15.16
C SER A 5 6.75 7.27 14.66
N SER A 6 5.47 7.52 14.90
CA SER A 6 4.42 6.58 14.48
C SER A 6 3.92 6.93 13.08
N GLY A 7 4.55 6.35 12.07
CA GLY A 7 4.16 6.61 10.70
C GLY A 7 3.26 5.52 10.13
N TRP A 8 3.46 5.20 8.86
CA TRP A 8 2.66 4.16 8.21
C TRP A 8 3.54 3.03 7.70
N TYR A 9 4.70 2.86 8.34
CA TYR A 9 5.64 1.81 7.95
C TYR A 9 5.47 0.57 8.83
N HIS A 10 5.07 -0.54 8.21
CA HIS A 10 4.88 -1.79 8.94
C HIS A 10 5.88 -2.84 8.48
N GLY A 11 7.13 -2.67 8.91
CA GLY A 11 8.17 -3.62 8.55
C GLY A 11 7.93 -5.00 9.13
N HIS A 12 8.67 -5.98 8.62
CA HIS A 12 8.54 -7.35 9.10
C HIS A 12 7.13 -7.89 8.82
N MET A 13 6.54 -7.44 7.72
CA MET A 13 5.21 -7.88 7.34
C MET A 13 5.23 -8.59 5.99
N SER A 14 4.23 -9.45 5.78
CA SER A 14 4.13 -10.21 4.53
C SER A 14 2.99 -9.70 3.66
N GLY A 15 3.06 -9.98 2.37
CA GLY A 15 2.02 -9.53 1.46
C GLY A 15 0.63 -9.95 1.92
N GLY A 16 0.35 -11.25 1.84
CA GLY A 16 -0.95 -11.75 2.25
C GLY A 16 -1.40 -11.18 3.59
N GLN A 17 -0.43 -10.77 4.40
CA GLN A 17 -0.74 -10.20 5.71
C GLN A 17 -1.42 -8.85 5.57
N ALA A 18 -0.72 -7.89 4.98
CA ALA A 18 -1.27 -6.55 4.79
C ALA A 18 -2.75 -6.61 4.46
N GLU A 19 -3.12 -7.49 3.54
CA GLU A 19 -4.51 -7.64 3.14
C GLU A 19 -5.42 -7.80 4.37
N THR A 20 -5.01 -8.67 5.28
CA THR A 20 -5.78 -8.91 6.50
C THR A 20 -5.88 -7.66 7.35
N LEU A 21 -4.73 -7.15 7.78
CA LEU A 21 -4.69 -5.95 8.61
C LEU A 21 -5.54 -4.83 8.00
N LEU A 22 -5.39 -4.64 6.69
CA LEU A 22 -6.15 -3.61 5.99
C LEU A 22 -7.64 -3.93 5.98
N GLN A 23 -7.99 -5.06 5.37
CA GLN A 23 -9.38 -5.48 5.30
C GLN A 23 -10.05 -5.40 6.67
N ALA A 24 -9.48 -6.11 7.64
CA ALA A 24 -10.02 -6.12 9.00
C ALA A 24 -10.46 -4.72 9.42
N LYS A 25 -9.66 -3.72 9.07
CA LYS A 25 -9.96 -2.34 9.41
C LYS A 25 -11.29 -1.90 8.79
N GLY A 26 -11.50 -2.29 7.54
CA GLY A 26 -12.73 -1.94 6.85
C GLY A 26 -12.79 -0.47 6.50
N GLU A 27 -11.67 0.23 6.68
CA GLU A 27 -11.59 1.66 6.38
C GLU A 27 -11.13 1.88 4.95
N PRO A 28 -11.98 2.55 4.15
CA PRO A 28 -11.68 2.85 2.74
C PRO A 28 -10.57 3.88 2.59
N TRP A 29 -9.72 3.69 1.60
CA TRP A 29 -8.62 4.61 1.36
C TRP A 29 -7.54 4.48 2.43
N THR A 30 -7.41 3.29 2.99
CA THR A 30 -6.43 3.04 4.04
C THR A 30 -5.13 2.50 3.46
N PHE A 31 -4.14 3.39 3.33
CA PHE A 31 -2.84 3.01 2.79
C PHE A 31 -1.88 2.61 3.90
N LEU A 32 -0.87 1.83 3.55
CA LEU A 32 0.13 1.38 4.52
C LEU A 32 1.39 0.90 3.82
N VAL A 33 2.54 1.32 4.34
CA VAL A 33 3.83 0.92 3.77
C VAL A 33 4.38 -0.32 4.44
N ARG A 34 5.14 -1.11 3.70
CA ARG A 34 5.73 -2.33 4.24
C ARG A 34 6.89 -2.81 3.35
N GLU A 35 7.92 -3.34 3.98
CA GLU A 35 9.09 -3.83 3.26
C GLU A 35 8.70 -4.92 2.28
N SER A 36 9.57 -5.18 1.30
CA SER A 36 9.31 -6.20 0.29
C SER A 36 10.24 -7.39 0.48
N LEU A 37 9.86 -8.30 1.36
CA LEU A 37 10.65 -9.50 1.63
C LEU A 37 11.26 -10.04 0.34
N SER A 38 10.41 -10.49 -0.57
CA SER A 38 10.86 -11.05 -1.84
C SER A 38 12.09 -10.28 -2.35
N GLN A 39 11.87 -9.09 -2.86
CA GLN A 39 12.95 -8.27 -3.39
C GLN A 39 13.57 -7.41 -2.28
N PRO A 40 14.80 -7.77 -1.89
CA PRO A 40 15.53 -7.05 -0.83
C PRO A 40 15.97 -5.66 -1.27
N GLY A 41 15.38 -4.64 -0.66
CA GLY A 41 15.72 -3.27 -1.01
C GLY A 41 14.52 -2.47 -1.46
N ASP A 42 13.73 -3.04 -2.37
CA ASP A 42 12.55 -2.37 -2.89
C ASP A 42 11.49 -2.25 -1.80
N PHE A 43 10.34 -1.66 -2.17
CA PHE A 43 9.25 -1.47 -1.23
C PHE A 43 7.91 -1.74 -1.90
N VAL A 44 6.84 -1.76 -1.09
CA VAL A 44 5.50 -2.00 -1.61
C VAL A 44 4.49 -1.08 -0.96
N LEU A 45 3.46 -0.71 -1.71
CA LEU A 45 2.40 0.17 -1.21
C LEU A 45 1.04 -0.50 -1.30
N SER A 46 0.37 -0.64 -0.15
CA SER A 46 -0.94 -1.25 -0.12
C SER A 46 -2.02 -0.24 0.26
N VAL A 47 -3.22 -0.41 -0.31
CA VAL A 47 -4.32 0.50 -0.05
C VAL A 47 -5.66 -0.24 -0.12
N LEU A 48 -6.51 0.00 0.86
CA LEU A 48 -7.83 -0.63 0.91
C LEU A 48 -8.87 0.22 0.18
N SER A 49 -9.14 -0.13 -1.08
CA SER A 49 -10.10 0.62 -1.88
C SER A 49 -11.49 0.56 -1.24
N ASP A 50 -12.32 1.54 -1.55
CA ASP A 50 -13.67 1.61 -1.00
C ASP A 50 -14.59 0.61 -1.71
N GLN A 51 -14.03 -0.14 -2.65
CA GLN A 51 -14.79 -1.13 -3.40
C GLN A 51 -14.79 -2.48 -2.69
N PRO A 52 -15.97 -2.93 -2.25
CA PRO A 52 -16.12 -4.21 -1.55
C PRO A 52 -15.89 -5.40 -2.47
N LYS A 53 -15.27 -6.44 -1.94
CA LYS A 53 -15.00 -7.65 -2.71
C LYS A 53 -16.25 -8.14 -3.43
N ALA A 54 -17.35 -8.25 -2.69
CA ALA A 54 -18.62 -8.70 -3.26
C ALA A 54 -19.70 -7.64 -3.07
N GLY A 55 -19.86 -7.18 -1.84
CA GLY A 55 -20.87 -6.17 -1.54
C GLY A 55 -20.85 -5.73 -0.10
N PRO A 56 -22.02 -5.38 0.44
CA PRO A 56 -22.16 -4.93 1.84
C PRO A 56 -21.91 -6.06 2.83
N GLY A 57 -20.65 -6.20 3.26
CA GLY A 57 -20.31 -7.23 4.22
C GLY A 57 -18.93 -7.81 3.98
N SER A 58 -18.52 -7.85 2.71
CA SER A 58 -17.22 -8.38 2.34
C SER A 58 -16.11 -7.38 2.64
N PRO A 59 -14.90 -7.88 2.89
CA PRO A 59 -13.73 -7.05 3.19
C PRO A 59 -13.26 -6.25 1.99
N LEU A 60 -13.30 -4.92 2.11
CA LEU A 60 -12.87 -4.04 1.03
C LEU A 60 -11.71 -4.65 0.26
N ARG A 61 -11.60 -4.30 -1.02
CA ARG A 61 -10.54 -4.81 -1.87
C ARG A 61 -9.20 -4.17 -1.51
N VAL A 62 -8.13 -4.94 -1.63
CA VAL A 62 -6.79 -4.45 -1.32
C VAL A 62 -5.94 -4.33 -2.57
N THR A 63 -5.40 -3.14 -2.80
CA THR A 63 -4.56 -2.89 -3.97
C THR A 63 -3.09 -2.85 -3.60
N HIS A 64 -2.32 -3.77 -4.18
CA HIS A 64 -0.88 -3.84 -3.90
C HIS A 64 -0.08 -3.30 -5.08
N ILE A 65 0.63 -2.20 -4.86
CA ILE A 65 1.43 -1.58 -5.90
C ILE A 65 2.92 -1.61 -5.54
N LYS A 66 3.71 -2.29 -6.36
CA LYS A 66 5.14 -2.39 -6.13
C LYS A 66 5.81 -1.02 -6.21
N VAL A 67 6.82 -0.81 -5.37
CA VAL A 67 7.54 0.46 -5.35
C VAL A 67 9.00 0.27 -5.74
N MET A 68 9.34 0.73 -6.94
CA MET A 68 10.71 0.60 -7.44
C MET A 68 11.63 1.62 -6.76
N CYS A 69 12.92 1.29 -6.69
CA CYS A 69 13.89 2.17 -6.06
C CYS A 69 15.18 2.22 -6.88
N GLU A 70 15.56 3.43 -7.30
CA GLU A 70 16.76 3.62 -8.10
C GLU A 70 17.79 4.45 -7.34
N GLY A 71 18.77 3.78 -6.74
CA GLY A 71 19.80 4.47 -5.99
C GLY A 71 19.30 4.96 -4.64
N GLY A 72 18.17 5.65 -4.64
CA GLY A 72 17.62 6.16 -3.40
C GLY A 72 16.20 6.68 -3.58
N ARG A 73 15.89 7.17 -4.78
CA ARG A 73 14.57 7.71 -5.06
C ARG A 73 13.60 6.59 -5.40
N TYR A 74 12.32 6.80 -5.07
CA TYR A 74 11.29 5.80 -5.34
C TYR A 74 10.40 6.24 -6.50
N THR A 75 9.85 5.26 -7.22
CA THR A 75 8.98 5.54 -8.35
C THR A 75 8.10 4.33 -8.68
N VAL A 76 6.95 4.59 -9.27
CA VAL A 76 6.02 3.54 -9.64
C VAL A 76 5.79 3.50 -11.14
N GLY A 77 6.67 2.80 -11.85
CA GLY A 77 6.55 2.69 -13.29
C GLY A 77 7.00 3.96 -14.00
N GLY A 78 6.29 5.05 -13.76
CA GLY A 78 6.63 6.31 -14.38
C GLY A 78 8.07 6.72 -14.11
N LEU A 79 8.67 7.44 -15.06
CA LEU A 79 10.04 7.89 -14.93
C LEU A 79 10.19 8.85 -13.74
N GLU A 80 9.05 9.34 -13.24
CA GLU A 80 9.05 10.25 -12.12
C GLU A 80 9.85 9.69 -10.95
N THR A 81 9.85 10.41 -9.83
CA THR A 81 10.58 9.99 -8.64
C THR A 81 10.09 10.71 -7.40
N PHE A 82 10.59 10.31 -6.24
CA PHE A 82 10.20 10.93 -4.98
C PHE A 82 11.27 10.70 -3.91
N ASP A 83 11.60 11.77 -3.19
CA ASP A 83 12.61 11.70 -2.14
C ASP A 83 12.54 10.36 -1.42
N SER A 84 11.34 10.01 -0.95
CA SER A 84 11.14 8.76 -0.23
C SER A 84 9.66 8.41 -0.16
N LEU A 85 9.35 7.32 0.55
CA LEU A 85 7.97 6.87 0.69
C LEU A 85 7.06 8.03 1.09
N THR A 86 7.60 8.95 1.89
CA THR A 86 6.84 10.11 2.33
C THR A 86 6.44 11.00 1.16
N ASP A 87 7.44 11.48 0.42
CA ASP A 87 7.19 12.33 -0.74
C ASP A 87 6.35 11.61 -1.78
N LEU A 88 6.61 10.32 -1.96
CA LEU A 88 5.88 9.52 -2.93
C LEU A 88 4.41 9.36 -2.52
N VAL A 89 4.19 8.75 -1.36
CA VAL A 89 2.85 8.55 -0.85
C VAL A 89 2.08 9.88 -0.76
N GLU A 90 2.66 10.84 -0.05
CA GLU A 90 2.03 12.14 0.11
C GLU A 90 1.51 12.66 -1.22
N HIS A 91 2.39 12.72 -2.22
CA HIS A 91 2.02 13.20 -3.55
C HIS A 91 0.91 12.34 -4.14
N PHE A 92 0.79 11.12 -3.64
CA PHE A 92 -0.24 10.20 -4.13
C PHE A 92 -1.50 10.28 -3.27
N LYS A 93 -1.39 10.96 -2.13
CA LYS A 93 -2.50 11.12 -1.22
C LYS A 93 -3.44 12.23 -1.69
N LYS A 94 -2.95 13.07 -2.59
CA LYS A 94 -3.74 14.17 -3.14
C LYS A 94 -4.18 13.87 -4.57
N THR A 95 -3.28 13.26 -5.35
CA THR A 95 -3.57 12.93 -6.72
C THR A 95 -4.22 11.55 -6.84
N GLY A 96 -3.45 10.52 -6.52
CA GLY A 96 -3.96 9.16 -6.59
C GLY A 96 -3.31 8.36 -7.70
N ILE A 97 -3.29 7.04 -7.52
CA ILE A 97 -2.69 6.15 -8.52
C ILE A 97 -3.76 5.54 -9.43
N GLU A 98 -3.51 5.58 -10.74
CA GLU A 98 -4.46 5.02 -11.70
C GLU A 98 -3.96 3.69 -12.24
N GLU A 99 -4.65 2.62 -11.85
CA GLU A 99 -4.30 1.27 -12.29
C GLU A 99 -4.76 1.03 -13.72
N ALA A 100 -3.94 0.32 -14.49
CA ALA A 100 -4.27 0.01 -15.88
C ALA A 100 -5.73 -0.37 -16.02
N SER A 101 -6.14 -1.42 -15.30
CA SER A 101 -7.52 -1.88 -15.36
C SER A 101 -8.49 -0.71 -15.43
N GLY A 102 -8.22 0.32 -14.65
CA GLY A 102 -9.08 1.50 -14.64
C GLY A 102 -9.53 1.87 -13.24
N ALA A 103 -8.71 1.54 -12.25
CA ALA A 103 -9.03 1.85 -10.86
C ALA A 103 -8.20 3.02 -10.35
N PHE A 104 -8.75 3.75 -9.38
CA PHE A 104 -8.06 4.91 -8.81
C PHE A 104 -7.96 4.78 -7.29
N VAL A 105 -6.76 4.45 -6.81
CA VAL A 105 -6.54 4.29 -5.38
C VAL A 105 -6.44 5.64 -4.68
N TYR A 106 -7.13 5.78 -3.56
CA TYR A 106 -7.13 7.02 -2.80
C TYR A 106 -6.60 6.80 -1.40
N LEU A 107 -5.70 7.69 -0.96
CA LEU A 107 -5.11 7.59 0.37
C LEU A 107 -5.58 8.76 1.25
N ARG A 108 -6.60 8.51 2.05
CA ARG A 108 -7.14 9.53 2.95
C ARG A 108 -6.44 9.47 4.31
N GLN A 109 -6.25 8.27 4.82
CA GLN A 109 -5.60 8.08 6.11
C GLN A 109 -4.79 6.78 6.13
N PRO A 110 -3.62 6.84 6.80
CA PRO A 110 -2.72 5.68 6.91
C PRO A 110 -3.30 4.58 7.79
N TYR A 111 -2.45 3.66 8.22
CA TYR A 111 -2.87 2.56 9.06
C TYR A 111 -1.83 2.26 10.14
N TYR A 112 -2.29 1.97 11.35
CA TYR A 112 -1.41 1.67 12.46
C TYR A 112 -1.76 0.33 13.10
N SER A 113 -0.90 -0.14 13.98
CA SER A 113 -1.11 -1.41 14.66
C SER A 113 -0.71 -1.32 16.13
N GLY A 114 -1.54 -1.90 17.00
CA GLY A 114 -1.25 -1.88 18.43
C GLY A 114 -2.41 -2.40 19.26
N PRO A 115 -2.25 -2.35 20.59
CA PRO A 115 -3.27 -2.82 21.53
C PRO A 115 -4.51 -1.92 21.54
N SER A 116 -5.67 -2.52 21.32
CA SER A 116 -6.92 -1.76 21.31
C SER A 116 -8.03 -2.53 22.02
N SER A 117 -8.93 -1.80 22.67
CA SER A 117 -10.03 -2.42 23.39
C SER A 117 -11.25 -1.51 23.39
N GLY A 118 -12.35 -1.99 22.81
CA GLY A 118 -13.57 -1.21 22.76
C GLY A 118 -13.83 -0.44 24.05
N MET B 1 -7.48 -22.59 -8.25
CA MET B 1 -8.31 -21.80 -7.33
C MET B 1 -7.48 -21.30 -6.16
N ASP B 2 -6.27 -20.84 -6.43
CA ASP B 2 -5.39 -20.33 -5.40
C ASP B 2 -4.39 -19.33 -5.97
N ASN B 3 -3.59 -18.73 -5.10
CA ASN B 3 -2.60 -17.75 -5.53
C ASN B 3 -1.48 -17.61 -4.49
N GLN B 4 -0.25 -17.48 -4.97
CA GLN B 4 0.91 -17.35 -4.08
C GLN B 4 1.21 -15.88 -3.81
N GLY B 5 0.61 -15.34 -2.75
CA GLY B 5 0.84 -13.95 -2.41
C GLY B 5 -0.38 -13.08 -2.66
N VAL B 6 -0.16 -11.91 -3.26
CA VAL B 6 -1.24 -10.99 -3.55
C VAL B 6 -1.04 -10.31 -4.90
N ILE B 7 -2.11 -10.23 -5.69
CA ILE B 7 -2.04 -9.61 -7.00
C ILE B 7 -1.65 -8.14 -6.90
N SER B 9 -2.06 -4.62 -8.85
CA SER B 9 -2.72 -3.84 -9.90
C SER B 9 -1.72 -2.93 -10.61
N ASP B 10 -1.43 -3.25 -11.87
CA ASP B 10 -0.49 -2.45 -12.65
C ASP B 10 -1.02 -1.04 -12.87
N LEU B 11 -0.17 -0.17 -13.41
CA LEU B 11 -0.55 1.21 -13.66
C LEU B 11 -0.98 1.40 -15.11
N ASN B 12 -1.35 2.62 -15.47
CA ASN B 12 -1.78 2.93 -16.82
C ASN B 12 -0.61 3.41 -17.68
N LEU B 13 0.36 4.03 -17.03
CA LEU B 13 1.54 4.54 -17.72
C LEU B 13 2.04 3.53 -18.75
N PRO B 14 2.27 2.28 -18.31
CA PRO B 14 2.74 1.20 -19.17
C PRO B 14 1.68 0.76 -20.17
N PRO B 15 2.09 -0.08 -21.14
CA PRO B 15 1.19 -0.60 -22.18
C PRO B 15 0.18 -1.59 -21.62
N GLY A 1 -0.68 7.39 24.30
CA GLY A 1 0.36 7.38 25.31
C GLY A 1 1.13 8.68 25.35
N SER A 2 2.37 8.62 25.83
CA SER A 2 3.22 9.81 25.92
C SER A 2 3.38 10.47 24.56
N SER A 3 4.05 11.62 24.55
CA SER A 3 4.27 12.36 23.30
C SER A 3 4.97 11.48 22.28
N GLY A 4 4.55 11.59 21.02
CA GLY A 4 5.15 10.80 19.96
C GLY A 4 4.13 10.30 18.96
N SER A 5 4.38 10.57 17.68
CA SER A 5 3.48 10.15 16.62
C SER A 5 4.13 9.10 15.72
N SER A 6 3.33 8.15 15.25
CA SER A 6 3.83 7.09 14.40
C SER A 6 3.37 7.30 12.94
N GLY A 7 4.15 6.77 12.01
CA GLY A 7 3.81 6.92 10.60
C GLY A 7 3.08 5.71 10.05
N TRP A 8 3.30 5.42 8.78
CA TRP A 8 2.66 4.28 8.14
C TRP A 8 3.68 3.19 7.80
N TYR A 9 4.81 3.22 8.49
CA TYR A 9 5.87 2.23 8.27
C TYR A 9 5.80 1.13 9.31
N HIS A 10 5.50 -0.09 8.86
CA HIS A 10 5.41 -1.24 9.76
C HIS A 10 6.73 -2.00 9.79
N GLY A 11 7.15 -2.48 8.62
CA GLY A 11 8.40 -3.22 8.54
C GLY A 11 8.18 -4.68 8.18
N HIS A 12 8.23 -5.55 9.18
CA HIS A 12 8.04 -6.98 8.96
C HIS A 12 6.60 -7.28 8.59
N MET A 13 6.35 -7.49 7.30
CA MET A 13 5.01 -7.78 6.81
C MET A 13 5.05 -8.31 5.39
N SER A 14 4.01 -9.02 4.99
CA SER A 14 3.92 -9.59 3.64
C SER A 14 2.64 -9.15 2.94
N GLY A 15 2.46 -9.60 1.71
CA GLY A 15 1.27 -9.25 0.95
C GLY A 15 0.00 -9.80 1.57
N GLY A 16 -0.07 -11.12 1.68
CA GLY A 16 -1.24 -11.76 2.27
C GLY A 16 -1.65 -11.11 3.58
N GLN A 17 -0.66 -10.82 4.42
CA GLN A 17 -0.93 -10.21 5.72
C GLN A 17 -1.62 -8.86 5.56
N ALA A 18 -0.92 -7.92 4.91
CA ALA A 18 -1.47 -6.59 4.68
C ALA A 18 -2.96 -6.65 4.37
N GLU A 19 -3.34 -7.60 3.51
CA GLU A 19 -4.74 -7.76 3.12
C GLU A 19 -5.62 -7.99 4.34
N THR A 20 -5.17 -8.87 5.23
CA THR A 20 -5.92 -9.20 6.44
C THR A 20 -6.03 -7.97 7.35
N LEU A 21 -4.92 -7.28 7.55
CA LEU A 21 -4.90 -6.09 8.39
C LEU A 21 -5.79 -4.99 7.81
N LEU A 22 -5.71 -4.81 6.50
CA LEU A 22 -6.51 -3.79 5.82
C LEU A 22 -7.98 -4.20 5.77
N GLN A 23 -8.25 -5.31 5.09
CA GLN A 23 -9.62 -5.81 4.96
C GLN A 23 -10.32 -5.82 6.32
N ALA A 24 -9.62 -6.32 7.34
CA ALA A 24 -10.17 -6.39 8.68
C ALA A 24 -10.57 -5.01 9.19
N LYS A 25 -9.70 -4.02 8.93
CA LYS A 25 -9.96 -2.65 9.35
C LYS A 25 -11.32 -2.17 8.86
N GLY A 26 -11.61 -2.45 7.59
CA GLY A 26 -12.89 -2.04 7.01
C GLY A 26 -12.95 -0.55 6.76
N GLU A 27 -11.77 0.07 6.60
CA GLU A 27 -11.71 1.50 6.34
C GLU A 27 -11.27 1.79 4.91
N PRO A 28 -12.11 2.50 4.15
CA PRO A 28 -11.83 2.84 2.75
C PRO A 28 -10.71 3.86 2.63
N TRP A 29 -9.87 3.70 1.61
CA TRP A 29 -8.75 4.60 1.38
C TRP A 29 -7.70 4.46 2.47
N THR A 30 -7.54 3.24 2.98
CA THR A 30 -6.57 2.96 4.03
C THR A 30 -5.26 2.45 3.44
N PHE A 31 -4.29 3.33 3.32
CA PHE A 31 -2.98 2.96 2.77
C PHE A 31 -2.01 2.59 3.89
N LEU A 32 -0.95 1.86 3.53
CA LEU A 32 0.05 1.44 4.50
C LEU A 32 1.32 0.96 3.79
N VAL A 33 2.46 1.39 4.30
CA VAL A 33 3.75 1.01 3.73
C VAL A 33 4.45 -0.04 4.59
N ARG A 34 5.27 -0.88 3.94
CA ARG A 34 5.99 -1.93 4.65
C ARG A 34 7.29 -2.27 3.92
N GLU A 35 8.01 -3.26 4.44
CA GLU A 35 9.27 -3.68 3.85
C GLU A 35 9.12 -5.04 3.17
N SER A 36 9.59 -5.14 1.93
CA SER A 36 9.50 -6.37 1.17
C SER A 36 10.22 -7.51 1.90
N LEU A 37 10.24 -8.68 1.28
CA LEU A 37 10.90 -9.85 1.87
C LEU A 37 11.93 -10.42 0.92
N SER A 38 13.20 -10.34 1.31
CA SER A 38 14.30 -10.87 0.49
C SER A 38 14.31 -10.18 -0.88
N GLN A 39 14.20 -8.85 -0.87
CA GLN A 39 14.21 -8.09 -2.11
C GLN A 39 15.26 -6.98 -2.06
N PRO A 40 16.00 -6.81 -3.17
CA PRO A 40 17.03 -5.78 -3.28
C PRO A 40 16.46 -4.37 -3.30
N GLY A 41 16.62 -3.65 -2.19
CA GLY A 41 16.12 -2.30 -2.10
C GLY A 41 14.81 -2.11 -2.85
N ASP A 42 13.76 -2.78 -2.37
CA ASP A 42 12.44 -2.70 -2.98
C ASP A 42 11.34 -2.70 -1.92
N PHE A 43 10.47 -1.69 -1.97
CA PHE A 43 9.38 -1.59 -1.02
C PHE A 43 8.04 -1.89 -1.69
N VAL A 44 6.97 -1.84 -0.90
CA VAL A 44 5.63 -2.11 -1.42
C VAL A 44 4.59 -1.27 -0.70
N LEU A 45 3.52 -0.92 -1.41
CA LEU A 45 2.45 -0.12 -0.85
C LEU A 45 1.10 -0.81 -1.00
N SER A 46 0.27 -0.72 0.03
CA SER A 46 -1.04 -1.34 -0.01
C SER A 46 -2.13 -0.33 0.34
N VAL A 47 -3.32 -0.53 -0.24
CA VAL A 47 -4.44 0.37 0.00
C VAL A 47 -5.77 -0.37 -0.11
N LEU A 48 -6.70 -0.04 0.77
CA LEU A 48 -8.01 -0.67 0.78
C LEU A 48 -9.05 0.22 0.09
N SER A 49 -9.32 -0.07 -1.18
CA SER A 49 -10.29 0.70 -1.95
C SER A 49 -11.66 0.65 -1.30
N ASP A 50 -12.50 1.62 -1.63
CA ASP A 50 -13.85 1.68 -1.08
C ASP A 50 -14.80 0.75 -1.84
N GLN A 51 -14.24 0.03 -2.81
CA GLN A 51 -15.04 -0.90 -3.61
C GLN A 51 -15.01 -2.30 -3.01
N PRO A 52 -16.15 -2.73 -2.45
CA PRO A 52 -16.28 -4.05 -1.83
C PRO A 52 -16.26 -5.17 -2.85
N LYS A 53 -15.74 -6.33 -2.44
CA LYS A 53 -15.65 -7.49 -3.32
C LYS A 53 -17.02 -7.80 -3.93
N ALA A 54 -18.00 -8.04 -3.07
CA ALA A 54 -19.36 -8.36 -3.52
C ALA A 54 -20.33 -7.24 -3.16
N GLY A 55 -20.69 -7.17 -1.88
CA GLY A 55 -21.61 -6.15 -1.42
C GLY A 55 -21.26 -5.63 -0.04
N PRO A 56 -22.28 -5.12 0.67
CA PRO A 56 -22.10 -4.58 2.03
C PRO A 56 -21.80 -5.66 3.05
N GLY A 57 -20.53 -6.06 3.14
CA GLY A 57 -20.13 -7.09 4.08
C GLY A 57 -18.80 -7.72 3.73
N SER A 58 -18.51 -7.79 2.43
CA SER A 58 -17.26 -8.38 1.96
C SER A 58 -16.08 -7.46 2.27
N PRO A 59 -14.89 -8.07 2.39
CA PRO A 59 -13.66 -7.33 2.69
C PRO A 59 -13.22 -6.45 1.52
N LEU A 60 -13.24 -5.14 1.72
CA LEU A 60 -12.84 -4.20 0.69
C LEU A 60 -11.66 -4.75 -0.12
N ARG A 61 -11.60 -4.35 -1.39
CA ARG A 61 -10.52 -4.80 -2.26
C ARG A 61 -9.19 -4.17 -1.87
N VAL A 62 -8.11 -4.92 -2.04
CA VAL A 62 -6.78 -4.43 -1.70
C VAL A 62 -5.91 -4.29 -2.94
N THR A 63 -5.24 -3.15 -3.07
CA THR A 63 -4.38 -2.89 -4.22
C THR A 63 -2.91 -2.92 -3.81
N HIS A 64 -2.21 -3.98 -4.21
CA HIS A 64 -0.80 -4.12 -3.89
C HIS A 64 0.08 -3.57 -5.02
N ILE A 65 0.82 -2.51 -4.71
CA ILE A 65 1.69 -1.89 -5.70
C ILE A 65 3.16 -2.03 -5.30
N LYS A 66 3.92 -2.75 -6.12
CA LYS A 66 5.34 -2.96 -5.85
C LYS A 66 6.13 -1.68 -6.08
N VAL A 67 6.64 -1.09 -5.00
CA VAL A 67 7.41 0.14 -5.09
C VAL A 67 8.85 -0.16 -5.49
N MET A 68 9.29 0.42 -6.60
CA MET A 68 10.65 0.23 -7.08
C MET A 68 11.60 1.27 -6.48
N CYS A 69 12.89 1.03 -6.61
CA CYS A 69 13.90 1.94 -6.09
C CYS A 69 14.92 2.31 -7.17
N GLU A 70 15.13 3.61 -7.35
CA GLU A 70 16.08 4.09 -8.35
C GLU A 70 17.20 4.89 -7.69
N GLY A 71 18.18 4.19 -7.13
CA GLY A 71 19.29 4.86 -6.49
C GLY A 71 18.85 5.73 -5.33
N GLY A 72 18.10 5.14 -4.40
CA GLY A 72 17.62 5.88 -3.25
C GLY A 72 16.19 6.35 -3.42
N ARG A 73 15.90 6.97 -4.55
CA ARG A 73 14.54 7.46 -4.82
C ARG A 73 13.57 6.31 -5.02
N TYR A 74 12.31 6.64 -5.22
CA TYR A 74 11.27 5.63 -5.42
C TYR A 74 10.33 6.02 -6.56
N THR A 75 9.86 5.02 -7.29
CA THR A 75 8.95 5.27 -8.40
C THR A 75 7.93 4.14 -8.55
N VAL A 76 6.78 4.46 -9.12
CA VAL A 76 5.72 3.46 -9.32
C VAL A 76 5.36 3.32 -10.80
N GLY A 77 6.10 2.48 -11.50
CA GLY A 77 5.84 2.28 -12.92
C GLY A 77 6.32 3.44 -13.77
N GLY A 78 5.96 4.66 -13.38
CA GLY A 78 6.37 5.83 -14.12
C GLY A 78 7.86 6.10 -14.01
N LEU A 79 8.37 6.93 -14.91
CA LEU A 79 9.79 7.27 -14.91
C LEU A 79 10.12 8.26 -13.81
N GLU A 80 9.10 8.96 -13.32
CA GLU A 80 9.28 9.94 -12.26
C GLU A 80 10.00 9.33 -11.07
N THR A 81 10.14 10.11 -10.00
CA THR A 81 10.82 9.66 -8.79
C THR A 81 10.42 10.49 -7.59
N PHE A 82 10.72 9.99 -6.40
CA PHE A 82 10.40 10.68 -5.16
C PHE A 82 11.49 10.47 -4.11
N ASP A 83 11.83 11.54 -3.41
CA ASP A 83 12.86 11.48 -2.38
C ASP A 83 12.77 10.18 -1.59
N SER A 84 11.58 9.88 -1.08
CA SER A 84 11.37 8.66 -0.31
C SER A 84 9.87 8.34 -0.23
N LEU A 85 9.55 7.28 0.51
CA LEU A 85 8.16 6.86 0.68
C LEU A 85 7.27 8.04 1.02
N THR A 86 7.81 8.96 1.82
CA THR A 86 7.05 10.15 2.23
C THR A 86 6.67 11.00 1.02
N ASP A 87 7.67 11.49 0.31
CA ASP A 87 7.43 12.32 -0.87
C ASP A 87 6.55 11.58 -1.87
N LEU A 88 6.80 10.29 -2.04
CA LEU A 88 6.02 9.48 -2.97
C LEU A 88 4.57 9.37 -2.53
N VAL A 89 4.35 8.72 -1.39
CA VAL A 89 3.01 8.55 -0.85
C VAL A 89 2.27 9.89 -0.78
N GLU A 90 2.83 10.83 -0.02
CA GLU A 90 2.23 12.15 0.13
C GLU A 90 1.74 12.68 -1.22
N HIS A 91 2.66 12.82 -2.17
CA HIS A 91 2.32 13.32 -3.50
C HIS A 91 1.18 12.51 -4.11
N PHE A 92 1.00 11.29 -3.61
CA PHE A 92 -0.07 10.42 -4.10
C PHE A 92 -1.33 10.56 -3.26
N LYS A 93 -1.15 10.95 -2.01
CA LYS A 93 -2.28 11.13 -1.09
C LYS A 93 -3.15 12.31 -1.53
N LYS A 94 -2.61 13.15 -2.41
CA LYS A 94 -3.34 14.30 -2.91
C LYS A 94 -3.79 14.09 -4.35
N THR A 95 -2.88 13.58 -5.18
CA THR A 95 -3.18 13.33 -6.58
C THR A 95 -3.99 12.05 -6.74
N GLY A 96 -3.46 10.96 -6.21
CA GLY A 96 -4.15 9.68 -6.30
C GLY A 96 -3.47 8.72 -7.26
N ILE A 97 -3.69 7.43 -7.07
CA ILE A 97 -3.09 6.41 -7.93
C ILE A 97 -4.14 5.77 -8.83
N GLU A 98 -3.81 5.65 -10.11
CA GLU A 98 -4.72 5.05 -11.08
C GLU A 98 -4.27 3.64 -11.46
N GLU A 99 -5.23 2.73 -11.56
CA GLU A 99 -4.93 1.34 -11.91
C GLU A 99 -5.03 1.13 -13.42
N ALA A 100 -4.18 0.26 -13.95
CA ALA A 100 -4.17 -0.04 -15.38
C ALA A 100 -5.59 -0.12 -15.93
N SER A 101 -6.39 -1.02 -15.36
CA SER A 101 -7.76 -1.20 -15.80
C SER A 101 -8.52 0.12 -15.77
N GLY A 102 -8.73 0.65 -14.55
CA GLY A 102 -9.44 1.91 -14.40
C GLY A 102 -9.59 2.31 -12.95
N ALA A 103 -9.77 1.34 -12.08
CA ALA A 103 -9.93 1.60 -10.65
C ALA A 103 -8.98 2.70 -10.19
N PHE A 104 -9.37 3.42 -9.15
CA PHE A 104 -8.56 4.50 -8.62
C PHE A 104 -8.35 4.34 -7.11
N VAL A 105 -7.09 4.31 -6.69
CA VAL A 105 -6.76 4.16 -5.28
C VAL A 105 -6.60 5.51 -4.60
N TYR A 106 -7.19 5.66 -3.43
CA TYR A 106 -7.11 6.91 -2.68
C TYR A 106 -6.48 6.68 -1.31
N LEU A 107 -5.44 7.46 -1.02
CA LEU A 107 -4.74 7.34 0.26
C LEU A 107 -5.14 8.47 1.19
N ARG A 108 -6.31 8.35 1.80
CA ARG A 108 -6.81 9.36 2.73
C ARG A 108 -6.08 9.27 4.07
N GLN A 109 -6.14 8.11 4.70
CA GLN A 109 -5.48 7.91 5.99
C GLN A 109 -4.71 6.59 6.00
N PRO A 110 -3.53 6.60 6.64
CA PRO A 110 -2.68 5.42 6.74
C PRO A 110 -3.26 4.34 7.65
N TYR A 111 -2.43 3.39 8.05
CA TYR A 111 -2.88 2.30 8.92
C TYR A 111 -1.83 2.00 9.99
N TYR A 112 -2.17 2.33 11.23
CA TYR A 112 -1.26 2.09 12.35
C TYR A 112 -1.58 0.77 13.04
N SER A 113 -0.55 -0.05 13.22
CA SER A 113 -0.71 -1.35 13.88
C SER A 113 -0.71 -1.20 15.39
N GLY A 114 -0.22 -0.06 15.87
CA GLY A 114 -0.17 0.18 17.30
C GLY A 114 1.16 -0.20 17.90
N PRO A 115 1.78 0.73 18.64
CA PRO A 115 3.07 0.50 19.30
C PRO A 115 2.98 -0.49 20.45
N SER A 116 4.01 -1.31 20.60
CA SER A 116 4.04 -2.31 21.66
C SER A 116 5.11 -1.97 22.70
N SER A 117 6.36 -1.89 22.25
CA SER A 117 7.47 -1.57 23.14
C SER A 117 7.36 -0.15 23.65
N GLY A 118 7.21 0.00 24.97
CA GLY A 118 7.10 1.32 25.55
C GLY A 118 5.71 1.90 25.43
N MET B 1 5.78 -22.50 5.10
CA MET B 1 5.63 -23.37 3.95
C MET B 1 4.56 -22.85 2.99
N ASP B 2 3.35 -22.68 3.51
CA ASP B 2 2.23 -22.18 2.70
C ASP B 2 2.42 -20.71 2.37
N ASN B 3 3.13 -20.43 1.28
CA ASN B 3 3.38 -19.06 0.86
C ASN B 3 2.29 -18.57 -0.08
N GLN B 4 1.30 -17.88 0.48
CA GLN B 4 0.18 -17.36 -0.30
C GLN B 4 0.70 -16.55 -1.50
N GLY B 5 -0.12 -16.46 -2.54
CA GLY B 5 0.26 -15.73 -3.73
C GLY B 5 -0.81 -14.75 -4.18
N VAL B 6 -0.76 -13.53 -3.65
CA VAL B 6 -1.73 -12.51 -4.00
C VAL B 6 -1.25 -11.68 -5.19
N ILE B 7 -2.18 -11.39 -6.10
CA ILE B 7 -1.85 -10.61 -7.29
C ILE B 7 -1.56 -9.16 -6.93
N SER B 9 -1.70 -5.43 -8.14
CA SER B 9 -2.28 -4.51 -9.11
C SER B 9 -1.20 -3.73 -9.83
N ASP B 10 -1.60 -2.95 -10.83
CA ASP B 10 -0.66 -2.16 -11.61
C ASP B 10 -1.24 -0.77 -11.91
N LEU B 11 -0.51 0.01 -12.70
CA LEU B 11 -0.95 1.35 -13.06
C LEU B 11 -1.21 1.46 -14.56
N ASN B 12 -1.60 2.64 -15.01
CA ASN B 12 -1.89 2.88 -16.41
C ASN B 12 -0.60 3.10 -17.19
N LEU B 13 0.29 3.92 -16.64
CA LEU B 13 1.57 4.22 -17.29
C LEU B 13 2.22 2.94 -17.81
N PRO B 14 2.35 1.94 -16.93
CA PRO B 14 2.95 0.65 -17.27
C PRO B 14 2.09 -0.16 -18.23
N PRO B 15 2.71 -0.69 -19.29
CA PRO B 15 2.01 -1.49 -20.30
C PRO B 15 1.59 -2.85 -19.77
N GLY A 1 9.24 8.00 27.57
CA GLY A 1 9.30 7.23 26.35
C GLY A 1 9.11 8.08 25.11
N SER A 2 8.11 7.74 24.32
CA SER A 2 7.81 8.49 23.09
C SER A 2 9.05 8.56 22.20
N SER A 3 9.77 7.45 22.10
CA SER A 3 10.98 7.39 21.28
C SER A 3 10.76 6.52 20.05
N GLY A 4 11.60 6.71 19.04
CA GLY A 4 11.49 5.93 17.82
C GLY A 4 10.08 5.98 17.23
N SER A 5 9.64 7.17 16.85
CA SER A 5 8.31 7.35 16.28
C SER A 5 8.20 6.64 14.93
N SER A 6 6.99 6.22 14.59
CA SER A 6 6.74 5.52 13.34
C SER A 6 5.42 5.97 12.71
N GLY A 7 5.47 6.32 11.43
CA GLY A 7 4.27 6.77 10.74
C GLY A 7 3.47 5.61 10.19
N TRP A 8 3.51 5.43 8.87
CA TRP A 8 2.78 4.35 8.22
C TRP A 8 3.72 3.24 7.78
N TYR A 9 4.89 3.18 8.38
CA TYR A 9 5.89 2.17 8.05
C TYR A 9 5.84 1.01 9.03
N HIS A 10 5.38 -0.15 8.55
CA HIS A 10 5.28 -1.34 9.38
C HIS A 10 6.60 -2.11 9.39
N GLY A 11 7.02 -2.59 8.23
CA GLY A 11 8.25 -3.33 8.13
C GLY A 11 8.04 -4.77 7.74
N HIS A 12 8.60 -5.70 8.51
CA HIS A 12 8.46 -7.12 8.23
C HIS A 12 6.99 -7.51 8.12
N MET A 13 6.55 -7.80 6.91
CA MET A 13 5.17 -8.19 6.67
C MET A 13 4.99 -8.73 5.26
N SER A 14 4.28 -9.84 5.13
CA SER A 14 4.03 -10.46 3.84
C SER A 14 2.77 -9.91 3.20
N GLY A 15 2.49 -10.33 1.96
CA GLY A 15 1.32 -9.86 1.27
C GLY A 15 0.03 -10.32 1.92
N GLY A 16 -0.22 -11.62 1.87
CA GLY A 16 -1.43 -12.17 2.46
C GLY A 16 -1.77 -11.52 3.78
N GLN A 17 -0.75 -11.03 4.48
CA GLN A 17 -0.94 -10.39 5.78
C GLN A 17 -1.58 -9.02 5.60
N ALA A 18 -0.87 -8.11 4.94
CA ALA A 18 -1.37 -6.77 4.72
C ALA A 18 -2.87 -6.77 4.46
N GLU A 19 -3.32 -7.69 3.61
CA GLU A 19 -4.74 -7.79 3.29
C GLU A 19 -5.58 -7.91 4.55
N THR A 20 -5.16 -8.78 5.46
CA THR A 20 -5.87 -8.97 6.72
C THR A 20 -5.88 -7.71 7.56
N LEU A 21 -4.69 -7.22 7.89
CA LEU A 21 -4.55 -6.01 8.69
C LEU A 21 -5.40 -4.88 8.12
N LEU A 22 -5.41 -4.76 6.79
CA LEU A 22 -6.18 -3.72 6.11
C LEU A 22 -7.68 -4.05 6.14
N GLN A 23 -8.05 -5.11 5.41
CA GLN A 23 -9.44 -5.53 5.34
C GLN A 23 -10.09 -5.47 6.72
N ALA A 24 -9.36 -5.93 7.74
CA ALA A 24 -9.88 -5.93 9.10
C ALA A 24 -10.31 -4.53 9.52
N LYS A 25 -9.48 -3.53 9.20
CA LYS A 25 -9.79 -2.15 9.54
C LYS A 25 -11.16 -1.74 9.00
N GLY A 26 -11.42 -2.10 7.74
CA GLY A 26 -12.69 -1.75 7.13
C GLY A 26 -12.78 -0.29 6.74
N GLU A 27 -11.63 0.38 6.75
CA GLU A 27 -11.58 1.80 6.40
C GLU A 27 -11.14 1.99 4.95
N PRO A 28 -11.99 2.65 4.15
CA PRO A 28 -11.71 2.91 2.73
C PRO A 28 -10.58 3.93 2.54
N TRP A 29 -9.74 3.69 1.54
CA TRP A 29 -8.63 4.58 1.26
C TRP A 29 -7.57 4.50 2.35
N THR A 30 -7.37 3.30 2.88
CA THR A 30 -6.38 3.09 3.93
C THR A 30 -5.06 2.59 3.37
N PHE A 31 -4.08 3.48 3.27
CA PHE A 31 -2.77 3.12 2.74
C PHE A 31 -1.81 2.73 3.87
N LEU A 32 -0.79 1.96 3.54
CA LEU A 32 0.20 1.52 4.52
C LEU A 32 1.49 1.08 3.84
N VAL A 33 2.62 1.44 4.43
CA VAL A 33 3.93 1.07 3.88
C VAL A 33 4.52 -0.11 4.63
N ARG A 34 5.20 -0.99 3.90
CA ARG A 34 5.82 -2.16 4.50
C ARG A 34 6.95 -2.69 3.62
N GLU A 35 7.99 -3.22 4.25
CA GLU A 35 9.14 -3.76 3.53
C GLU A 35 8.72 -4.91 2.62
N SER A 36 9.66 -5.37 1.79
CA SER A 36 9.38 -6.47 0.87
C SER A 36 9.96 -7.78 1.39
N LEU A 37 9.87 -8.83 0.58
CA LEU A 37 10.39 -10.13 0.96
C LEU A 37 11.42 -10.63 -0.06
N SER A 38 10.97 -10.83 -1.30
CA SER A 38 11.84 -11.30 -2.36
C SER A 38 12.76 -10.18 -2.85
N GLN A 39 12.18 -9.20 -3.54
CA GLN A 39 12.93 -8.08 -4.06
C GLN A 39 13.62 -7.31 -2.93
N PRO A 40 14.96 -7.32 -2.93
CA PRO A 40 15.76 -6.63 -1.91
C PRO A 40 15.68 -5.12 -2.05
N GLY A 41 15.30 -4.45 -0.96
CA GLY A 41 15.19 -3.01 -0.97
C GLY A 41 13.82 -2.53 -1.42
N ASP A 42 13.37 -3.04 -2.56
CA ASP A 42 12.07 -2.66 -3.10
C ASP A 42 11.01 -2.64 -2.00
N PHE A 43 10.13 -1.65 -2.05
CA PHE A 43 9.07 -1.51 -1.06
C PHE A 43 7.72 -1.87 -1.67
N VAL A 44 6.70 -1.94 -0.81
CA VAL A 44 5.35 -2.27 -1.26
C VAL A 44 4.33 -1.32 -0.65
N LEU A 45 3.39 -0.85 -1.47
CA LEU A 45 2.35 0.06 -1.01
C LEU A 45 0.98 -0.58 -1.13
N SER A 46 0.38 -0.93 0.01
CA SER A 46 -0.94 -1.54 0.03
C SER A 46 -2.00 -0.55 0.44
N VAL A 47 -3.15 -0.61 -0.23
CA VAL A 47 -4.26 0.31 0.07
C VAL A 47 -5.59 -0.42 -0.02
N LEU A 48 -6.53 -0.04 0.85
CA LEU A 48 -7.85 -0.66 0.87
C LEU A 48 -8.86 0.22 0.15
N SER A 49 -9.13 -0.12 -1.11
CA SER A 49 -10.08 0.64 -1.91
C SER A 49 -11.47 0.58 -1.31
N ASP A 50 -12.26 1.63 -1.53
CA ASP A 50 -13.62 1.70 -1.00
C ASP A 50 -14.53 0.75 -1.76
N GLN A 51 -13.97 0.02 -2.72
CA GLN A 51 -14.75 -0.94 -3.51
C GLN A 51 -14.74 -2.31 -2.86
N PRO A 52 -15.91 -2.76 -2.39
CA PRO A 52 -16.07 -4.06 -1.75
C PRO A 52 -15.92 -5.22 -2.74
N LYS A 53 -15.44 -6.35 -2.24
CA LYS A 53 -15.25 -7.53 -3.08
C LYS A 53 -16.53 -7.89 -3.82
N ALA A 54 -17.62 -7.99 -3.07
CA ALA A 54 -18.92 -8.31 -3.66
C ALA A 54 -19.94 -7.22 -3.40
N GLY A 55 -20.35 -7.09 -2.14
CA GLY A 55 -21.32 -6.07 -1.77
C GLY A 55 -21.14 -5.58 -0.35
N PRO A 56 -22.25 -5.12 0.27
CA PRO A 56 -22.23 -4.61 1.64
C PRO A 56 -22.01 -5.72 2.66
N GLY A 57 -20.75 -6.12 2.83
CA GLY A 57 -20.43 -7.17 3.78
C GLY A 57 -19.06 -7.79 3.52
N SER A 58 -18.64 -7.77 2.26
CA SER A 58 -17.35 -8.33 1.88
C SER A 58 -16.21 -7.38 2.25
N PRO A 59 -15.01 -7.95 2.47
CA PRO A 59 -13.83 -7.18 2.84
C PRO A 59 -13.31 -6.34 1.67
N LEU A 60 -13.29 -5.02 1.87
CA LEU A 60 -12.82 -4.10 0.84
C LEU A 60 -11.64 -4.69 0.08
N ARG A 61 -11.51 -4.32 -1.19
CA ARG A 61 -10.43 -4.82 -2.02
C ARG A 61 -9.09 -4.20 -1.62
N VAL A 62 -8.03 -4.97 -1.72
CA VAL A 62 -6.70 -4.50 -1.36
C VAL A 62 -5.79 -4.46 -2.59
N THR A 63 -5.21 -3.29 -2.84
CA THR A 63 -4.32 -3.12 -3.98
C THR A 63 -2.86 -3.24 -3.56
N HIS A 64 -2.18 -4.25 -4.11
CA HIS A 64 -0.77 -4.48 -3.79
C HIS A 64 0.14 -3.91 -4.88
N ILE A 65 0.77 -2.79 -4.57
CA ILE A 65 1.67 -2.14 -5.52
C ILE A 65 3.13 -2.32 -5.10
N LYS A 66 3.99 -2.57 -6.09
CA LYS A 66 5.41 -2.76 -5.83
C LYS A 66 6.19 -1.47 -6.10
N VAL A 67 6.58 -0.79 -5.03
CA VAL A 67 7.34 0.45 -5.16
C VAL A 67 8.80 0.18 -5.48
N MET A 68 9.28 0.77 -6.58
CA MET A 68 10.66 0.58 -7.00
C MET A 68 11.57 1.59 -6.30
N CYS A 69 12.89 1.39 -6.43
CA CYS A 69 13.86 2.27 -5.81
C CYS A 69 15.04 2.53 -6.76
N GLU A 70 15.31 3.80 -7.02
CA GLU A 70 16.41 4.18 -7.90
C GLU A 70 17.40 5.08 -7.18
N GLY A 71 18.43 4.48 -6.60
CA GLY A 71 19.44 5.24 -5.89
C GLY A 71 18.84 6.15 -4.83
N GLY A 72 18.02 5.57 -3.95
CA GLY A 72 17.39 6.34 -2.91
C GLY A 72 16.00 6.83 -3.29
N ARG A 73 15.86 7.28 -4.53
CA ARG A 73 14.57 7.77 -5.02
C ARG A 73 13.58 6.62 -5.19
N TYR A 74 12.30 6.97 -5.22
CA TYR A 74 11.24 5.96 -5.37
C TYR A 74 10.31 6.34 -6.51
N THR A 75 9.83 5.32 -7.23
CA THR A 75 8.91 5.54 -8.35
C THR A 75 7.98 4.36 -8.54
N VAL A 76 6.82 4.61 -9.12
CA VAL A 76 5.83 3.56 -9.37
C VAL A 76 5.56 3.40 -10.86
N GLY A 77 6.39 2.61 -11.53
CA GLY A 77 6.21 2.39 -12.96
C GLY A 77 6.74 3.54 -13.79
N GLY A 78 6.10 4.70 -13.67
CA GLY A 78 6.52 5.86 -14.42
C GLY A 78 7.97 6.22 -14.17
N LEU A 79 8.48 7.20 -14.91
CA LEU A 79 9.87 7.63 -14.77
C LEU A 79 10.01 8.60 -13.60
N GLU A 80 8.90 9.20 -13.18
CA GLU A 80 8.90 10.14 -12.08
C GLU A 80 9.72 9.60 -10.90
N THR A 81 9.94 10.44 -9.90
CA THR A 81 10.71 10.05 -8.73
C THR A 81 10.36 10.92 -7.52
N PHE A 82 10.68 10.43 -6.33
CA PHE A 82 10.39 11.16 -5.10
C PHE A 82 11.50 10.95 -4.07
N ASP A 83 11.75 11.97 -3.26
CA ASP A 83 12.78 11.89 -2.24
C ASP A 83 12.70 10.58 -1.48
N SER A 84 11.50 10.25 -1.00
CA SER A 84 11.28 9.02 -0.25
C SER A 84 9.80 8.69 -0.17
N LEU A 85 9.48 7.60 0.52
CA LEU A 85 8.09 7.17 0.69
C LEU A 85 7.21 8.34 1.10
N THR A 86 7.75 9.22 1.93
CA THR A 86 7.02 10.39 2.41
C THR A 86 6.64 11.31 1.26
N ASP A 87 7.63 11.70 0.48
CA ASP A 87 7.41 12.58 -0.67
C ASP A 87 6.53 11.90 -1.72
N LEU A 88 6.77 10.61 -1.92
CA LEU A 88 6.01 9.84 -2.90
C LEU A 88 4.55 9.69 -2.45
N VAL A 89 4.35 9.01 -1.33
CA VAL A 89 3.01 8.80 -0.80
C VAL A 89 2.23 10.10 -0.73
N GLU A 90 2.79 11.08 -0.02
CA GLU A 90 2.14 12.38 0.13
C GLU A 90 1.60 12.87 -1.21
N HIS A 91 2.48 13.04 -2.19
CA HIS A 91 2.09 13.50 -3.51
C HIS A 91 0.98 12.61 -4.09
N PHE A 92 0.87 11.40 -3.56
CA PHE A 92 -0.15 10.46 -4.02
C PHE A 92 -1.41 10.56 -3.18
N LYS A 93 -1.27 11.11 -1.97
CA LYS A 93 -2.40 11.27 -1.07
C LYS A 93 -3.31 12.40 -1.53
N LYS A 94 -2.82 13.23 -2.43
CA LYS A 94 -3.59 14.34 -2.96
C LYS A 94 -4.05 14.05 -4.39
N THR A 95 -3.18 13.40 -5.16
CA THR A 95 -3.50 13.07 -6.55
C THR A 95 -4.15 11.69 -6.66
N GLY A 96 -3.40 10.67 -6.23
CA GLY A 96 -3.92 9.31 -6.29
C GLY A 96 -3.16 8.45 -7.28
N ILE A 97 -3.46 7.15 -7.27
CA ILE A 97 -2.79 6.21 -8.18
C ILE A 97 -3.80 5.50 -9.06
N GLU A 98 -3.47 5.38 -10.35
CA GLU A 98 -4.36 4.73 -11.31
C GLU A 98 -3.82 3.35 -11.67
N GLU A 99 -4.73 2.39 -11.81
CA GLU A 99 -4.34 1.02 -12.16
C GLU A 99 -4.72 0.71 -13.61
N ALA A 100 -3.96 -0.18 -14.23
CA ALA A 100 -4.21 -0.58 -15.61
C ALA A 100 -5.68 -0.97 -15.81
N SER A 101 -6.12 -1.97 -15.07
CA SER A 101 -7.50 -2.44 -15.16
C SER A 101 -8.47 -1.27 -15.26
N GLY A 102 -8.32 -0.31 -14.36
CA GLY A 102 -9.19 0.86 -14.36
C GLY A 102 -9.62 1.26 -12.97
N ALA A 103 -8.76 1.01 -11.98
CA ALA A 103 -9.06 1.34 -10.60
C ALA A 103 -8.23 2.54 -10.14
N PHE A 104 -8.77 3.29 -9.17
CA PHE A 104 -8.08 4.46 -8.65
C PHE A 104 -7.92 4.36 -7.13
N VAL A 105 -6.69 4.15 -6.68
CA VAL A 105 -6.40 4.03 -5.26
C VAL A 105 -6.28 5.41 -4.61
N TYR A 106 -6.93 5.57 -3.48
CA TYR A 106 -6.90 6.85 -2.76
C TYR A 106 -6.30 6.67 -1.36
N LEU A 107 -5.33 7.50 -1.03
CA LEU A 107 -4.67 7.45 0.27
C LEU A 107 -5.08 8.63 1.14
N ARG A 108 -6.25 8.53 1.75
CA ARG A 108 -6.76 9.59 2.61
C ARG A 108 -6.18 9.47 4.02
N GLN A 109 -6.23 8.27 4.58
CA GLN A 109 -5.70 8.02 5.91
C GLN A 109 -4.82 6.78 5.93
N PRO A 110 -3.70 6.87 6.68
CA PRO A 110 -2.74 5.76 6.79
C PRO A 110 -3.30 4.59 7.60
N TYR A 111 -2.42 3.70 8.04
CA TYR A 111 -2.83 2.54 8.82
C TYR A 111 -1.83 2.25 9.94
N TYR A 112 -2.26 2.51 11.17
CA TYR A 112 -1.41 2.28 12.32
C TYR A 112 -1.79 0.99 13.05
N SER A 113 -0.81 0.12 13.26
CA SER A 113 -1.05 -1.15 13.93
C SER A 113 -1.64 -0.92 15.32
N GLY A 114 -0.94 -0.14 16.13
CA GLY A 114 -1.40 0.15 17.48
C GLY A 114 -2.05 -1.06 18.14
N PRO A 115 -1.23 -2.06 18.48
CA PRO A 115 -1.72 -3.29 19.12
C PRO A 115 -2.19 -3.05 20.55
N SER A 116 -1.88 -1.88 21.08
CA SER A 116 -2.27 -1.53 22.45
C SER A 116 -3.29 -0.40 22.45
N SER A 117 -4.24 -0.47 23.37
CA SER A 117 -5.29 0.55 23.46
C SER A 117 -5.48 0.99 24.91
N GLY A 118 -5.52 2.31 25.12
CA GLY A 118 -5.69 2.83 26.46
C GLY A 118 -4.83 4.05 26.72
N MET B 1 -5.93 -20.55 2.84
CA MET B 1 -5.05 -21.66 2.47
C MET B 1 -4.36 -21.40 1.14
N ASP B 2 -5.09 -20.80 0.21
CA ASP B 2 -4.53 -20.49 -1.12
C ASP B 2 -3.26 -19.64 -0.98
N ASN B 3 -2.12 -20.31 -1.00
CA ASN B 3 -0.84 -19.63 -0.88
C ASN B 3 -0.15 -19.53 -2.23
N GLN B 4 -0.92 -19.15 -3.25
CA GLN B 4 -0.38 -19.01 -4.60
C GLN B 4 0.13 -17.60 -4.84
N GLY B 5 0.51 -16.92 -3.77
CA GLY B 5 1.02 -15.56 -3.88
C GLY B 5 -0.02 -14.60 -4.42
N VAL B 6 -0.44 -13.66 -3.59
CA VAL B 6 -1.43 -12.67 -4.00
C VAL B 6 -0.96 -11.86 -5.20
N ILE B 7 -1.87 -11.55 -6.10
CA ILE B 7 -1.54 -10.79 -7.29
C ILE B 7 -1.26 -9.33 -6.94
N SER B 9 -1.40 -5.65 -8.24
CA SER B 9 -1.96 -4.74 -9.23
C SER B 9 -0.86 -3.95 -9.92
N ASP B 10 -1.19 -3.34 -11.06
CA ASP B 10 -0.23 -2.56 -11.82
C ASP B 10 -0.76 -1.15 -12.08
N LEU B 11 -0.02 -0.37 -12.85
CA LEU B 11 -0.42 0.99 -13.17
C LEU B 11 -0.71 1.14 -14.66
N ASN B 12 -1.26 2.29 -15.04
CA ASN B 12 -1.58 2.55 -16.44
C ASN B 12 -0.37 3.09 -17.19
N LEU B 13 0.53 3.76 -16.45
CA LEU B 13 1.72 4.31 -17.05
C LEU B 13 2.36 3.33 -18.03
N PRO B 14 2.58 2.09 -17.57
CA PRO B 14 3.17 1.03 -18.39
C PRO B 14 2.24 0.56 -19.50
N PRO B 15 2.61 0.89 -20.75
CA PRO B 15 1.82 0.51 -21.93
C PRO B 15 1.87 -0.99 -22.20
N GLY A 1 6.81 9.27 27.96
CA GLY A 1 5.82 9.78 27.03
C GLY A 1 5.69 8.92 25.79
N SER A 2 6.28 9.38 24.69
CA SER A 2 6.24 8.64 23.43
C SER A 2 7.55 8.76 22.67
N SER A 3 8.09 7.63 22.25
CA SER A 3 9.36 7.60 21.53
C SER A 3 9.30 6.62 20.35
N GLY A 4 9.53 7.13 19.15
CA GLY A 4 9.49 6.27 17.98
C GLY A 4 8.67 6.87 16.85
N SER A 5 9.06 6.58 15.61
CA SER A 5 8.35 7.10 14.45
C SER A 5 7.03 6.36 14.24
N SER A 6 5.94 6.99 14.64
CA SER A 6 4.61 6.40 14.50
C SER A 6 4.03 6.69 13.12
N GLY A 7 4.85 6.50 12.09
CA GLY A 7 4.39 6.74 10.73
C GLY A 7 3.53 5.62 10.20
N TRP A 8 3.69 5.31 8.92
CA TRP A 8 2.93 4.25 8.28
C TRP A 8 3.83 3.14 7.78
N TYR A 9 5.04 3.07 8.34
CA TYR A 9 6.00 2.05 7.95
C TYR A 9 5.94 0.84 8.89
N HIS A 10 5.39 -0.26 8.38
CA HIS A 10 5.26 -1.48 9.16
C HIS A 10 6.58 -2.25 9.18
N GLY A 11 7.01 -2.68 7.99
CA GLY A 11 8.25 -3.43 7.89
C GLY A 11 8.02 -4.91 7.61
N HIS A 12 7.70 -5.66 8.65
CA HIS A 12 7.47 -7.09 8.51
C HIS A 12 6.00 -7.37 8.20
N MET A 13 5.70 -7.52 6.91
CA MET A 13 4.32 -7.79 6.48
C MET A 13 4.31 -8.50 5.13
N SER A 14 3.60 -9.62 5.06
CA SER A 14 3.52 -10.40 3.83
C SER A 14 2.23 -10.07 3.07
N GLY A 15 2.23 -10.33 1.78
CA GLY A 15 1.07 -10.07 0.96
C GLY A 15 -0.22 -10.45 1.65
N GLY A 16 -0.38 -11.75 1.91
CA GLY A 16 -1.59 -12.24 2.57
C GLY A 16 -1.86 -11.52 3.88
N GLN A 17 -0.79 -11.13 4.57
CA GLN A 17 -0.92 -10.45 5.84
C GLN A 17 -1.56 -9.08 5.66
N ALA A 18 -0.86 -8.18 4.96
CA ALA A 18 -1.35 -6.84 4.71
C ALA A 18 -2.86 -6.85 4.45
N GLU A 19 -3.29 -7.70 3.52
CA GLU A 19 -4.70 -7.80 3.18
C GLU A 19 -5.56 -7.90 4.45
N THR A 20 -5.18 -8.80 5.34
CA THR A 20 -5.91 -9.00 6.58
C THR A 20 -5.97 -7.71 7.39
N LEU A 21 -4.81 -7.22 7.82
CA LEU A 21 -4.74 -6.00 8.60
C LEU A 21 -5.61 -4.91 7.99
N LEU A 22 -5.42 -4.67 6.70
CA LEU A 22 -6.18 -3.66 5.98
C LEU A 22 -7.67 -3.96 6.03
N GLN A 23 -8.08 -5.02 5.36
CA GLN A 23 -9.48 -5.42 5.32
C GLN A 23 -10.11 -5.29 6.70
N ALA A 24 -9.39 -5.75 7.73
CA ALA A 24 -9.88 -5.67 9.09
C ALA A 24 -10.27 -4.25 9.47
N LYS A 25 -9.47 -3.28 9.04
CA LYS A 25 -9.73 -1.88 9.32
C LYS A 25 -11.11 -1.48 8.80
N GLY A 26 -11.42 -1.88 7.57
CA GLY A 26 -12.70 -1.54 6.98
C GLY A 26 -12.78 -0.09 6.53
N GLU A 27 -11.65 0.62 6.65
CA GLU A 27 -11.59 2.01 6.25
C GLU A 27 -11.11 2.15 4.82
N PRO A 28 -11.94 2.79 3.96
CA PRO A 28 -11.61 3.00 2.56
C PRO A 28 -10.48 4.00 2.36
N TRP A 29 -9.61 3.72 1.38
CA TRP A 29 -8.49 4.60 1.09
C TRP A 29 -7.42 4.48 2.17
N THR A 30 -7.37 3.33 2.83
CA THR A 30 -6.40 3.09 3.89
C THR A 30 -5.09 2.55 3.32
N PHE A 31 -4.12 3.44 3.14
CA PHE A 31 -2.82 3.06 2.61
C PHE A 31 -1.88 2.62 3.71
N LEU A 32 -0.75 2.04 3.33
CA LEU A 32 0.24 1.57 4.31
C LEU A 32 1.50 1.07 3.60
N VAL A 33 2.66 1.42 4.16
CA VAL A 33 3.94 1.01 3.59
C VAL A 33 4.46 -0.25 4.26
N ARG A 34 5.23 -1.03 3.53
CA ARG A 34 5.80 -2.27 4.05
C ARG A 34 6.88 -2.80 3.12
N GLU A 35 8.12 -2.80 3.60
CA GLU A 35 9.25 -3.29 2.82
C GLU A 35 9.06 -4.76 2.43
N SER A 36 9.42 -5.08 1.19
CA SER A 36 9.27 -6.45 0.69
C SER A 36 10.15 -7.40 1.48
N LEU A 37 9.87 -8.70 1.37
CA LEU A 37 10.63 -9.71 2.08
C LEU A 37 11.77 -10.24 1.20
N SER A 38 11.42 -10.71 0.00
CA SER A 38 12.40 -11.24 -0.92
C SER A 38 12.96 -10.14 -1.82
N GLN A 39 12.11 -9.61 -2.69
CA GLN A 39 12.50 -8.55 -3.61
C GLN A 39 13.47 -7.58 -2.94
N PRO A 40 14.76 -7.77 -3.19
CA PRO A 40 15.82 -6.92 -2.62
C PRO A 40 15.80 -5.50 -3.20
N GLY A 41 15.69 -4.51 -2.32
CA GLY A 41 15.67 -3.13 -2.76
C GLY A 41 14.36 -2.75 -3.41
N ASP A 42 13.25 -3.22 -2.85
CA ASP A 42 11.93 -2.94 -3.37
C ASP A 42 10.91 -2.75 -2.25
N PHE A 43 9.87 -1.98 -2.51
CA PHE A 43 8.83 -1.73 -1.53
C PHE A 43 7.45 -2.06 -2.09
N VAL A 44 6.43 -1.98 -1.24
CA VAL A 44 5.06 -2.27 -1.64
C VAL A 44 4.07 -1.34 -0.95
N LEU A 45 3.24 -0.68 -1.74
CA LEU A 45 2.24 0.25 -1.20
C LEU A 45 0.85 -0.38 -1.24
N SER A 46 0.37 -0.80 -0.08
CA SER A 46 -0.95 -1.42 0.01
C SER A 46 -2.02 -0.37 0.33
N VAL A 47 -3.18 -0.52 -0.30
CA VAL A 47 -4.29 0.42 -0.09
C VAL A 47 -5.63 -0.30 -0.15
N LEU A 48 -6.49 -0.03 0.84
CA LEU A 48 -7.81 -0.65 0.89
C LEU A 48 -8.83 0.19 0.15
N SER A 49 -9.09 -0.15 -1.10
CA SER A 49 -10.06 0.58 -1.92
C SER A 49 -11.45 0.53 -1.29
N ASP A 50 -12.25 1.55 -1.56
CA ASP A 50 -13.60 1.63 -1.01
C ASP A 50 -14.51 0.61 -1.70
N GLN A 51 -13.96 -0.12 -2.66
CA GLN A 51 -14.72 -1.12 -3.39
C GLN A 51 -14.74 -2.46 -2.64
N PRO A 52 -15.93 -2.89 -2.23
CA PRO A 52 -16.10 -4.16 -1.50
C PRO A 52 -15.85 -5.38 -2.38
N LYS A 53 -15.48 -6.49 -1.75
CA LYS A 53 -15.21 -7.73 -2.47
C LYS A 53 -16.50 -8.32 -3.03
N ALA A 54 -17.54 -8.34 -2.20
CA ALA A 54 -18.83 -8.88 -2.61
C ALA A 54 -19.94 -7.86 -2.39
N GLY A 55 -19.95 -7.22 -1.23
CA GLY A 55 -20.96 -6.23 -0.92
C GLY A 55 -21.51 -6.38 0.48
N PRO A 56 -22.07 -7.57 0.78
CA PRO A 56 -22.64 -7.88 2.08
C PRO A 56 -21.58 -7.99 3.17
N GLY A 57 -21.15 -6.84 3.71
CA GLY A 57 -20.15 -6.83 4.75
C GLY A 57 -18.86 -7.48 4.31
N SER A 58 -18.54 -7.36 3.02
CA SER A 58 -17.32 -7.95 2.48
C SER A 58 -16.12 -7.05 2.75
N PRO A 59 -14.94 -7.68 2.91
CA PRO A 59 -13.69 -6.95 3.17
C PRO A 59 -13.21 -6.15 1.97
N LEU A 60 -13.23 -4.83 2.10
CA LEU A 60 -12.81 -3.95 1.02
C LEU A 60 -11.62 -4.55 0.26
N ARG A 61 -11.59 -4.33 -1.05
CA ARG A 61 -10.51 -4.85 -1.89
C ARG A 61 -9.18 -4.21 -1.51
N VAL A 62 -8.10 -4.99 -1.64
CA VAL A 62 -6.76 -4.51 -1.31
C VAL A 62 -5.88 -4.43 -2.55
N THR A 63 -5.32 -3.26 -2.80
CA THR A 63 -4.45 -3.06 -3.95
C THR A 63 -2.99 -3.13 -3.57
N HIS A 64 -2.23 -3.96 -4.28
CA HIS A 64 -0.80 -4.13 -4.01
C HIS A 64 0.04 -3.59 -5.16
N ILE A 65 0.74 -2.49 -4.91
CA ILE A 65 1.59 -1.87 -5.93
C ILE A 65 3.06 -1.95 -5.54
N LYS A 66 3.89 -2.39 -6.48
CA LYS A 66 5.32 -2.50 -6.24
C LYS A 66 6.02 -1.16 -6.42
N VAL A 67 6.47 -0.58 -5.31
CA VAL A 67 7.14 0.71 -5.34
C VAL A 67 8.64 0.54 -5.61
N MET A 68 9.07 0.93 -6.80
CA MET A 68 10.48 0.82 -7.18
C MET A 68 11.35 1.68 -6.28
N CYS A 69 12.56 1.21 -6.01
CA CYS A 69 13.50 1.95 -5.16
C CYS A 69 14.79 2.25 -5.91
N GLU A 70 14.91 3.49 -6.38
CA GLU A 70 16.09 3.91 -7.12
C GLU A 70 17.24 4.25 -6.16
N GLY A 71 18.33 4.76 -6.71
CA GLY A 71 19.48 5.11 -5.91
C GLY A 71 19.09 5.60 -4.52
N GLY A 72 18.32 6.68 -4.48
CA GLY A 72 17.88 7.23 -3.20
C GLY A 72 16.45 7.71 -3.23
N ARG A 73 15.80 7.54 -4.38
CA ARG A 73 14.41 7.96 -4.54
C ARG A 73 13.51 6.76 -4.79
N TYR A 74 12.20 7.01 -4.85
CA TYR A 74 11.23 5.96 -5.06
C TYR A 74 10.32 6.28 -6.25
N THR A 75 9.74 5.25 -6.84
CA THR A 75 8.85 5.42 -7.98
C THR A 75 7.92 4.22 -8.15
N VAL A 76 6.86 4.41 -8.93
CA VAL A 76 5.90 3.33 -9.16
C VAL A 76 5.62 3.17 -10.66
N GLY A 77 6.22 2.14 -11.25
CA GLY A 77 6.03 1.89 -12.67
C GLY A 77 6.14 3.15 -13.50
N GLY A 78 6.88 4.13 -12.99
CA GLY A 78 7.05 5.39 -13.70
C GLY A 78 8.50 5.86 -13.71
N LEU A 79 8.78 6.86 -14.52
CA LEU A 79 10.14 7.41 -14.62
C LEU A 79 10.39 8.44 -13.52
N GLU A 80 9.30 9.03 -13.02
CA GLU A 80 9.40 10.03 -11.96
C GLU A 80 10.01 9.43 -10.70
N THR A 81 10.32 10.30 -9.73
CA THR A 81 10.91 9.85 -8.47
C THR A 81 10.50 10.77 -7.32
N PHE A 82 10.77 10.33 -6.10
CA PHE A 82 10.43 11.10 -4.91
C PHE A 82 11.51 10.95 -3.84
N ASP A 83 11.75 12.04 -3.11
CA ASP A 83 12.75 12.02 -2.04
C ASP A 83 12.68 10.73 -1.24
N SER A 84 11.49 10.41 -0.75
CA SER A 84 11.29 9.20 0.04
C SER A 84 9.82 8.80 0.05
N LEU A 85 9.53 7.68 0.71
CA LEU A 85 8.15 7.19 0.80
C LEU A 85 7.19 8.31 1.17
N THR A 86 7.66 9.25 1.99
CA THR A 86 6.85 10.37 2.41
C THR A 86 6.48 11.27 1.23
N ASP A 87 7.49 11.74 0.52
CA ASP A 87 7.28 12.60 -0.63
C ASP A 87 6.44 11.89 -1.69
N LEU A 88 6.68 10.59 -1.86
CA LEU A 88 5.95 9.80 -2.84
C LEU A 88 4.49 9.63 -2.42
N VAL A 89 4.27 8.94 -1.31
CA VAL A 89 2.93 8.71 -0.81
C VAL A 89 2.14 10.01 -0.72
N GLU A 90 2.69 10.99 -0.01
CA GLU A 90 2.03 12.28 0.14
C GLU A 90 1.51 12.79 -1.19
N HIS A 91 2.40 12.89 -2.18
CA HIS A 91 2.03 13.37 -3.50
C HIS A 91 0.93 12.49 -4.09
N PHE A 92 0.79 11.28 -3.57
CA PHE A 92 -0.22 10.35 -4.05
C PHE A 92 -1.50 10.46 -3.22
N LYS A 93 -1.36 10.95 -2.00
CA LYS A 93 -2.50 11.12 -1.10
C LYS A 93 -3.45 12.20 -1.60
N LYS A 94 -2.94 13.04 -2.51
CA LYS A 94 -3.75 14.12 -3.07
C LYS A 94 -4.16 13.81 -4.50
N THR A 95 -3.25 13.20 -5.25
CA THR A 95 -3.52 12.84 -6.64
C THR A 95 -4.05 11.42 -6.75
N GLY A 96 -3.27 10.46 -6.26
CA GLY A 96 -3.68 9.07 -6.31
C GLY A 96 -2.97 8.29 -7.40
N ILE A 97 -3.05 6.97 -7.34
CA ILE A 97 -2.41 6.11 -8.32
C ILE A 97 -3.44 5.50 -9.28
N GLU A 98 -3.16 5.59 -10.57
CA GLU A 98 -4.05 5.06 -11.59
C GLU A 98 -3.57 3.70 -12.07
N GLU A 99 -4.48 2.72 -12.08
CA GLU A 99 -4.14 1.37 -12.51
C GLU A 99 -4.48 1.18 -13.98
N ALA A 100 -3.51 0.68 -14.75
CA ALA A 100 -3.71 0.45 -16.17
C ALA A 100 -5.14 0.01 -16.46
N SER A 101 -5.61 -0.99 -15.72
CA SER A 101 -6.96 -1.50 -15.91
C SER A 101 -7.97 -0.36 -16.03
N GLY A 102 -8.25 0.28 -14.90
CA GLY A 102 -9.20 1.39 -14.90
C GLY A 102 -9.66 1.74 -13.50
N ALA A 103 -8.79 1.54 -12.52
CA ALA A 103 -9.12 1.85 -11.12
C ALA A 103 -8.23 2.97 -10.58
N PHE A 104 -8.77 3.73 -9.63
CA PHE A 104 -8.02 4.83 -9.04
C PHE A 104 -7.92 4.66 -7.52
N VAL A 105 -6.71 4.41 -7.03
CA VAL A 105 -6.48 4.21 -5.61
C VAL A 105 -6.28 5.55 -4.91
N TYR A 106 -6.95 5.72 -3.77
CA TYR A 106 -6.86 6.96 -3.01
C TYR A 106 -6.29 6.70 -1.61
N LEU A 107 -5.54 7.66 -1.10
CA LEU A 107 -4.92 7.53 0.22
C LEU A 107 -5.30 8.70 1.11
N ARG A 108 -6.35 8.53 1.92
CA ARG A 108 -6.80 9.57 2.81
C ARG A 108 -6.09 9.50 4.15
N GLN A 109 -5.98 8.29 4.69
CA GLN A 109 -5.31 8.08 5.97
C GLN A 109 -4.57 6.75 6.00
N PRO A 110 -3.40 6.74 6.62
CA PRO A 110 -2.56 5.53 6.74
C PRO A 110 -3.18 4.48 7.65
N TYR A 111 -2.38 3.50 8.03
CA TYR A 111 -2.85 2.42 8.90
C TYR A 111 -1.82 2.12 9.99
N TYR A 112 -2.13 2.52 11.22
CA TYR A 112 -1.23 2.31 12.35
C TYR A 112 -1.49 0.94 12.98
N SER A 113 -0.51 0.46 13.75
CA SER A 113 -0.62 -0.84 14.42
C SER A 113 -0.93 -0.66 15.90
N GLY A 114 -2.20 -0.82 16.25
CA GLY A 114 -2.60 -0.68 17.65
C GLY A 114 -3.26 0.65 17.92
N PRO A 115 -4.60 0.67 17.88
CA PRO A 115 -5.39 1.88 18.12
C PRO A 115 -5.34 2.32 19.58
N SER A 116 -4.70 1.50 20.42
CA SER A 116 -4.58 1.81 21.84
C SER A 116 -3.16 2.24 22.19
N SER A 117 -2.20 1.38 21.88
CA SER A 117 -0.79 1.67 22.17
C SER A 117 -0.21 2.59 21.10
N GLY A 118 -0.23 3.89 21.36
CA GLY A 118 0.31 4.85 20.42
C GLY A 118 1.78 4.64 20.15
N MET B 1 -7.55 -24.58 -0.32
CA MET B 1 -6.17 -24.11 -0.35
C MET B 1 -6.00 -23.02 -1.41
N ASP B 2 -5.35 -21.93 -1.02
CA ASP B 2 -5.13 -20.80 -1.92
C ASP B 2 -3.66 -20.41 -1.94
N ASN B 3 -3.00 -20.65 -3.06
CA ASN B 3 -1.58 -20.32 -3.21
C ASN B 3 -1.31 -18.87 -2.80
N GLN B 4 -0.24 -18.67 -2.04
CA GLN B 4 0.12 -17.33 -1.59
C GLN B 4 0.42 -16.42 -2.78
N GLY B 5 0.66 -15.15 -2.48
CA GLY B 5 0.96 -14.19 -3.53
C GLY B 5 -0.26 -13.39 -3.97
N VAL B 6 -0.22 -12.08 -3.77
CA VAL B 6 -1.32 -11.22 -4.14
C VAL B 6 -1.04 -10.50 -5.45
N ILE B 7 -2.05 -10.42 -6.31
CA ILE B 7 -1.91 -9.75 -7.60
C ILE B 7 -1.65 -8.26 -7.42
N SER B 9 -1.90 -4.59 -9.07
CA SER B 9 -2.56 -3.79 -10.10
C SER B 9 -1.57 -2.83 -10.74
N ASP B 10 -1.15 -3.14 -11.96
CA ASP B 10 -0.21 -2.30 -12.69
C ASP B 10 -0.71 -0.86 -12.76
N LEU B 11 0.05 0.00 -13.44
CA LEU B 11 -0.31 1.40 -13.58
C LEU B 11 -0.56 1.75 -15.05
N ASN B 12 -0.78 3.04 -15.31
CA ASN B 12 -1.03 3.50 -16.67
C ASN B 12 0.28 3.61 -17.45
N LEU B 13 1.23 4.36 -16.90
CA LEU B 13 2.52 4.55 -17.56
C LEU B 13 3.04 3.24 -18.13
N PRO B 14 3.07 2.19 -17.29
CA PRO B 14 3.53 0.87 -17.69
C PRO B 14 2.58 0.18 -18.66
N PRO B 15 3.11 -0.74 -19.47
CA PRO B 15 2.32 -1.48 -20.46
C PRO B 15 1.36 -2.47 -19.80
N GLY A 1 3.05 13.93 24.74
CA GLY A 1 3.89 14.74 25.61
C GLY A 1 5.36 14.46 25.42
N SER A 2 5.70 13.18 25.26
CA SER A 2 7.10 12.79 25.06
C SER A 2 7.22 11.78 23.92
N SER A 3 6.32 10.80 23.91
CA SER A 3 6.33 9.77 22.87
C SER A 3 5.85 10.34 21.54
N GLY A 4 6.76 10.92 20.78
CA GLY A 4 6.42 11.50 19.50
C GLY A 4 6.64 10.53 18.35
N SER A 5 6.20 9.29 18.53
CA SER A 5 6.37 8.26 17.50
C SER A 5 5.15 8.19 16.61
N SER A 6 5.38 8.14 15.30
CA SER A 6 4.28 8.05 14.33
C SER A 6 4.80 7.63 12.96
N GLY A 7 3.88 7.48 12.02
CA GLY A 7 4.25 7.08 10.67
C GLY A 7 3.40 5.94 10.14
N TRP A 8 3.53 5.65 8.85
CA TRP A 8 2.76 4.60 8.21
C TRP A 8 3.67 3.47 7.76
N TYR A 9 4.79 3.29 8.45
CA TYR A 9 5.74 2.24 8.11
C TYR A 9 5.61 1.06 9.07
N HIS A 10 5.55 -0.14 8.50
CA HIS A 10 5.44 -1.36 9.30
C HIS A 10 6.70 -2.20 9.20
N GLY A 11 7.06 -2.59 7.98
CA GLY A 11 8.25 -3.39 7.78
C GLY A 11 7.92 -4.79 7.30
N HIS A 12 8.42 -5.80 8.03
CA HIS A 12 8.19 -7.19 7.67
C HIS A 12 6.69 -7.49 7.62
N MET A 13 6.16 -7.59 6.41
CA MET A 13 4.74 -7.87 6.21
C MET A 13 4.49 -8.59 4.89
N SER A 14 4.04 -9.83 4.96
CA SER A 14 3.78 -10.63 3.77
C SER A 14 2.53 -10.13 3.05
N GLY A 15 2.51 -10.26 1.73
CA GLY A 15 1.36 -9.82 0.96
C GLY A 15 0.05 -10.27 1.56
N GLY A 16 -0.12 -11.58 1.71
CA GLY A 16 -1.34 -12.11 2.27
C GLY A 16 -1.68 -11.48 3.62
N GLN A 17 -0.66 -11.14 4.38
CA GLN A 17 -0.85 -10.52 5.68
C GLN A 17 -1.52 -9.15 5.55
N ALA A 18 -0.81 -8.22 4.94
CA ALA A 18 -1.32 -6.87 4.75
C ALA A 18 -2.82 -6.89 4.49
N GLU A 19 -3.25 -7.76 3.58
CA GLU A 19 -4.67 -7.88 3.24
C GLU A 19 -5.51 -8.06 4.50
N THR A 20 -5.10 -8.99 5.35
CA THR A 20 -5.81 -9.28 6.59
C THR A 20 -5.90 -8.03 7.47
N LEU A 21 -4.75 -7.44 7.75
CA LEU A 21 -4.70 -6.24 8.59
C LEU A 21 -5.59 -5.14 8.01
N LEU A 22 -5.47 -4.90 6.72
CA LEU A 22 -6.26 -3.88 6.04
C LEU A 22 -7.75 -4.27 6.03
N GLN A 23 -8.07 -5.32 5.29
CA GLN A 23 -9.45 -5.80 5.20
C GLN A 23 -10.12 -5.77 6.56
N ALA A 24 -9.40 -6.21 7.59
CA ALA A 24 -9.93 -6.24 8.94
C ALA A 24 -10.29 -4.85 9.42
N LYS A 25 -9.50 -3.85 9.02
CA LYS A 25 -9.74 -2.47 9.40
C LYS A 25 -11.09 -1.99 8.88
N GLY A 26 -11.46 -2.47 7.69
CA GLY A 26 -12.72 -2.07 7.10
C GLY A 26 -12.79 -0.58 6.84
N GLU A 27 -11.67 0.02 6.47
CA GLU A 27 -11.61 1.44 6.18
C GLU A 27 -11.14 1.70 4.75
N PRO A 28 -11.98 2.40 3.98
CA PRO A 28 -11.67 2.73 2.58
C PRO A 28 -10.55 3.75 2.46
N TRP A 29 -9.70 3.58 1.45
CA TRP A 29 -8.58 4.50 1.22
C TRP A 29 -7.54 4.38 2.35
N THR A 30 -7.42 3.17 2.90
CA THR A 30 -6.46 2.93 3.98
C THR A 30 -5.15 2.39 3.43
N PHE A 31 -4.16 3.27 3.29
CA PHE A 31 -2.85 2.88 2.77
C PHE A 31 -1.93 2.50 3.91
N LEU A 32 -0.80 1.86 3.57
CA LEU A 32 0.17 1.42 4.56
C LEU A 32 1.47 1.01 3.90
N VAL A 33 2.59 1.50 4.42
CA VAL A 33 3.90 1.17 3.88
C VAL A 33 4.51 -0.02 4.60
N ARG A 34 4.99 -0.99 3.84
CA ARG A 34 5.60 -2.18 4.41
C ARG A 34 6.78 -2.65 3.56
N GLU A 35 7.79 -3.23 4.21
CA GLU A 35 8.97 -3.72 3.52
C GLU A 35 8.65 -4.96 2.69
N SER A 36 9.43 -5.18 1.63
CA SER A 36 9.22 -6.32 0.76
C SER A 36 9.89 -7.57 1.34
N LEU A 37 9.50 -8.74 0.82
CA LEU A 37 10.06 -10.00 1.27
C LEU A 37 10.98 -10.60 0.21
N SER A 38 10.71 -10.28 -1.05
CA SER A 38 11.52 -10.79 -2.15
C SER A 38 12.54 -9.75 -2.60
N GLN A 39 12.05 -8.68 -3.22
CA GLN A 39 12.92 -7.61 -3.70
C GLN A 39 13.63 -6.93 -2.54
N PRO A 40 14.97 -7.03 -2.52
CA PRO A 40 15.79 -6.43 -1.47
C PRO A 40 15.83 -4.91 -1.57
N GLY A 41 15.46 -4.24 -0.48
CA GLY A 41 15.45 -2.79 -0.46
C GLY A 41 14.15 -2.21 -0.99
N ASP A 42 13.69 -2.75 -2.11
CA ASP A 42 12.46 -2.28 -2.73
C ASP A 42 11.33 -2.20 -1.70
N PHE A 43 10.47 -1.20 -1.84
CA PHE A 43 9.35 -1.02 -0.92
C PHE A 43 8.03 -1.41 -1.58
N VAL A 44 6.97 -1.45 -0.79
CA VAL A 44 5.65 -1.81 -1.30
C VAL A 44 4.56 -0.91 -0.71
N LEU A 45 3.58 -0.58 -1.54
CA LEU A 45 2.49 0.29 -1.11
C LEU A 45 1.14 -0.44 -1.22
N SER A 46 0.49 -0.65 -0.08
CA SER A 46 -0.80 -1.34 -0.06
C SER A 46 -1.91 -0.39 0.36
N VAL A 47 -3.06 -0.50 -0.30
CA VAL A 47 -4.20 0.35 0.00
C VAL A 47 -5.51 -0.43 -0.06
N LEU A 48 -6.48 -0.04 0.75
CA LEU A 48 -7.77 -0.71 0.79
C LEU A 48 -8.83 0.13 0.06
N SER A 49 -9.07 -0.21 -1.19
CA SER A 49 -10.07 0.50 -2.00
C SER A 49 -11.43 0.50 -1.30
N ASP A 50 -12.27 1.44 -1.69
CA ASP A 50 -13.60 1.56 -1.12
C ASP A 50 -14.59 0.62 -1.81
N GLN A 51 -14.08 -0.15 -2.76
CA GLN A 51 -14.91 -1.09 -3.50
C GLN A 51 -14.90 -2.47 -2.85
N PRO A 52 -16.04 -2.86 -2.27
CA PRO A 52 -16.19 -4.16 -1.59
C PRO A 52 -16.18 -5.32 -2.57
N LYS A 53 -15.67 -6.46 -2.12
CA LYS A 53 -15.60 -7.65 -2.96
C LYS A 53 -16.98 -7.98 -3.53
N ALA A 54 -17.99 -7.98 -2.68
CA ALA A 54 -19.36 -8.28 -3.11
C ALA A 54 -20.29 -7.10 -2.83
N GLY A 55 -20.19 -6.54 -1.63
CA GLY A 55 -21.03 -5.41 -1.27
C GLY A 55 -20.87 -5.01 0.18
N PRO A 56 -21.98 -4.60 0.82
CA PRO A 56 -21.98 -4.17 2.22
C PRO A 56 -21.77 -5.34 3.17
N GLY A 57 -20.51 -5.64 3.46
CA GLY A 57 -20.20 -6.74 4.36
C GLY A 57 -18.91 -7.45 3.98
N SER A 58 -18.60 -7.45 2.69
CA SER A 58 -17.38 -8.10 2.20
C SER A 58 -16.15 -7.25 2.49
N PRO A 59 -14.99 -7.92 2.60
CA PRO A 59 -13.72 -7.25 2.88
C PRO A 59 -13.24 -6.40 1.71
N LEU A 60 -13.16 -5.09 1.93
CA LEU A 60 -12.71 -4.16 0.90
C LEU A 60 -11.53 -4.74 0.12
N ARG A 61 -11.48 -4.45 -1.18
CA ARG A 61 -10.40 -4.95 -2.03
C ARG A 61 -9.09 -4.22 -1.71
N VAL A 62 -7.98 -4.94 -1.80
CA VAL A 62 -6.67 -4.37 -1.53
C VAL A 62 -5.87 -4.22 -2.81
N THR A 63 -4.94 -3.26 -2.81
CA THR A 63 -4.11 -3.00 -3.97
C THR A 63 -2.62 -3.02 -3.60
N HIS A 64 -1.95 -4.11 -3.97
CA HIS A 64 -0.54 -4.26 -3.67
C HIS A 64 0.31 -3.72 -4.81
N ILE A 65 1.03 -2.63 -4.55
CA ILE A 65 1.89 -2.01 -5.57
C ILE A 65 3.35 -2.13 -5.19
N LYS A 66 4.18 -2.50 -6.17
CA LYS A 66 5.61 -2.64 -5.94
C LYS A 66 6.34 -1.33 -6.16
N VAL A 67 6.89 -0.78 -5.08
CA VAL A 67 7.62 0.49 -5.15
C VAL A 67 9.08 0.26 -5.49
N MET A 68 9.45 0.56 -6.73
CA MET A 68 10.81 0.39 -7.19
C MET A 68 11.73 1.46 -6.60
N CYS A 69 13.00 1.13 -6.43
CA CYS A 69 13.96 2.06 -5.88
C CYS A 69 14.89 2.62 -6.97
N GLU A 70 15.05 3.93 -6.98
CA GLU A 70 15.90 4.57 -7.98
C GLU A 70 17.10 5.26 -7.32
N GLY A 71 18.08 4.46 -6.92
CA GLY A 71 19.26 5.00 -6.29
C GLY A 71 18.93 5.96 -5.16
N GLY A 72 18.11 5.49 -4.22
CA GLY A 72 17.72 6.31 -3.09
C GLY A 72 16.28 6.77 -3.18
N ARG A 73 15.86 7.17 -4.38
CA ARG A 73 14.50 7.64 -4.60
C ARG A 73 13.54 6.46 -4.79
N TYR A 74 12.27 6.76 -5.01
CA TYR A 74 11.26 5.73 -5.20
C TYR A 74 10.29 6.13 -6.31
N THR A 75 9.96 5.17 -7.18
CA THR A 75 9.04 5.42 -8.29
C THR A 75 7.99 4.33 -8.39
N VAL A 76 6.95 4.58 -9.16
CA VAL A 76 5.87 3.60 -9.35
C VAL A 76 5.59 3.37 -10.83
N GLY A 77 6.34 2.44 -11.43
CA GLY A 77 6.16 2.13 -12.83
C GLY A 77 6.74 3.20 -13.74
N GLY A 78 6.32 4.44 -13.53
CA GLY A 78 6.81 5.54 -14.35
C GLY A 78 8.28 5.82 -14.12
N LEU A 79 8.82 6.80 -14.84
CA LEU A 79 10.22 7.16 -14.71
C LEU A 79 10.43 8.15 -13.57
N GLU A 80 9.40 8.92 -13.26
CA GLU A 80 9.46 9.91 -12.19
C GLU A 80 10.08 9.30 -10.93
N THR A 81 10.33 10.15 -9.94
CA THR A 81 10.93 9.70 -8.69
C THR A 81 10.49 10.57 -7.52
N PHE A 82 10.72 10.10 -6.31
CA PHE A 82 10.35 10.84 -5.11
C PHE A 82 11.39 10.66 -4.01
N ASP A 83 11.73 11.76 -3.34
CA ASP A 83 12.72 11.72 -2.26
C ASP A 83 12.60 10.44 -1.46
N SER A 84 11.39 10.13 -1.00
CA SER A 84 11.14 8.94 -0.22
C SER A 84 9.65 8.62 -0.16
N LEU A 85 9.31 7.54 0.54
CA LEU A 85 7.92 7.12 0.68
C LEU A 85 7.03 8.31 1.06
N THR A 86 7.61 9.27 1.78
CA THR A 86 6.87 10.45 2.20
C THR A 86 6.47 11.31 1.01
N ASP A 87 7.46 11.74 0.23
CA ASP A 87 7.21 12.56 -0.94
C ASP A 87 6.34 11.82 -1.96
N LEU A 88 6.58 10.52 -2.09
CA LEU A 88 5.83 9.69 -3.03
C LEU A 88 4.38 9.56 -2.58
N VAL A 89 4.17 8.93 -1.42
CA VAL A 89 2.84 8.74 -0.89
C VAL A 89 2.07 10.05 -0.82
N GLU A 90 2.63 11.02 -0.10
CA GLU A 90 2.00 12.33 0.03
C GLU A 90 1.52 12.85 -1.33
N HIS A 91 2.45 12.89 -2.30
CA HIS A 91 2.13 13.36 -3.64
C HIS A 91 0.97 12.56 -4.23
N PHE A 92 0.75 11.36 -3.70
CA PHE A 92 -0.31 10.50 -4.20
C PHE A 92 -1.59 10.69 -3.36
N LYS A 93 -1.41 11.02 -2.09
CA LYS A 93 -2.54 11.23 -1.19
C LYS A 93 -3.39 12.41 -1.65
N LYS A 94 -2.81 13.25 -2.52
CA LYS A 94 -3.52 14.41 -3.03
C LYS A 94 -3.93 14.20 -4.49
N THR A 95 -3.04 13.60 -5.27
CA THR A 95 -3.31 13.34 -6.67
C THR A 95 -4.09 12.04 -6.86
N GLY A 96 -3.54 10.95 -6.33
CA GLY A 96 -4.19 9.66 -6.45
C GLY A 96 -3.46 8.71 -7.38
N ILE A 97 -3.74 7.42 -7.25
CA ILE A 97 -3.10 6.41 -8.09
C ILE A 97 -4.11 5.75 -9.01
N GLU A 98 -3.66 5.34 -10.19
CA GLU A 98 -4.53 4.69 -11.16
C GLU A 98 -3.95 3.34 -11.58
N GLU A 99 -4.79 2.31 -11.54
CA GLU A 99 -4.37 0.97 -11.91
C GLU A 99 -4.58 0.73 -13.41
N ALA A 100 -3.68 -0.06 -14.01
CA ALA A 100 -3.77 -0.36 -15.43
C ALA A 100 -5.18 -0.80 -15.81
N SER A 101 -5.75 -1.69 -15.00
CA SER A 101 -7.09 -2.20 -15.26
C SER A 101 -8.08 -1.06 -15.45
N GLY A 102 -8.03 -0.08 -14.55
CA GLY A 102 -8.92 1.05 -14.63
C GLY A 102 -9.47 1.46 -13.28
N ALA A 103 -8.69 1.23 -12.23
CA ALA A 103 -9.11 1.58 -10.88
C ALA A 103 -8.37 2.82 -10.37
N PHE A 104 -8.92 3.45 -9.35
CA PHE A 104 -8.31 4.64 -8.77
C PHE A 104 -8.17 4.50 -7.25
N VAL A 105 -6.93 4.29 -6.80
CA VAL A 105 -6.66 4.13 -5.38
C VAL A 105 -6.49 5.49 -4.70
N TYR A 106 -7.13 5.65 -3.55
CA TYR A 106 -7.06 6.90 -2.81
C TYR A 106 -6.47 6.68 -1.42
N LEU A 107 -5.68 7.63 -0.95
CA LEU A 107 -5.05 7.54 0.37
C LEU A 107 -5.51 8.67 1.27
N ARG A 108 -6.53 8.43 2.06
CA ARG A 108 -7.07 9.45 2.97
C ARG A 108 -6.35 9.38 4.32
N GLN A 109 -6.19 8.17 4.83
CA GLN A 109 -5.53 7.97 6.12
C GLN A 109 -4.71 6.68 6.12
N PRO A 110 -3.55 6.72 6.80
CA PRO A 110 -2.66 5.56 6.90
C PRO A 110 -3.23 4.44 7.76
N TYR A 111 -2.39 3.49 8.12
CA TYR A 111 -2.83 2.37 8.95
C TYR A 111 -1.74 1.98 9.94
N TYR A 112 -2.05 2.13 11.23
CA TYR A 112 -1.10 1.80 12.29
C TYR A 112 -1.48 0.49 12.97
N SER A 113 -0.48 -0.33 13.28
CA SER A 113 -0.72 -1.60 13.94
C SER A 113 -0.72 -1.45 15.45
N GLY A 114 -1.26 -2.46 16.15
CA GLY A 114 -1.32 -2.41 17.60
C GLY A 114 -2.47 -1.57 18.10
N PRO A 115 -3.57 -2.23 18.47
CA PRO A 115 -4.77 -1.56 18.99
C PRO A 115 -4.55 -0.96 20.37
N SER A 116 -3.81 -1.68 21.21
CA SER A 116 -3.54 -1.22 22.57
C SER A 116 -4.82 -0.79 23.28
N SER A 117 -5.84 -1.65 23.20
CA SER A 117 -7.12 -1.36 23.84
C SER A 117 -7.07 -1.65 25.33
N GLY A 118 -8.16 -1.34 26.02
CA GLY A 118 -8.21 -1.57 27.45
C GLY A 118 -6.98 -1.07 28.17
N MET B 1 5.68 -25.52 4.21
CA MET B 1 5.29 -24.19 4.67
C MET B 1 5.45 -23.17 3.55
N ASP B 2 5.06 -23.54 2.33
CA ASP B 2 5.16 -22.65 1.19
C ASP B 2 3.92 -21.77 1.07
N ASN B 3 4.13 -20.48 0.87
CA ASN B 3 3.04 -19.53 0.73
C ASN B 3 2.54 -19.47 -0.70
N GLN B 4 1.22 -19.37 -0.87
CA GLN B 4 0.62 -19.30 -2.20
C GLN B 4 1.12 -18.07 -2.95
N GLY B 5 0.82 -16.90 -2.41
CA GLY B 5 1.24 -15.66 -3.06
C GLY B 5 0.08 -14.84 -3.57
N VAL B 6 0.14 -13.53 -3.38
CA VAL B 6 -0.93 -12.64 -3.82
C VAL B 6 -0.48 -11.81 -5.02
N ILE B 7 -1.41 -11.54 -5.92
CA ILE B 7 -1.12 -10.76 -7.12
C ILE B 7 -0.84 -9.30 -6.76
N SER B 9 -1.12 -5.65 -8.07
CA SER B 9 -1.71 -4.74 -9.05
C SER B 9 -0.64 -3.89 -9.71
N ASP B 10 -1.02 -3.23 -10.80
CA ASP B 10 -0.08 -2.37 -11.53
C ASP B 10 -0.72 -1.02 -11.83
N LEU B 11 -0.01 -0.19 -12.59
CA LEU B 11 -0.50 1.13 -12.95
C LEU B 11 -0.75 1.24 -14.45
N ASN B 12 -1.13 2.43 -14.90
CA ASN B 12 -1.41 2.66 -16.33
C ASN B 12 -0.11 2.83 -17.10
N LEU B 13 0.80 3.65 -16.57
CA LEU B 13 2.08 3.90 -17.22
C LEU B 13 2.75 2.58 -17.62
N PRO B 14 2.88 1.67 -16.65
CA PRO B 14 3.50 0.36 -16.87
C PRO B 14 2.64 -0.54 -17.75
N PRO B 15 3.30 -1.42 -18.52
CA PRO B 15 2.61 -2.37 -19.42
C PRO B 15 1.86 -3.44 -18.66
N GLY A 1 10.08 -5.97 24.52
CA GLY A 1 10.15 -4.96 23.47
C GLY A 1 9.16 -3.83 23.69
N SER A 2 9.19 -2.84 22.80
CA SER A 2 8.30 -1.70 22.90
C SER A 2 7.37 -1.62 21.68
N SER A 3 6.24 -0.94 21.85
CA SER A 3 5.27 -0.80 20.78
C SER A 3 4.88 0.67 20.58
N GLY A 4 5.09 1.16 19.37
CA GLY A 4 4.76 2.54 19.08
C GLY A 4 4.84 2.86 17.59
N SER A 5 4.14 2.08 16.78
CA SER A 5 4.15 2.26 15.33
C SER A 5 4.12 3.75 14.98
N SER A 6 5.17 4.21 14.30
CA SER A 6 5.25 5.61 13.90
C SER A 6 4.97 5.77 12.41
N GLY A 7 4.03 6.67 12.10
CA GLY A 7 3.68 6.91 10.71
C GLY A 7 2.91 5.74 10.10
N TRP A 8 3.22 5.43 8.84
CA TRP A 8 2.55 4.34 8.15
C TRP A 8 3.56 3.27 7.73
N TYR A 9 4.65 3.17 8.48
CA TYR A 9 5.69 2.18 8.18
C TYR A 9 5.62 1.00 9.15
N HIS A 10 5.54 -0.20 8.59
CA HIS A 10 5.47 -1.41 9.40
C HIS A 10 6.76 -2.22 9.30
N GLY A 11 7.18 -2.50 8.08
CA GLY A 11 8.40 -3.26 7.87
C GLY A 11 8.13 -4.74 7.66
N HIS A 12 8.32 -5.52 8.72
CA HIS A 12 8.10 -6.96 8.66
C HIS A 12 6.61 -7.28 8.49
N MET A 13 6.24 -7.78 7.33
CA MET A 13 4.86 -8.12 7.05
C MET A 13 4.74 -8.90 5.73
N SER A 14 4.05 -10.03 5.78
CA SER A 14 3.87 -10.86 4.61
C SER A 14 2.69 -10.36 3.76
N GLY A 15 2.84 -10.45 2.44
CA GLY A 15 1.78 -10.00 1.55
C GLY A 15 0.41 -10.36 2.05
N GLY A 16 0.00 -11.61 1.82
CA GLY A 16 -1.31 -12.06 2.26
C GLY A 16 -1.71 -11.46 3.59
N GLN A 17 -0.72 -11.20 4.44
CA GLN A 17 -0.98 -10.62 5.76
C GLN A 17 -1.64 -9.25 5.63
N ALA A 18 -0.90 -8.30 5.07
CA ALA A 18 -1.41 -6.94 4.88
C ALA A 18 -2.90 -6.96 4.57
N GLU A 19 -3.29 -7.77 3.60
CA GLU A 19 -4.69 -7.88 3.20
C GLU A 19 -5.59 -8.05 4.42
N THR A 20 -5.23 -8.99 5.29
CA THR A 20 -6.01 -9.24 6.50
C THR A 20 -6.12 -7.99 7.35
N LEU A 21 -4.98 -7.45 7.76
CA LEU A 21 -4.95 -6.26 8.59
C LEU A 21 -5.79 -5.15 7.98
N LEU A 22 -5.57 -4.87 6.70
CA LEU A 22 -6.32 -3.84 5.99
C LEU A 22 -7.81 -4.16 5.97
N GLN A 23 -8.17 -5.25 5.30
CA GLN A 23 -9.56 -5.67 5.22
C GLN A 23 -10.23 -5.61 6.58
N ALA A 24 -9.52 -6.07 7.61
CA ALA A 24 -10.05 -6.07 8.97
C ALA A 24 -10.44 -4.67 9.41
N LYS A 25 -9.70 -3.67 8.93
CA LYS A 25 -9.97 -2.28 9.28
C LYS A 25 -11.31 -1.83 8.69
N GLY A 26 -11.65 -2.35 7.52
CA GLY A 26 -12.89 -2.00 6.88
C GLY A 26 -12.96 -0.53 6.51
N GLU A 27 -11.81 0.15 6.57
CA GLU A 27 -11.74 1.56 6.24
C GLU A 27 -11.25 1.77 4.81
N PRO A 28 -12.08 2.44 3.99
CA PRO A 28 -11.73 2.72 2.59
C PRO A 28 -10.61 3.73 2.45
N TRP A 29 -9.76 3.53 1.46
CA TRP A 29 -8.64 4.43 1.22
C TRP A 29 -7.59 4.31 2.33
N THR A 30 -7.43 3.10 2.85
CA THR A 30 -6.47 2.86 3.93
C THR A 30 -5.13 2.37 3.37
N PHE A 31 -4.19 3.31 3.21
CA PHE A 31 -2.87 2.96 2.70
C PHE A 31 -1.91 2.62 3.83
N LEU A 32 -0.86 1.87 3.49
CA LEU A 32 0.13 1.46 4.48
C LEU A 32 1.43 1.02 3.80
N VAL A 33 2.55 1.46 4.35
CA VAL A 33 3.85 1.12 3.80
C VAL A 33 4.49 -0.04 4.58
N ARG A 34 5.24 -0.88 3.87
CA ARG A 34 5.90 -2.02 4.49
C ARG A 34 7.06 -2.51 3.63
N GLU A 35 8.10 -3.04 4.28
CA GLU A 35 9.27 -3.54 3.58
C GLU A 35 8.91 -4.73 2.69
N SER A 36 9.39 -4.71 1.45
CA SER A 36 9.12 -5.78 0.51
C SER A 36 9.92 -7.03 0.85
N LEU A 37 9.33 -8.19 0.62
CA LEU A 37 10.00 -9.46 0.90
C LEU A 37 10.53 -10.08 -0.39
N SER A 38 9.72 -10.07 -1.43
CA SER A 38 10.11 -10.64 -2.72
C SER A 38 11.44 -10.06 -3.18
N GLN A 39 11.48 -8.74 -3.34
CA GLN A 39 12.69 -8.06 -3.78
C GLN A 39 13.35 -7.31 -2.63
N PRO A 40 14.68 -7.43 -2.51
CA PRO A 40 15.45 -6.77 -1.46
C PRO A 40 15.51 -5.25 -1.65
N GLY A 41 15.36 -4.52 -0.55
CA GLY A 41 15.40 -3.07 -0.62
C GLY A 41 14.09 -2.48 -1.09
N ASP A 42 13.63 -2.92 -2.25
CA ASP A 42 12.38 -2.42 -2.81
C ASP A 42 11.30 -2.33 -1.74
N PHE A 43 10.30 -1.49 -1.98
CA PHE A 43 9.21 -1.32 -1.04
C PHE A 43 7.86 -1.67 -1.69
N VAL A 44 6.82 -1.77 -0.86
CA VAL A 44 5.49 -2.10 -1.35
C VAL A 44 4.44 -1.18 -0.74
N LEU A 45 3.47 -0.77 -1.55
CA LEU A 45 2.40 0.10 -1.09
C LEU A 45 1.05 -0.58 -1.20
N SER A 46 0.39 -0.78 -0.05
CA SER A 46 -0.91 -1.43 -0.02
C SER A 46 -2.01 -0.44 0.34
N VAL A 47 -3.16 -0.58 -0.31
CA VAL A 47 -4.29 0.31 -0.06
C VAL A 47 -5.61 -0.45 -0.12
N LEU A 48 -6.51 -0.14 0.80
CA LEU A 48 -7.81 -0.79 0.84
C LEU A 48 -8.86 0.03 0.11
N SER A 49 -9.10 -0.32 -1.15
CA SER A 49 -10.07 0.39 -1.98
C SER A 49 -11.44 0.41 -1.30
N ASP A 50 -12.29 1.35 -1.72
CA ASP A 50 -13.62 1.48 -1.16
C ASP A 50 -14.59 0.50 -1.81
N GLN A 51 -14.07 -0.29 -2.74
CA GLN A 51 -14.89 -1.27 -3.45
C GLN A 51 -14.86 -2.62 -2.75
N PRO A 52 -16.03 -3.05 -2.23
CA PRO A 52 -16.16 -4.32 -1.52
C PRO A 52 -16.04 -5.52 -2.45
N LYS A 53 -15.54 -6.63 -1.92
CA LYS A 53 -15.37 -7.84 -2.70
C LYS A 53 -16.69 -8.30 -3.29
N ALA A 54 -17.76 -8.20 -2.51
CA ALA A 54 -19.09 -8.60 -2.97
C ALA A 54 -20.10 -7.49 -2.74
N GLY A 55 -20.06 -6.88 -1.55
CA GLY A 55 -20.98 -5.80 -1.24
C GLY A 55 -20.86 -5.35 0.20
N PRO A 56 -21.99 -4.93 0.79
CA PRO A 56 -22.04 -4.46 2.18
C PRO A 56 -21.81 -5.58 3.18
N GLY A 57 -20.55 -5.79 3.56
CA GLY A 57 -20.22 -6.83 4.51
C GLY A 57 -18.90 -7.51 4.21
N SER A 58 -18.56 -7.57 2.93
CA SER A 58 -17.31 -8.20 2.49
C SER A 58 -16.12 -7.28 2.76
N PRO A 59 -14.94 -7.89 2.93
CA PRO A 59 -13.71 -7.15 3.19
C PRO A 59 -13.23 -6.36 1.98
N LEU A 60 -13.24 -5.03 2.09
CA LEU A 60 -12.81 -4.17 1.01
C LEU A 60 -11.63 -4.78 0.25
N ARG A 61 -11.56 -4.49 -1.05
CA ARG A 61 -10.48 -5.02 -1.88
C ARG A 61 -9.16 -4.31 -1.57
N VAL A 62 -8.06 -5.06 -1.65
CA VAL A 62 -6.75 -4.50 -1.38
C VAL A 62 -5.93 -4.37 -2.66
N THR A 63 -5.17 -3.28 -2.77
CA THR A 63 -4.35 -3.04 -3.95
C THR A 63 -2.87 -3.03 -3.59
N HIS A 64 -2.16 -4.06 -4.04
CA HIS A 64 -0.73 -4.18 -3.77
C HIS A 64 0.10 -3.66 -4.95
N ILE A 65 0.77 -2.54 -4.74
CA ILE A 65 1.60 -1.94 -5.79
C ILE A 65 3.07 -1.97 -5.40
N LYS A 66 3.92 -2.29 -6.37
CA LYS A 66 5.36 -2.36 -6.15
C LYS A 66 5.96 -0.96 -6.10
N VAL A 67 7.00 -0.79 -5.28
CA VAL A 67 7.67 0.49 -5.14
C VAL A 67 9.15 0.37 -5.46
N MET A 68 9.52 0.69 -6.70
CA MET A 68 10.91 0.63 -7.13
C MET A 68 11.71 1.79 -6.55
N CYS A 69 13.04 1.66 -6.59
CA CYS A 69 13.91 2.70 -6.07
C CYS A 69 14.88 3.19 -7.16
N GLU A 70 14.74 4.46 -7.53
CA GLU A 70 15.59 5.06 -8.55
C GLU A 70 16.91 5.53 -7.95
N GLY A 71 17.79 4.59 -7.64
CA GLY A 71 19.08 4.92 -7.06
C GLY A 71 18.98 6.08 -6.08
N GLY A 72 18.31 5.85 -4.96
CA GLY A 72 18.16 6.88 -3.95
C GLY A 72 16.73 7.31 -3.78
N ARG A 73 16.01 7.47 -4.89
CA ARG A 73 14.62 7.88 -4.86
C ARG A 73 13.69 6.68 -5.05
N TYR A 74 12.38 6.95 -5.04
CA TYR A 74 11.39 5.89 -5.21
C TYR A 74 10.43 6.23 -6.35
N THR A 75 9.93 5.20 -7.03
CA THR A 75 9.01 5.38 -8.14
C THR A 75 8.08 4.18 -8.28
N VAL A 76 7.03 4.34 -9.08
CA VAL A 76 6.07 3.27 -9.30
C VAL A 76 5.84 3.04 -10.79
N GLY A 77 6.67 2.19 -11.40
CA GLY A 77 6.53 1.90 -12.81
C GLY A 77 7.01 3.04 -13.69
N GLY A 78 6.37 4.20 -13.55
CA GLY A 78 6.74 5.36 -14.34
C GLY A 78 8.20 5.74 -14.14
N LEU A 79 8.60 6.87 -14.73
CA LEU A 79 9.97 7.34 -14.61
C LEU A 79 10.11 8.33 -13.45
N GLU A 80 9.00 8.92 -13.05
CA GLU A 80 8.99 9.88 -11.95
C GLU A 80 9.79 9.34 -10.76
N THR A 81 10.05 10.21 -9.79
CA THR A 81 10.80 9.83 -8.60
C THR A 81 10.44 10.72 -7.42
N PHE A 82 10.72 10.23 -6.22
CA PHE A 82 10.42 10.98 -4.99
C PHE A 82 11.54 10.80 -3.97
N ASP A 83 11.78 11.85 -3.18
CA ASP A 83 12.81 11.81 -2.16
C ASP A 83 12.74 10.50 -1.37
N SER A 84 11.54 10.13 -0.94
CA SER A 84 11.34 8.92 -0.17
C SER A 84 9.85 8.55 -0.11
N LEU A 85 9.55 7.49 0.63
CA LEU A 85 8.16 7.04 0.77
C LEU A 85 7.25 8.19 1.17
N THR A 86 7.80 9.13 1.93
CA THR A 86 7.04 10.29 2.39
C THR A 86 6.63 11.17 1.22
N ASP A 87 7.62 11.62 0.45
CA ASP A 87 7.36 12.47 -0.70
C ASP A 87 6.54 11.74 -1.75
N LEU A 88 6.79 10.44 -1.88
CA LEU A 88 6.07 9.62 -2.86
C LEU A 88 4.60 9.48 -2.48
N VAL A 89 4.34 8.88 -1.32
CA VAL A 89 2.98 8.70 -0.85
C VAL A 89 2.23 10.02 -0.77
N GLU A 90 2.80 10.98 -0.05
CA GLU A 90 2.19 12.30 0.09
C GLU A 90 1.65 12.80 -1.24
N HIS A 91 2.56 12.96 -2.21
CA HIS A 91 2.18 13.44 -3.53
C HIS A 91 1.06 12.57 -4.12
N PHE A 92 0.95 11.34 -3.63
CA PHE A 92 -0.07 10.42 -4.11
C PHE A 92 -1.31 10.48 -3.23
N LYS A 93 -1.16 11.06 -2.05
CA LYS A 93 -2.27 11.18 -1.12
C LYS A 93 -3.25 12.26 -1.57
N LYS A 94 -2.77 13.16 -2.41
CA LYS A 94 -3.60 14.25 -2.94
C LYS A 94 -3.99 13.99 -4.39
N THR A 95 -3.07 13.39 -5.14
CA THR A 95 -3.31 13.09 -6.55
C THR A 95 -4.04 11.76 -6.71
N GLY A 96 -3.38 10.67 -6.33
CA GLY A 96 -3.99 9.36 -6.44
C GLY A 96 -3.30 8.49 -7.48
N ILE A 97 -3.29 7.18 -7.24
CA ILE A 97 -2.66 6.25 -8.16
C ILE A 97 -3.67 5.69 -9.16
N GLU A 98 -3.25 5.53 -10.40
CA GLU A 98 -4.11 5.00 -11.44
C GLU A 98 -3.63 3.63 -11.93
N GLU A 99 -4.44 2.61 -11.70
CA GLU A 99 -4.09 1.26 -12.11
C GLU A 99 -4.35 1.05 -13.61
N ALA A 100 -3.47 0.30 -14.24
CA ALA A 100 -3.61 0.02 -15.67
C ALA A 100 -5.06 -0.22 -16.06
N SER A 101 -5.67 -1.23 -15.43
CA SER A 101 -7.06 -1.57 -15.72
C SER A 101 -7.94 -0.31 -15.71
N GLY A 102 -7.57 0.65 -14.87
CA GLY A 102 -8.33 1.88 -14.79
C GLY A 102 -8.62 2.29 -13.36
N ALA A 103 -8.84 1.30 -12.50
CA ALA A 103 -9.13 1.57 -11.09
C ALA A 103 -8.27 2.70 -10.57
N PHE A 104 -8.77 3.40 -9.54
CA PHE A 104 -8.03 4.51 -8.94
C PHE A 104 -7.93 4.33 -7.43
N VAL A 105 -6.71 4.24 -6.94
CA VAL A 105 -6.47 4.07 -5.51
C VAL A 105 -6.31 5.42 -4.82
N TYR A 106 -6.95 5.56 -3.66
CA TYR A 106 -6.89 6.81 -2.90
C TYR A 106 -6.32 6.56 -1.50
N LEU A 107 -5.48 7.48 -1.05
CA LEU A 107 -4.86 7.36 0.28
C LEU A 107 -5.30 8.50 1.17
N ARG A 108 -6.43 8.31 1.87
CA ARG A 108 -6.96 9.33 2.77
C ARG A 108 -6.26 9.27 4.12
N GLN A 109 -6.22 8.07 4.70
CA GLN A 109 -5.59 7.88 6.01
C GLN A 109 -4.81 6.57 6.04
N PRO A 110 -3.65 6.60 6.72
CA PRO A 110 -2.79 5.41 6.85
C PRO A 110 -3.41 4.33 7.72
N TYR A 111 -2.58 3.39 8.16
CA TYR A 111 -3.05 2.29 9.00
C TYR A 111 -2.05 2.02 10.13
N TYR A 112 -2.46 2.33 11.35
CA TYR A 112 -1.62 2.11 12.52
C TYR A 112 -1.92 0.78 13.20
N SER A 113 -0.89 0.12 13.70
CA SER A 113 -1.06 -1.17 14.37
C SER A 113 -1.36 -0.98 15.85
N GLY A 114 -0.42 -0.36 16.56
CA GLY A 114 -0.60 -0.12 17.99
C GLY A 114 -1.46 1.10 18.27
N PRO A 115 -2.06 1.13 19.47
CA PRO A 115 -2.92 2.24 19.89
C PRO A 115 -2.12 3.52 20.13
N SER A 116 -2.83 4.65 20.23
CA SER A 116 -2.19 5.93 20.47
C SER A 116 -1.31 5.89 21.70
N SER A 117 -0.07 6.35 21.55
CA SER A 117 0.88 6.37 22.66
C SER A 117 0.26 7.01 23.90
N GLY A 118 0.79 6.64 25.06
CA GLY A 118 0.28 7.19 26.31
C GLY A 118 0.31 6.19 27.45
N MET B 1 3.26 -27.73 1.41
CA MET B 1 4.13 -26.60 1.08
C MET B 1 3.74 -26.00 -0.26
N ASP B 2 2.83 -25.03 -0.24
CA ASP B 2 2.38 -24.38 -1.47
C ASP B 2 2.73 -22.89 -1.44
N ASN B 3 3.27 -22.40 -2.54
CA ASN B 3 3.65 -20.99 -2.65
C ASN B 3 2.57 -20.19 -3.36
N GLN B 4 2.07 -19.15 -2.70
CA GLN B 4 1.03 -18.30 -3.26
C GLN B 4 0.91 -16.99 -2.49
N GLY B 5 1.30 -15.90 -3.13
CA GLY B 5 1.24 -14.60 -2.49
C GLY B 5 -0.02 -13.83 -2.87
N VAL B 6 0.18 -12.64 -3.45
CA VAL B 6 -0.94 -11.81 -3.87
C VAL B 6 -0.61 -11.05 -5.15
N ILE B 7 -1.64 -10.79 -5.96
CA ILE B 7 -1.47 -10.09 -7.22
C ILE B 7 -1.19 -8.61 -6.98
N SER B 9 -1.85 -4.97 -8.81
CA SER B 9 -2.49 -4.17 -9.85
C SER B 9 -1.49 -3.20 -10.46
N ASP B 10 -0.98 -3.54 -11.64
CA ASP B 10 -0.02 -2.68 -12.33
C ASP B 10 -0.56 -1.27 -12.48
N LEU B 11 0.29 -0.37 -12.97
CA LEU B 11 -0.10 1.02 -13.17
C LEU B 11 -0.29 1.34 -14.65
N ASN B 12 -0.53 2.61 -14.96
CA ASN B 12 -0.73 3.03 -16.34
C ASN B 12 0.61 3.30 -17.02
N LEU B 13 1.61 3.66 -16.23
CA LEU B 13 2.94 3.94 -16.77
C LEU B 13 3.52 2.70 -17.46
N PRO B 14 3.44 1.55 -16.78
CA PRO B 14 3.95 0.29 -17.30
C PRO B 14 3.12 -0.23 -18.46
N PRO B 15 3.69 -1.17 -19.23
CA PRO B 15 3.02 -1.78 -20.39
C PRO B 15 1.86 -2.67 -19.98
N GLY A 1 21.98 8.70 20.25
CA GLY A 1 21.83 10.09 19.86
C GLY A 1 20.44 10.42 19.36
N SER A 2 19.92 9.55 18.49
CA SER A 2 18.59 9.75 17.92
C SER A 2 17.92 8.41 17.65
N SER A 3 16.59 8.41 17.67
CA SER A 3 15.81 7.20 17.43
C SER A 3 14.86 7.39 16.25
N GLY A 4 14.01 8.40 16.35
CA GLY A 4 13.05 8.68 15.29
C GLY A 4 11.76 7.89 15.45
N SER A 5 10.67 8.45 14.94
CA SER A 5 9.38 7.79 15.02
C SER A 5 8.85 7.42 13.64
N SER A 6 8.05 6.36 13.58
CA SER A 6 7.49 5.90 12.32
C SER A 6 6.04 6.37 12.16
N GLY A 7 5.58 6.43 10.92
CA GLY A 7 4.22 6.88 10.65
C GLY A 7 3.36 5.77 10.07
N TRP A 8 3.57 5.48 8.79
CA TRP A 8 2.81 4.44 8.11
C TRP A 8 3.72 3.33 7.61
N TYR A 9 4.87 3.17 8.26
CA TYR A 9 5.83 2.14 7.88
C TYR A 9 5.83 0.99 8.90
N HIS A 10 5.59 -0.21 8.42
CA HIS A 10 5.56 -1.39 9.27
C HIS A 10 6.85 -2.20 9.12
N GLY A 11 7.16 -2.59 7.89
CA GLY A 11 8.36 -3.36 7.64
C GLY A 11 8.06 -4.81 7.33
N HIS A 12 8.51 -5.71 8.21
CA HIS A 12 8.29 -7.13 8.03
C HIS A 12 6.81 -7.44 7.92
N MET A 13 6.36 -7.79 6.71
CA MET A 13 4.96 -8.11 6.48
C MET A 13 4.78 -8.82 5.14
N SER A 14 3.92 -9.83 5.12
CA SER A 14 3.66 -10.60 3.92
C SER A 14 2.38 -10.12 3.23
N GLY A 15 2.38 -10.17 1.90
CA GLY A 15 1.22 -9.73 1.14
C GLY A 15 -0.08 -10.22 1.76
N GLY A 16 -0.25 -11.54 1.81
CA GLY A 16 -1.46 -12.11 2.38
C GLY A 16 -1.80 -11.51 3.73
N GLN A 17 -0.80 -11.00 4.43
CA GLN A 17 -1.00 -10.40 5.74
C GLN A 17 -1.67 -9.03 5.61
N ALA A 18 -0.96 -8.09 5.00
CA ALA A 18 -1.48 -6.75 4.81
C ALA A 18 -2.98 -6.77 4.54
N GLU A 19 -3.40 -7.67 3.66
CA GLU A 19 -4.81 -7.79 3.31
C GLU A 19 -5.67 -7.97 4.57
N THR A 20 -5.24 -8.84 5.46
CA THR A 20 -5.96 -9.10 6.70
C THR A 20 -6.01 -7.85 7.58
N LEU A 21 -4.84 -7.31 7.89
CA LEU A 21 -4.75 -6.11 8.72
C LEU A 21 -5.62 -5.00 8.16
N LEU A 22 -5.47 -4.72 6.86
CA LEU A 22 -6.25 -3.68 6.21
C LEU A 22 -7.73 -4.01 6.23
N GLN A 23 -8.11 -5.08 5.53
CA GLN A 23 -9.51 -5.50 5.48
C GLN A 23 -10.14 -5.46 6.85
N ALA A 24 -9.45 -6.02 7.83
CA ALA A 24 -9.96 -6.05 9.21
C ALA A 24 -10.30 -4.64 9.68
N LYS A 25 -9.57 -3.66 9.20
CA LYS A 25 -9.80 -2.27 9.57
C LYS A 25 -11.19 -1.81 9.13
N GLY A 26 -11.54 -2.13 7.89
CA GLY A 26 -12.83 -1.74 7.36
C GLY A 26 -12.90 -0.27 7.00
N GLU A 27 -11.73 0.37 6.88
CA GLU A 27 -11.66 1.78 6.54
C GLU A 27 -11.19 1.97 5.10
N PRO A 28 -12.05 2.61 4.29
CA PRO A 28 -11.75 2.88 2.88
C PRO A 28 -10.64 3.92 2.71
N TRP A 29 -9.80 3.72 1.70
CA TRP A 29 -8.70 4.63 1.43
C TRP A 29 -7.62 4.53 2.50
N THR A 30 -7.52 3.36 3.12
CA THR A 30 -6.54 3.12 4.17
C THR A 30 -5.22 2.62 3.57
N PHE A 31 -4.26 3.51 3.41
CA PHE A 31 -2.96 3.16 2.86
C PHE A 31 -1.98 2.77 3.97
N LEU A 32 -0.90 2.11 3.60
CA LEU A 32 0.11 1.69 4.55
C LEU A 32 1.35 1.15 3.85
N VAL A 33 2.53 1.52 4.34
CA VAL A 33 3.79 1.08 3.76
C VAL A 33 4.36 -0.11 4.53
N ARG A 34 5.00 -1.03 3.82
CA ARG A 34 5.60 -2.20 4.44
C ARG A 34 6.69 -2.77 3.56
N GLU A 35 7.93 -2.73 4.06
CA GLU A 35 9.07 -3.25 3.32
C GLU A 35 8.68 -4.47 2.48
N SER A 36 9.32 -4.63 1.34
CA SER A 36 9.04 -5.75 0.46
C SER A 36 9.25 -7.08 1.17
N LEU A 37 8.95 -8.18 0.49
CA LEU A 37 9.13 -9.52 1.06
C LEU A 37 10.14 -10.32 0.26
N SER A 38 10.42 -9.88 -0.96
CA SER A 38 11.37 -10.56 -1.82
C SER A 38 12.59 -9.69 -2.08
N GLN A 39 12.39 -8.64 -2.88
CA GLN A 39 13.49 -7.73 -3.22
C GLN A 39 13.95 -6.97 -1.98
N PRO A 40 15.19 -7.27 -1.54
CA PRO A 40 15.79 -6.63 -0.37
C PRO A 40 16.12 -5.16 -0.62
N GLY A 41 15.75 -4.66 -1.79
CA GLY A 41 16.01 -3.28 -2.13
C GLY A 41 14.81 -2.58 -2.73
N ASP A 42 13.62 -3.11 -2.45
CA ASP A 42 12.39 -2.53 -2.97
C ASP A 42 11.34 -2.43 -1.87
N PHE A 43 10.31 -1.63 -2.12
CA PHE A 43 9.24 -1.44 -1.16
C PHE A 43 7.88 -1.79 -1.76
N VAL A 44 6.83 -1.74 -0.93
CA VAL A 44 5.49 -2.06 -1.39
C VAL A 44 4.46 -1.14 -0.75
N LEU A 45 3.40 -0.83 -1.49
CA LEU A 45 2.34 0.04 -0.98
C LEU A 45 0.99 -0.65 -1.07
N SER A 46 0.25 -0.62 0.04
CA SER A 46 -1.07 -1.25 0.09
C SER A 46 -2.15 -0.22 0.42
N VAL A 47 -3.32 -0.39 -0.17
CA VAL A 47 -4.44 0.52 0.06
C VAL A 47 -5.77 -0.22 -0.02
N LEU A 48 -6.63 0.02 0.97
CA LEU A 48 -7.94 -0.62 1.02
C LEU A 48 -8.98 0.22 0.28
N SER A 49 -9.27 -0.17 -0.96
CA SER A 49 -10.25 0.54 -1.78
C SER A 49 -11.61 0.54 -1.12
N ASP A 50 -12.43 1.54 -1.47
CA ASP A 50 -13.77 1.66 -0.90
C ASP A 50 -14.74 0.70 -1.58
N GLN A 51 -14.22 -0.08 -2.53
CA GLN A 51 -15.04 -1.03 -3.27
C GLN A 51 -14.90 -2.44 -2.68
N PRO A 52 -16.03 -3.02 -2.26
CA PRO A 52 -16.04 -4.37 -1.68
C PRO A 52 -15.77 -5.45 -2.71
N LYS A 53 -15.16 -6.55 -2.26
CA LYS A 53 -14.83 -7.66 -3.15
C LYS A 53 -16.08 -8.16 -3.87
N ALA A 54 -17.10 -8.53 -3.11
CA ALA A 54 -18.35 -9.02 -3.68
C ALA A 54 -19.47 -7.99 -3.51
N GLY A 55 -19.55 -7.40 -2.32
CA GLY A 55 -20.58 -6.41 -2.05
C GLY A 55 -20.64 -6.03 -0.58
N PRO A 56 -21.84 -5.71 -0.09
CA PRO A 56 -22.06 -5.31 1.30
C PRO A 56 -21.88 -6.48 2.26
N GLY A 57 -20.64 -6.68 2.71
CA GLY A 57 -20.34 -7.76 3.64
C GLY A 57 -18.94 -8.30 3.47
N SER A 58 -18.43 -8.24 2.24
CA SER A 58 -17.09 -8.74 1.96
C SER A 58 -16.03 -7.70 2.34
N PRO A 59 -14.81 -8.19 2.64
CA PRO A 59 -13.69 -7.33 3.03
C PRO A 59 -13.19 -6.48 1.86
N LEU A 60 -13.24 -5.16 2.04
CA LEU A 60 -12.80 -4.24 1.00
C LEU A 60 -11.54 -4.76 0.30
N ARG A 61 -11.44 -4.51 -0.99
CA ARG A 61 -10.30 -4.96 -1.77
C ARG A 61 -9.04 -4.21 -1.38
N VAL A 62 -7.90 -4.88 -1.48
CA VAL A 62 -6.62 -4.28 -1.13
C VAL A 62 -5.71 -4.16 -2.35
N THR A 63 -5.47 -2.92 -2.78
CA THR A 63 -4.62 -2.67 -3.94
C THR A 63 -3.15 -2.76 -3.56
N HIS A 64 -2.49 -3.84 -3.99
CA HIS A 64 -1.07 -4.04 -3.71
C HIS A 64 -0.21 -3.56 -4.87
N ILE A 65 0.62 -2.55 -4.62
CA ILE A 65 1.49 -2.01 -5.64
C ILE A 65 2.96 -2.08 -5.22
N LYS A 66 3.77 -2.75 -6.01
CA LYS A 66 5.19 -2.89 -5.71
C LYS A 66 5.94 -1.58 -6.00
N VAL A 67 6.54 -1.02 -4.96
CA VAL A 67 7.29 0.23 -5.09
C VAL A 67 8.75 -0.04 -5.43
N MET A 68 9.22 0.60 -6.48
CA MET A 68 10.61 0.44 -6.92
C MET A 68 11.51 1.51 -6.32
N CYS A 69 12.81 1.34 -6.46
CA CYS A 69 13.77 2.30 -5.93
C CYS A 69 14.86 2.61 -6.95
N GLU A 70 15.04 3.89 -7.25
CA GLU A 70 16.05 4.31 -8.22
C GLU A 70 17.18 5.08 -7.52
N GLY A 71 18.28 4.38 -7.27
CA GLY A 71 19.41 5.00 -6.62
C GLY A 71 19.01 5.81 -5.40
N GLY A 72 18.28 5.19 -4.49
CA GLY A 72 17.84 5.88 -3.30
C GLY A 72 16.41 6.39 -3.41
N ARG A 73 16.08 6.94 -4.57
CA ARG A 73 14.73 7.47 -4.80
C ARG A 73 13.73 6.34 -5.00
N TYR A 74 12.46 6.69 -5.14
CA TYR A 74 11.40 5.71 -5.34
C TYR A 74 10.54 6.07 -6.54
N THR A 75 9.99 5.04 -7.20
CA THR A 75 9.15 5.25 -8.37
C THR A 75 8.19 4.07 -8.57
N VAL A 76 7.06 4.35 -9.22
CA VAL A 76 6.07 3.32 -9.48
C VAL A 76 5.84 3.14 -10.98
N GLY A 77 6.66 2.30 -11.60
CA GLY A 77 6.53 2.06 -13.03
C GLY A 77 6.50 3.34 -13.83
N GLY A 78 7.02 4.42 -13.25
CA GLY A 78 7.04 5.70 -13.93
C GLY A 78 8.43 6.29 -14.03
N LEU A 79 8.65 7.13 -15.03
CA LEU A 79 9.95 7.76 -15.23
C LEU A 79 10.23 8.78 -14.14
N GLU A 80 9.20 9.09 -13.34
CA GLU A 80 9.34 10.06 -12.26
C GLU A 80 10.01 9.42 -11.04
N THR A 81 10.19 10.22 -9.99
CA THR A 81 10.82 9.73 -8.77
C THR A 81 10.40 10.57 -7.57
N PHE A 82 10.77 10.11 -6.38
CA PHE A 82 10.44 10.83 -5.15
C PHE A 82 11.52 10.64 -4.09
N ASP A 83 11.84 11.73 -3.38
CA ASP A 83 12.86 11.69 -2.35
C ASP A 83 12.76 10.41 -1.53
N SER A 84 11.58 10.15 -0.99
CA SER A 84 11.35 8.96 -0.17
C SER A 84 9.87 8.60 -0.14
N LEU A 85 9.54 7.55 0.62
CA LEU A 85 8.16 7.11 0.74
C LEU A 85 7.23 8.27 1.09
N THR A 86 7.75 9.22 1.85
CA THR A 86 6.97 10.38 2.26
C THR A 86 6.62 11.25 1.06
N ASP A 87 7.62 11.63 0.28
CA ASP A 87 7.40 12.46 -0.90
C ASP A 87 6.55 11.73 -1.93
N LEU A 88 6.77 10.42 -2.06
CA LEU A 88 6.02 9.62 -3.00
C LEU A 88 4.56 9.49 -2.57
N VAL A 89 4.33 8.82 -1.44
CA VAL A 89 2.99 8.64 -0.93
C VAL A 89 2.23 9.96 -0.84
N GLU A 90 2.83 10.93 -0.15
CA GLU A 90 2.21 12.25 -0.01
C GLU A 90 1.69 12.76 -1.34
N HIS A 91 2.55 12.74 -2.36
CA HIS A 91 2.18 13.21 -3.69
C HIS A 91 1.03 12.37 -4.25
N PHE A 92 0.87 11.16 -3.72
CA PHE A 92 -0.19 10.27 -4.17
C PHE A 92 -1.44 10.42 -3.30
N LYS A 93 -1.27 11.02 -2.13
CA LYS A 93 -2.37 11.23 -1.19
C LYS A 93 -3.28 12.34 -1.68
N LYS A 94 -2.76 13.19 -2.56
CA LYS A 94 -3.53 14.31 -3.11
C LYS A 94 -3.94 14.03 -4.55
N THR A 95 -3.05 13.41 -5.31
CA THR A 95 -3.33 13.08 -6.70
C THR A 95 -4.02 11.73 -6.82
N GLY A 96 -3.34 10.68 -6.36
CA GLY A 96 -3.91 9.34 -6.42
C GLY A 96 -3.28 8.50 -7.52
N ILE A 97 -3.32 7.18 -7.34
CA ILE A 97 -2.75 6.27 -8.33
C ILE A 97 -3.83 5.75 -9.28
N GLU A 98 -3.44 5.54 -10.53
CA GLU A 98 -4.37 5.05 -11.55
C GLU A 98 -3.97 3.65 -12.01
N GLU A 99 -4.67 2.63 -11.52
CA GLU A 99 -4.39 1.26 -11.88
C GLU A 99 -4.79 0.98 -13.33
N ALA A 100 -3.98 0.20 -14.02
CA ALA A 100 -4.25 -0.14 -15.42
C ALA A 100 -5.71 -0.51 -15.62
N SER A 101 -6.18 -1.51 -14.87
CA SER A 101 -7.56 -1.96 -14.98
C SER A 101 -8.51 -0.78 -15.13
N GLY A 102 -8.10 0.37 -14.60
CA GLY A 102 -8.93 1.55 -14.69
C GLY A 102 -9.48 1.97 -13.33
N ALA A 103 -8.71 1.74 -12.28
CA ALA A 103 -9.13 2.08 -10.93
C ALA A 103 -8.28 3.22 -10.37
N PHE A 104 -8.84 3.98 -9.44
CA PHE A 104 -8.14 5.10 -8.82
C PHE A 104 -8.11 4.95 -7.31
N VAL A 105 -6.94 4.64 -6.78
CA VAL A 105 -6.77 4.47 -5.34
C VAL A 105 -6.61 5.81 -4.64
N TYR A 106 -7.20 5.94 -3.46
CA TYR A 106 -7.13 7.18 -2.69
C TYR A 106 -6.56 6.93 -1.30
N LEU A 107 -5.63 7.78 -0.88
CA LEU A 107 -5.01 7.65 0.43
C LEU A 107 -5.43 8.80 1.34
N ARG A 108 -6.42 8.54 2.19
CA ARG A 108 -6.91 9.56 3.11
C ARG A 108 -6.18 9.47 4.45
N GLN A 109 -6.11 8.26 5.01
CA GLN A 109 -5.43 8.05 6.29
C GLN A 109 -4.63 6.76 6.26
N PRO A 110 -3.47 6.77 6.93
CA PRO A 110 -2.59 5.60 7.01
C PRO A 110 -3.19 4.48 7.86
N TYR A 111 -2.33 3.53 8.26
CA TYR A 111 -2.78 2.40 9.07
C TYR A 111 -1.78 2.13 10.20
N TYR A 112 -2.28 2.13 11.43
CA TYR A 112 -1.45 1.89 12.59
C TYR A 112 -1.78 0.54 13.23
N SER A 113 -0.74 -0.24 13.54
CA SER A 113 -0.92 -1.55 14.15
C SER A 113 -1.13 -1.42 15.65
N GLY A 114 -2.20 -2.04 16.15
CA GLY A 114 -2.48 -1.99 17.58
C GLY A 114 -2.42 -3.36 18.23
N PRO A 115 -2.53 -3.37 19.57
CA PRO A 115 -2.49 -4.62 20.34
C PRO A 115 -3.73 -5.48 20.13
N SER A 116 -3.80 -6.59 20.85
CA SER A 116 -4.93 -7.51 20.74
C SER A 116 -5.99 -7.18 21.79
N SER A 117 -5.55 -6.99 23.03
CA SER A 117 -6.45 -6.68 24.13
C SER A 117 -6.57 -5.17 24.33
N GLY A 118 -5.44 -4.54 24.62
CA GLY A 118 -5.42 -3.11 24.84
C GLY A 118 -5.50 -2.74 26.31
N MET B 1 3.34 -25.52 -0.45
CA MET B 1 2.15 -26.33 -0.62
C MET B 1 0.89 -25.47 -0.60
N ASP B 2 0.47 -25.00 -1.78
CA ASP B 2 -0.72 -24.16 -1.89
C ASP B 2 -0.53 -22.85 -1.13
N ASN B 3 0.65 -22.26 -1.27
CA ASN B 3 0.95 -21.01 -0.57
C ASN B 3 -0.08 -19.94 -0.93
N GLN B 4 -0.60 -19.26 0.09
CA GLN B 4 -1.59 -18.22 -0.12
C GLN B 4 -0.94 -16.96 -0.70
N GLY B 5 -1.10 -16.78 -2.00
CA GLY B 5 -0.52 -15.62 -2.66
C GLY B 5 -1.57 -14.64 -3.14
N VAL B 6 -1.24 -13.36 -3.12
CA VAL B 6 -2.17 -12.32 -3.55
C VAL B 6 -1.63 -11.57 -4.77
N ILE B 7 -2.53 -11.26 -5.70
CA ILE B 7 -2.14 -10.54 -6.92
C ILE B 7 -1.78 -9.09 -6.61
N SER B 9 -1.79 -5.43 -7.91
CA SER B 9 -2.36 -4.51 -8.89
C SER B 9 -1.26 -3.81 -9.69
N ASP B 10 -1.61 -3.35 -10.88
CA ASP B 10 -0.65 -2.66 -11.75
C ASP B 10 -1.10 -1.23 -12.02
N LEU B 11 -0.28 -0.49 -12.74
CA LEU B 11 -0.58 0.90 -13.09
C LEU B 11 -0.85 1.05 -14.58
N ASN B 12 -1.05 2.29 -15.02
CA ASN B 12 -1.31 2.57 -16.42
C ASN B 12 -0.02 2.51 -17.24
N LEU B 13 0.98 3.27 -16.82
CA LEU B 13 2.26 3.31 -17.52
C LEU B 13 2.70 1.90 -17.91
N PRO B 14 2.69 0.98 -16.93
CA PRO B 14 3.09 -0.41 -17.15
C PRO B 14 2.08 -1.18 -18.00
N PRO B 15 2.57 -2.16 -18.77
CA PRO B 15 1.72 -2.98 -19.64
C PRO B 15 0.82 -3.91 -18.85
N GLY A 1 -6.58 10.53 26.74
CA GLY A 1 -5.17 10.84 26.89
C GLY A 1 -4.27 9.81 26.24
N SER A 2 -4.10 9.93 24.92
CA SER A 2 -3.27 8.99 24.18
C SER A 2 -2.60 9.68 23.00
N SER A 3 -1.27 9.82 23.07
CA SER A 3 -0.51 10.47 22.02
C SER A 3 0.21 9.44 21.16
N GLY A 4 0.12 9.60 19.84
CA GLY A 4 0.76 8.68 18.93
C GLY A 4 1.57 9.38 17.86
N SER A 5 2.84 9.02 17.74
CA SER A 5 3.72 9.63 16.75
C SER A 5 4.36 8.57 15.86
N SER A 6 3.53 7.66 15.35
CA SER A 6 4.02 6.58 14.48
C SER A 6 3.64 6.84 13.03
N GLY A 7 4.50 6.42 12.11
CA GLY A 7 4.23 6.60 10.70
C GLY A 7 3.36 5.51 10.11
N TRP A 8 3.59 5.19 8.85
CA TRP A 8 2.81 4.15 8.18
C TRP A 8 3.72 3.05 7.64
N TYR A 9 4.82 2.82 8.33
CA TYR A 9 5.78 1.79 7.92
C TYR A 9 5.67 0.56 8.80
N HIS A 10 5.40 -0.59 8.18
CA HIS A 10 5.26 -1.85 8.90
C HIS A 10 6.28 -2.87 8.41
N GLY A 11 7.37 -3.00 9.15
CA GLY A 11 8.41 -3.95 8.77
C GLY A 11 8.07 -5.37 9.19
N HIS A 12 8.58 -6.34 8.43
CA HIS A 12 8.34 -7.75 8.73
C HIS A 12 6.87 -8.10 8.48
N MET A 13 6.36 -7.70 7.33
CA MET A 13 4.97 -7.99 6.97
C MET A 13 4.83 -8.24 5.47
N SER A 14 4.39 -9.44 5.13
CA SER A 14 4.21 -9.81 3.73
C SER A 14 2.89 -9.31 3.19
N GLY A 15 2.59 -9.63 1.93
CA GLY A 15 1.35 -9.19 1.31
C GLY A 15 0.14 -9.87 1.93
N GLY A 16 0.12 -11.20 1.90
CA GLY A 16 -1.00 -11.93 2.47
C GLY A 16 -1.49 -11.33 3.77
N GLN A 17 -0.55 -10.89 4.60
CA GLN A 17 -0.89 -10.30 5.89
C GLN A 17 -1.53 -8.92 5.71
N ALA A 18 -0.78 -8.01 5.07
CA ALA A 18 -1.27 -6.65 4.84
C ALA A 18 -2.75 -6.67 4.42
N GLU A 19 -3.10 -7.60 3.54
CA GLU A 19 -4.48 -7.71 3.07
C GLU A 19 -5.45 -7.83 4.24
N THR A 20 -5.11 -8.67 5.22
CA THR A 20 -5.95 -8.88 6.39
C THR A 20 -6.00 -7.62 7.25
N LEU A 21 -4.84 -7.18 7.72
CA LEU A 21 -4.76 -5.99 8.55
C LEU A 21 -5.55 -4.84 7.94
N LEU A 22 -5.54 -4.76 6.61
CA LEU A 22 -6.26 -3.71 5.90
C LEU A 22 -7.76 -4.01 5.87
N GLN A 23 -8.12 -5.14 5.29
CA GLN A 23 -9.52 -5.54 5.19
C GLN A 23 -10.21 -5.44 6.54
N ALA A 24 -9.63 -6.09 7.55
CA ALA A 24 -10.19 -6.07 8.89
C ALA A 24 -10.58 -4.66 9.31
N LYS A 25 -9.72 -3.70 8.99
CA LYS A 25 -9.97 -2.30 9.33
C LYS A 25 -11.26 -1.81 8.67
N GLY A 26 -11.56 -2.33 7.48
CA GLY A 26 -12.76 -1.93 6.78
C GLY A 26 -12.78 -0.45 6.47
N GLU A 27 -11.61 0.16 6.39
CA GLU A 27 -11.50 1.59 6.09
C GLU A 27 -11.07 1.81 4.65
N PRO A 28 -11.92 2.49 3.88
CA PRO A 28 -11.65 2.79 2.47
C PRO A 28 -10.54 3.82 2.30
N TRP A 29 -9.71 3.61 1.29
CA TRP A 29 -8.59 4.52 1.02
C TRP A 29 -7.53 4.44 2.11
N THR A 30 -7.38 3.25 2.69
CA THR A 30 -6.40 3.04 3.75
C THR A 30 -5.09 2.52 3.19
N PHE A 31 -4.10 3.41 3.11
CA PHE A 31 -2.78 3.04 2.58
C PHE A 31 -1.85 2.65 3.72
N LEU A 32 -0.78 1.94 3.37
CA LEU A 32 0.20 1.49 4.36
C LEU A 32 1.47 0.99 3.68
N VAL A 33 2.62 1.32 4.27
CA VAL A 33 3.90 0.91 3.73
C VAL A 33 4.46 -0.28 4.49
N ARG A 34 5.28 -1.08 3.81
CA ARG A 34 5.87 -2.26 4.42
C ARG A 34 7.04 -2.77 3.57
N GLU A 35 8.23 -2.77 4.16
CA GLU A 35 9.43 -3.24 3.46
C GLU A 35 9.12 -4.48 2.62
N SER A 36 9.88 -4.67 1.54
CA SER A 36 9.68 -5.80 0.66
C SER A 36 10.21 -7.09 1.29
N LEU A 37 9.75 -8.23 0.78
CA LEU A 37 10.18 -9.52 1.29
C LEU A 37 11.37 -10.05 0.51
N SER A 38 11.22 -10.15 -0.81
CA SER A 38 12.28 -10.65 -1.68
C SER A 38 13.17 -9.51 -2.15
N GLN A 39 12.63 -8.66 -3.02
CA GLN A 39 13.37 -7.53 -3.55
C GLN A 39 14.10 -6.78 -2.44
N PRO A 40 15.42 -6.99 -2.36
CA PRO A 40 16.27 -6.34 -1.35
C PRO A 40 16.41 -4.84 -1.57
N GLY A 41 15.81 -4.06 -0.68
CA GLY A 41 15.88 -2.62 -0.81
C GLY A 41 14.59 -2.01 -1.31
N ASP A 42 13.92 -2.71 -2.21
CA ASP A 42 12.66 -2.23 -2.77
C ASP A 42 11.60 -2.12 -1.69
N PHE A 43 10.44 -1.56 -2.05
CA PHE A 43 9.34 -1.39 -1.11
C PHE A 43 8.02 -1.78 -1.75
N VAL A 44 6.96 -1.82 -0.94
CA VAL A 44 5.64 -2.17 -1.43
C VAL A 44 4.57 -1.29 -0.79
N LEU A 45 3.62 -0.84 -1.62
CA LEU A 45 2.54 0.02 -1.14
C LEU A 45 1.19 -0.68 -1.29
N SER A 46 0.47 -0.79 -0.18
CA SER A 46 -0.84 -1.44 -0.18
C SER A 46 -1.93 -0.46 0.23
N VAL A 47 -3.09 -0.58 -0.41
CA VAL A 47 -4.22 0.30 -0.11
C VAL A 47 -5.54 -0.46 -0.18
N LEU A 48 -6.46 -0.11 0.72
CA LEU A 48 -7.76 -0.76 0.76
C LEU A 48 -8.80 0.06 0.01
N SER A 49 -9.04 -0.29 -1.25
CA SER A 49 -10.01 0.43 -2.07
C SER A 49 -11.39 0.40 -1.42
N ASP A 50 -12.16 1.45 -1.66
CA ASP A 50 -13.50 1.55 -1.09
C ASP A 50 -14.45 0.58 -1.79
N GLN A 51 -13.95 -0.10 -2.81
CA GLN A 51 -14.77 -1.05 -3.57
C GLN A 51 -14.76 -2.41 -2.88
N PRO A 52 -15.93 -2.82 -2.38
CA PRO A 52 -16.09 -4.12 -1.69
C PRO A 52 -15.97 -5.30 -2.65
N LYS A 53 -15.46 -6.41 -2.14
CA LYS A 53 -15.29 -7.61 -2.95
C LYS A 53 -16.62 -8.04 -3.57
N ALA A 54 -17.67 -8.05 -2.76
CA ALA A 54 -18.99 -8.43 -3.23
C ALA A 54 -19.99 -7.29 -3.04
N GLY A 55 -20.28 -6.96 -1.79
CA GLY A 55 -21.22 -5.90 -1.50
C GLY A 55 -21.03 -5.32 -0.11
N PRO A 56 -22.14 -4.85 0.49
CA PRO A 56 -22.12 -4.26 1.83
C PRO A 56 -21.87 -5.32 2.91
N GLY A 57 -20.59 -5.59 3.18
CA GLY A 57 -20.25 -6.57 4.19
C GLY A 57 -18.93 -7.26 3.89
N SER A 58 -18.62 -7.41 2.61
CA SER A 58 -17.38 -8.07 2.19
C SER A 58 -16.17 -7.19 2.49
N PRO A 59 -15.01 -7.83 2.66
CA PRO A 59 -13.75 -7.12 2.96
C PRO A 59 -13.25 -6.31 1.76
N LEU A 60 -13.21 -5.00 1.92
CA LEU A 60 -12.75 -4.11 0.85
C LEU A 60 -11.58 -4.73 0.11
N ARG A 61 -11.49 -4.44 -1.19
CA ARG A 61 -10.42 -4.97 -2.02
C ARG A 61 -9.08 -4.30 -1.68
N VAL A 62 -8.00 -5.04 -1.88
CA VAL A 62 -6.66 -4.51 -1.60
C VAL A 62 -5.87 -4.30 -2.89
N THR A 63 -5.04 -3.26 -2.90
CA THR A 63 -4.22 -2.95 -4.07
C THR A 63 -2.74 -2.95 -3.71
N HIS A 64 -2.03 -3.99 -4.14
CA HIS A 64 -0.61 -4.11 -3.87
C HIS A 64 0.22 -3.59 -5.06
N ILE A 65 0.89 -2.47 -4.85
CA ILE A 65 1.71 -1.87 -5.88
C ILE A 65 3.18 -1.84 -5.48
N LYS A 66 4.02 -2.48 -6.30
CA LYS A 66 5.45 -2.53 -6.04
C LYS A 66 6.08 -1.14 -6.16
N VAL A 67 6.90 -0.78 -5.18
CA VAL A 67 7.57 0.52 -5.19
C VAL A 67 9.06 0.37 -5.50
N MET A 68 9.41 0.51 -6.77
CA MET A 68 10.79 0.40 -7.20
C MET A 68 11.68 1.39 -6.46
N CYS A 69 12.99 1.22 -6.59
CA CYS A 69 13.94 2.11 -5.94
C CYS A 69 15.13 2.40 -6.85
N GLU A 70 15.27 3.67 -7.24
CA GLU A 70 16.36 4.08 -8.11
C GLU A 70 17.40 4.87 -7.34
N GLY A 71 18.28 4.17 -6.63
CA GLY A 71 19.31 4.83 -5.85
C GLY A 71 18.74 5.74 -4.78
N GLY A 72 17.96 5.17 -3.86
CA GLY A 72 17.36 5.95 -2.80
C GLY A 72 15.96 6.44 -3.16
N ARG A 73 15.80 6.92 -4.38
CA ARG A 73 14.52 7.43 -4.84
C ARG A 73 13.49 6.30 -4.93
N TYR A 74 12.23 6.66 -5.16
CA TYR A 74 11.17 5.68 -5.27
C TYR A 74 10.15 6.09 -6.35
N THR A 75 9.65 5.10 -7.07
CA THR A 75 8.68 5.34 -8.14
C THR A 75 7.76 4.15 -8.33
N VAL A 76 6.66 4.37 -9.04
CA VAL A 76 5.69 3.30 -9.30
C VAL A 76 5.45 3.13 -10.80
N GLY A 77 6.29 2.33 -11.44
CA GLY A 77 6.15 2.10 -12.87
C GLY A 77 6.62 3.28 -13.70
N GLY A 78 5.95 4.42 -13.54
CA GLY A 78 6.34 5.60 -14.30
C GLY A 78 7.76 6.02 -14.04
N LEU A 79 8.25 6.97 -14.82
CA LEU A 79 9.62 7.46 -14.68
C LEU A 79 9.74 8.41 -13.49
N GLU A 80 8.59 8.86 -12.98
CA GLU A 80 8.56 9.76 -11.83
C GLU A 80 9.45 9.24 -10.70
N THR A 81 9.65 10.08 -9.69
CA THR A 81 10.48 9.70 -8.55
C THR A 81 10.12 10.53 -7.31
N PHE A 82 10.58 10.08 -6.16
CA PHE A 82 10.32 10.77 -4.91
C PHE A 82 11.49 10.63 -3.94
N ASP A 83 11.73 11.68 -3.16
CA ASP A 83 12.82 11.67 -2.19
C ASP A 83 12.73 10.45 -1.27
N SER A 84 11.50 10.00 -1.01
CA SER A 84 11.28 8.85 -0.15
C SER A 84 9.81 8.47 -0.11
N LEU A 85 9.50 7.38 0.58
CA LEU A 85 8.12 6.92 0.69
C LEU A 85 7.18 8.08 1.00
N THR A 86 7.68 9.06 1.74
CA THR A 86 6.88 10.23 2.10
C THR A 86 6.50 11.03 0.86
N ASP A 87 7.52 11.50 0.14
CA ASP A 87 7.29 12.29 -1.07
C ASP A 87 6.37 11.55 -2.04
N LEU A 88 6.57 10.24 -2.15
CA LEU A 88 5.76 9.42 -3.04
C LEU A 88 4.32 9.33 -2.54
N VAL A 89 4.15 8.81 -1.33
CA VAL A 89 2.83 8.66 -0.73
C VAL A 89 2.12 10.01 -0.65
N GLU A 90 2.69 10.92 0.13
CA GLU A 90 2.10 12.25 0.29
C GLU A 90 1.61 12.80 -1.04
N HIS A 91 2.51 12.85 -2.02
CA HIS A 91 2.17 13.36 -3.35
C HIS A 91 1.04 12.54 -3.96
N PHE A 92 0.91 11.28 -3.53
CA PHE A 92 -0.12 10.40 -4.04
C PHE A 92 -1.36 10.45 -3.16
N LYS A 93 -1.22 11.01 -1.96
CA LYS A 93 -2.33 11.13 -1.03
C LYS A 93 -3.31 12.22 -1.46
N LYS A 94 -2.85 13.10 -2.34
CA LYS A 94 -3.68 14.18 -2.85
C LYS A 94 -4.12 13.91 -4.28
N THR A 95 -3.18 13.46 -5.11
CA THR A 95 -3.48 13.15 -6.50
C THR A 95 -4.08 11.77 -6.66
N GLY A 96 -3.42 10.77 -6.07
CA GLY A 96 -3.91 9.40 -6.15
C GLY A 96 -3.19 8.60 -7.21
N ILE A 97 -3.44 7.30 -7.23
CA ILE A 97 -2.82 6.41 -8.20
C ILE A 97 -3.87 5.78 -9.12
N GLU A 98 -3.56 5.75 -10.41
CA GLU A 98 -4.47 5.17 -11.40
C GLU A 98 -4.00 3.78 -11.84
N GLU A 99 -4.91 2.83 -11.86
CA GLU A 99 -4.58 1.47 -12.26
C GLU A 99 -5.00 1.22 -13.70
N ALA A 100 -4.50 0.13 -14.28
CA ALA A 100 -4.83 -0.24 -15.66
C ALA A 100 -6.29 -0.64 -15.79
N SER A 101 -6.66 -1.71 -15.08
CA SER A 101 -8.03 -2.21 -15.13
C SER A 101 -9.03 -1.05 -15.24
N GLY A 102 -8.85 -0.04 -14.40
CA GLY A 102 -9.74 1.11 -14.43
C GLY A 102 -10.16 1.56 -13.04
N ALA A 103 -9.28 1.35 -12.07
CA ALA A 103 -9.56 1.73 -10.69
C ALA A 103 -8.62 2.83 -10.22
N PHE A 104 -9.05 3.60 -9.23
CA PHE A 104 -8.23 4.68 -8.69
C PHE A 104 -8.05 4.52 -7.18
N VAL A 105 -6.81 4.28 -6.77
CA VAL A 105 -6.50 4.11 -5.36
C VAL A 105 -6.31 5.46 -4.67
N TYR A 106 -6.96 5.62 -3.52
CA TYR A 106 -6.87 6.86 -2.76
C TYR A 106 -6.24 6.63 -1.40
N LEU A 107 -5.29 7.50 -1.03
CA LEU A 107 -4.61 7.38 0.25
C LEU A 107 -4.97 8.54 1.16
N ARG A 108 -6.18 8.51 1.71
CA ARG A 108 -6.64 9.58 2.60
C ARG A 108 -6.00 9.44 3.98
N GLN A 109 -6.06 8.24 4.54
CA GLN A 109 -5.49 7.98 5.85
C GLN A 109 -4.71 6.67 5.87
N PRO A 110 -3.56 6.66 6.55
CA PRO A 110 -2.70 5.48 6.66
C PRO A 110 -3.32 4.38 7.51
N TYR A 111 -2.49 3.43 7.93
CA TYR A 111 -2.97 2.32 8.75
C TYR A 111 -2.02 2.07 9.91
N TYR A 112 -2.52 2.26 11.13
CA TYR A 112 -1.72 2.06 12.33
C TYR A 112 -2.04 0.71 12.97
N SER A 113 -1.00 -0.09 13.19
CA SER A 113 -1.18 -1.41 13.79
C SER A 113 -1.06 -1.33 15.32
N GLY A 114 -2.18 -1.08 15.99
CA GLY A 114 -2.18 -0.98 17.43
C GLY A 114 -1.27 0.11 17.94
N PRO A 115 -1.20 0.26 19.27
CA PRO A 115 -0.35 1.27 19.91
C PRO A 115 1.14 0.98 19.75
N SER A 116 1.97 1.94 20.15
CA SER A 116 3.42 1.78 20.05
C SER A 116 4.03 1.57 21.43
N SER A 117 5.31 1.22 21.45
CA SER A 117 6.02 0.99 22.70
C SER A 117 7.26 1.88 22.80
N GLY A 118 7.24 2.78 23.79
CA GLY A 118 8.36 3.68 23.98
C GLY A 118 9.70 3.00 23.78
N MET B 1 -5.71 -22.59 -1.64
CA MET B 1 -5.17 -23.56 -0.70
C MET B 1 -3.66 -23.45 -0.61
N ASP B 2 -3.18 -22.71 0.41
CA ASP B 2 -1.75 -22.52 0.60
C ASP B 2 -1.13 -21.81 -0.60
N ASN B 3 -1.82 -20.80 -1.11
CA ASN B 3 -1.33 -20.04 -2.25
C ASN B 3 -0.88 -18.64 -1.83
N GLN B 4 0.34 -18.55 -1.32
CA GLN B 4 0.89 -17.28 -0.88
C GLN B 4 1.22 -16.39 -2.07
N GLY B 5 1.70 -15.18 -1.78
CA GLY B 5 2.04 -14.25 -2.84
C GLY B 5 0.82 -13.56 -3.42
N VAL B 6 0.38 -12.49 -2.77
CA VAL B 6 -0.79 -11.74 -3.23
C VAL B 6 -0.51 -11.08 -4.58
N ILE B 7 -1.50 -11.12 -5.46
CA ILE B 7 -1.38 -10.53 -6.79
C ILE B 7 -1.24 -9.01 -6.70
N SER B 9 -1.63 -5.24 -8.58
CA SER B 9 -2.34 -4.53 -9.64
C SER B 9 -1.43 -3.54 -10.36
N ASP B 10 -1.24 -3.74 -11.65
CA ASP B 10 -0.40 -2.86 -12.45
C ASP B 10 -0.95 -1.44 -12.47
N LEU B 11 -0.33 -0.58 -13.26
CA LEU B 11 -0.76 0.81 -13.37
C LEU B 11 -1.11 1.16 -14.82
N ASN B 12 -1.65 2.36 -15.02
CA ASN B 12 -2.02 2.81 -16.35
C ASN B 12 -0.86 3.53 -17.03
N LEU B 13 -0.03 4.19 -16.24
CA LEU B 13 1.12 4.91 -16.77
C LEU B 13 1.72 4.18 -17.96
N PRO B 14 2.05 2.89 -17.76
CA PRO B 14 2.63 2.05 -18.82
C PRO B 14 1.63 1.73 -19.93
N PRO B 15 2.13 1.57 -21.15
CA PRO B 15 1.30 1.25 -22.32
C PRO B 15 0.73 -0.15 -22.26
N GLY A 1 12.06 7.14 22.40
CA GLY A 1 11.66 6.08 21.50
C GLY A 1 10.15 5.98 21.36
N SER A 2 9.46 5.95 22.50
CA SER A 2 8.00 5.84 22.49
C SER A 2 7.39 6.70 21.39
N SER A 3 6.36 6.15 20.74
CA SER A 3 5.70 6.86 19.65
C SER A 3 4.18 6.75 19.78
N GLY A 4 3.48 7.77 19.30
CA GLY A 4 2.02 7.76 19.37
C GLY A 4 1.37 7.54 18.02
N SER A 5 1.50 6.31 17.51
CA SER A 5 0.92 5.97 16.21
C SER A 5 1.37 6.96 15.14
N SER A 6 2.67 7.24 15.10
CA SER A 6 3.23 8.16 14.13
C SER A 6 3.90 7.42 12.98
N GLY A 7 3.57 7.79 11.76
CA GLY A 7 4.14 7.15 10.60
C GLY A 7 3.30 6.01 10.07
N TRP A 8 3.53 5.62 8.83
CA TRP A 8 2.78 4.53 8.22
C TRP A 8 3.71 3.42 7.74
N TYR A 9 4.81 3.23 8.45
CA TYR A 9 5.79 2.21 8.10
C TYR A 9 5.70 1.03 9.07
N HIS A 10 5.47 -0.15 8.52
CA HIS A 10 5.37 -1.37 9.34
C HIS A 10 6.66 -2.17 9.29
N GLY A 11 7.12 -2.48 8.08
CA GLY A 11 8.35 -3.23 7.93
C GLY A 11 8.11 -4.60 7.32
N HIS A 12 8.76 -5.61 7.88
CA HIS A 12 8.62 -6.98 7.38
C HIS A 12 7.15 -7.40 7.36
N MET A 13 6.60 -7.55 6.16
CA MET A 13 5.21 -7.95 6.00
C MET A 13 4.95 -8.47 4.60
N SER A 14 4.38 -9.67 4.51
CA SER A 14 4.08 -10.29 3.23
C SER A 14 2.78 -9.74 2.64
N GLY A 15 2.39 -10.24 1.48
CA GLY A 15 1.17 -9.80 0.84
C GLY A 15 -0.07 -10.32 1.54
N GLY A 16 -0.20 -11.64 1.58
CA GLY A 16 -1.36 -12.25 2.22
C GLY A 16 -1.66 -11.62 3.58
N GLN A 17 -0.63 -11.14 4.25
CA GLN A 17 -0.80 -10.52 5.56
C GLN A 17 -1.44 -9.15 5.43
N ALA A 18 -0.74 -8.23 4.78
CA ALA A 18 -1.25 -6.88 4.59
C ALA A 18 -2.73 -6.88 4.28
N GLU A 19 -3.15 -7.77 3.38
CA GLU A 19 -4.54 -7.89 3.00
C GLU A 19 -5.43 -8.06 4.22
N THR A 20 -5.03 -8.95 5.11
CA THR A 20 -5.79 -9.23 6.33
C THR A 20 -5.90 -7.97 7.19
N LEU A 21 -4.74 -7.47 7.65
CA LEU A 21 -4.70 -6.29 8.49
C LEU A 21 -5.58 -5.18 7.92
N LEU A 22 -5.40 -4.89 6.63
CA LEU A 22 -6.19 -3.86 5.96
C LEU A 22 -7.67 -4.19 6.01
N GLN A 23 -8.07 -5.23 5.28
CA GLN A 23 -9.48 -5.64 5.25
C GLN A 23 -10.09 -5.58 6.65
N ALA A 24 -9.36 -6.07 7.64
CA ALA A 24 -9.83 -6.07 9.01
C ALA A 24 -10.23 -4.67 9.46
N LYS A 25 -9.43 -3.68 9.06
CA LYS A 25 -9.69 -2.30 9.42
C LYS A 25 -11.07 -1.85 8.90
N GLY A 26 -11.43 -2.35 7.71
CA GLY A 26 -12.71 -1.99 7.13
C GLY A 26 -12.81 -0.51 6.82
N GLU A 27 -11.67 0.11 6.53
CA GLU A 27 -11.64 1.54 6.22
C GLU A 27 -11.16 1.78 4.79
N PRO A 28 -11.97 2.47 3.99
CA PRO A 28 -11.64 2.77 2.59
C PRO A 28 -10.50 3.79 2.48
N TRP A 29 -9.66 3.61 1.48
CA TRP A 29 -8.53 4.50 1.26
C TRP A 29 -7.50 4.39 2.38
N THR A 30 -7.35 3.17 2.90
CA THR A 30 -6.41 2.92 3.98
C THR A 30 -5.09 2.37 3.44
N PHE A 31 -4.11 3.25 3.27
CA PHE A 31 -2.81 2.86 2.76
C PHE A 31 -1.88 2.45 3.90
N LEU A 32 -0.78 1.79 3.56
CA LEU A 32 0.20 1.34 4.55
C LEU A 32 1.49 0.91 3.89
N VAL A 33 2.61 1.44 4.38
CA VAL A 33 3.92 1.10 3.84
C VAL A 33 4.54 -0.07 4.59
N ARG A 34 5.05 -1.04 3.82
CA ARG A 34 5.67 -2.22 4.42
C ARG A 34 6.82 -2.73 3.53
N GLU A 35 7.98 -2.93 4.15
CA GLU A 35 9.14 -3.41 3.41
C GLU A 35 8.77 -4.55 2.47
N SER A 36 9.52 -4.68 1.38
CA SER A 36 9.25 -5.72 0.40
C SER A 36 9.92 -7.03 0.80
N LEU A 37 9.42 -8.14 0.27
CA LEU A 37 9.96 -9.46 0.58
C LEU A 37 10.81 -9.97 -0.57
N SER A 38 10.16 -10.25 -1.71
CA SER A 38 10.85 -10.75 -2.88
C SER A 38 12.16 -10.00 -3.12
N GLN A 39 12.04 -8.77 -3.61
CA GLN A 39 13.22 -7.93 -3.87
C GLN A 39 13.69 -7.24 -2.60
N PRO A 40 15.00 -7.33 -2.32
CA PRO A 40 15.60 -6.71 -1.14
C PRO A 40 15.63 -5.20 -1.23
N GLY A 41 15.46 -4.54 -0.08
CA GLY A 41 15.47 -3.08 -0.05
C GLY A 41 14.19 -2.49 -0.59
N ASP A 42 13.73 -2.98 -1.73
CA ASP A 42 12.51 -2.50 -2.35
C ASP A 42 11.41 -2.31 -1.31
N PHE A 43 10.35 -1.62 -1.69
CA PHE A 43 9.22 -1.37 -0.79
C PHE A 43 7.90 -1.71 -1.47
N VAL A 44 6.82 -1.66 -0.70
CA VAL A 44 5.49 -1.96 -1.22
C VAL A 44 4.46 -0.98 -0.67
N LEU A 45 3.41 -0.74 -1.45
CA LEU A 45 2.35 0.18 -1.06
C LEU A 45 0.98 -0.50 -1.15
N SER A 46 0.45 -0.90 0.01
CA SER A 46 -0.85 -1.56 0.07
C SER A 46 -1.94 -0.57 0.45
N VAL A 47 -3.06 -0.63 -0.26
CA VAL A 47 -4.19 0.25 0.00
C VAL A 47 -5.52 -0.50 -0.08
N LEU A 48 -6.46 -0.14 0.79
CA LEU A 48 -7.76 -0.78 0.81
C LEU A 48 -8.79 0.07 0.07
N SER A 49 -9.03 -0.28 -1.19
CA SER A 49 -9.99 0.45 -2.01
C SER A 49 -11.36 0.51 -1.33
N ASP A 50 -12.16 1.50 -1.71
CA ASP A 50 -13.48 1.68 -1.13
C ASP A 50 -14.49 0.75 -1.79
N GLN A 51 -14.01 -0.06 -2.73
CA GLN A 51 -14.86 -1.00 -3.44
C GLN A 51 -14.84 -2.37 -2.78
N PRO A 52 -16.00 -2.79 -2.25
CA PRO A 52 -16.14 -4.09 -1.57
C PRO A 52 -16.05 -5.25 -2.55
N LYS A 53 -15.60 -6.41 -2.05
CA LYS A 53 -15.47 -7.60 -2.87
C LYS A 53 -16.80 -7.99 -3.48
N ALA A 54 -17.86 -7.89 -2.69
CA ALA A 54 -19.20 -8.24 -3.15
C ALA A 54 -20.18 -7.09 -2.91
N GLY A 55 -20.31 -6.68 -1.65
CA GLY A 55 -21.22 -5.60 -1.32
C GLY A 55 -21.04 -5.12 0.11
N PRO A 56 -22.13 -4.64 0.72
CA PRO A 56 -22.12 -4.13 2.10
C PRO A 56 -21.91 -5.25 3.12
N GLY A 57 -20.65 -5.58 3.39
CA GLY A 57 -20.34 -6.62 4.34
C GLY A 57 -19.04 -7.34 4.03
N SER A 58 -18.68 -7.34 2.75
CA SER A 58 -17.44 -8.00 2.32
C SER A 58 -16.23 -7.13 2.61
N PRO A 59 -15.07 -7.76 2.79
CA PRO A 59 -13.81 -7.07 3.07
C PRO A 59 -13.30 -6.28 1.87
N LEU A 60 -13.27 -4.96 2.00
CA LEU A 60 -12.80 -4.09 0.93
C LEU A 60 -11.64 -4.74 0.17
N ARG A 61 -11.54 -4.43 -1.12
CA ARG A 61 -10.48 -4.98 -1.95
C ARG A 61 -9.14 -4.32 -1.63
N VAL A 62 -8.06 -5.09 -1.75
CA VAL A 62 -6.72 -4.58 -1.47
C VAL A 62 -5.91 -4.44 -2.76
N THR A 63 -5.01 -3.45 -2.78
CA THR A 63 -4.17 -3.21 -3.94
C THR A 63 -2.69 -3.21 -3.57
N HIS A 64 -1.95 -4.15 -4.13
CA HIS A 64 -0.52 -4.27 -3.85
C HIS A 64 0.30 -3.62 -4.97
N ILE A 65 1.09 -2.62 -4.61
CA ILE A 65 1.93 -1.93 -5.59
C ILE A 65 3.38 -1.88 -5.14
N LYS A 66 4.24 -2.60 -5.86
CA LYS A 66 5.66 -2.64 -5.53
C LYS A 66 6.33 -1.29 -5.81
N VAL A 67 6.84 -0.67 -4.77
CA VAL A 67 7.51 0.63 -4.90
C VAL A 67 8.98 0.45 -5.26
N MET A 68 9.32 0.74 -6.52
CA MET A 68 10.68 0.61 -6.99
C MET A 68 11.58 1.67 -6.35
N CYS A 69 12.88 1.39 -6.31
CA CYS A 69 13.84 2.33 -5.71
C CYS A 69 15.05 2.50 -6.63
N GLU A 70 15.33 3.74 -7.00
CA GLU A 70 16.47 4.05 -7.86
C GLU A 70 17.53 4.85 -7.12
N GLY A 71 18.46 4.15 -6.47
CA GLY A 71 19.51 4.82 -5.73
C GLY A 71 18.96 5.74 -4.65
N GLY A 72 18.06 5.21 -3.84
CA GLY A 72 17.48 5.99 -2.77
C GLY A 72 16.09 6.50 -3.11
N ARG A 73 15.96 7.08 -4.30
CA ARG A 73 14.67 7.61 -4.76
C ARG A 73 13.65 6.48 -4.93
N TYR A 74 12.37 6.84 -4.90
CA TYR A 74 11.30 5.87 -5.06
C TYR A 74 10.38 6.25 -6.22
N THR A 75 9.74 5.24 -6.81
CA THR A 75 8.83 5.48 -7.93
C THR A 75 7.86 4.31 -8.10
N VAL A 76 6.91 4.47 -9.01
CA VAL A 76 5.93 3.42 -9.27
C VAL A 76 5.63 3.30 -10.76
N GLY A 77 6.15 2.24 -11.37
CA GLY A 77 5.94 2.02 -12.79
C GLY A 77 5.97 3.31 -13.58
N GLY A 78 6.69 4.31 -13.07
CA GLY A 78 6.78 5.58 -13.75
C GLY A 78 8.17 6.18 -13.67
N LEU A 79 8.57 6.91 -14.72
CA LEU A 79 9.88 7.53 -14.76
C LEU A 79 10.05 8.51 -13.60
N GLU A 80 8.94 9.07 -13.14
CA GLU A 80 8.97 10.03 -12.04
C GLU A 80 9.72 9.46 -10.84
N THR A 81 9.91 10.28 -9.82
CA THR A 81 10.62 9.87 -8.63
C THR A 81 10.23 10.72 -7.43
N PHE A 82 10.64 10.29 -6.23
CA PHE A 82 10.32 11.00 -5.01
C PHE A 82 11.43 10.83 -3.97
N ASP A 83 11.76 11.91 -3.28
CA ASP A 83 12.80 11.86 -2.25
C ASP A 83 12.69 10.60 -1.41
N SER A 84 11.49 10.34 -0.90
CA SER A 84 11.26 9.17 -0.07
C SER A 84 9.77 8.81 -0.04
N LEU A 85 9.45 7.72 0.63
CA LEU A 85 8.05 7.27 0.74
C LEU A 85 7.14 8.43 1.10
N THR A 86 7.67 9.37 1.87
CA THR A 86 6.90 10.54 2.30
C THR A 86 6.50 11.41 1.10
N ASP A 87 7.49 11.80 0.32
CA ASP A 87 7.25 12.63 -0.86
C ASP A 87 6.43 11.87 -1.90
N LEU A 88 6.65 10.56 -1.97
CA LEU A 88 5.94 9.72 -2.93
C LEU A 88 4.47 9.57 -2.54
N VAL A 89 4.24 8.99 -1.36
CA VAL A 89 2.88 8.80 -0.87
C VAL A 89 2.11 10.11 -0.83
N GLU A 90 2.63 11.07 -0.08
CA GLU A 90 2.00 12.38 0.05
C GLU A 90 1.51 12.87 -1.30
N HIS A 91 2.45 13.05 -2.24
CA HIS A 91 2.11 13.53 -3.57
C HIS A 91 1.04 12.64 -4.22
N PHE A 92 0.93 11.41 -3.71
CA PHE A 92 -0.05 10.47 -4.24
C PHE A 92 -1.35 10.53 -3.43
N LYS A 93 -1.27 11.08 -2.23
CA LYS A 93 -2.44 11.20 -1.37
C LYS A 93 -3.37 12.30 -1.85
N LYS A 94 -2.84 13.19 -2.69
CA LYS A 94 -3.63 14.30 -3.23
C LYS A 94 -3.95 14.06 -4.71
N THR A 95 -3.00 13.45 -5.41
CA THR A 95 -3.18 13.18 -6.84
C THR A 95 -3.85 11.82 -7.05
N GLY A 96 -3.46 10.84 -6.24
CA GLY A 96 -4.03 9.51 -6.36
C GLY A 96 -3.29 8.63 -7.35
N ILE A 97 -3.56 7.33 -7.30
CA ILE A 97 -2.89 6.38 -8.20
C ILE A 97 -3.91 5.69 -9.10
N GLU A 98 -3.53 5.46 -10.35
CA GLU A 98 -4.40 4.80 -11.31
C GLU A 98 -3.90 3.39 -11.62
N GLU A 99 -4.84 2.46 -11.78
CA GLU A 99 -4.50 1.07 -12.08
C GLU A 99 -4.70 0.77 -13.56
N ALA A 100 -3.93 -0.19 -14.07
CA ALA A 100 -4.02 -0.58 -15.46
C ALA A 100 -5.45 -0.94 -15.85
N SER A 101 -6.01 -1.93 -15.16
CA SER A 101 -7.37 -2.37 -15.43
C SER A 101 -8.31 -1.18 -15.59
N GLY A 102 -8.64 -0.54 -14.47
CA GLY A 102 -9.53 0.60 -14.50
C GLY A 102 -9.95 1.04 -13.11
N ALA A 103 -9.07 0.84 -12.13
CA ALA A 103 -9.36 1.23 -10.75
C ALA A 103 -8.49 2.39 -10.32
N PHE A 104 -8.96 3.13 -9.32
CA PHE A 104 -8.22 4.29 -8.81
C PHE A 104 -8.05 4.19 -7.30
N VAL A 105 -6.81 4.04 -6.86
CA VAL A 105 -6.52 3.94 -5.43
C VAL A 105 -6.38 5.32 -4.80
N TYR A 106 -7.04 5.51 -3.67
CA TYR A 106 -7.00 6.79 -2.96
C TYR A 106 -6.43 6.62 -1.56
N LEU A 107 -5.50 7.49 -1.18
CA LEU A 107 -4.89 7.44 0.13
C LEU A 107 -5.33 8.61 0.99
N ARG A 108 -6.34 8.37 1.83
CA ARG A 108 -6.87 9.41 2.71
C ARG A 108 -6.19 9.35 4.08
N GLN A 109 -6.08 8.15 4.62
CA GLN A 109 -5.45 7.96 5.94
C GLN A 109 -4.66 6.66 5.97
N PRO A 110 -3.51 6.69 6.66
CA PRO A 110 -2.63 5.52 6.80
C PRO A 110 -3.24 4.43 7.66
N TYR A 111 -2.41 3.48 8.08
CA TYR A 111 -2.87 2.38 8.91
C TYR A 111 -1.87 2.07 10.02
N TYR A 112 -2.24 2.43 11.26
CA TYR A 112 -1.37 2.20 12.41
C TYR A 112 -1.70 0.87 13.08
N SER A 113 -0.72 0.31 13.77
CA SER A 113 -0.90 -0.96 14.47
C SER A 113 -1.21 -0.73 15.95
N GLY A 114 -1.99 -1.64 16.53
CA GLY A 114 -2.35 -1.52 17.93
C GLY A 114 -3.83 -1.23 18.12
N PRO A 115 -4.54 -2.17 18.75
CA PRO A 115 -5.97 -2.03 19.02
C PRO A 115 -6.27 -0.97 20.07
N SER A 116 -7.39 -0.29 19.91
CA SER A 116 -7.79 0.76 20.84
C SER A 116 -8.88 0.27 21.79
N SER A 117 -8.48 -0.50 22.79
CA SER A 117 -9.42 -1.03 23.76
C SER A 117 -9.60 -0.09 24.94
N GLY A 118 -10.62 0.77 24.86
CA GLY A 118 -10.87 1.72 25.92
C GLY A 118 -12.34 1.81 26.29
N MET B 1 -7.14 -24.13 -3.98
CA MET B 1 -7.76 -23.28 -2.96
C MET B 1 -6.70 -22.49 -2.21
N ASP B 2 -5.64 -23.17 -1.77
CA ASP B 2 -4.56 -22.53 -1.04
C ASP B 2 -3.87 -21.49 -1.91
N ASN B 3 -4.20 -20.22 -1.68
CA ASN B 3 -3.61 -19.12 -2.45
C ASN B 3 -2.14 -18.93 -2.07
N GLN B 4 -1.27 -19.69 -2.73
CA GLN B 4 0.16 -19.61 -2.47
C GLN B 4 0.76 -18.37 -3.14
N GLY B 5 0.72 -17.25 -2.42
CA GLY B 5 1.27 -16.00 -2.96
C GLY B 5 0.20 -15.12 -3.56
N VAL B 6 0.12 -13.88 -3.07
CA VAL B 6 -0.87 -12.93 -3.57
C VAL B 6 -0.33 -12.14 -4.76
N ILE B 7 -1.19 -11.88 -5.73
CA ILE B 7 -0.79 -11.14 -6.92
C ILE B 7 -0.53 -9.67 -6.59
N SER B 9 -1.02 -6.00 -8.16
CA SER B 9 -1.62 -5.15 -9.17
C SER B 9 -0.56 -4.29 -9.85
N ASP B 10 -0.94 -3.63 -10.94
CA ASP B 10 -0.03 -2.77 -11.68
C ASP B 10 -0.65 -1.41 -11.94
N LEU B 11 0.06 -0.57 -12.69
CA LEU B 11 -0.43 0.76 -13.02
C LEU B 11 -0.75 0.87 -14.51
N ASN B 12 -1.11 2.07 -14.94
CA ASN B 12 -1.44 2.32 -16.34
C ASN B 12 -0.17 2.46 -17.19
N LEU B 13 0.74 3.29 -16.73
CA LEU B 13 2.00 3.52 -17.43
C LEU B 13 2.63 2.19 -17.86
N PRO B 14 2.78 1.27 -16.89
CA PRO B 14 3.36 -0.05 -17.14
C PRO B 14 2.45 -0.94 -17.97
N PRO B 15 3.05 -1.73 -18.88
CA PRO B 15 2.30 -2.63 -19.75
C PRO B 15 1.71 -3.81 -18.98
N GLY A 1 -1.59 9.69 28.92
CA GLY A 1 -0.91 10.54 27.96
C GLY A 1 0.08 9.77 27.11
N SER A 2 -0.23 9.66 25.81
CA SER A 2 0.63 8.94 24.88
C SER A 2 1.96 9.68 24.69
N SER A 3 2.91 9.00 24.07
CA SER A 3 4.23 9.58 23.82
C SER A 3 4.80 9.08 22.50
N GLY A 4 5.34 10.00 21.71
CA GLY A 4 5.93 9.63 20.43
C GLY A 4 4.93 9.71 19.30
N SER A 5 5.30 9.14 18.14
CA SER A 5 4.43 9.16 16.98
C SER A 5 4.92 8.18 15.92
N SER A 6 4.01 7.41 15.35
CA SER A 6 4.35 6.43 14.32
C SER A 6 3.68 6.78 12.99
N GLY A 7 4.43 6.64 11.90
CA GLY A 7 3.89 6.94 10.59
C GLY A 7 3.07 5.80 10.03
N TRP A 8 3.31 5.47 8.76
CA TRP A 8 2.58 4.39 8.09
C TRP A 8 3.52 3.27 7.69
N TYR A 9 4.71 3.24 8.30
CA TYR A 9 5.70 2.22 8.00
C TYR A 9 5.56 1.02 8.93
N HIS A 10 5.40 -0.16 8.36
CA HIS A 10 5.25 -1.38 9.14
C HIS A 10 6.54 -2.19 9.15
N GLY A 11 7.02 -2.52 7.95
CA GLY A 11 8.25 -3.29 7.84
C GLY A 11 8.00 -4.73 7.43
N HIS A 12 8.57 -5.66 8.20
CA HIS A 12 8.41 -7.08 7.92
C HIS A 12 6.93 -7.44 7.76
N MET A 13 6.50 -7.58 6.50
CA MET A 13 5.12 -7.92 6.22
C MET A 13 4.96 -8.40 4.78
N SER A 14 4.14 -9.43 4.59
CA SER A 14 3.91 -10.00 3.27
C SER A 14 2.56 -9.56 2.71
N GLY A 15 2.32 -9.89 1.44
CA GLY A 15 1.06 -9.53 0.81
C GLY A 15 -0.14 -10.07 1.57
N GLY A 16 -0.23 -11.39 1.66
CA GLY A 16 -1.34 -12.01 2.36
C GLY A 16 -1.66 -11.33 3.68
N GLN A 17 -0.62 -11.00 4.44
CA GLN A 17 -0.80 -10.34 5.72
C GLN A 17 -1.41 -8.96 5.55
N ALA A 18 -0.69 -8.08 4.88
CA ALA A 18 -1.17 -6.71 4.64
C ALA A 18 -2.66 -6.70 4.35
N GLU A 19 -3.11 -7.64 3.52
CA GLU A 19 -4.52 -7.74 3.18
C GLU A 19 -5.39 -7.89 4.42
N THR A 20 -4.97 -8.78 5.32
CA THR A 20 -5.69 -9.01 6.56
C THR A 20 -5.72 -7.77 7.43
N LEU A 21 -4.54 -7.24 7.74
CA LEU A 21 -4.43 -6.04 8.57
C LEU A 21 -5.29 -4.92 8.01
N LEU A 22 -5.34 -4.82 6.69
CA LEU A 22 -6.12 -3.78 6.04
C LEU A 22 -7.60 -4.11 6.06
N GLN A 23 -7.97 -5.18 5.35
CA GLN A 23 -9.37 -5.61 5.29
C GLN A 23 -10.00 -5.59 6.67
N ALA A 24 -9.29 -6.13 7.66
CA ALA A 24 -9.78 -6.18 9.03
C ALA A 24 -10.20 -4.80 9.50
N LYS A 25 -9.41 -3.79 9.16
CA LYS A 25 -9.69 -2.41 9.54
C LYS A 25 -11.06 -1.98 9.02
N GLY A 26 -11.37 -2.37 7.79
CA GLY A 26 -12.65 -2.01 7.21
C GLY A 26 -12.73 -0.53 6.87
N GLU A 27 -11.58 0.14 6.88
CA GLU A 27 -11.54 1.57 6.57
C GLU A 27 -11.09 1.81 5.13
N PRO A 28 -11.94 2.48 4.35
CA PRO A 28 -11.65 2.80 2.95
C PRO A 28 -10.54 3.83 2.80
N TRP A 29 -9.75 3.69 1.75
CA TRP A 29 -8.64 4.60 1.48
C TRP A 29 -7.57 4.48 2.56
N THR A 30 -7.37 3.26 3.05
CA THR A 30 -6.36 3.01 4.08
C THR A 30 -5.07 2.48 3.47
N PHE A 31 -4.11 3.37 3.27
CA PHE A 31 -2.82 3.00 2.69
C PHE A 31 -1.85 2.58 3.78
N LEU A 32 -0.87 1.76 3.40
CA LEU A 32 0.13 1.27 4.34
C LEU A 32 1.42 0.88 3.63
N VAL A 33 2.55 1.32 4.16
CA VAL A 33 3.85 1.03 3.57
C VAL A 33 4.48 -0.19 4.24
N ARG A 34 5.22 -0.96 3.45
CA ARG A 34 5.89 -2.15 3.96
C ARG A 34 6.99 -2.62 3.00
N GLU A 35 8.09 -3.10 3.57
CA GLU A 35 9.22 -3.57 2.77
C GLU A 35 8.99 -5.00 2.31
N SER A 36 9.54 -5.33 1.14
CA SER A 36 9.39 -6.67 0.58
C SER A 36 10.16 -7.70 1.41
N LEU A 37 10.07 -8.96 1.00
CA LEU A 37 10.75 -10.04 1.71
C LEU A 37 11.91 -10.59 0.88
N SER A 38 11.66 -10.80 -0.41
CA SER A 38 12.68 -11.32 -1.31
C SER A 38 13.74 -10.27 -1.58
N GLN A 39 13.34 -9.18 -2.22
CA GLN A 39 14.27 -8.11 -2.55
C GLN A 39 14.29 -7.05 -1.45
N PRO A 40 15.38 -7.03 -0.68
CA PRO A 40 15.54 -6.07 0.42
C PRO A 40 15.74 -4.64 -0.07
N GLY A 41 15.67 -4.46 -1.38
CA GLY A 41 15.84 -3.13 -1.96
C GLY A 41 14.57 -2.62 -2.61
N ASP A 42 13.50 -3.41 -2.53
CA ASP A 42 12.22 -3.02 -3.11
C ASP A 42 11.14 -2.91 -2.03
N PHE A 43 10.20 -2.00 -2.24
CA PHE A 43 9.12 -1.78 -1.29
C PHE A 43 7.76 -1.97 -1.96
N VAL A 44 6.70 -1.86 -1.17
CA VAL A 44 5.34 -2.01 -1.68
C VAL A 44 4.35 -1.16 -0.89
N LEU A 45 3.29 -0.74 -1.55
CA LEU A 45 2.26 0.08 -0.91
C LEU A 45 0.88 -0.52 -1.11
N SER A 46 0.22 -0.86 0.00
CA SER A 46 -1.12 -1.44 -0.05
C SER A 46 -2.18 -0.43 0.36
N VAL A 47 -3.32 -0.47 -0.31
CA VAL A 47 -4.41 0.44 -0.01
C VAL A 47 -5.76 -0.28 -0.07
N LEU A 48 -6.59 -0.04 0.94
CA LEU A 48 -7.91 -0.66 1.00
C LEU A 48 -8.96 0.21 0.31
N SER A 49 -9.24 -0.10 -0.96
CA SER A 49 -10.21 0.66 -1.73
C SER A 49 -11.59 0.57 -1.10
N ASP A 50 -12.44 1.56 -1.39
CA ASP A 50 -13.79 1.59 -0.84
C ASP A 50 -14.71 0.64 -1.60
N GLN A 51 -14.14 -0.07 -2.57
CA GLN A 51 -14.91 -1.01 -3.37
C GLN A 51 -14.90 -2.41 -2.75
N PRO A 52 -16.07 -2.88 -2.31
CA PRO A 52 -16.21 -4.19 -1.69
C PRO A 52 -16.02 -5.33 -2.69
N LYS A 53 -15.44 -6.43 -2.22
CA LYS A 53 -15.19 -7.59 -3.06
C LYS A 53 -16.49 -8.08 -3.71
N ALA A 54 -17.53 -8.21 -2.89
CA ALA A 54 -18.83 -8.66 -3.38
C ALA A 54 -19.89 -7.60 -3.19
N GLY A 55 -20.11 -7.21 -1.93
CA GLY A 55 -21.11 -6.20 -1.63
C GLY A 55 -21.04 -5.73 -0.19
N PRO A 56 -22.21 -5.38 0.38
CA PRO A 56 -22.31 -4.91 1.75
C PRO A 56 -22.02 -6.01 2.77
N GLY A 57 -20.75 -6.22 3.08
CA GLY A 57 -20.37 -7.26 4.03
C GLY A 57 -19.03 -7.87 3.71
N SER A 58 -18.63 -7.81 2.44
CA SER A 58 -17.36 -8.37 2.01
C SER A 58 -16.21 -7.44 2.36
N PRO A 59 -15.00 -8.03 2.54
CA PRO A 59 -13.80 -7.26 2.88
C PRO A 59 -13.32 -6.39 1.72
N LEU A 60 -13.36 -5.08 1.93
CA LEU A 60 -12.92 -4.14 0.90
C LEU A 60 -11.71 -4.67 0.15
N ARG A 61 -11.64 -4.36 -1.14
CA ARG A 61 -10.52 -4.81 -1.97
C ARG A 61 -9.22 -4.15 -1.53
N VAL A 62 -8.11 -4.87 -1.73
CA VAL A 62 -6.80 -4.35 -1.35
C VAL A 62 -5.88 -4.25 -2.56
N THR A 63 -5.54 -3.02 -2.94
CA THR A 63 -4.67 -2.77 -4.09
C THR A 63 -3.21 -2.84 -3.68
N HIS A 64 -2.46 -3.73 -4.34
CA HIS A 64 -1.04 -3.88 -4.04
C HIS A 64 -0.18 -3.19 -5.09
N ILE A 65 0.42 -2.06 -4.71
CA ILE A 65 1.25 -1.30 -5.62
C ILE A 65 2.71 -1.33 -5.18
N LYS A 66 3.51 -2.16 -5.85
CA LYS A 66 4.92 -2.30 -5.54
C LYS A 66 5.67 -0.98 -5.80
N VAL A 67 6.48 -0.56 -4.84
CA VAL A 67 7.24 0.68 -4.97
C VAL A 67 8.70 0.38 -5.36
N MET A 68 9.07 0.76 -6.57
CA MET A 68 10.43 0.54 -7.05
C MET A 68 11.37 1.61 -6.52
N CYS A 69 12.66 1.29 -6.48
CA CYS A 69 13.67 2.23 -5.98
C CYS A 69 14.78 2.41 -7.00
N GLU A 70 15.22 3.66 -7.18
CA GLU A 70 16.28 3.97 -8.13
C GLU A 70 17.37 4.79 -7.47
N GLY A 71 18.20 4.14 -6.65
CA GLY A 71 19.27 4.82 -5.97
C GLY A 71 18.77 5.72 -4.86
N GLY A 72 18.07 5.14 -3.90
CA GLY A 72 17.54 5.92 -2.79
C GLY A 72 16.13 6.40 -3.04
N ARG A 73 15.90 6.93 -4.24
CA ARG A 73 14.58 7.44 -4.60
C ARG A 73 13.58 6.30 -4.80
N TYR A 74 12.32 6.65 -5.02
CA TYR A 74 11.28 5.65 -5.23
C TYR A 74 10.34 6.06 -6.36
N THR A 75 9.93 5.08 -7.15
CA THR A 75 9.03 5.33 -8.28
C THR A 75 8.05 4.18 -8.47
N VAL A 76 6.97 4.46 -9.19
CA VAL A 76 5.94 3.44 -9.45
C VAL A 76 5.67 3.31 -10.94
N GLY A 77 6.47 2.46 -11.61
CA GLY A 77 6.28 2.26 -13.03
C GLY A 77 6.84 3.41 -13.86
N GLY A 78 6.36 4.62 -13.59
CA GLY A 78 6.81 5.78 -14.31
C GLY A 78 8.28 6.07 -14.08
N LEU A 79 8.85 6.92 -14.92
CA LEU A 79 10.27 7.28 -14.80
C LEU A 79 10.48 8.28 -13.66
N GLU A 80 9.42 8.99 -13.29
CA GLU A 80 9.49 9.96 -12.21
C GLU A 80 10.12 9.35 -10.97
N THR A 81 10.30 10.17 -9.93
CA THR A 81 10.89 9.70 -8.68
C THR A 81 10.44 10.57 -7.51
N PHE A 82 10.75 10.12 -6.30
CA PHE A 82 10.39 10.86 -5.09
C PHE A 82 11.45 10.68 -4.00
N ASP A 83 11.71 11.76 -3.27
CA ASP A 83 12.70 11.72 -2.19
C ASP A 83 12.63 10.41 -1.43
N SER A 84 11.43 10.08 -0.94
CA SER A 84 11.23 8.86 -0.18
C SER A 84 9.74 8.49 -0.13
N LEU A 85 9.43 7.41 0.57
CA LEU A 85 8.04 6.96 0.70
C LEU A 85 7.12 8.11 1.05
N THR A 86 7.66 9.09 1.78
CA THR A 86 6.88 10.25 2.19
C THR A 86 6.51 11.11 0.99
N ASP A 87 7.53 11.61 0.29
CA ASP A 87 7.30 12.45 -0.88
C ASP A 87 6.46 11.72 -1.92
N LEU A 88 6.68 10.42 -2.05
CA LEU A 88 5.94 9.60 -3.01
C LEU A 88 4.48 9.47 -2.59
N VAL A 89 4.25 8.85 -1.43
CA VAL A 89 2.90 8.66 -0.92
C VAL A 89 2.15 9.98 -0.85
N GLU A 90 2.71 10.93 -0.11
CA GLU A 90 2.08 12.25 0.04
C GLU A 90 1.58 12.77 -1.31
N HIS A 91 2.50 12.88 -2.27
CA HIS A 91 2.16 13.36 -3.60
C HIS A 91 1.03 12.53 -4.20
N PHE A 92 0.88 11.31 -3.73
CA PHE A 92 -0.16 10.41 -4.22
C PHE A 92 -1.43 10.51 -3.35
N LYS A 93 -1.27 11.09 -2.17
CA LYS A 93 -2.39 11.24 -1.24
C LYS A 93 -3.32 12.36 -1.70
N LYS A 94 -2.81 13.24 -2.56
CA LYS A 94 -3.60 14.35 -3.08
C LYS A 94 -4.00 14.10 -4.53
N THR A 95 -3.10 13.48 -5.29
CA THR A 95 -3.37 13.18 -6.69
C THR A 95 -4.06 11.84 -6.84
N GLY A 96 -3.45 10.79 -6.31
CA GLY A 96 -4.04 9.46 -6.40
C GLY A 96 -3.37 8.62 -7.47
N ILE A 97 -3.41 7.29 -7.29
CA ILE A 97 -2.82 6.37 -8.24
C ILE A 97 -3.88 5.75 -9.14
N GLU A 98 -3.55 5.62 -10.43
CA GLU A 98 -4.49 5.04 -11.40
C GLU A 98 -3.98 3.70 -11.90
N GLU A 99 -4.75 2.65 -11.64
CA GLU A 99 -4.39 1.30 -12.06
C GLU A 99 -4.87 1.02 -13.49
N ALA A 100 -4.00 0.43 -14.30
CA ALA A 100 -4.34 0.11 -15.67
C ALA A 100 -5.77 -0.42 -15.78
N SER A 101 -6.08 -1.43 -14.98
CA SER A 101 -7.41 -2.03 -14.99
C SER A 101 -8.49 -0.96 -15.11
N GLY A 102 -8.29 0.15 -14.42
CA GLY A 102 -9.25 1.24 -14.46
C GLY A 102 -9.74 1.63 -13.08
N ALA A 103 -8.90 1.43 -12.07
CA ALA A 103 -9.26 1.77 -10.70
C ALA A 103 -8.42 2.93 -10.19
N PHE A 104 -8.99 3.69 -9.25
CA PHE A 104 -8.30 4.84 -8.68
C PHE A 104 -8.16 4.69 -7.16
N VAL A 105 -6.95 4.41 -6.72
CA VAL A 105 -6.68 4.25 -5.29
C VAL A 105 -6.52 5.59 -4.60
N TYR A 106 -7.27 5.79 -3.52
CA TYR A 106 -7.22 7.04 -2.76
C TYR A 106 -6.64 6.81 -1.37
N LEU A 107 -5.64 7.61 -1.03
CA LEU A 107 -4.98 7.50 0.28
C LEU A 107 -5.41 8.64 1.20
N ARG A 108 -6.51 8.44 1.91
CA ARG A 108 -7.03 9.45 2.83
C ARG A 108 -6.28 9.41 4.16
N GLN A 109 -6.18 8.21 4.72
CA GLN A 109 -5.49 8.04 6.00
C GLN A 109 -4.69 6.74 6.01
N PRO A 110 -3.52 6.77 6.67
CA PRO A 110 -2.64 5.60 6.78
C PRO A 110 -3.23 4.51 7.67
N TYR A 111 -2.38 3.57 8.07
CA TYR A 111 -2.82 2.47 8.93
C TYR A 111 -1.84 2.25 10.07
N TYR A 112 -2.21 2.73 11.26
CA TYR A 112 -1.36 2.58 12.44
C TYR A 112 -1.61 1.24 13.13
N SER A 113 -0.62 0.36 13.08
CA SER A 113 -0.73 -0.95 13.70
C SER A 113 -0.86 -0.83 15.21
N GLY A 114 0.09 -0.15 15.83
CA GLY A 114 0.06 0.03 17.26
C GLY A 114 1.04 -0.89 17.98
N PRO A 115 1.68 -0.37 19.04
CA PRO A 115 2.64 -1.14 19.83
C PRO A 115 1.98 -2.24 20.65
N SER A 116 0.66 -2.15 20.78
CA SER A 116 -0.10 -3.15 21.55
C SER A 116 0.13 -4.55 20.97
N SER A 117 -0.01 -4.68 19.66
CA SER A 117 0.17 -5.96 19.00
C SER A 117 1.33 -6.73 19.61
N GLY A 118 2.50 -6.09 19.66
CA GLY A 118 3.67 -6.74 20.23
C GLY A 118 4.30 -7.74 19.28
N MET B 1 -3.15 -26.75 -0.28
CA MET B 1 -2.52 -25.54 0.19
C MET B 1 -1.77 -24.83 -0.94
N ASP B 2 -2.07 -23.55 -1.14
CA ASP B 2 -1.43 -22.77 -2.18
C ASP B 2 -0.45 -21.76 -1.58
N ASN B 3 0.73 -21.65 -2.20
CA ASN B 3 1.75 -20.73 -1.73
C ASN B 3 1.18 -19.33 -1.57
N GLN B 4 1.75 -18.56 -0.65
CA GLN B 4 1.30 -17.20 -0.40
C GLN B 4 1.68 -16.28 -1.56
N GLY B 5 0.70 -15.55 -2.07
CA GLY B 5 0.95 -14.64 -3.17
C GLY B 5 -0.26 -13.80 -3.53
N VAL B 6 -0.05 -12.50 -3.67
CA VAL B 6 -1.14 -11.59 -4.02
C VAL B 6 -0.86 -10.85 -5.32
N ILE B 7 -1.90 -10.68 -6.12
CA ILE B 7 -1.76 -10.00 -7.41
C ILE B 7 -1.49 -8.51 -7.21
N SER B 9 -1.81 -4.57 -8.90
CA SER B 9 -2.52 -3.74 -9.87
C SER B 9 -1.57 -2.74 -10.51
N ASP B 10 -1.10 -3.05 -11.71
CA ASP B 10 -0.20 -2.17 -12.44
C ASP B 10 -0.79 -0.77 -12.58
N LEU B 11 -0.03 0.13 -13.18
CA LEU B 11 -0.48 1.51 -13.38
C LEU B 11 -0.82 1.77 -14.85
N ASN B 12 -1.13 3.01 -15.17
CA ASN B 12 -1.48 3.39 -16.53
C ASN B 12 -0.21 3.59 -17.38
N LEU B 13 0.69 4.42 -16.89
CA LEU B 13 1.94 4.68 -17.60
C LEU B 13 2.54 3.40 -18.15
N PRO B 14 2.68 2.39 -17.27
CA PRO B 14 3.24 1.08 -17.65
C PRO B 14 2.31 0.29 -18.55
N PRO B 15 2.70 0.15 -19.83
CA PRO B 15 1.92 -0.60 -20.82
C PRO B 15 1.90 -2.10 -20.54
#